data_6RKD
#
_entry.id   6RKD
#
_cell.length_a   1
_cell.length_b   1
_cell.length_c   1
_cell.angle_alpha   90
_cell.angle_beta   90
_cell.angle_gamma   90
#
_symmetry.space_group_name_H-M   'P 1'
#
loop_
_entity.id
_entity.type
_entity.pdbx_description
1 polymer 'Molybdenum storage protein subunit alpha'
2 polymer 'Molybdenum storage protein subunit beta'
3 non-polymer "ADENOSINE-5'-TRIPHOSPHATE"
4 non-polymer 'MAGNESIUM ION'
5 non-polymer 'bis(mu4-oxo)-tetrakis(mu3-oxo)-hexakis(mu2-oxo)-hexadecaoxo-octamolybdenum (VI)'
6 non-polymer oxidanyl-[[2,2,4,4,4-pentakis($l^{1}-oxidanyl)-1-(oxidanylmolybdenio)-1$l^{3},3-dioxa-2$l^{5},4$l^{5}-dimolybdacyclobut-2-yl]oxy]molybdenum
7 non-polymer 'MOLYBDATE ION'
8 non-polymer 'MO(VI)(=O)(OH)2 CLUSTER'
#
loop_
_entity_poly.entity_id
_entity_poly.type
_entity_poly.pdbx_seq_one_letter_code
_entity_poly.pdbx_strand_id
1 'polypeptide(L)'
;MTDTTNSIKHVISPLARQTLQDRDLTRPVAGKRPIRLLPWLQVVKIGGRVMDRGADAILPLVEELRKLLPEHRLLILTGA
GVRARHVFSVGLDLGLPVGSLAPLAASEAGQNGHILAAMLASEGVSYVEHPTVADQLAIHLSATRAVVGSAFPPYHHHEF
PGSRIPPHRADTGAFLLADAFGAAGLTIVENVDGIYTADPNGPDRGQARFLPETSATDLAKSEGPLPVDRALLDVMATAR
HIERVQVVNGLVPGRLTAALRGEHVGTLIRTGVRPA
;
A,C,E,G,I,K
2 'polypeptide(L)'
;MANSTAELEELLMQRSLTDPQLQAAAAAAADFRILPDATVIKIGGQSVIDRGRAAVYPLVDEIVAARKNHKLLIGTGAGT
RARHLYSIAAGLGLPAGVLAQLGSSVADQNAAMLGQLLAKHGIPVVGGAGLSAVPLSLAEVNAVVFSGMPPYKLWMRPAA
EGVIPPYRTDAGCFLLAEQFGCKQMIFVKDEDGLYTANPKTSKDATFIPRISVDEMKAKGLHDSILEFPVLDLLQSAQHV
REVQVVNGLVPGNLTRALAGEHVGTIITAS
;
B,D,F,H,J,L
#
# COMPACT_ATOMS: atom_id res chain seq x y z
N ASN A 6 -5.14 0.80 59.45
CA ASN A 6 -5.66 1.33 58.19
C ASN A 6 -4.65 2.21 57.46
N SER A 7 -3.40 1.73 57.38
CA SER A 7 -2.37 2.47 56.65
C SER A 7 -2.55 2.28 55.15
N ILE A 8 -2.15 3.30 54.39
CA ILE A 8 -2.33 3.30 52.94
C ILE A 8 -1.38 2.32 52.26
N LYS A 9 -1.93 1.56 51.32
CA LYS A 9 -1.19 0.58 50.55
C LYS A 9 -0.74 1.23 49.25
N HIS A 10 0.56 1.18 48.98
CA HIS A 10 1.14 1.87 47.84
C HIS A 10 1.58 0.92 46.75
N VAL A 11 1.83 1.48 45.57
CA VAL A 11 2.73 0.90 44.59
C VAL A 11 4.05 1.63 44.56
N ILE A 12 5.18 0.97 44.85
CA ILE A 12 6.44 1.70 44.97
C ILE A 12 6.90 2.17 43.59
N SER A 13 7.28 3.44 43.52
CA SER A 13 7.54 4.20 42.31
C SER A 13 8.18 5.51 42.72
N PRO A 14 8.73 6.32 41.79
CA PRO A 14 9.15 7.67 42.17
C PRO A 14 8.03 8.58 42.66
N LEU A 15 6.85 8.55 42.04
CA LEU A 15 5.76 9.41 42.45
C LEU A 15 4.97 8.83 43.63
N ALA A 16 5.38 7.69 44.16
CA ALA A 16 4.71 7.11 45.30
C ALA A 16 4.89 7.98 46.53
N ARG A 17 3.86 7.96 47.38
CA ARG A 17 3.83 8.65 48.68
C ARG A 17 3.95 10.16 48.53
N GLN A 18 3.23 10.73 47.57
CA GLN A 18 3.18 12.18 47.45
C GLN A 18 1.92 12.60 46.71
N THR A 19 1.41 13.77 47.08
CA THR A 19 0.49 14.48 46.22
C THR A 19 1.28 15.11 45.08
N LEU A 20 0.60 15.39 43.99
CA LEU A 20 1.30 15.81 42.79
C LEU A 20 1.25 17.32 42.55
N GLN A 21 1.22 18.11 43.62
CA GLN A 21 1.15 19.56 43.44
C GLN A 21 2.48 20.20 43.81
N ASP A 22 3.29 19.52 44.61
CA ASP A 22 4.59 20.07 44.97
C ASP A 22 5.53 19.92 43.78
N ARG A 23 5.98 21.04 43.24
CA ARG A 23 6.66 21.04 41.95
C ARG A 23 8.11 20.60 42.10
N ASP A 24 8.72 20.92 43.24
CA ASP A 24 10.11 20.53 43.49
C ASP A 24 10.25 19.03 43.61
N LEU A 25 9.20 18.34 44.06
CA LEU A 25 9.27 16.89 44.23
C LEU A 25 8.81 16.16 42.98
N THR A 26 8.35 16.90 41.98
CA THR A 26 7.89 16.27 40.75
C THR A 26 8.90 16.48 39.62
N ARG A 27 9.63 17.60 39.66
CA ARG A 27 10.66 17.84 38.65
C ARG A 27 11.82 16.83 38.55
N PRO A 28 12.21 16.05 39.57
CA PRO A 28 13.17 14.97 39.28
C PRO A 28 12.66 13.87 38.36
N VAL A 29 11.35 13.69 38.24
CA VAL A 29 10.80 12.66 37.37
C VAL A 29 10.02 13.26 36.21
N ALA A 30 9.28 14.35 36.42
CA ALA A 30 8.48 14.96 35.37
C ALA A 30 8.88 16.43 35.23
N GLY A 31 9.93 16.66 34.45
CA GLY A 31 10.36 18.02 34.19
C GLY A 31 10.88 18.19 32.78
N LYS A 32 10.62 17.22 31.92
CA LYS A 32 11.28 17.13 30.63
C LYS A 32 10.27 17.20 29.49
N ARG A 33 10.72 17.78 28.37
CA ARG A 33 9.91 17.85 27.16
C ARG A 33 9.65 16.47 26.62
N PRO A 34 8.40 16.12 26.33
CA PRO A 34 8.07 14.78 25.88
C PRO A 34 8.48 14.55 24.44
N ILE A 35 8.27 13.31 24.00
CA ILE A 35 8.60 12.99 22.62
C ILE A 35 7.42 13.33 21.71
N ARG A 36 7.75 13.67 20.48
CA ARG A 36 6.77 13.90 19.43
C ARG A 36 6.17 12.55 19.05
N LEU A 37 4.85 12.38 19.24
CA LEU A 37 4.22 11.10 18.93
C LEU A 37 4.15 10.85 17.44
N LEU A 38 3.50 11.74 16.70
CA LEU A 38 3.41 11.66 15.24
C LEU A 38 4.06 12.89 14.64
N PRO A 39 5.40 12.92 14.56
CA PRO A 39 6.07 14.14 14.08
C PRO A 39 5.94 14.36 12.58
N TRP A 40 5.49 13.38 11.82
CA TRP A 40 5.23 13.52 10.39
C TRP A 40 3.83 13.99 10.06
N LEU A 41 3.14 14.65 10.99
CA LEU A 41 1.75 14.99 10.81
C LEU A 41 1.58 16.47 10.50
N GLN A 42 0.73 16.78 9.53
CA GLN A 42 0.29 18.14 9.26
C GLN A 42 -1.17 18.27 9.67
N VAL A 43 -1.46 19.23 10.53
CA VAL A 43 -2.80 19.41 11.06
C VAL A 43 -3.36 20.71 10.52
N VAL A 44 -4.54 20.64 9.90
CA VAL A 44 -5.20 21.77 9.27
C VAL A 44 -6.53 21.97 9.96
N LYS A 45 -6.79 23.18 10.42
CA LYS A 45 -8.10 23.54 10.93
C LYS A 45 -8.82 24.41 9.91
N ILE A 46 -10.01 23.99 9.52
CA ILE A 46 -10.86 24.75 8.61
C ILE A 46 -11.78 25.58 9.47
N GLY A 47 -12.11 26.79 9.01
CA GLY A 47 -13.09 27.58 9.75
C GLY A 47 -14.49 27.03 9.56
N GLY A 48 -15.37 27.39 10.49
CA GLY A 48 -16.77 27.07 10.30
C GLY A 48 -17.43 28.03 9.34
N ARG A 49 -16.87 29.23 9.20
CA ARG A 49 -17.36 30.17 8.21
C ARG A 49 -16.72 29.94 6.85
N VAL A 50 -15.66 29.16 6.78
CA VAL A 50 -15.20 28.66 5.49
C VAL A 50 -16.17 27.59 4.99
N MET A 51 -16.69 26.78 5.91
CA MET A 51 -17.62 25.72 5.53
C MET A 51 -19.01 26.27 5.26
N ASP A 52 -19.42 27.31 6.00
CA ASP A 52 -20.79 27.81 5.86
C ASP A 52 -20.93 28.87 4.76
N ARG A 53 -19.96 29.00 3.87
CA ARG A 53 -20.22 29.79 2.67
C ARG A 53 -20.76 28.93 1.54
N GLY A 54 -21.03 27.65 1.79
CA GLY A 54 -21.65 26.81 0.79
C GLY A 54 -20.67 26.30 -0.24
N ALA A 55 -21.23 25.82 -1.35
CA ALA A 55 -20.44 25.21 -2.42
C ALA A 55 -19.48 26.19 -3.05
N ASP A 56 -19.83 27.48 -3.03
CA ASP A 56 -19.03 28.54 -3.63
C ASP A 56 -17.66 28.70 -2.97
N ALA A 57 -17.51 28.22 -1.73
CA ALA A 57 -16.21 28.18 -1.08
C ALA A 57 -15.74 26.77 -0.78
N ILE A 58 -16.64 25.79 -0.74
CA ILE A 58 -16.22 24.43 -0.44
C ILE A 58 -15.56 23.78 -1.66
N LEU A 59 -16.12 23.97 -2.86
CA LEU A 59 -15.60 23.28 -4.05
C LEU A 59 -14.15 23.64 -4.42
N PRO A 60 -13.70 24.91 -4.41
CA PRO A 60 -12.25 25.14 -4.60
C PRO A 60 -11.39 24.56 -3.50
N LEU A 61 -11.90 24.51 -2.26
CA LEU A 61 -11.13 23.94 -1.17
C LEU A 61 -11.03 22.42 -1.32
N VAL A 62 -12.08 21.79 -1.83
CA VAL A 62 -12.05 20.35 -2.07
C VAL A 62 -11.08 20.01 -3.20
N GLU A 63 -11.04 20.84 -4.24
CA GLU A 63 -10.04 20.61 -5.30
C GLU A 63 -8.63 20.84 -4.81
N GLU A 64 -8.44 21.83 -3.93
CA GLU A 64 -7.11 22.11 -3.41
C GLU A 64 -6.63 21.01 -2.47
N LEU A 65 -7.54 20.44 -1.67
CA LEU A 65 -7.17 19.31 -0.82
C LEU A 65 -6.99 18.04 -1.63
N ARG A 66 -7.69 17.91 -2.77
CA ARG A 66 -7.46 16.78 -3.66
C ARG A 66 -6.06 16.84 -4.25
N LYS A 67 -5.56 18.05 -4.51
CA LYS A 67 -4.19 18.15 -4.96
C LYS A 67 -3.17 18.09 -3.81
N LEU A 68 -3.59 18.36 -2.58
CA LEU A 68 -2.67 18.25 -1.45
C LEU A 68 -2.56 16.86 -0.85
N LEU A 69 -3.49 15.95 -1.14
CA LEU A 69 -3.40 14.58 -0.64
C LEU A 69 -2.11 13.80 -0.98
N PRO A 70 -1.59 13.77 -2.22
CA PRO A 70 -0.38 12.93 -2.44
C PRO A 70 0.91 13.48 -1.86
N GLU A 71 0.90 14.59 -1.13
CA GLU A 71 2.12 15.24 -0.70
C GLU A 71 2.31 15.23 0.80
N HIS A 72 1.26 15.50 1.58
CA HIS A 72 1.35 15.57 3.02
C HIS A 72 0.54 14.45 3.64
N ARG A 73 0.60 14.37 4.97
CA ARG A 73 -0.14 13.39 5.75
C ARG A 73 -1.08 14.18 6.66
N LEU A 74 -2.27 14.49 6.16
CA LEU A 74 -3.09 15.56 6.72
C LEU A 74 -4.05 15.04 7.77
N LEU A 75 -4.31 15.86 8.77
CA LEU A 75 -5.45 15.73 9.67
C LEU A 75 -6.25 17.02 9.58
N ILE A 76 -7.37 16.96 8.87
CA ILE A 76 -8.20 18.12 8.61
C ILE A 76 -9.23 18.22 9.71
N LEU A 77 -9.27 19.35 10.39
CA LEU A 77 -10.19 19.57 11.48
C LEU A 77 -11.13 20.69 11.07
N THR A 78 -12.39 20.62 11.48
CA THR A 78 -13.38 21.57 11.01
C THR A 78 -13.97 22.38 12.15
N GLY A 79 -14.20 23.66 11.89
CA GLY A 79 -14.76 24.56 12.86
C GLY A 79 -16.28 24.55 12.85
N ALA A 80 -16.86 25.42 13.66
CA ALA A 80 -18.27 25.35 14.00
C ALA A 80 -19.17 26.15 13.08
N GLY A 81 -19.01 27.47 13.02
CA GLY A 81 -19.82 28.21 12.07
C GLY A 81 -20.92 29.03 12.72
N VAL A 82 -21.98 29.26 11.94
CA VAL A 82 -23.05 30.14 12.40
C VAL A 82 -24.15 29.33 13.09
N ARG A 83 -24.16 28.01 12.90
CA ARG A 83 -25.13 27.19 13.60
C ARG A 83 -24.79 27.09 15.07
N ALA A 84 -23.50 27.15 15.41
CA ALA A 84 -23.09 27.26 16.81
C ALA A 84 -23.51 28.59 17.40
N ARG A 85 -23.54 29.65 16.60
CA ARG A 85 -24.03 30.92 17.08
C ARG A 85 -25.52 30.86 17.37
N HIS A 86 -26.26 30.12 16.55
CA HIS A 86 -27.68 29.94 16.81
C HIS A 86 -27.95 29.12 18.07
N VAL A 87 -27.18 28.05 18.28
CA VAL A 87 -27.45 27.24 19.47
C VAL A 87 -26.97 27.96 20.73
N PHE A 88 -25.97 28.85 20.59
CA PHE A 88 -25.61 29.72 21.71
C PHE A 88 -26.71 30.72 22.02
N SER A 89 -27.36 31.27 20.99
CA SER A 89 -28.41 32.25 21.22
C SER A 89 -29.63 31.60 21.87
N VAL A 90 -29.98 30.39 21.44
CA VAL A 90 -31.09 29.65 22.04
C VAL A 90 -30.75 29.24 23.46
N GLY A 91 -29.52 28.78 23.69
CA GLY A 91 -29.15 28.32 25.03
C GLY A 91 -29.00 29.44 26.04
N LEU A 92 -28.49 30.59 25.61
CA LEU A 92 -28.39 31.73 26.51
C LEU A 92 -29.75 32.39 26.69
N ASP A 93 -30.68 32.17 25.76
CA ASP A 93 -32.05 32.61 26.03
C ASP A 93 -32.70 31.74 27.10
N LEU A 94 -32.37 30.46 27.13
CA LEU A 94 -32.86 29.53 28.14
C LEU A 94 -32.08 29.61 29.44
N GLY A 95 -30.81 30.01 29.39
CA GLY A 95 -30.02 30.16 30.58
C GLY A 95 -29.08 29.01 30.90
N LEU A 96 -28.90 28.07 29.97
CA LEU A 96 -28.07 26.90 30.23
C LEU A 96 -26.61 27.34 30.35
N PRO A 97 -25.84 26.73 31.25
CA PRO A 97 -24.47 27.18 31.50
C PRO A 97 -23.51 26.73 30.41
N VAL A 98 -22.23 27.04 30.63
CA VAL A 98 -21.24 27.02 29.55
C VAL A 98 -20.88 25.60 29.13
N GLY A 99 -20.83 24.66 30.07
CA GLY A 99 -20.58 23.28 29.69
C GLY A 99 -21.82 22.60 29.16
N SER A 100 -22.99 23.24 29.30
CA SER A 100 -24.17 22.74 28.63
C SER A 100 -24.18 23.15 27.17
N LEU A 101 -23.46 24.22 26.84
CA LEU A 101 -23.43 24.74 25.49
C LEU A 101 -22.23 24.26 24.69
N ALA A 102 -21.16 23.82 25.35
CA ALA A 102 -19.99 23.33 24.63
C ALA A 102 -20.23 22.09 23.75
N PRO A 103 -20.93 21.02 24.20
CA PRO A 103 -21.16 19.90 23.26
C PRO A 103 -22.10 20.23 22.13
N LEU A 104 -23.00 21.19 22.31
CA LEU A 104 -23.97 21.50 21.28
C LEU A 104 -23.31 22.24 20.12
N ALA A 105 -22.20 22.91 20.39
CA ALA A 105 -21.41 23.50 19.30
C ALA A 105 -20.39 22.51 18.76
N ALA A 106 -19.95 21.58 19.62
CA ALA A 106 -19.09 20.50 19.14
C ALA A 106 -19.81 19.63 18.10
N SER A 107 -21.13 19.48 18.26
CA SER A 107 -21.90 18.73 17.28
CA SER A 107 -21.90 18.73 17.28
C SER A 107 -21.94 19.43 15.92
N GLU A 108 -22.02 20.75 15.92
CA GLU A 108 -22.07 21.47 14.65
C GLU A 108 -20.73 21.45 13.94
N ALA A 109 -19.63 21.52 14.71
CA ALA A 109 -18.31 21.32 14.12
C ALA A 109 -18.16 19.91 13.54
N GLY A 110 -18.72 18.91 14.20
CA GLY A 110 -18.64 17.56 13.67
C GLY A 110 -19.46 17.36 12.41
N GLN A 111 -20.58 18.08 12.30
CA GLN A 111 -21.38 17.90 11.09
C GLN A 111 -20.74 18.62 9.90
N ASN A 112 -20.01 19.71 10.16
CA ASN A 112 -19.15 20.27 9.10
C ASN A 112 -18.07 19.29 8.69
N GLY A 113 -17.50 18.56 9.65
CA GLY A 113 -16.53 17.52 9.33
C GLY A 113 -17.11 16.40 8.47
N HIS A 114 -18.35 15.99 8.75
CA HIS A 114 -19.00 14.99 7.92
C HIS A 114 -19.26 15.48 6.51
N ILE A 115 -19.66 16.75 6.36
CA ILE A 115 -19.91 17.29 5.02
C ILE A 115 -18.63 17.33 4.19
N LEU A 116 -17.55 17.81 4.81
CA LEU A 116 -16.26 17.89 4.11
C LEU A 116 -15.71 16.51 3.76
N ALA A 117 -15.88 15.54 4.66
CA ALA A 117 -15.40 14.20 4.37
C ALA A 117 -16.26 13.51 3.32
N ALA A 118 -17.55 13.85 3.26
CA ALA A 118 -18.40 13.31 2.21
C ALA A 118 -18.02 13.88 0.85
N MET A 119 -17.57 15.12 0.82
CA MET A 119 -17.03 15.68 -0.42
C MET A 119 -15.72 15.02 -0.84
N LEU A 120 -14.82 14.74 0.11
CA LEU A 120 -13.55 14.09 -0.20
C LEU A 120 -13.61 12.57 -0.14
N ALA A 121 -14.81 11.98 -0.08
CA ALA A 121 -14.96 10.53 0.04
C ALA A 121 -14.42 9.79 -1.17
N SER A 122 -14.49 10.39 -2.36
CA SER A 122 -14.05 9.71 -3.57
C SER A 122 -12.54 9.50 -3.63
N GLU A 123 -11.77 10.22 -2.82
CA GLU A 123 -10.32 10.14 -2.80
C GLU A 123 -9.77 9.32 -1.65
N GLY A 124 -10.61 8.58 -0.93
CA GLY A 124 -10.19 7.77 0.18
C GLY A 124 -10.11 8.46 1.52
N VAL A 125 -10.76 9.61 1.66
CA VAL A 125 -10.71 10.39 2.93
C VAL A 125 -12.01 10.13 3.69
N SER A 126 -11.92 9.85 4.97
CA SER A 126 -13.13 9.55 5.75
C SER A 126 -13.13 10.36 7.04
N TYR A 127 -14.26 10.47 7.70
CA TYR A 127 -14.35 11.22 8.97
C TYR A 127 -14.00 10.26 10.09
N VAL A 128 -13.18 10.62 11.06
CA VAL A 128 -12.87 9.70 12.15
C VAL A 128 -13.25 10.36 13.47
N GLU A 129 -13.65 9.52 14.43
CA GLU A 129 -14.16 10.01 15.69
C GLU A 129 -13.02 10.35 16.65
N HIS A 130 -13.34 11.14 17.67
CA HIS A 130 -12.34 11.57 18.63
C HIS A 130 -11.62 10.40 19.30
N PRO A 131 -12.28 9.29 19.65
CA PRO A 131 -11.61 8.11 20.15
C PRO A 131 -10.62 7.49 19.16
N THR A 132 -10.93 7.51 17.88
CA THR A 132 -9.98 7.01 16.86
C THR A 132 -8.81 7.97 16.74
N VAL A 133 -9.06 9.27 16.75
CA VAL A 133 -8.03 10.35 16.67
C VAL A 133 -7.18 10.37 17.94
N ALA A 134 -7.79 10.16 19.09
CA ALA A 134 -7.02 10.15 20.33
C ALA A 134 -6.12 8.93 20.44
N ASP A 135 -6.45 7.81 19.78
CA ASP A 135 -5.67 6.60 19.99
C ASP A 135 -5.15 5.90 18.74
N GLN A 136 -5.74 6.11 17.57
CA GLN A 136 -5.49 5.28 16.38
C GLN A 136 -5.17 6.12 15.15
N LEU A 137 -4.61 7.31 15.35
CA LEU A 137 -4.37 8.21 14.23
C LEU A 137 -3.22 7.70 13.38
N ALA A 138 -2.31 6.96 13.99
CA ALA A 138 -1.19 6.38 13.26
C ALA A 138 -1.65 5.30 12.28
N ILE A 139 -2.54 4.42 12.72
CA ILE A 139 -3.05 3.37 11.82
C ILE A 139 -4.02 3.95 10.79
N HIS A 140 -4.80 4.97 11.16
CA HIS A 140 -5.72 5.54 10.18
C HIS A 140 -5.04 6.47 9.19
N LEU A 141 -3.81 6.87 9.47
CA LEU A 141 -3.03 7.54 8.44
C LEU A 141 -2.05 6.62 7.75
N SER A 142 -1.82 5.42 8.28
CA SER A 142 -1.19 4.38 7.46
C SER A 142 -2.17 3.78 6.46
N ALA A 143 -3.47 3.84 6.74
CA ALA A 143 -4.44 3.36 5.76
C ALA A 143 -4.53 4.29 4.56
N THR A 144 -4.82 5.57 4.79
CA THR A 144 -5.06 6.49 3.69
C THR A 144 -4.31 7.79 3.93
N ARG A 145 -4.45 8.70 2.97
CA ARG A 145 -3.65 9.93 2.98
C ARG A 145 -4.10 10.91 4.06
N ALA A 146 -5.40 11.15 4.20
CA ALA A 146 -5.87 12.05 5.24
C ALA A 146 -7.15 11.51 5.86
N VAL A 147 -7.40 11.97 7.08
CA VAL A 147 -8.66 11.75 7.77
C VAL A 147 -9.18 13.11 8.24
N VAL A 148 -10.50 13.22 8.29
CA VAL A 148 -11.16 14.46 8.71
C VAL A 148 -11.72 14.24 10.10
N GLY A 149 -11.47 15.19 10.99
CA GLY A 149 -11.99 15.09 12.34
C GLY A 149 -12.84 16.30 12.68
N SER A 150 -13.13 16.43 13.96
CA SER A 150 -13.76 17.64 14.48
C SER A 150 -12.76 18.39 15.33
N ALA A 151 -12.88 19.71 15.34
CA ALA A 151 -11.81 20.49 15.95
C ALA A 151 -12.10 20.89 17.39
N PHE A 152 -13.26 20.56 17.96
CA PHE A 152 -13.45 20.95 19.34
C PHE A 152 -12.77 19.92 20.25
N PRO A 153 -12.29 20.33 21.42
CA PRO A 153 -11.90 19.35 22.40
C PRO A 153 -13.13 18.78 23.10
N PRO A 154 -13.07 17.52 23.56
CA PRO A 154 -14.19 16.91 24.23
C PRO A 154 -14.21 17.41 25.68
N TYR A 155 -14.21 18.88 26.02
CA TYR A 155 -14.26 19.45 27.37
C TYR A 155 -15.69 19.31 27.88
N HIS A 156 -16.69 19.52 26.97
CA HIS A 156 -18.09 19.11 27.30
C HIS A 156 -18.59 19.66 28.60
N HIS A 157 -19.24 18.84 29.49
CA HIS A 157 -19.82 19.50 30.65
C HIS A 157 -18.74 19.88 31.65
N HIS A 158 -17.46 19.67 31.29
CA HIS A 158 -16.38 20.08 32.22
C HIS A 158 -15.69 21.36 31.73
N GLU A 159 -16.35 22.12 30.85
CA GLU A 159 -15.79 23.37 30.29
C GLU A 159 -15.51 24.35 31.44
N PHE A 160 -14.40 25.09 31.36
CA PHE A 160 -13.96 25.98 32.42
C PHE A 160 -14.94 27.15 32.54
N PRO A 161 -15.24 27.59 33.75
CA PRO A 161 -16.24 28.64 33.92
C PRO A 161 -15.64 30.03 33.70
N GLY A 162 -16.47 31.03 33.97
CA GLY A 162 -16.04 32.41 33.91
C GLY A 162 -16.78 33.21 32.85
N SER A 163 -16.99 32.60 31.69
CA SER A 163 -17.76 33.21 30.63
C SER A 163 -18.94 32.31 30.29
N ARG A 164 -19.89 32.85 29.54
CA ARG A 164 -21.04 32.06 29.13
C ARG A 164 -20.83 31.39 27.79
N ILE A 165 -19.99 31.95 26.94
CA ILE A 165 -19.57 31.34 25.67
C ILE A 165 -18.38 30.44 25.98
N PRO A 166 -18.33 29.22 25.45
CA PRO A 166 -17.22 28.29 25.75
C PRO A 166 -15.88 28.82 25.27
N PRO A 167 -14.87 28.82 26.13
CA PRO A 167 -13.57 29.38 25.74
C PRO A 167 -12.69 28.44 24.94
N HIS A 168 -12.92 27.13 25.07
CA HIS A 168 -12.12 26.14 24.35
C HIS A 168 -12.94 25.65 23.17
N ARG A 169 -12.91 26.42 22.10
CA ARG A 169 -13.56 26.22 20.82
C ARG A 169 -12.59 25.48 19.88
N ALA A 170 -12.86 25.56 18.57
CA ALA A 170 -12.17 24.74 17.57
C ALA A 170 -10.67 24.98 17.52
N ASP A 171 -10.22 26.23 17.66
CA ASP A 171 -8.80 26.56 17.56
C ASP A 171 -8.00 25.92 18.69
N THR A 172 -8.57 25.89 19.89
CA THR A 172 -7.87 25.31 21.02
C THR A 172 -7.70 23.80 20.85
N GLY A 173 -8.74 23.12 20.37
CA GLY A 173 -8.66 21.68 20.20
C GLY A 173 -7.75 21.29 19.06
N ALA A 174 -7.70 22.11 18.01
CA ALA A 174 -6.75 21.88 16.93
C ALA A 174 -5.31 22.02 17.40
N PHE A 175 -5.04 23.06 18.21
CA PHE A 175 -3.69 23.22 18.72
C PHE A 175 -3.32 22.13 19.71
N LEU A 176 -4.29 21.64 20.48
CA LEU A 176 -3.96 20.61 21.47
C LEU A 176 -3.72 19.25 20.82
N LEU A 177 -4.43 18.93 19.73
CA LEU A 177 -4.01 17.77 18.92
C LEU A 177 -2.62 17.96 18.33
N ALA A 178 -2.37 19.11 17.70
CA ALA A 178 -1.11 19.29 16.97
C ALA A 178 0.07 19.38 17.92
N ASP A 179 -0.17 19.77 19.17
CA ASP A 179 0.90 19.91 20.15
C ASP A 179 1.03 18.65 20.99
N ALA A 180 -0.04 17.87 21.13
CA ALA A 180 0.05 16.60 21.86
C ALA A 180 0.77 15.57 21.03
N PHE A 181 0.46 15.49 19.73
CA PHE A 181 1.22 14.58 18.89
C PHE A 181 2.61 15.11 18.58
N GLY A 182 2.85 16.40 18.80
CA GLY A 182 4.09 17.00 18.35
C GLY A 182 4.16 17.05 16.85
N ALA A 183 3.07 17.47 16.21
CA ALA A 183 2.96 17.40 14.75
C ALA A 183 3.86 18.44 14.09
N ALA A 184 3.98 18.31 12.77
CA ALA A 184 4.94 19.13 12.03
C ALA A 184 4.45 20.55 11.83
N GLY A 185 3.15 20.81 11.95
CA GLY A 185 2.65 22.17 11.79
C GLY A 185 1.16 22.23 12.04
N LEU A 186 0.67 23.46 12.13
CA LEU A 186 -0.73 23.76 12.37
C LEU A 186 -1.12 24.99 11.55
N THR A 187 -2.06 24.81 10.63
CA THR A 187 -2.49 25.88 9.74
C THR A 187 -3.97 26.11 9.94
N ILE A 188 -4.35 27.34 10.23
CA ILE A 188 -5.74 27.73 10.44
C ILE A 188 -6.24 28.34 9.14
N VAL A 189 -7.30 27.80 8.59
CA VAL A 189 -7.90 28.29 7.37
C VAL A 189 -9.04 29.22 7.76
N GLU A 190 -8.99 30.46 7.30
CA GLU A 190 -9.88 31.51 7.76
C GLU A 190 -10.52 32.22 6.57
N ASN A 191 -11.69 32.81 6.79
CA ASN A 191 -12.40 33.55 5.75
C ASN A 191 -11.81 34.94 5.49
N VAL A 192 -10.82 35.38 6.26
CA VAL A 192 -10.09 36.61 6.00
C VAL A 192 -8.61 36.26 5.86
N ASP A 193 -7.80 37.28 5.57
CA ASP A 193 -6.37 37.07 5.32
C ASP A 193 -5.60 36.63 6.54
N GLY A 194 -5.92 37.16 7.71
CA GLY A 194 -5.24 36.86 8.94
C GLY A 194 -5.66 37.84 10.02
N ILE A 195 -4.94 37.82 11.12
CA ILE A 195 -5.24 38.67 12.26
C ILE A 195 -4.89 40.11 11.92
N TYR A 196 -5.84 41.02 12.08
CA TYR A 196 -5.57 42.43 11.88
C TYR A 196 -5.52 43.12 13.24
N THR A 197 -5.27 44.43 13.24
CA THR A 197 -5.20 45.15 14.50
C THR A 197 -6.57 45.49 15.06
N ALA A 198 -7.63 45.27 14.29
CA ALA A 198 -8.99 45.43 14.76
C ALA A 198 -9.87 44.48 13.97
N ASP A 199 -11.17 44.69 14.04
CA ASP A 199 -12.10 43.86 13.30
C ASP A 199 -12.24 44.42 11.89
N PRO A 200 -11.85 43.68 10.85
CA PRO A 200 -11.98 44.17 9.48
C PRO A 200 -13.39 44.19 8.94
N ASN A 201 -14.36 43.68 9.68
CA ASN A 201 -15.75 43.67 9.24
C ASN A 201 -16.68 44.25 10.29
N GLY A 202 -16.15 45.03 11.24
CA GLY A 202 -16.94 45.65 12.27
C GLY A 202 -17.03 47.16 12.11
N PRO A 203 -17.37 47.85 13.20
CA PRO A 203 -17.52 49.32 13.12
C PRO A 203 -16.20 50.05 12.91
N ASP A 204 -15.07 49.43 13.25
CA ASP A 204 -13.75 50.01 13.02
C ASP A 204 -13.00 49.28 11.92
N ARG A 205 -13.68 48.97 10.82
CA ARG A 205 -13.04 48.31 9.69
C ARG A 205 -12.09 49.23 8.93
N GLY A 206 -12.17 50.54 9.16
CA GLY A 206 -11.24 51.45 8.49
C GLY A 206 -9.83 51.38 9.05
N GLN A 207 -9.70 51.10 10.35
CA GLN A 207 -8.42 51.09 11.03
C GLN A 207 -7.77 49.71 11.01
N ALA A 208 -8.34 48.77 10.28
CA ALA A 208 -7.88 47.38 10.32
C ALA A 208 -6.61 47.22 9.51
N ARG A 209 -5.49 47.00 10.20
CA ARG A 209 -4.19 46.88 9.58
C ARG A 209 -3.69 45.45 9.68
N PHE A 210 -3.28 44.89 8.54
CA PHE A 210 -2.81 43.51 8.48
C PHE A 210 -1.54 43.32 9.29
N LEU A 211 -1.48 42.22 10.04
CA LEU A 211 -0.30 41.87 10.82
C LEU A 211 0.40 40.71 10.14
N PRO A 212 1.52 40.94 9.45
CA PRO A 212 2.23 39.80 8.82
C PRO A 212 2.91 38.92 9.84
N GLU A 213 3.21 39.42 11.02
CA GLU A 213 4.01 38.69 11.98
C GLU A 213 3.64 39.14 13.38
N THR A 214 3.28 38.18 14.22
CA THR A 214 2.90 38.48 15.59
C THR A 214 3.22 37.29 16.48
N SER A 215 3.18 37.52 17.78
CA SER A 215 3.47 36.50 18.77
C SER A 215 2.28 36.31 19.71
N ALA A 216 2.31 35.22 20.48
CA ALA A 216 1.13 34.86 21.27
C ALA A 216 0.99 35.77 22.48
N THR A 217 2.10 36.28 23.02
CA THR A 217 2.00 37.15 24.19
C THR A 217 1.53 38.54 23.79
N ASP A 218 1.91 39.00 22.60
CA ASP A 218 1.46 40.31 22.14
C ASP A 218 -0.03 40.30 21.81
N LEU A 219 -0.53 39.20 21.24
CA LEU A 219 -1.96 39.05 21.06
C LEU A 219 -2.66 38.82 22.39
N ALA A 220 -1.97 38.22 23.36
CA ALA A 220 -2.55 37.95 24.66
C ALA A 220 -2.77 39.23 25.46
N LYS A 221 -1.88 40.21 25.29
CA LYS A 221 -2.05 41.48 25.98
C LYS A 221 -3.10 42.37 25.33
N SER A 222 -3.60 42.02 24.15
CA SER A 222 -4.46 42.91 23.39
C SER A 222 -5.92 42.73 23.77
N GLU A 223 -6.62 43.87 23.85
CA GLU A 223 -8.06 43.89 23.98
C GLU A 223 -8.68 44.11 22.60
N GLY A 224 -9.91 43.65 22.44
CA GLY A 224 -10.55 43.66 21.14
C GLY A 224 -10.70 42.25 20.61
N PRO A 225 -11.30 42.12 19.43
CA PRO A 225 -11.54 40.78 18.88
C PRO A 225 -10.30 40.16 18.27
N LEU A 226 -10.46 38.90 17.89
CA LEU A 226 -9.51 38.08 17.17
C LEU A 226 -10.33 37.10 16.33
N PRO A 227 -9.74 36.46 15.33
CA PRO A 227 -10.41 35.30 14.74
C PRO A 227 -10.16 34.01 15.50
N VAL A 228 -9.34 34.07 16.54
CA VAL A 228 -8.91 32.89 17.29
C VAL A 228 -9.36 33.03 18.74
N ASP A 229 -9.28 31.92 19.47
CA ASP A 229 -9.73 31.91 20.85
C ASP A 229 -8.73 32.63 21.75
N ARG A 230 -9.22 33.12 22.88
CA ARG A 230 -8.28 33.60 23.90
C ARG A 230 -7.61 32.44 24.61
N ALA A 231 -8.26 31.27 24.64
CA ALA A 231 -7.63 30.09 25.24
C ALA A 231 -6.54 29.53 24.33
N LEU A 232 -6.62 29.82 23.03
CA LEU A 232 -5.54 29.46 22.11
C LEU A 232 -4.23 30.13 22.51
N LEU A 233 -4.29 31.39 22.93
CA LEU A 233 -3.07 32.08 23.30
C LEU A 233 -2.52 31.58 24.63
N ASP A 234 -3.41 31.15 25.54
CA ASP A 234 -2.98 30.58 26.80
C ASP A 234 -2.35 29.21 26.62
N VAL A 235 -2.85 28.41 25.67
CA VAL A 235 -2.22 27.11 25.49
C VAL A 235 -1.04 27.21 24.54
N MET A 236 -0.89 28.32 23.81
CA MET A 236 0.37 28.58 23.12
C MET A 236 1.44 29.07 24.08
N ALA A 237 1.06 29.78 25.14
CA ALA A 237 2.04 30.24 26.11
C ALA A 237 2.68 29.10 26.88
N THR A 238 2.02 27.95 26.98
CA THR A 238 2.61 26.74 27.54
C THR A 238 2.73 25.63 26.50
N ALA A 239 3.22 25.94 25.31
CA ALA A 239 3.32 24.94 24.26
C ALA A 239 4.63 24.19 24.38
N ARG A 240 4.72 23.06 23.68
CA ARG A 240 5.87 22.18 23.79
C ARG A 240 6.63 22.01 22.48
N HIS A 241 5.93 21.83 21.36
CA HIS A 241 6.59 21.45 20.12
C HIS A 241 6.28 22.39 18.96
N ILE A 242 5.02 22.83 18.84
CA ILE A 242 4.63 23.73 17.77
C ILE A 242 5.27 25.09 18.00
N GLU A 243 6.08 25.53 17.04
CA GLU A 243 6.76 26.81 17.15
C GLU A 243 6.02 27.94 16.48
N ARG A 244 5.16 27.64 15.50
CA ARG A 244 4.43 28.68 14.80
C ARG A 244 3.12 28.12 14.29
N VAL A 245 2.11 28.99 14.25
CA VAL A 245 0.80 28.69 13.71
C VAL A 245 0.50 29.77 12.68
N GLN A 246 0.03 29.39 11.51
CA GLN A 246 -0.12 30.32 10.42
C GLN A 246 -1.57 30.41 9.96
N VAL A 247 -2.18 31.57 10.17
CA VAL A 247 -3.56 31.84 9.82
C VAL A 247 -3.60 32.32 8.37
N VAL A 248 -4.27 31.56 7.50
CA VAL A 248 -4.30 31.89 6.08
C VAL A 248 -5.74 32.05 5.63
N ASN A 249 -5.88 32.65 4.45
CA ASN A 249 -7.18 32.84 3.81
C ASN A 249 -7.45 31.63 2.94
N GLY A 250 -8.55 30.95 3.21
CA GLY A 250 -8.95 29.84 2.36
C GLY A 250 -9.94 30.18 1.29
N LEU A 251 -10.14 31.46 1.02
CA LEU A 251 -10.95 31.86 -0.11
C LEU A 251 -10.11 32.19 -1.34
N VAL A 252 -8.80 32.28 -1.18
CA VAL A 252 -7.88 32.59 -2.28
C VAL A 252 -7.14 31.30 -2.63
N PRO A 253 -7.20 30.84 -3.88
CA PRO A 253 -6.53 29.58 -4.22
C PRO A 253 -5.02 29.74 -4.27
N GLY A 254 -4.33 28.77 -3.68
CA GLY A 254 -2.89 28.76 -3.63
C GLY A 254 -2.30 28.98 -2.26
N ARG A 255 -3.05 29.56 -1.33
CA ARG A 255 -2.47 29.91 -0.05
C ARG A 255 -2.42 28.74 0.93
N LEU A 256 -3.31 27.77 0.80
CA LEU A 256 -3.27 26.63 1.72
C LEU A 256 -2.10 25.72 1.40
N THR A 257 -1.86 25.47 0.11
CA THR A 257 -0.72 24.68 -0.35
C THR A 257 0.59 25.33 0.08
N ALA A 258 0.69 26.64 -0.14
CA ALA A 258 1.88 27.41 0.24
C ALA A 258 2.04 27.47 1.74
N ALA A 259 0.94 27.47 2.49
CA ALA A 259 1.02 27.47 3.95
C ALA A 259 1.52 26.13 4.46
N LEU A 260 1.08 25.03 3.85
CA LEU A 260 1.55 23.73 4.25
C LEU A 260 2.97 23.44 3.80
N ARG A 261 3.46 24.17 2.80
CA ARG A 261 4.87 24.07 2.40
C ARG A 261 5.75 25.08 3.14
N GLY A 262 5.17 25.91 3.99
CA GLY A 262 5.95 26.81 4.83
C GLY A 262 6.09 28.23 4.34
N GLU A 263 5.47 28.59 3.22
CA GLU A 263 5.65 29.92 2.65
C GLU A 263 4.80 30.93 3.40
N HIS A 264 5.38 32.09 3.70
CA HIS A 264 4.73 33.12 4.51
C HIS A 264 3.66 33.79 3.65
N VAL A 265 2.42 33.28 3.75
CA VAL A 265 1.30 33.81 2.98
C VAL A 265 0.24 34.46 3.86
N GLY A 266 0.16 34.11 5.13
CA GLY A 266 -0.81 34.72 6.03
C GLY A 266 -0.11 35.32 7.21
N THR A 267 -0.72 35.20 8.38
CA THR A 267 -0.19 35.72 9.63
C THR A 267 0.52 34.61 10.38
N LEU A 268 1.82 34.78 10.63
CA LEU A 268 2.58 33.86 11.46
C LEU A 268 2.41 34.24 12.92
N ILE A 269 2.09 33.27 13.76
CA ILE A 269 1.87 33.48 15.18
C ILE A 269 2.92 32.66 15.93
N ARG A 270 3.74 33.34 16.74
CA ARG A 270 4.81 32.65 17.44
C ARG A 270 4.35 32.21 18.83
N THR A 271 4.53 30.92 19.13
CA THR A 271 4.12 30.38 20.40
C THR A 271 5.14 30.59 21.51
N GLY A 272 6.32 31.12 21.19
CA GLY A 272 7.32 31.33 22.22
C GLY A 272 8.03 30.06 22.66
N VAL A 273 8.05 29.04 21.81
CA VAL A 273 8.84 27.83 22.05
C VAL A 273 10.16 28.01 21.31
N ARG A 274 11.24 28.03 22.07
CA ARG A 274 12.51 28.46 21.51
C ARG A 274 13.29 27.27 20.96
N PRO A 275 13.78 27.35 19.72
CA PRO A 275 14.56 26.25 19.15
C PRO A 275 15.97 26.21 19.69
N ALA A 276 16.75 25.23 19.26
CA ALA A 276 18.14 25.12 19.71
C ALA A 276 19.01 26.14 18.98
N ASN B 3 -29.51 44.86 27.86
CA ASN B 3 -29.38 43.81 26.86
C ASN B 3 -30.69 43.05 26.71
N SER B 4 -30.85 42.39 25.57
CA SER B 4 -32.10 41.72 25.24
C SER B 4 -31.82 40.53 24.36
N THR B 5 -32.90 39.94 23.84
CA THR B 5 -32.76 38.85 22.87
C THR B 5 -32.28 39.38 21.53
N ALA B 6 -32.73 40.58 21.14
CA ALA B 6 -32.42 41.13 19.83
C ALA B 6 -30.96 41.54 19.72
N GLU B 7 -30.45 42.30 20.68
CA GLU B 7 -29.08 42.79 20.61
C GLU B 7 -28.08 41.66 20.78
N LEU B 8 -28.35 40.73 21.70
CA LEU B 8 -27.48 39.57 21.86
C LEU B 8 -27.52 38.67 20.64
N GLU B 9 -28.69 38.55 19.98
CA GLU B 9 -28.79 37.76 18.77
C GLU B 9 -27.97 38.37 17.63
N GLU B 10 -28.03 39.70 17.50
CA GLU B 10 -27.21 40.39 16.51
C GLU B 10 -25.73 40.20 16.79
N LEU B 11 -25.31 40.42 18.04
CA LEU B 11 -23.88 40.35 18.37
C LEU B 11 -23.34 38.93 18.23
N LEU B 12 -24.18 37.93 18.48
CA LEU B 12 -23.74 36.55 18.26
C LEU B 12 -23.66 36.23 16.78
N MET B 13 -24.66 36.62 16.00
CA MET B 13 -24.74 36.10 14.64
C MET B 13 -23.94 36.94 13.64
N GLN B 14 -23.37 38.07 14.05
CA GLN B 14 -22.45 38.76 13.16
C GLN B 14 -21.22 39.40 13.81
N ARG B 15 -20.80 38.97 15.00
CA ARG B 15 -19.50 39.33 15.54
C ARG B 15 -18.81 38.09 16.08
N SER B 16 -17.49 38.16 16.22
CA SER B 16 -16.71 37.01 16.67
C SER B 16 -16.95 36.79 18.16
N LEU B 17 -16.82 35.53 18.59
CA LEU B 17 -17.17 35.15 19.95
C LEU B 17 -16.18 35.65 20.99
N THR B 18 -14.99 36.08 20.55
CA THR B 18 -14.03 36.67 21.47
C THR B 18 -14.10 38.18 21.53
N ASP B 19 -15.17 38.77 21.02
CA ASP B 19 -15.36 40.21 21.11
C ASP B 19 -15.77 40.57 22.54
N PRO B 20 -15.15 41.57 23.17
CA PRO B 20 -15.59 41.97 24.51
C PRO B 20 -17.02 42.47 24.62
N GLN B 21 -17.61 43.03 23.57
CA GLN B 21 -19.01 43.43 23.68
C GLN B 21 -19.93 42.23 23.64
N LEU B 22 -19.57 41.20 22.87
CA LEU B 22 -20.31 39.94 22.92
C LEU B 22 -20.21 39.30 24.30
N GLN B 23 -19.03 39.36 24.93
CA GLN B 23 -18.86 38.77 26.24
C GLN B 23 -19.68 39.51 27.28
N ALA B 24 -19.68 40.84 27.22
CA ALA B 24 -20.46 41.64 28.17
C ALA B 24 -21.96 41.47 27.95
N ALA B 25 -22.37 41.21 26.71
CA ALA B 25 -23.79 40.99 26.45
C ALA B 25 -24.23 39.60 26.87
N ALA B 26 -23.38 38.59 26.63
CA ALA B 26 -23.78 37.23 26.94
C ALA B 26 -23.66 36.92 28.42
N ALA B 27 -22.80 37.65 29.14
CA ALA B 27 -22.66 37.41 30.57
C ALA B 27 -23.71 38.11 31.40
N ALA B 28 -24.70 38.75 30.78
CA ALA B 28 -25.78 39.40 31.52
C ALA B 28 -27.08 38.63 31.47
N ALA B 29 -27.12 37.49 30.79
CA ALA B 29 -28.33 36.70 30.71
C ALA B 29 -28.59 35.96 32.01
N ALA B 30 -29.76 35.34 32.12
CA ALA B 30 -30.17 34.73 33.37
C ALA B 30 -29.42 33.42 33.64
N ASP B 31 -29.15 33.18 34.92
CA ASP B 31 -28.49 31.95 35.37
C ASP B 31 -29.56 30.89 35.64
N PHE B 32 -29.35 29.70 35.11
CA PHE B 32 -30.26 28.57 35.35
C PHE B 32 -29.49 27.44 36.00
N ARG B 33 -30.03 26.94 37.11
CA ARG B 33 -29.34 25.97 37.94
C ARG B 33 -29.98 24.59 37.72
N ILE B 34 -29.16 23.63 37.28
CA ILE B 34 -29.72 22.35 36.82
C ILE B 34 -30.09 21.45 37.99
N LEU B 35 -29.19 21.21 38.92
CA LEU B 35 -29.47 20.38 40.10
C LEU B 35 -29.30 21.21 41.35
N PRO B 36 -30.34 21.94 41.75
CA PRO B 36 -30.18 22.84 42.90
C PRO B 36 -30.11 22.12 44.23
N ASP B 37 -30.62 20.90 44.30
CA ASP B 37 -30.71 20.16 45.55
C ASP B 37 -29.50 19.28 45.81
N ALA B 38 -28.69 19.05 44.78
CA ALA B 38 -27.69 17.99 44.84
C ALA B 38 -26.40 18.47 45.50
N THR B 39 -25.63 17.49 45.99
CA THR B 39 -24.39 17.73 46.73
C THR B 39 -23.34 16.76 46.22
N VAL B 40 -22.18 17.27 45.84
CA VAL B 40 -21.13 16.44 45.23
C VAL B 40 -20.09 16.11 46.29
N ILE B 41 -19.71 14.83 46.36
CA ILE B 41 -18.69 14.34 47.28
C ILE B 41 -17.57 13.73 46.45
N LYS B 42 -16.33 14.11 46.75
CA LYS B 42 -15.16 13.49 46.14
C LYS B 42 -14.51 12.55 47.15
N ILE B 43 -14.31 11.30 46.75
CA ILE B 43 -13.69 10.28 47.59
C ILE B 43 -12.28 10.06 47.06
N GLY B 44 -11.29 10.53 47.81
CA GLY B 44 -9.91 10.46 47.36
C GLY B 44 -9.40 9.02 47.32
N GLY B 45 -8.68 8.70 46.25
CA GLY B 45 -8.19 7.34 46.09
C GLY B 45 -7.07 7.01 47.06
N GLN B 46 -5.96 7.74 46.98
CA GLN B 46 -4.79 7.45 47.79
C GLN B 46 -5.02 7.79 49.24
N SER B 47 -5.98 8.67 49.51
CA SER B 47 -6.24 9.09 50.87
C SER B 47 -7.09 8.07 51.63
N VAL B 48 -8.16 7.58 51.00
CA VAL B 48 -9.14 6.75 51.68
C VAL B 48 -9.23 5.36 51.07
N ILE B 49 -9.35 5.28 49.74
CA ILE B 49 -9.71 4.02 49.10
C ILE B 49 -8.56 3.02 49.15
N ASP B 50 -7.32 3.52 49.10
CA ASP B 50 -6.19 2.61 49.14
C ASP B 50 -5.91 2.10 50.56
N ARG B 51 -6.67 2.57 51.55
CA ARG B 51 -6.54 2.01 52.89
C ARG B 51 -7.22 0.67 53.01
N GLY B 52 -8.13 0.35 52.10
CA GLY B 52 -8.74 -0.96 52.11
C GLY B 52 -10.08 -1.03 52.81
N ARG B 53 -10.22 -1.96 53.76
CA ARG B 53 -11.55 -2.26 54.28
C ARG B 53 -11.96 -1.27 55.36
N ALA B 54 -11.03 -0.95 56.27
CA ALA B 54 -11.39 -0.26 57.51
C ALA B 54 -11.62 1.23 57.29
N ALA B 55 -11.38 1.72 56.07
CA ALA B 55 -11.65 3.11 55.78
C ALA B 55 -12.75 3.27 54.74
N VAL B 56 -13.05 2.21 53.99
CA VAL B 56 -14.11 2.31 52.99
C VAL B 56 -15.44 1.88 53.57
N TYR B 57 -15.46 0.85 54.43
CA TYR B 57 -16.72 0.47 55.06
C TYR B 57 -17.32 1.52 56.01
N PRO B 58 -16.56 2.31 56.77
CA PRO B 58 -17.22 3.47 57.43
C PRO B 58 -17.79 4.49 56.45
N LEU B 59 -17.17 4.71 55.28
CA LEU B 59 -17.80 5.59 54.31
C LEU B 59 -19.03 4.96 53.67
N VAL B 60 -19.03 3.64 53.48
CA VAL B 60 -20.23 2.98 52.98
C VAL B 60 -21.38 3.12 53.96
N ASP B 61 -21.09 2.95 55.26
CA ASP B 61 -22.12 3.17 56.28
C ASP B 61 -22.61 4.61 56.31
N GLU B 62 -21.69 5.57 56.22
CA GLU B 62 -22.07 6.99 56.24
C GLU B 62 -22.84 7.40 55.00
N ILE B 63 -22.48 6.86 53.83
CA ILE B 63 -23.19 7.18 52.59
C ILE B 63 -24.60 6.59 52.60
N VAL B 64 -24.75 5.32 53.00
CA VAL B 64 -26.09 4.72 53.04
C VAL B 64 -26.95 5.39 54.11
N ALA B 65 -26.33 5.85 55.20
CA ALA B 65 -27.11 6.56 56.21
C ALA B 65 -27.42 7.99 55.80
N ALA B 66 -26.60 8.58 54.93
CA ALA B 66 -26.74 10.00 54.64
C ALA B 66 -27.56 10.26 53.38
N ARG B 67 -27.75 9.24 52.54
CA ARG B 67 -28.59 9.45 51.37
C ARG B 67 -30.07 9.43 51.71
N LYS B 68 -30.44 9.07 52.93
CA LYS B 68 -31.85 9.09 53.32
C LYS B 68 -32.42 10.49 53.43
N ASN B 69 -31.56 11.51 53.55
CA ASN B 69 -32.01 12.89 53.59
C ASN B 69 -31.49 13.74 52.43
N HIS B 70 -30.31 13.44 51.87
CA HIS B 70 -29.64 14.35 50.96
C HIS B 70 -29.38 13.65 49.63
N LYS B 71 -29.31 14.44 48.56
CA LYS B 71 -28.87 13.95 47.26
C LYS B 71 -27.35 13.97 47.24
N LEU B 72 -26.74 12.91 46.70
CA LEU B 72 -25.29 12.74 46.76
C LEU B 72 -24.76 12.27 45.43
N LEU B 73 -23.94 13.07 44.78
CA LEU B 73 -23.13 12.60 43.65
CA LEU B 73 -23.13 12.60 43.65
C LEU B 73 -21.74 12.29 44.17
N ILE B 74 -21.35 11.03 44.13
CA ILE B 74 -20.14 10.57 44.79
C ILE B 74 -19.06 10.36 43.75
N GLY B 75 -18.13 11.30 43.66
CA GLY B 75 -16.98 11.19 42.78
C GLY B 75 -15.88 10.38 43.45
N THR B 76 -14.90 9.97 42.66
CA THR B 76 -13.89 9.03 43.10
C THR B 76 -12.53 9.37 42.51
N GLY B 77 -11.50 9.34 43.36
CA GLY B 77 -10.15 9.68 42.96
C GLY B 77 -9.42 8.56 42.25
N ALA B 78 -8.09 8.72 42.13
CA ALA B 78 -7.27 7.80 41.36
C ALA B 78 -6.31 7.01 42.25
N GLY B 79 -5.45 7.66 43.00
CA GLY B 79 -4.60 6.93 43.93
C GLY B 79 -3.28 6.48 43.33
N THR B 80 -2.69 5.48 43.98
CA THR B 80 -1.27 5.19 43.78
C THR B 80 -0.98 4.45 42.48
N ARG B 81 -1.98 3.75 41.92
CA ARG B 81 -1.78 3.14 40.61
C ARG B 81 -1.62 4.19 39.53
N ALA B 82 -2.30 5.33 39.70
CA ALA B 82 -2.10 6.45 38.80
C ALA B 82 -0.71 7.03 38.93
N ARG B 83 -0.14 7.02 40.13
CA ARG B 83 1.24 7.49 40.27
C ARG B 83 2.21 6.54 39.61
N HIS B 84 1.93 5.23 39.64
CA HIS B 84 2.81 4.30 38.94
C HIS B 84 2.70 4.48 37.43
N LEU B 85 1.49 4.70 36.91
CA LEU B 85 1.34 5.00 35.48
C LEU B 85 2.01 6.31 35.10
N TYR B 86 1.92 7.33 35.96
CA TYR B 86 2.52 8.62 35.63
C TYR B 86 4.02 8.53 35.67
N SER B 87 4.56 7.73 36.59
CA SER B 87 5.99 7.49 36.65
C SER B 87 6.50 6.78 35.41
N ILE B 88 5.84 5.68 35.02
CA ILE B 88 6.28 4.92 33.85
C ILE B 88 6.17 5.77 32.58
N ALA B 89 5.05 6.46 32.40
CA ALA B 89 4.85 7.21 31.16
C ALA B 89 5.62 8.52 31.15
N ALA B 90 5.98 9.04 32.32
CA ALA B 90 6.79 10.24 32.38
C ALA B 90 8.26 9.91 32.21
N GLY B 91 8.66 8.69 32.56
CA GLY B 91 10.01 8.26 32.29
C GLY B 91 10.27 8.05 30.81
N LEU B 92 9.25 7.60 30.08
CA LEU B 92 9.34 7.49 28.63
C LEU B 92 9.26 8.83 27.93
N GLY B 93 8.76 9.86 28.59
CA GLY B 93 8.57 11.13 27.93
C GLY B 93 7.34 11.20 27.07
N LEU B 94 6.19 10.86 27.60
CA LEU B 94 4.94 11.02 26.87
C LEU B 94 4.25 12.29 27.34
N PRO B 95 3.50 12.97 26.47
CA PRO B 95 2.91 14.27 26.84
C PRO B 95 1.77 14.13 27.85
N ALA B 96 1.20 15.28 28.22
CA ALA B 96 0.23 15.33 29.31
C ALA B 96 -1.08 14.66 28.93
N GLY B 97 -1.38 14.59 27.63
CA GLY B 97 -2.61 13.94 27.21
C GLY B 97 -2.59 12.44 27.40
N VAL B 98 -1.45 11.81 27.15
CA VAL B 98 -1.33 10.37 27.32
C VAL B 98 -1.45 10.01 28.81
N LEU B 99 -0.88 10.83 29.68
CA LEU B 99 -0.99 10.57 31.11
C LEU B 99 -2.39 10.84 31.63
N ALA B 100 -3.11 11.78 31.01
CA ALA B 100 -4.51 11.96 31.37
C ALA B 100 -5.35 10.75 31.00
N GLN B 101 -5.10 10.18 29.82
CA GLN B 101 -5.76 8.94 29.42
C GLN B 101 -5.41 7.79 30.36
N LEU B 102 -4.19 7.79 30.91
CA LEU B 102 -3.81 6.70 31.79
C LEU B 102 -4.41 6.86 33.19
N GLY B 103 -4.64 8.10 33.62
CA GLY B 103 -5.23 8.31 34.94
C GLY B 103 -6.73 8.09 34.98
N SER B 104 -7.41 8.29 33.83
CA SER B 104 -8.84 8.07 33.76
C SER B 104 -9.23 6.63 34.08
N SER B 105 -8.40 5.67 33.68
CA SER B 105 -8.75 4.28 33.89
C SER B 105 -8.62 3.87 35.35
N VAL B 106 -7.68 4.46 36.08
CA VAL B 106 -7.56 4.14 37.49
C VAL B 106 -8.71 4.75 38.27
N ALA B 107 -9.18 5.94 37.84
CA ALA B 107 -10.40 6.49 38.42
C ALA B 107 -11.61 5.61 38.16
N ASP B 108 -11.69 5.03 36.95
CA ASP B 108 -12.78 4.11 36.62
C ASP B 108 -12.74 2.85 37.49
N GLN B 109 -11.54 2.31 37.74
CA GLN B 109 -11.39 1.13 38.59
C GLN B 109 -11.84 1.38 40.02
N ASN B 110 -11.42 2.50 40.61
CA ASN B 110 -11.83 2.78 41.99
C ASN B 110 -13.32 3.07 42.09
N ALA B 111 -13.89 3.70 41.07
CA ALA B 111 -15.34 3.90 41.06
C ALA B 111 -16.07 2.59 40.92
N ALA B 112 -15.48 1.63 40.21
CA ALA B 112 -16.11 0.32 40.04
C ALA B 112 -16.11 -0.46 41.35
N MET B 113 -15.00 -0.43 42.09
CA MET B 113 -14.97 -1.09 43.41
C MET B 113 -15.94 -0.44 44.39
N LEU B 114 -15.96 0.90 44.42
CA LEU B 114 -16.89 1.62 45.29
C LEU B 114 -18.34 1.33 44.93
N GLY B 115 -18.63 1.19 43.65
CA GLY B 115 -20.00 0.93 43.24
C GLY B 115 -20.45 -0.50 43.49
N GLN B 116 -19.52 -1.46 43.43
CA GLN B 116 -19.91 -2.81 43.82
C GLN B 116 -20.07 -2.93 45.33
N LEU B 117 -19.35 -2.12 46.09
CA LEU B 117 -19.64 -2.07 47.52
C LEU B 117 -20.95 -1.36 47.84
N LEU B 118 -21.41 -0.46 46.97
CA LEU B 118 -22.67 0.25 47.22
C LEU B 118 -23.86 -0.27 46.45
N ALA B 119 -23.69 -1.29 45.59
CA ALA B 119 -24.77 -1.67 44.68
C ALA B 119 -25.87 -2.46 45.37
N LYS B 120 -25.55 -3.15 46.47
CA LYS B 120 -26.63 -3.90 47.12
C LYS B 120 -27.54 -3.00 47.93
N HIS B 121 -27.13 -1.76 48.20
CA HIS B 121 -27.98 -0.77 48.84
C HIS B 121 -28.73 0.10 47.84
N GLY B 122 -28.47 -0.07 46.55
CA GLY B 122 -29.25 0.60 45.54
C GLY B 122 -28.59 1.74 44.82
N ILE B 123 -27.31 2.00 45.07
CA ILE B 123 -26.62 3.16 44.52
C ILE B 123 -25.84 2.70 43.29
N PRO B 124 -26.18 3.16 42.09
CA PRO B 124 -25.50 2.69 40.88
C PRO B 124 -24.31 3.54 40.49
N VAL B 125 -23.41 2.94 39.73
CA VAL B 125 -22.38 3.67 39.00
C VAL B 125 -22.99 4.18 37.71
N VAL B 126 -22.86 5.48 37.48
CA VAL B 126 -23.48 6.10 36.32
C VAL B 126 -22.42 6.73 35.44
N GLY B 127 -22.68 6.70 34.14
CA GLY B 127 -21.98 7.53 33.19
C GLY B 127 -22.97 8.54 32.63
N GLY B 128 -22.68 9.81 32.83
CA GLY B 128 -23.74 10.79 32.77
C GLY B 128 -24.31 10.99 34.15
N ALA B 129 -23.46 11.48 35.04
CA ALA B 129 -23.83 11.58 36.46
C ALA B 129 -24.85 12.68 36.71
N GLY B 130 -24.64 13.87 36.15
CA GLY B 130 -25.52 14.98 36.47
C GLY B 130 -26.87 14.92 35.77
N LEU B 131 -26.94 14.23 34.62
CA LEU B 131 -28.19 14.12 33.90
C LEU B 131 -28.86 12.77 34.13
N SER B 132 -28.52 12.10 35.21
CA SER B 132 -29.12 10.83 35.58
C SER B 132 -30.33 11.14 36.47
N ALA B 133 -31.49 11.29 35.82
CA ALA B 133 -32.63 11.89 36.50
C ALA B 133 -33.35 10.90 37.39
N VAL B 134 -33.52 9.67 36.94
CA VAL B 134 -34.32 8.66 37.63
C VAL B 134 -33.74 8.25 38.98
N PRO B 135 -32.44 7.91 39.14
CA PRO B 135 -31.99 7.55 40.49
C PRO B 135 -31.78 8.73 41.41
N LEU B 136 -31.67 9.94 40.86
CA LEU B 136 -31.59 11.12 41.71
C LEU B 136 -32.98 11.65 42.07
N SER B 137 -34.04 11.15 41.45
CA SER B 137 -35.39 11.59 41.75
C SER B 137 -36.14 10.64 42.65
N LEU B 138 -35.56 9.48 42.99
CA LEU B 138 -36.17 8.51 43.85
C LEU B 138 -35.61 8.63 45.26
N ALA B 139 -36.48 8.56 46.26
CA ALA B 139 -36.02 8.49 47.64
C ALA B 139 -35.42 7.13 47.96
N GLU B 140 -35.78 6.11 47.18
CA GLU B 140 -35.22 4.77 47.36
C GLU B 140 -33.78 4.67 46.89
N VAL B 141 -33.29 5.60 46.07
CA VAL B 141 -31.92 5.51 45.59
C VAL B 141 -31.13 6.73 46.04
N ASN B 142 -31.53 7.90 45.52
CA ASN B 142 -31.16 9.23 46.02
C ASN B 142 -29.66 9.53 45.92
N ALA B 143 -28.87 8.71 45.23
CA ALA B 143 -27.42 8.89 45.17
C ALA B 143 -26.86 8.14 43.98
N VAL B 144 -25.72 8.61 43.47
CA VAL B 144 -25.03 7.98 42.35
C VAL B 144 -23.53 7.98 42.62
N VAL B 145 -22.80 7.24 41.79
CA VAL B 145 -21.34 7.12 41.87
C VAL B 145 -20.78 7.36 40.48
N PHE B 146 -19.70 8.15 40.39
CA PHE B 146 -19.07 8.43 39.11
C PHE B 146 -17.57 8.54 39.29
N SER B 147 -16.85 8.49 38.18
CA SER B 147 -15.39 8.59 38.21
C SER B 147 -14.99 10.04 38.12
N GLY B 148 -13.96 10.42 38.87
CA GLY B 148 -13.64 11.81 39.07
C GLY B 148 -12.91 12.53 37.97
N MET B 149 -12.30 11.81 37.01
CA MET B 149 -11.45 12.45 36.00
C MET B 149 -12.28 13.23 34.97
N PRO B 150 -11.75 14.36 34.52
CA PRO B 150 -12.40 15.13 33.45
C PRO B 150 -12.25 14.44 32.10
N PRO B 151 -13.05 14.83 31.09
CA PRO B 151 -12.96 14.18 29.77
C PRO B 151 -11.85 14.68 28.89
N TYR B 152 -10.94 15.47 29.45
CA TYR B 152 -9.96 16.17 28.61
C TYR B 152 -9.12 15.19 27.82
N LYS B 153 -8.70 14.07 28.41
CA LYS B 153 -7.97 13.03 27.64
C LYS B 153 -6.76 13.64 26.98
N LEU B 154 -6.61 13.46 25.67
CA LEU B 154 -5.46 14.01 24.92
C LEU B 154 -5.47 15.53 24.78
N TRP B 155 -6.62 16.19 24.87
CA TRP B 155 -6.74 17.63 24.78
C TRP B 155 -6.48 18.31 26.10
N MET B 156 -5.74 17.65 26.99
CA MET B 156 -5.43 18.20 28.29
C MET B 156 -4.54 19.41 28.16
N ARG B 157 -4.93 20.50 28.81
CA ARG B 157 -4.11 21.69 28.86
CA ARG B 157 -4.11 21.69 28.86
C ARG B 157 -2.84 21.38 29.64
N PRO B 158 -1.67 21.50 29.03
CA PRO B 158 -0.43 21.12 29.74
C PRO B 158 -0.08 22.12 30.82
N ALA B 159 0.66 21.64 31.81
CA ALA B 159 1.15 22.52 32.84
C ALA B 159 2.31 23.34 32.30
N ALA B 160 2.71 24.36 33.07
CA ALA B 160 3.82 25.21 32.65
C ALA B 160 5.14 24.45 32.69
N GLU B 161 5.25 23.43 33.53
CA GLU B 161 6.44 22.60 33.61
C GLU B 161 6.04 21.14 33.78
N GLY B 162 6.62 20.28 32.96
CA GLY B 162 6.46 18.84 33.15
C GLY B 162 5.35 18.23 32.32
N VAL B 163 5.15 16.93 32.54
CA VAL B 163 4.20 16.15 31.78
C VAL B 163 3.06 15.61 32.66
N ILE B 164 2.91 16.14 33.86
CA ILE B 164 1.82 15.70 34.74
C ILE B 164 0.54 16.45 34.36
N PRO B 165 -0.60 15.77 34.28
CA PRO B 165 -1.85 16.46 33.99
C PRO B 165 -2.28 17.31 35.17
N PRO B 166 -2.49 18.63 34.96
CA PRO B 166 -2.90 19.47 36.08
C PRO B 166 -4.36 19.33 36.48
N TYR B 167 -5.23 18.83 35.59
CA TYR B 167 -6.65 18.72 35.87
C TYR B 167 -6.97 17.24 36.05
N ARG B 168 -7.13 16.84 37.31
CA ARG B 168 -7.39 15.46 37.66
C ARG B 168 -8.68 15.44 38.46
N THR B 169 -8.92 14.37 39.22
CA THR B 169 -10.19 14.09 39.89
C THR B 169 -10.73 15.25 40.73
N ASP B 170 -9.87 16.08 41.31
CA ASP B 170 -10.31 17.27 42.03
C ASP B 170 -11.00 18.25 41.11
N ALA B 171 -10.34 18.60 40.00
CA ALA B 171 -10.92 19.54 39.04
C ALA B 171 -12.14 18.95 38.34
N GLY B 172 -12.14 17.63 38.13
CA GLY B 172 -13.29 17.00 37.50
C GLY B 172 -14.54 17.05 38.37
N CYS B 173 -14.40 16.66 39.64
CA CYS B 173 -15.55 16.70 40.55
C CYS B 173 -15.98 18.13 40.82
N PHE B 174 -15.04 19.08 40.85
CA PHE B 174 -15.42 20.47 41.06
C PHE B 174 -16.16 21.04 39.86
N LEU B 175 -15.73 20.71 38.65
CA LEU B 175 -16.45 21.24 37.50
C LEU B 175 -17.79 20.56 37.29
N LEU B 176 -17.97 19.35 37.80
CA LEU B 176 -19.32 18.79 37.80
C LEU B 176 -20.20 19.51 38.81
N ALA B 177 -19.65 19.83 39.99
CA ALA B 177 -20.41 20.57 41.00
C ALA B 177 -20.75 21.98 40.53
N GLU B 178 -19.89 22.56 39.70
CA GLU B 178 -20.12 23.90 39.18
C GLU B 178 -21.06 23.90 37.98
N GLN B 179 -20.91 22.92 37.09
CA GLN B 179 -21.78 22.82 35.92
C GLN B 179 -23.22 22.50 36.28
N PHE B 180 -23.42 21.52 37.14
CA PHE B 180 -24.78 21.10 37.42
C PHE B 180 -25.40 21.85 38.59
N GLY B 181 -24.82 22.98 38.98
CA GLY B 181 -25.40 23.88 39.97
C GLY B 181 -25.61 23.28 41.35
N CYS B 182 -24.77 22.32 41.74
CA CYS B 182 -24.96 21.62 42.99
C CYS B 182 -24.67 22.54 44.16
N LYS B 183 -25.44 22.37 45.23
CA LYS B 183 -25.45 23.39 46.27
C LYS B 183 -24.26 23.31 47.21
N GLN B 184 -23.44 22.26 47.12
CA GLN B 184 -22.33 22.09 48.04
C GLN B 184 -21.31 21.16 47.43
N MET B 185 -20.03 21.47 47.64
CA MET B 185 -18.93 20.59 47.28
C MET B 185 -18.21 20.16 48.55
N ILE B 186 -17.92 18.87 48.66
CA ILE B 186 -17.14 18.32 49.76
C ILE B 186 -16.08 17.41 49.18
N PHE B 187 -14.83 17.67 49.54
CA PHE B 187 -13.71 16.78 49.24
C PHE B 187 -13.43 15.95 50.49
N VAL B 188 -13.52 14.63 50.37
CA VAL B 188 -13.29 13.74 51.49
C VAL B 188 -11.88 13.18 51.38
N LYS B 189 -11.00 13.59 52.29
CA LYS B 189 -9.61 13.20 52.28
C LYS B 189 -9.24 12.60 53.63
N ASP B 190 -7.96 12.30 53.85
CA ASP B 190 -7.54 11.60 55.05
C ASP B 190 -6.91 12.53 56.10
N GLU B 191 -6.62 13.77 55.74
CA GLU B 191 -6.05 14.70 56.68
C GLU B 191 -7.12 15.66 57.14
N ASP B 192 -7.08 16.02 58.42
CA ASP B 192 -8.10 16.84 59.05
C ASP B 192 -7.97 18.28 58.57
N GLY B 193 -8.46 18.51 57.37
CA GLY B 193 -8.47 19.83 56.77
C GLY B 193 -7.19 20.10 56.00
N LEU B 194 -6.95 21.39 55.78
CA LEU B 194 -5.75 21.89 55.13
C LEU B 194 -4.78 22.37 56.19
N TYR B 195 -3.53 21.93 56.08
CA TYR B 195 -2.49 22.46 56.94
C TYR B 195 -1.61 23.43 56.17
N THR B 196 -0.72 24.11 56.88
CA THR B 196 0.20 25.03 56.23
C THR B 196 1.26 24.28 55.44
N ALA B 197 1.65 23.10 55.91
CA ALA B 197 2.60 22.25 55.20
C ALA B 197 2.04 20.83 55.17
N ASN B 198 2.77 19.95 54.50
CA ASN B 198 2.40 18.53 54.39
C ASN B 198 2.48 17.89 55.77
N PRO B 199 1.37 17.37 56.32
CA PRO B 199 1.45 16.76 57.65
C PRO B 199 2.02 15.36 57.63
N LYS B 200 2.06 14.71 56.46
CA LYS B 200 2.74 13.42 56.39
C LYS B 200 4.25 13.59 56.47
N THR B 201 4.77 14.69 55.93
CA THR B 201 6.19 14.96 55.90
C THR B 201 6.64 15.93 56.99
N SER B 202 6.11 17.14 57.02
CA SER B 202 6.54 18.13 58.01
C SER B 202 5.87 17.81 59.34
N LYS B 203 6.58 18.08 60.43
CA LYS B 203 6.12 17.65 61.74
C LYS B 203 5.43 18.78 62.50
N ASP B 204 5.56 20.00 62.00
CA ASP B 204 4.95 21.18 62.63
C ASP B 204 4.14 21.97 61.61
N ALA B 205 2.90 21.53 61.39
CA ALA B 205 2.02 22.12 60.40
C ALA B 205 0.71 22.51 61.07
N THR B 206 0.43 23.80 61.12
CA THR B 206 -0.76 24.27 61.82
C THR B 206 -1.98 24.17 60.92
N PHE B 207 -3.14 23.97 61.56
CA PHE B 207 -4.42 23.83 60.89
C PHE B 207 -5.08 25.20 60.73
N ILE B 208 -5.58 25.46 59.53
CA ILE B 208 -6.26 26.70 59.20
C ILE B 208 -7.75 26.41 58.99
N PRO B 209 -8.64 27.05 59.74
CA PRO B 209 -10.05 26.66 59.70
C PRO B 209 -10.79 27.17 58.48
N ARG B 210 -10.47 28.37 58.01
CA ARG B 210 -11.09 28.92 56.83
C ARG B 210 -10.12 29.90 56.20
N ILE B 211 -9.96 29.78 54.89
CA ILE B 211 -9.04 30.62 54.14
C ILE B 211 -9.65 30.88 52.76
N SER B 212 -9.45 32.09 52.25
CA SER B 212 -9.89 32.38 50.89
C SER B 212 -8.85 31.90 49.89
N VAL B 213 -9.16 32.08 48.60
CA VAL B 213 -8.18 31.71 47.58
C VAL B 213 -7.02 32.68 47.56
N ASP B 214 -7.30 33.97 47.73
CA ASP B 214 -6.24 34.98 47.67
C ASP B 214 -5.32 34.93 48.88
N GLU B 215 -5.86 34.64 50.07
CA GLU B 215 -5.01 34.41 51.23
C GLU B 215 -4.19 33.13 51.08
N MET B 216 -4.69 32.19 50.28
CA MET B 216 -3.98 30.93 50.11
C MET B 216 -2.80 31.10 49.17
N LYS B 217 -3.00 31.85 48.08
CA LYS B 217 -1.91 32.06 47.14
C LYS B 217 -0.94 33.11 47.67
N ALA B 218 -1.41 34.01 48.54
CA ALA B 218 -0.51 34.93 49.23
C ALA B 218 0.29 34.21 50.31
N LYS B 219 -0.22 33.08 50.80
CA LYS B 219 0.54 32.26 51.73
C LYS B 219 1.69 31.56 51.02
N GLY B 220 1.45 31.09 49.81
CA GLY B 220 2.51 30.49 49.01
C GLY B 220 2.96 29.13 49.48
N LEU B 221 2.03 28.32 49.98
CA LEU B 221 2.37 26.97 50.42
C LEU B 221 2.67 26.09 49.20
N HIS B 222 3.54 25.11 49.39
CA HIS B 222 4.16 24.44 48.26
C HIS B 222 3.28 23.32 47.72
N ASP B 223 2.58 22.61 48.59
CA ASP B 223 1.57 21.66 48.19
C ASP B 223 0.36 21.78 49.11
N SER B 224 -0.82 21.54 48.56
CA SER B 224 -2.05 21.63 49.32
C SER B 224 -2.87 20.37 49.12
N ILE B 225 -3.91 20.23 49.96
CA ILE B 225 -4.78 19.05 49.90
C ILE B 225 -5.71 19.10 48.69
N LEU B 226 -5.86 20.27 48.07
CA LEU B 226 -6.48 20.40 46.77
C LEU B 226 -5.45 20.87 45.77
N GLU B 227 -5.80 20.75 44.49
CA GLU B 227 -4.89 21.14 43.42
C GLU B 227 -4.85 22.65 43.31
N PHE B 228 -3.74 23.17 42.78
CA PHE B 228 -3.65 24.60 42.52
C PHE B 228 -4.46 25.11 41.32
N PRO B 229 -4.68 24.37 40.22
CA PRO B 229 -5.68 24.85 39.24
C PRO B 229 -7.12 24.85 39.73
N VAL B 230 -7.45 24.06 40.74
CA VAL B 230 -8.80 24.06 41.31
C VAL B 230 -9.10 25.39 42.00
N LEU B 231 -8.05 26.08 42.47
CA LEU B 231 -8.24 27.41 43.05
C LEU B 231 -8.64 28.42 41.98
N ASP B 232 -7.99 28.35 40.81
CA ASP B 232 -8.34 29.26 39.73
C ASP B 232 -9.72 28.95 39.17
N LEU B 233 -10.09 27.67 39.13
CA LEU B 233 -11.45 27.31 38.74
C LEU B 233 -12.46 27.74 39.80
N LEU B 234 -12.04 27.82 41.06
CA LEU B 234 -12.93 28.26 42.12
C LEU B 234 -13.16 29.76 42.07
N GLN B 235 -12.12 30.53 41.75
CA GLN B 235 -12.35 31.96 41.50
C GLN B 235 -13.17 32.19 40.25
N SER B 236 -12.94 31.42 39.20
CA SER B 236 -13.68 31.59 37.95
C SER B 236 -15.10 31.05 38.01
N ALA B 237 -15.51 30.49 39.15
CA ALA B 237 -16.77 29.75 39.21
C ALA B 237 -17.96 30.70 39.31
N GLN B 238 -19.10 30.24 38.77
CA GLN B 238 -20.32 31.03 38.76
CA GLN B 238 -20.32 31.03 38.76
C GLN B 238 -21.27 30.65 39.89
N HIS B 239 -21.53 29.36 40.07
CA HIS B 239 -22.54 28.89 41.02
C HIS B 239 -21.96 28.60 42.39
N VAL B 240 -20.99 27.70 42.47
CA VAL B 240 -20.37 27.30 43.73
C VAL B 240 -19.30 28.32 44.07
N ARG B 241 -19.32 28.85 45.29
CA ARG B 241 -18.31 29.81 45.71
C ARG B 241 -17.42 29.31 46.84
N GLU B 242 -17.69 28.14 47.39
CA GLU B 242 -16.88 27.63 48.49
C GLU B 242 -16.90 26.11 48.50
N VAL B 243 -15.75 25.52 48.82
CA VAL B 243 -15.59 24.08 48.92
C VAL B 243 -15.11 23.75 50.32
N GLN B 244 -15.36 22.52 50.75
CA GLN B 244 -14.99 22.08 52.08
C GLN B 244 -14.24 20.76 52.01
N VAL B 245 -13.16 20.66 52.77
CA VAL B 245 -12.33 19.46 52.81
C VAL B 245 -12.44 18.86 54.21
N VAL B 246 -13.04 17.68 54.31
CA VAL B 246 -13.30 17.05 55.60
C VAL B 246 -12.46 15.79 55.71
N ASN B 247 -12.30 15.34 56.95
CA ASN B 247 -11.54 14.14 57.25
C ASN B 247 -12.50 12.96 57.24
N GLY B 248 -12.28 12.01 56.34
CA GLY B 248 -13.15 10.86 56.27
C GLY B 248 -12.82 9.80 57.30
N LEU B 249 -11.60 9.84 57.85
CA LEU B 249 -11.16 8.75 58.71
C LEU B 249 -11.71 8.83 60.12
N VAL B 250 -12.34 9.93 60.47
CA VAL B 250 -13.07 10.07 61.73
C VAL B 250 -14.53 9.71 61.46
N PRO B 251 -15.11 8.76 62.19
CA PRO B 251 -16.51 8.41 61.93
C PRO B 251 -17.46 9.50 62.40
N GLY B 252 -18.13 10.12 61.43
CA GLY B 252 -19.10 11.15 61.72
C GLY B 252 -18.84 12.52 61.14
N ASN B 253 -17.76 12.70 60.39
CA ASN B 253 -17.53 14.00 59.76
C ASN B 253 -18.30 14.20 58.46
N LEU B 254 -18.56 13.13 57.71
CA LEU B 254 -19.34 13.31 56.49
C LEU B 254 -20.79 13.63 56.81
N THR B 255 -21.33 13.00 57.85
CA THR B 255 -22.71 13.22 58.24
C THR B 255 -22.93 14.64 58.72
N ARG B 256 -22.00 15.17 59.51
CA ARG B 256 -22.12 16.54 59.97
C ARG B 256 -21.54 17.53 58.97
N ALA B 257 -20.91 17.03 57.91
CA ALA B 257 -20.45 17.91 56.85
C ALA B 257 -21.57 18.18 55.85
N LEU B 258 -22.42 17.18 55.62
CA LEU B 258 -23.53 17.35 54.69
C LEU B 258 -24.64 18.19 55.32
N ALA B 259 -24.78 18.14 56.64
CA ALA B 259 -25.88 18.84 57.30
C ALA B 259 -25.67 20.35 57.28
N GLY B 260 -24.42 20.80 57.17
CA GLY B 260 -24.12 22.21 57.06
C GLY B 260 -23.23 22.74 58.15
N GLU B 261 -22.60 21.90 58.97
CA GLU B 261 -21.73 22.41 60.02
C GLU B 261 -20.35 22.74 59.46
N HIS B 262 -19.45 23.14 60.35
CA HIS B 262 -18.08 23.44 59.99
C HIS B 262 -17.17 22.38 60.56
N VAL B 263 -16.87 21.37 59.76
CA VAL B 263 -15.80 20.42 60.06
C VAL B 263 -14.79 20.50 58.92
N GLY B 264 -13.53 20.26 59.26
CA GLY B 264 -12.48 20.47 58.28
C GLY B 264 -12.30 21.94 57.99
N THR B 265 -11.90 22.24 56.76
CA THR B 265 -11.62 23.62 56.37
C THR B 265 -12.52 24.00 55.19
N ILE B 266 -12.83 25.29 55.09
CA ILE B 266 -13.62 25.81 53.99
C ILE B 266 -12.75 26.76 53.18
N ILE B 267 -12.73 26.58 51.86
CA ILE B 267 -11.96 27.41 50.95
C ILE B 267 -12.94 28.26 50.15
N THR B 268 -13.03 29.54 50.48
CA THR B 268 -13.96 30.45 49.84
C THR B 268 -13.31 31.06 48.60
N ALA B 269 -14.12 31.32 47.58
CA ALA B 269 -13.59 31.94 46.37
C ALA B 269 -13.29 33.41 46.59
N SER B 270 -14.01 34.05 47.50
CA SER B 270 -13.77 35.45 47.81
C SER B 270 -13.27 35.62 49.23
N ASN C 6 -48.56 -26.93 21.87
CA ASN C 6 -47.35 -26.18 22.20
C ASN C 6 -46.07 -26.95 21.88
N SER C 7 -46.03 -27.56 20.69
CA SER C 7 -44.85 -28.28 20.26
C SER C 7 -43.77 -27.31 19.81
N ILE C 8 -42.51 -27.71 19.99
CA ILE C 8 -41.37 -26.85 19.68
C ILE C 8 -41.18 -26.69 18.18
N LYS C 9 -40.95 -25.44 17.76
CA LYS C 9 -40.73 -25.09 16.38
C LYS C 9 -39.23 -25.08 16.10
N HIS C 10 -38.80 -25.83 15.11
CA HIS C 10 -37.38 -26.00 14.84
C HIS C 10 -36.95 -25.30 13.57
N VAL C 11 -35.64 -25.15 13.42
CA VAL C 11 -35.00 -24.99 12.12
C VAL C 11 -34.31 -26.28 11.70
N ILE C 12 -34.69 -26.90 10.58
CA ILE C 12 -34.14 -28.21 10.24
C ILE C 12 -32.68 -28.07 9.84
N SER C 13 -31.84 -28.93 10.40
CA SER C 13 -30.39 -28.86 10.38
C SER C 13 -29.87 -30.18 10.94
N PRO C 14 -28.57 -30.49 10.82
CA PRO C 14 -28.03 -31.65 11.56
C PRO C 14 -28.14 -31.55 13.08
N LEU C 15 -27.88 -30.39 13.67
CA LEU C 15 -27.94 -30.25 15.12
C LEU C 15 -29.36 -29.99 15.63
N ALA C 16 -30.35 -30.00 14.73
CA ALA C 16 -31.72 -29.80 15.15
C ALA C 16 -32.20 -31.00 15.97
N ARG C 17 -33.09 -30.69 16.92
CA ARG C 17 -33.77 -31.66 17.79
C ARG C 17 -32.78 -32.42 18.67
N GLN C 18 -31.82 -31.71 19.26
CA GLN C 18 -30.92 -32.33 20.22
C GLN C 18 -30.34 -31.26 21.14
N THR C 19 -30.08 -31.66 22.38
CA THR C 19 -29.16 -30.93 23.23
C THR C 19 -27.74 -31.22 22.77
N LEU C 20 -26.83 -30.32 23.09
CA LEU C 20 -25.49 -30.41 22.53
C LEU C 20 -24.47 -30.99 23.50
N GLN C 21 -24.90 -31.90 24.37
CA GLN C 21 -23.96 -32.48 25.33
C GLN C 21 -23.64 -33.92 24.98
N ASP C 22 -24.51 -34.57 24.21
CA ASP C 22 -24.25 -35.94 23.79
C ASP C 22 -23.21 -35.93 22.70
N ARG C 23 -22.05 -36.51 22.98
CA ARG C 23 -20.88 -36.35 22.13
C ARG C 23 -20.97 -37.23 20.90
N ASP C 24 -21.59 -38.40 21.03
CA ASP C 24 -21.74 -39.31 19.91
C ASP C 24 -22.66 -38.73 18.83
N LEU C 25 -23.59 -37.88 19.23
CA LEU C 25 -24.53 -37.32 18.26
C LEU C 25 -24.02 -36.00 17.72
N THR C 26 -22.88 -35.52 18.22
CA THR C 26 -22.33 -34.27 17.74
C THR C 26 -21.12 -34.51 16.86
N ARG C 27 -20.37 -35.59 17.12
CA ARG C 27 -19.22 -35.92 16.28
C ARG C 27 -19.48 -36.20 14.79
N PRO C 28 -20.67 -36.61 14.30
CA PRO C 28 -20.86 -36.61 12.84
C PRO C 28 -20.82 -35.24 12.18
N VAL C 29 -21.08 -34.17 12.91
CA VAL C 29 -21.06 -32.84 12.34
C VAL C 29 -19.93 -31.98 12.92
N ALA C 30 -19.64 -32.11 14.21
CA ALA C 30 -18.61 -31.31 14.85
C ALA C 30 -17.60 -32.25 15.52
N GLY C 31 -16.63 -32.71 14.74
CA GLY C 31 -15.58 -33.54 15.26
C GLY C 31 -14.24 -33.28 14.61
N LYS C 32 -14.15 -32.18 13.87
CA LYS C 32 -13.03 -31.96 12.98
C LYS C 32 -12.26 -30.70 13.37
N ARG C 33 -10.94 -30.72 13.12
CA ARG C 33 -10.08 -29.58 13.35
C ARG C 33 -10.47 -28.43 12.43
N PRO C 34 -10.66 -27.24 12.97
CA PRO C 34 -11.12 -26.11 12.16
C PRO C 34 -10.00 -25.56 11.30
N ILE C 35 -10.38 -24.58 10.48
CA ILE C 35 -9.38 -23.95 9.63
C ILE C 35 -8.68 -22.83 10.39
N ARG C 36 -7.43 -22.60 10.02
CA ARG C 36 -6.65 -21.49 10.52
C ARG C 36 -7.21 -20.20 9.92
N LEU C 37 -7.71 -19.29 10.75
CA LEU C 37 -8.30 -18.06 10.23
C LEU C 37 -7.24 -17.12 9.67
N LEU C 38 -6.26 -16.72 10.49
CA LEU C 38 -5.15 -15.88 10.05
C LEU C 38 -3.86 -16.64 10.25
N PRO C 39 -3.52 -17.56 9.34
CA PRO C 39 -2.32 -18.39 9.55
C PRO C 39 -1.02 -17.66 9.34
N TRP C 40 -1.03 -16.46 8.76
CA TRP C 40 0.15 -15.63 8.60
C TRP C 40 0.41 -14.69 9.77
N LEU C 41 -0.11 -15.00 10.96
CA LEU C 41 -0.04 -14.09 12.08
C LEU C 41 1.00 -14.55 13.09
N GLN C 42 1.80 -13.61 13.59
CA GLN C 42 2.69 -13.82 14.71
C GLN C 42 2.15 -13.07 15.91
N VAL C 43 1.93 -13.77 17.01
CA VAL C 43 1.35 -13.19 18.21
C VAL C 43 2.41 -13.15 19.29
N VAL C 44 2.64 -11.97 19.86
CA VAL C 44 3.66 -11.73 20.88
C VAL C 44 2.95 -11.24 22.12
N LYS C 45 3.21 -11.89 23.25
CA LYS C 45 2.74 -11.40 24.53
C LYS C 45 3.91 -10.80 25.30
N ILE C 46 3.76 -9.55 25.71
CA ILE C 46 4.76 -8.85 26.52
C ILE C 46 4.36 -9.05 27.97
N GLY C 47 5.33 -9.18 28.86
CA GLY C 47 4.99 -9.25 30.28
C GLY C 47 4.58 -7.90 30.81
N GLY C 48 3.84 -7.92 31.92
CA GLY C 48 3.56 -6.68 32.61
C GLY C 48 4.74 -6.20 33.40
N ARG C 49 5.62 -7.11 33.78
CA ARG C 49 6.86 -6.72 34.45
C ARG C 49 7.96 -6.37 33.45
N VAL C 50 7.78 -6.70 32.18
CA VAL C 50 8.63 -6.13 31.15
C VAL C 50 8.25 -4.66 30.95
N MET C 51 6.96 -4.36 31.03
CA MET C 51 6.50 -2.99 30.85
C MET C 51 6.76 -2.14 32.09
N ASP C 52 6.66 -2.74 33.27
CA ASP C 52 6.79 -1.95 34.50
C ASP C 52 8.23 -1.80 34.97
N ARG C 53 9.22 -2.11 34.14
CA ARG C 53 10.57 -1.70 34.47
C ARG C 53 10.90 -0.33 33.93
N GLY C 54 9.94 0.36 33.33
CA GLY C 54 10.15 1.73 32.89
C GLY C 54 10.89 1.81 31.58
N ALA C 55 11.42 3.01 31.31
CA ALA C 55 12.09 3.29 30.04
C ALA C 55 13.33 2.45 29.85
N ASP C 56 13.97 2.05 30.96
CA ASP C 56 15.20 1.27 30.94
C ASP C 56 15.01 -0.11 30.32
N ALA C 57 13.77 -0.61 30.27
CA ALA C 57 13.47 -1.84 29.55
C ALA C 57 12.53 -1.64 28.37
N ILE C 58 11.79 -0.54 28.35
CA ILE C 58 10.86 -0.32 27.23
C ILE C 58 11.61 0.16 25.99
N LEU C 59 12.59 1.07 26.14
CA LEU C 59 13.26 1.63 24.96
C LEU C 59 14.04 0.64 24.10
N PRO C 60 14.82 -0.33 24.65
CA PRO C 60 15.38 -1.36 23.76
C PRO C 60 14.33 -2.25 23.12
N LEU C 61 13.21 -2.50 23.81
CA LEU C 61 12.15 -3.31 23.23
C LEU C 61 11.45 -2.56 22.10
N VAL C 62 11.31 -1.24 22.24
CA VAL C 62 10.70 -0.44 21.18
C VAL C 62 11.62 -0.37 19.96
N GLU C 63 12.93 -0.28 20.17
CA GLU C 63 13.84 -0.34 19.02
C GLU C 63 13.85 -1.71 18.36
N GLU C 64 13.72 -2.77 19.16
CA GLU C 64 13.72 -4.12 18.59
C GLU C 64 12.44 -4.39 17.82
N LEU C 65 11.29 -3.87 18.30
CA LEU C 65 10.06 -4.01 17.55
C LEU C 65 10.04 -3.10 16.33
N ARG C 66 10.74 -1.97 16.38
CA ARG C 66 10.88 -1.11 15.20
C ARG C 66 11.66 -1.84 14.11
N LYS C 67 12.64 -2.66 14.50
CA LYS C 67 13.32 -3.45 13.50
C LYS C 67 12.56 -4.71 13.11
N LEU C 68 11.63 -5.18 13.95
CA LEU C 68 10.83 -6.36 13.58
C LEU C 68 9.59 -6.06 12.76
N LEU C 69 9.15 -4.79 12.70
CA LEU C 69 8.00 -4.44 11.87
C LEU C 69 8.09 -4.79 10.37
N PRO C 70 9.16 -4.53 9.62
CA PRO C 70 9.11 -4.85 8.18
C PRO C 70 9.19 -6.33 7.83
N GLU C 71 9.22 -7.23 8.81
CA GLU C 71 9.47 -8.64 8.54
C GLU C 71 8.28 -9.53 8.85
N HIS C 72 7.61 -9.32 9.98
CA HIS C 72 6.50 -10.15 10.41
C HIS C 72 5.22 -9.34 10.39
N ARG C 73 4.11 -10.01 10.69
CA ARG C 73 2.79 -9.40 10.78
C ARG C 73 2.32 -9.58 12.22
N LEU C 74 2.67 -8.65 13.09
CA LEU C 74 2.65 -8.89 14.52
C LEU C 74 1.33 -8.47 15.13
N LEU C 75 0.93 -9.20 16.17
CA LEU C 75 -0.09 -8.79 17.12
C LEU C 75 0.55 -8.81 18.50
N ILE C 76 0.87 -7.63 19.01
CA ILE C 76 1.58 -7.48 20.28
C ILE C 76 0.54 -7.36 21.37
N LEU C 77 0.62 -8.23 22.37
CA LEU C 77 -0.32 -8.24 23.47
C LEU C 77 0.46 -7.93 24.73
N THR C 78 -0.16 -7.20 25.66
CA THR C 78 0.56 -6.74 26.83
C THR C 78 -0.01 -7.29 28.12
N GLY C 79 0.86 -7.63 29.05
CA GLY C 79 0.47 -8.16 30.33
C GLY C 79 0.18 -7.08 31.35
N ALA C 80 -0.09 -7.51 32.57
CA ALA C 80 -0.69 -6.64 33.58
C ALA C 80 0.34 -5.94 34.46
N GLY C 81 1.15 -6.68 35.20
CA GLY C 81 2.17 -5.98 35.96
C GLY C 81 1.90 -5.94 37.46
N VAL C 82 2.46 -4.90 38.10
CA VAL C 82 2.37 -4.81 39.56
C VAL C 82 1.14 -3.99 39.97
N ARG C 83 0.57 -3.24 39.04
CA ARG C 83 -0.65 -2.50 39.35
C ARG C 83 -1.83 -3.44 39.50
N ALA C 84 -1.82 -4.55 38.76
CA ALA C 84 -2.80 -5.60 38.98
C ALA C 84 -2.63 -6.26 40.33
N ARG C 85 -1.39 -6.34 40.82
CA ARG C 85 -1.16 -6.88 42.15
C ARG C 85 -1.73 -5.94 43.20
N HIS C 86 -1.62 -4.63 42.97
CA HIS C 86 -2.20 -3.67 43.90
C HIS C 86 -3.72 -3.72 43.91
N VAL C 87 -4.34 -3.84 42.74
CA VAL C 87 -5.81 -3.86 42.73
C VAL C 87 -6.32 -5.19 43.26
N PHE C 88 -5.53 -6.27 43.14
CA PHE C 88 -5.88 -7.52 43.81
C PHE C 88 -5.78 -7.38 45.32
N SER C 89 -4.77 -6.67 45.82
CA SER C 89 -4.61 -6.53 47.27
C SER C 89 -5.73 -5.68 47.85
N VAL C 90 -6.12 -4.61 47.15
CA VAL C 90 -7.23 -3.78 47.59
C VAL C 90 -8.55 -4.54 47.51
N GLY C 91 -8.75 -5.30 46.44
CA GLY C 91 -10.02 -6.00 46.28
C GLY C 91 -10.18 -7.18 47.23
N LEU C 92 -9.10 -7.89 47.51
CA LEU C 92 -9.17 -8.97 48.49
C LEU C 92 -9.20 -8.43 49.91
N ASP C 93 -8.76 -7.19 50.12
CA ASP C 93 -8.99 -6.57 51.42
C ASP C 93 -10.47 -6.23 51.61
N LEU C 94 -11.14 -5.85 50.53
CA LEU C 94 -12.57 -5.55 50.54
C LEU C 94 -13.43 -6.81 50.46
N GLY C 95 -12.92 -7.87 49.84
CA GLY C 95 -13.65 -9.12 49.76
C GLY C 95 -14.36 -9.37 48.46
N LEU C 96 -14.10 -8.56 47.42
CA LEU C 96 -14.80 -8.72 46.16
C LEU C 96 -14.39 -10.02 45.48
N PRO C 97 -15.30 -10.73 44.83
CA PRO C 97 -14.98 -12.04 44.28
C PRO C 97 -14.17 -11.95 43.00
N VAL C 98 -13.92 -13.12 42.40
CA VAL C 98 -12.87 -13.26 41.40
C VAL C 98 -13.26 -12.61 40.06
N GLY C 99 -14.53 -12.66 39.69
CA GLY C 99 -14.94 -11.96 38.48
C GLY C 99 -15.13 -10.47 38.71
N SER C 100 -15.12 -10.05 39.97
CA SER C 100 -15.09 -8.61 40.24
C SER C 100 -13.68 -8.07 40.08
N LEU C 101 -12.67 -8.94 40.21
CA LEU C 101 -11.28 -8.52 40.14
C LEU C 101 -10.68 -8.74 38.76
N ALA C 102 -11.26 -9.60 37.93
CA ALA C 102 -10.72 -9.83 36.59
C ALA C 102 -10.75 -8.61 35.66
N PRO C 103 -11.83 -7.81 35.56
CA PRO C 103 -11.75 -6.62 34.68
C PRO C 103 -10.84 -5.53 35.20
N LEU C 104 -10.61 -5.48 36.51
CA LEU C 104 -9.80 -4.41 37.07
C LEU C 104 -8.32 -4.66 36.77
N ALA C 105 -7.95 -5.91 36.54
CA ALA C 105 -6.60 -6.21 36.07
C ALA C 105 -6.52 -6.17 34.55
N ALA C 106 -7.64 -6.45 33.88
CA ALA C 106 -7.70 -6.28 32.43
C ALA C 106 -7.48 -4.83 32.04
N SER C 107 -7.93 -3.91 32.89
CA SER C 107 -7.71 -2.49 32.61
CA SER C 107 -7.71 -2.49 32.61
C SER C 107 -6.24 -2.12 32.69
N GLU C 108 -5.52 -2.71 33.63
CA GLU C 108 -4.10 -2.38 33.77
C GLU C 108 -3.28 -2.95 32.63
N ALA C 109 -3.65 -4.15 32.16
CA ALA C 109 -3.03 -4.70 30.95
C ALA C 109 -3.32 -3.81 29.74
N GLY C 110 -4.52 -3.26 29.64
CA GLY C 110 -4.83 -2.39 28.53
C GLY C 110 -4.08 -1.07 28.57
N GLN C 111 -3.81 -0.58 29.78
CA GLN C 111 -3.08 0.70 29.85
C GLN C 111 -1.59 0.50 29.54
N ASN C 112 -1.05 -0.69 29.85
CA ASN C 112 0.28 -1.04 29.32
C ASN C 112 0.27 -1.11 27.80
N GLY C 113 -0.81 -1.65 27.21
CA GLY C 113 -0.93 -1.65 25.76
C GLY C 113 -0.97 -0.27 25.15
N HIS C 114 -1.67 0.67 25.81
CA HIS C 114 -1.69 2.05 25.32
C HIS C 114 -0.32 2.71 25.40
N ILE C 115 0.43 2.45 26.48
CA ILE C 115 1.77 3.04 26.61
C ILE C 115 2.70 2.53 25.52
N LEU C 116 2.68 1.21 25.29
CA LEU C 116 3.54 0.62 24.26
C LEU C 116 3.16 1.09 22.86
N ALA C 117 1.85 1.22 22.59
CA ALA C 117 1.43 1.70 21.28
C ALA C 117 1.74 3.17 21.10
N ALA C 118 1.73 3.95 22.18
CA ALA C 118 2.10 5.35 22.08
C ALA C 118 3.59 5.49 21.79
N MET C 119 4.40 4.57 22.31
CA MET C 119 5.82 4.55 21.94
C MET C 119 6.03 4.16 20.49
N LEU C 120 5.29 3.17 19.97
CA LEU C 120 5.42 2.75 18.58
C LEU C 120 4.51 3.52 17.62
N ALA C 121 3.90 4.63 18.06
CA ALA C 121 2.97 5.38 17.23
C ALA C 121 3.63 5.99 16.00
N SER C 122 4.92 6.33 16.10
CA SER C 122 5.60 6.98 14.98
C SER C 122 5.82 6.04 13.79
N GLU C 123 5.71 4.73 13.99
CA GLU C 123 5.94 3.75 12.96
C GLU C 123 4.65 3.17 12.39
N GLY C 124 3.50 3.77 12.68
CA GLY C 124 2.23 3.29 12.17
C GLY C 124 1.56 2.23 13.00
N VAL C 125 1.95 2.04 14.25
CA VAL C 125 1.37 0.98 15.11
C VAL C 125 0.37 1.64 16.05
N SER C 126 -0.81 1.07 16.18
CA SER C 126 -1.84 1.67 17.04
C SER C 126 -2.43 0.62 17.97
N TYR C 127 -3.11 1.03 19.02
CA TYR C 127 -3.74 0.08 19.95
C TYR C 127 -5.11 -0.27 19.41
N VAL C 128 -5.54 -1.51 19.39
CA VAL C 128 -6.87 -1.83 18.89
C VAL C 128 -7.65 -2.55 19.98
N GLU C 129 -8.96 -2.35 19.99
CA GLU C 129 -9.81 -2.87 21.03
C GLU C 129 -10.17 -4.33 20.77
N HIS C 130 -10.62 -5.01 21.83
CA HIS C 130 -10.97 -6.43 21.72
C HIS C 130 -12.02 -6.70 20.65
N PRO C 131 -13.04 -5.86 20.46
CA PRO C 131 -13.98 -6.00 19.37
C PRO C 131 -13.34 -5.89 17.99
N THR C 132 -12.35 -5.03 17.82
CA THR C 132 -11.63 -4.94 16.53
C THR C 132 -10.77 -6.18 16.34
N VAL C 133 -10.10 -6.66 17.39
CA VAL C 133 -9.23 -7.87 17.39
C VAL C 133 -10.08 -9.12 17.21
N ALA C 134 -11.25 -9.17 17.82
CA ALA C 134 -12.11 -10.34 17.66
C ALA C 134 -12.71 -10.44 16.26
N ASP C 135 -12.85 -9.32 15.55
CA ASP C 135 -13.56 -9.38 14.27
C ASP C 135 -12.84 -8.76 13.07
N GLN C 136 -11.88 -7.85 13.26
CA GLN C 136 -11.34 -7.03 12.18
C GLN C 136 -9.82 -7.04 12.16
N LEU C 137 -9.21 -8.12 12.63
CA LEU C 137 -7.76 -8.17 12.74
C LEU C 137 -7.13 -8.30 11.36
N ALA C 138 -7.86 -8.90 10.43
CA ALA C 138 -7.39 -9.03 9.05
C ALA C 138 -7.28 -7.67 8.36
N ILE C 139 -8.30 -6.82 8.50
CA ILE C 139 -8.25 -5.50 7.87
C ILE C 139 -7.28 -4.58 8.62
N HIS C 140 -7.17 -4.71 9.94
CA HIS C 140 -6.24 -3.84 10.65
C HIS C 140 -4.79 -4.28 10.51
N LEU C 141 -4.55 -5.50 10.03
CA LEU C 141 -3.20 -5.84 9.64
C LEU C 141 -2.97 -5.74 8.14
N SER C 142 -4.02 -5.58 7.34
CA SER C 142 -3.82 -5.10 5.97
C SER C 142 -3.53 -3.61 5.94
N ALA C 143 -3.97 -2.85 6.95
CA ALA C 143 -3.63 -1.43 7.00
C ALA C 143 -2.16 -1.22 7.32
N THR C 144 -1.68 -1.76 8.44
CA THR C 144 -0.33 -1.49 8.89
C THR C 144 0.35 -2.77 9.33
N ARG C 145 1.61 -2.63 9.74
CA ARG C 145 2.43 -3.80 10.02
C ARG C 145 2.02 -4.52 11.30
N ALA C 146 1.78 -3.79 12.39
CA ALA C 146 1.36 -4.43 13.62
C ALA C 146 0.32 -3.58 14.32
N VAL C 147 -0.46 -4.25 15.17
CA VAL C 147 -1.38 -3.60 16.08
C VAL C 147 -1.11 -4.12 17.48
N VAL C 148 -1.33 -3.28 18.48
CA VAL C 148 -1.11 -3.64 19.87
C VAL C 148 -2.47 -3.83 20.53
N GLY C 149 -2.62 -4.93 21.26
CA GLY C 149 -3.86 -5.21 21.95
C GLY C 149 -3.62 -5.37 23.44
N SER C 150 -4.63 -5.87 24.11
CA SER C 150 -4.50 -6.28 25.50
C SER C 150 -4.57 -7.79 25.57
N ALA C 151 -3.87 -8.37 26.55
CA ALA C 151 -3.73 -9.81 26.52
C ALA C 151 -4.72 -10.54 27.43
N PHE C 152 -5.58 -9.84 28.15
CA PHE C 152 -6.53 -10.60 28.96
C PHE C 152 -7.70 -11.03 28.09
N PRO C 153 -8.33 -12.17 28.38
CA PRO C 153 -9.59 -12.46 27.76
C PRO C 153 -10.71 -11.68 28.42
N PRO C 154 -11.77 -11.32 27.68
CA PRO C 154 -12.86 -10.58 28.24
C PRO C 154 -13.76 -11.54 29.02
N TYR C 155 -13.21 -12.43 30.10
CA TYR C 155 -14.00 -13.36 30.93
C TYR C 155 -14.76 -12.54 31.95
N HIS C 156 -14.10 -11.48 32.50
CA HIS C 156 -14.87 -10.45 33.28
C HIS C 156 -15.70 -11.03 34.38
N HIS C 157 -17.01 -10.62 34.54
CA HIS C 157 -17.69 -11.12 35.72
C HIS C 157 -18.07 -12.58 35.54
N HIS C 158 -17.65 -13.20 34.43
CA HIS C 158 -17.97 -14.64 34.24
C HIS C 158 -16.73 -15.51 34.48
N GLU C 159 -15.73 -14.96 35.17
CA GLU C 159 -14.46 -15.69 35.47
C GLU C 159 -14.80 -16.95 36.27
N PHE C 160 -14.11 -18.06 35.98
CA PHE C 160 -14.38 -19.35 36.60
C PHE C 160 -14.02 -19.31 38.08
N PRO C 161 -14.80 -19.91 38.94
CA PRO C 161 -14.54 -19.81 40.38
C PRO C 161 -13.48 -20.80 40.84
N GLY C 162 -13.30 -20.85 42.15
CA GLY C 162 -12.39 -21.79 42.76
C GLY C 162 -11.24 -21.14 43.48
N SER C 163 -10.68 -20.09 42.86
CA SER C 163 -9.64 -19.31 43.48
C SER C 163 -10.09 -17.86 43.57
N ARG C 164 -9.36 -17.08 44.37
CA ARG C 164 -9.70 -15.67 44.48
C ARG C 164 -8.93 -14.80 43.50
N ILE C 165 -7.77 -15.24 43.05
CA ILE C 165 -7.02 -14.60 41.98
C ILE C 165 -7.54 -15.15 40.66
N PRO C 166 -7.79 -14.31 39.65
CA PRO C 166 -8.32 -14.80 38.36
C PRO C 166 -7.38 -15.77 37.66
N PRO C 167 -7.89 -16.91 37.24
CA PRO C 167 -7.02 -17.92 36.61
C PRO C 167 -6.72 -17.65 35.14
N HIS C 168 -7.60 -16.93 34.45
CA HIS C 168 -7.42 -16.63 33.03
C HIS C 168 -6.90 -15.21 32.91
N ARG C 169 -5.60 -15.07 33.08
CA ARG C 169 -4.80 -13.87 33.00
C ARG C 169 -4.27 -13.71 31.57
N ALA C 170 -3.22 -12.90 31.42
CA ALA C 170 -2.73 -12.47 30.10
C ALA C 170 -2.27 -13.63 29.22
N ASP C 171 -1.60 -14.63 29.80
CA ASP C 171 -1.07 -15.75 29.02
C ASP C 171 -2.17 -16.58 28.39
N THR C 172 -3.27 -16.76 29.11
CA THR C 172 -4.38 -17.55 28.58
C THR C 172 -5.04 -16.84 27.42
N GLY C 173 -5.24 -15.52 27.53
CA GLY C 173 -5.89 -14.80 26.45
C GLY C 173 -5.01 -14.65 25.23
N ALA C 174 -3.69 -14.57 25.44
CA ALA C 174 -2.77 -14.58 24.30
C ALA C 174 -2.80 -15.91 23.57
N PHE C 175 -2.82 -17.01 24.32
CA PHE C 175 -2.88 -18.32 23.66
C PHE C 175 -4.22 -18.54 22.97
N LEU C 176 -5.30 -18.00 23.53
CA LEU C 176 -6.61 -18.22 22.92
C LEU C 176 -6.80 -17.40 21.65
N LEU C 177 -6.23 -16.19 21.59
CA LEU C 177 -6.15 -15.52 20.29
C LEU C 177 -5.30 -16.28 19.29
N ALA C 178 -4.09 -16.70 19.70
CA ALA C 178 -3.16 -17.32 18.76
C ALA C 178 -3.66 -18.68 18.29
N ASP C 179 -4.50 -19.33 19.09
CA ASP C 179 -5.01 -20.65 18.75
C ASP C 179 -6.37 -20.56 18.07
N ALA C 180 -7.12 -19.47 18.32
CA ALA C 180 -8.38 -19.30 17.63
C ALA C 180 -8.16 -18.87 16.19
N PHE C 181 -7.22 -17.96 15.97
CA PHE C 181 -6.90 -17.62 14.59
C PHE C 181 -6.08 -18.71 13.91
N GLY C 182 -5.49 -19.62 14.67
CA GLY C 182 -4.56 -20.57 14.10
C GLY C 182 -3.31 -19.88 13.63
N ALA C 183 -2.76 -18.99 14.46
CA ALA C 183 -1.65 -18.14 14.05
C ALA C 183 -0.36 -18.94 13.94
N ALA C 184 0.65 -18.30 13.37
CA ALA C 184 1.90 -19.00 13.04
C ALA C 184 2.76 -19.25 14.27
N GLY C 185 2.55 -18.53 15.36
CA GLY C 185 3.35 -18.76 16.56
C GLY C 185 2.89 -17.86 17.69
N LEU C 186 3.41 -18.18 18.88
CA LEU C 186 3.12 -17.44 20.11
C LEU C 186 4.38 -17.36 20.94
N THR C 187 4.85 -16.14 21.18
CA THR C 187 6.08 -15.91 21.92
C THR C 187 5.77 -15.07 23.15
N ILE C 188 6.15 -15.57 24.32
CA ILE C 188 5.93 -14.87 25.58
C ILE C 188 7.23 -14.17 25.95
N VAL C 189 7.15 -12.87 26.13
CA VAL C 189 8.31 -12.06 26.51
C VAL C 189 8.28 -11.92 28.02
N GLU C 190 9.36 -12.33 28.68
CA GLU C 190 9.40 -12.45 30.12
C GLU C 190 10.63 -11.74 30.68
N ASN C 191 10.57 -11.31 31.93
CA ASN C 191 11.68 -10.65 32.60
C ASN C 191 12.79 -11.61 33.05
N VAL C 192 12.60 -12.93 32.90
CA VAL C 192 13.63 -13.92 33.15
C VAL C 192 13.83 -14.72 31.87
N ASP C 193 14.78 -15.64 31.91
CA ASP C 193 15.15 -16.42 30.72
C ASP C 193 14.06 -17.37 30.27
N GLY C 194 13.35 -17.99 31.19
CA GLY C 194 12.32 -18.96 30.90
C GLY C 194 11.92 -19.69 32.17
N ILE C 195 11.15 -20.75 31.99
CA ILE C 195 10.66 -21.54 33.11
C ILE C 195 11.79 -22.32 33.73
N TYR C 196 11.99 -22.18 35.03
CA TYR C 196 12.99 -22.96 35.73
C TYR C 196 12.28 -24.02 36.56
N THR C 197 13.07 -24.84 37.27
CA THR C 197 12.46 -25.88 38.09
C THR C 197 11.94 -25.37 39.41
N ALA C 198 12.23 -24.11 39.75
CA ALA C 198 11.68 -23.47 40.93
C ALA C 198 11.62 -21.99 40.65
N ASP C 199 11.44 -21.21 41.71
CA ASP C 199 11.39 -19.76 41.55
C ASP C 199 12.81 -19.21 41.60
N PRO C 200 13.31 -18.61 40.53
CA PRO C 200 14.67 -18.06 40.54
C PRO C 200 14.84 -16.80 41.35
N ASN C 201 13.78 -16.23 41.89
CA ASN C 201 13.86 -15.02 42.69
C ASN C 201 13.15 -15.19 44.02
N GLY C 202 12.93 -16.43 44.47
CA GLY C 202 12.29 -16.69 45.74
C GLY C 202 13.24 -17.29 46.75
N PRO C 203 12.69 -17.94 47.78
CA PRO C 203 13.53 -18.52 48.83
C PRO C 203 14.36 -19.72 48.36
N ASP C 204 13.97 -20.38 47.29
CA ASP C 204 14.73 -21.49 46.71
C ASP C 204 15.36 -21.10 45.38
N ARG C 205 15.93 -19.89 45.30
CA ARG C 205 16.60 -19.46 44.08
C ARG C 205 17.91 -20.19 43.82
N GLY C 206 18.45 -20.89 44.82
CA GLY C 206 19.67 -21.66 44.60
C GLY C 206 19.45 -22.91 43.76
N GLN C 207 18.27 -23.53 43.88
CA GLN C 207 17.96 -24.77 43.20
C GLN C 207 17.33 -24.54 41.84
N ALA C 208 17.28 -23.31 41.37
CA ALA C 208 16.57 -22.97 40.15
C ALA C 208 17.38 -23.38 38.93
N ARG C 209 16.91 -24.41 38.23
CA ARG C 209 17.60 -24.95 37.08
C ARG C 209 16.81 -24.66 35.81
N PHE C 210 17.49 -24.10 34.81
CA PHE C 210 16.87 -23.72 33.56
C PHE C 210 16.35 -24.94 32.81
N LEU C 211 15.14 -24.82 32.26
CA LEU C 211 14.55 -25.87 31.45
C LEU C 211 14.58 -25.45 29.99
N PRO C 212 15.48 -26.00 29.17
CA PRO C 212 15.49 -25.63 27.75
C PRO C 212 14.31 -26.19 26.99
N GLU C 213 13.70 -27.26 27.49
CA GLU C 213 12.66 -27.95 26.75
C GLU C 213 11.71 -28.62 27.72
N THR C 214 10.42 -28.32 27.57
CA THR C 214 9.42 -28.90 28.45
C THR C 214 8.10 -28.98 27.69
N SER C 215 7.16 -29.73 28.26
CA SER C 215 5.85 -29.93 27.68
C SER C 215 4.76 -29.48 28.65
N ALA C 216 3.55 -29.35 28.14
CA ALA C 216 2.48 -28.75 28.93
C ALA C 216 1.97 -29.71 29.99
N THR C 217 2.03 -31.01 29.74
CA THR C 217 1.56 -31.96 30.74
C THR C 217 2.56 -32.11 31.88
N ASP C 218 3.86 -32.00 31.57
CA ASP C 218 4.87 -32.09 32.62
C ASP C 218 4.84 -30.87 33.52
N LEU C 219 4.60 -29.69 32.95
CA LEU C 219 4.38 -28.51 33.77
C LEU C 219 3.05 -28.57 34.49
N ALA C 220 2.06 -29.26 33.90
CA ALA C 220 0.75 -29.37 34.52
C ALA C 220 0.78 -30.25 35.76
N LYS C 221 1.62 -31.28 35.76
CA LYS C 221 1.75 -32.13 36.93
C LYS C 221 2.56 -31.51 38.05
N SER C 222 3.22 -30.38 37.80
CA SER C 222 4.17 -29.82 38.75
C SER C 222 3.49 -28.89 39.74
N GLU C 223 3.92 -28.99 40.99
CA GLU C 223 3.55 -28.05 42.03
C GLU C 223 4.67 -27.03 42.19
N GLY C 224 4.31 -25.85 42.67
CA GLY C 224 5.24 -24.75 42.72
C GLY C 224 4.86 -23.68 41.72
N PRO C 225 5.61 -22.58 41.69
CA PRO C 225 5.27 -21.48 40.79
C PRO C 225 5.66 -21.74 39.34
N LEU C 226 5.24 -20.82 38.50
CA LEU C 226 5.54 -20.71 37.09
C LEU C 226 5.50 -19.23 36.74
N PRO C 227 6.07 -18.81 35.61
CA PRO C 227 5.78 -17.47 35.11
C PRO C 227 4.50 -17.40 34.31
N VAL C 228 3.84 -18.53 34.10
CA VAL C 228 2.67 -18.64 33.25
C VAL C 228 1.49 -19.13 34.08
N ASP C 229 0.30 -19.02 33.51
CA ASP C 229 -0.91 -19.39 34.21
C ASP C 229 -1.05 -20.90 34.28
N ARG C 230 -1.78 -21.38 35.29
CA ARG C 230 -2.16 -22.79 35.28
C ARG C 230 -3.25 -23.06 34.26
N ALA C 231 -4.05 -22.04 33.93
CA ALA C 231 -5.07 -22.21 32.89
C ALA C 231 -4.45 -22.24 31.50
N LEU C 232 -3.25 -21.68 31.36
CA LEU C 232 -2.50 -21.79 30.11
C LEU C 232 -2.20 -23.25 29.78
N LEU C 233 -1.85 -24.04 30.79
CA LEU C 233 -1.52 -25.43 30.54
C LEU C 233 -2.77 -26.25 30.23
N ASP C 234 -3.91 -25.86 30.82
CA ASP C 234 -5.17 -26.54 30.52
C ASP C 234 -5.67 -26.21 29.12
N VAL C 235 -5.45 -24.99 28.64
CA VAL C 235 -5.90 -24.70 27.29
C VAL C 235 -4.85 -25.11 26.27
N MET C 236 -3.61 -25.38 26.70
CA MET C 236 -2.67 -26.06 25.80
C MET C 236 -2.96 -27.54 25.70
N ALA C 237 -3.50 -28.15 26.75
CA ALA C 237 -3.84 -29.57 26.68
C ALA C 237 -4.99 -29.85 25.70
N THR C 238 -5.82 -28.86 25.41
CA THR C 238 -6.84 -28.99 24.37
C THR C 238 -6.60 -27.99 23.24
N ALA C 239 -5.36 -27.87 22.76
CA ALA C 239 -5.06 -26.93 21.70
C ALA C 239 -5.32 -27.54 20.34
N ARG C 240 -5.37 -26.69 19.32
CA ARG C 240 -5.73 -27.13 17.98
C ARG C 240 -4.61 -26.93 16.96
N HIS C 241 -3.95 -25.77 16.97
CA HIS C 241 -3.03 -25.42 15.90
C HIS C 241 -1.63 -25.08 16.39
N ILE C 242 -1.53 -24.35 17.51
CA ILE C 242 -0.24 -23.95 18.05
C ILE C 242 0.46 -25.20 18.59
N GLU C 243 1.64 -25.51 18.06
CA GLU C 243 2.39 -26.68 18.48
C GLU C 243 3.42 -26.37 19.54
N ARG C 244 3.88 -25.11 19.62
CA ARG C 244 4.89 -24.76 20.61
C ARG C 244 4.74 -23.29 20.98
N VAL C 245 5.06 -22.98 22.23
CA VAL C 245 5.08 -21.63 22.76
C VAL C 245 6.45 -21.43 23.37
N GLN C 246 7.09 -20.31 23.08
CA GLN C 246 8.47 -20.11 23.49
C GLN C 246 8.60 -18.90 24.39
N VAL C 247 8.96 -19.15 25.64
CA VAL C 247 9.14 -18.12 26.66
C VAL C 247 10.56 -17.60 26.57
N VAL C 248 10.72 -16.31 26.26
CA VAL C 248 12.04 -15.72 26.08
C VAL C 248 12.22 -14.56 27.03
N ASN C 249 13.48 -14.16 27.18
CA ASN C 249 13.85 -13.01 27.99
C ASN C 249 13.82 -11.78 27.10
N GLY C 250 13.02 -10.79 27.48
CA GLY C 250 13.01 -9.55 26.75
C GLY C 250 13.88 -8.47 27.33
N LEU C 251 14.77 -8.81 28.25
CA LEU C 251 15.75 -7.86 28.72
C LEU C 251 17.08 -7.99 28.00
N VAL C 252 17.27 -9.05 27.23
CA VAL C 252 18.49 -9.29 26.47
C VAL C 252 18.21 -9.02 25.00
N PRO C 253 18.94 -8.11 24.36
CA PRO C 253 18.65 -7.79 22.96
C PRO C 253 19.07 -8.91 22.02
N GLY C 254 18.18 -9.22 21.08
CA GLY C 254 18.41 -10.25 20.11
C GLY C 254 17.54 -11.48 20.27
N ARG C 255 16.96 -11.70 21.44
CA ARG C 255 16.24 -12.94 21.67
C ARG C 255 14.81 -12.90 21.15
N LEU C 256 14.19 -11.73 21.06
CA LEU C 256 12.83 -11.67 20.55
C LEU C 256 12.80 -11.87 19.04
N THR C 257 13.75 -11.27 18.33
CA THR C 257 13.91 -11.46 16.90
C THR C 257 14.17 -12.92 16.56
N ALA C 258 15.10 -13.52 17.31
CA ALA C 258 15.44 -14.93 17.12
C ALA C 258 14.29 -15.84 17.50
N ALA C 259 13.48 -15.43 18.47
CA ALA C 259 12.32 -16.23 18.85
C ALA C 259 11.26 -16.19 17.78
N LEU C 260 11.06 -15.03 17.16
CA LEU C 260 10.10 -14.92 16.09
C LEU C 260 10.57 -15.56 14.80
N ARG C 261 11.88 -15.76 14.65
CA ARG C 261 12.42 -16.51 13.51
C ARG C 261 12.55 -18.00 13.80
N GLY C 262 12.22 -18.43 15.01
CA GLY C 262 12.19 -19.84 15.33
C GLY C 262 13.41 -20.40 16.04
N GLU C 263 14.39 -19.56 16.36
CA GLU C 263 15.62 -20.06 16.96
C GLU C 263 15.41 -20.34 18.44
N HIS C 264 15.93 -21.47 18.90
CA HIS C 264 15.73 -21.92 20.28
C HIS C 264 16.58 -21.07 21.20
N VAL C 265 15.99 -19.99 21.73
CA VAL C 265 16.69 -19.07 22.62
C VAL C 265 16.14 -19.07 24.04
N GLY C 266 14.91 -19.50 24.25
CA GLY C 266 14.33 -19.56 25.58
C GLY C 266 13.85 -20.96 25.86
N THR C 267 12.72 -21.05 26.54
CA THR C 267 12.10 -22.32 26.91
C THR C 267 11.00 -22.66 25.91
N LEU C 268 11.15 -23.78 25.21
CA LEU C 268 10.11 -24.29 24.33
C LEU C 268 9.12 -25.11 25.14
N ILE C 269 7.83 -24.82 24.95
CA ILE C 269 6.76 -25.49 25.67
C ILE C 269 5.90 -26.22 24.64
N ARG C 270 5.78 -27.53 24.78
CA ARG C 270 5.03 -28.31 23.80
C ARG C 270 3.58 -28.46 24.23
N THR C 271 2.66 -28.12 23.34
CA THR C 271 1.24 -28.21 23.63
C THR C 271 0.67 -29.60 23.42
N GLY C 272 1.44 -30.53 22.87
CA GLY C 272 0.92 -31.86 22.64
C GLY C 272 0.00 -31.97 21.45
N VAL C 273 0.12 -31.05 20.50
CA VAL C 273 -0.59 -31.12 19.22
C VAL C 273 0.35 -31.78 18.22
N ARG C 274 -0.04 -32.94 17.73
CA ARG C 274 0.89 -33.77 16.98
C ARG C 274 0.82 -33.45 15.49
N PRO C 275 1.97 -33.21 14.84
CA PRO C 275 1.96 -32.93 13.40
C PRO C 275 1.78 -34.19 12.58
N ALA C 276 1.72 -34.04 11.26
CA ALA C 276 1.56 -35.19 10.38
C ALA C 276 2.88 -35.94 10.24
N ASN D 3 -3.15 -15.33 58.44
CA ASN D 3 -2.91 -14.40 57.35
C ASN D 3 -3.46 -13.01 57.68
N SER D 4 -2.94 -11.99 57.01
CA SER D 4 -3.28 -10.62 57.32
C SER D 4 -3.18 -9.78 56.06
N THR D 5 -3.29 -8.46 56.24
CA THR D 5 -3.09 -7.54 55.13
C THR D 5 -1.62 -7.45 54.76
N ALA D 6 -0.73 -7.53 55.75
CA ALA D 6 0.69 -7.35 55.51
C ALA D 6 1.29 -8.53 54.75
N GLU D 7 1.04 -9.76 55.21
CA GLU D 7 1.64 -10.93 54.59
C GLU D 7 1.05 -11.17 53.19
N LEU D 8 -0.25 -10.99 53.04
CA LEU D 8 -0.87 -11.11 51.71
C LEU D 8 -0.39 -10.02 50.78
N GLU D 9 -0.15 -8.81 51.30
CA GLU D 9 0.37 -7.72 50.47
C GLU D 9 1.78 -8.02 49.98
N GLU D 10 2.62 -8.57 50.87
CA GLU D 10 3.96 -9.00 50.48
C GLU D 10 3.91 -10.09 49.41
N LEU D 11 3.11 -11.13 49.66
CA LEU D 11 3.08 -12.27 48.74
C LEU D 11 2.51 -11.89 47.38
N LEU D 12 1.58 -10.92 47.35
CA LEU D 12 1.07 -10.45 46.07
C LEU D 12 2.10 -9.59 45.35
N MET D 13 2.76 -8.69 46.07
CA MET D 13 3.56 -7.68 45.36
C MET D 13 4.98 -8.15 45.08
N GLN D 14 5.39 -9.32 45.58
CA GLN D 14 6.68 -9.86 45.14
C GLN D 14 6.74 -11.38 44.93
N ARG D 15 5.62 -12.06 44.71
CA ARG D 15 5.64 -13.43 44.23
C ARG D 15 4.64 -13.58 43.10
N SER D 16 4.82 -14.62 42.28
CA SER D 16 3.96 -14.84 41.12
C SER D 16 2.59 -15.31 41.58
N LEU D 17 1.56 -15.00 40.78
CA LEU D 17 0.19 -15.26 41.17
C LEU D 17 -0.18 -16.74 41.14
N THR D 18 0.64 -17.57 40.50
CA THR D 18 0.41 -19.00 40.51
C THR D 18 1.19 -19.74 41.59
N ASP D 19 1.72 -19.01 42.55
CA ASP D 19 2.42 -19.62 43.68
C ASP D 19 1.39 -20.23 44.62
N PRO D 20 1.56 -21.49 45.06
CA PRO D 20 0.61 -22.07 46.03
C PRO D 20 0.52 -21.34 47.37
N GLN D 21 1.57 -20.67 47.83
CA GLN D 21 1.44 -19.93 49.08
C GLN D 21 0.63 -18.67 48.90
N LEU D 22 0.73 -18.02 47.72
CA LEU D 22 -0.15 -16.91 47.40
C LEU D 22 -1.60 -17.36 47.31
N GLN D 23 -1.84 -18.54 46.75
CA GLN D 23 -3.20 -19.04 46.63
C GLN D 23 -3.78 -19.35 48.00
N ALA D 24 -2.98 -19.98 48.87
CA ALA D 24 -3.47 -20.30 50.21
C ALA D 24 -3.67 -19.05 51.06
N ALA D 25 -2.89 -17.99 50.78
CA ALA D 25 -3.07 -16.76 51.54
C ALA D 25 -4.27 -15.97 51.03
N ALA D 26 -4.48 -15.95 49.71
CA ALA D 26 -5.56 -15.16 49.15
C ALA D 26 -6.91 -15.84 49.31
N ALA D 27 -6.92 -17.18 49.44
CA ALA D 27 -8.18 -17.88 49.61
C ALA D 27 -8.66 -17.91 51.04
N ALA D 28 -7.99 -17.21 51.96
CA ALA D 28 -8.44 -17.13 53.35
C ALA D 28 -9.07 -15.81 53.71
N ALA D 29 -9.17 -14.88 52.75
CA ALA D 29 -9.77 -13.58 53.03
C ALA D 29 -11.29 -13.70 53.10
N ALA D 30 -11.95 -12.62 53.51
CA ALA D 30 -13.38 -12.67 53.76
C ALA D 30 -14.18 -12.69 52.46
N ASP D 31 -15.30 -13.41 52.49
CA ASP D 31 -16.21 -13.51 51.37
C ASP D 31 -17.24 -12.38 51.46
N PHE D 32 -17.43 -11.65 50.36
CA PHE D 32 -18.42 -10.59 50.30
C PHE D 32 -19.43 -10.90 49.22
N ARG D 33 -20.71 -10.84 49.58
CA ARG D 33 -21.80 -11.26 48.71
C ARG D 33 -22.52 -10.03 48.15
N ILE D 34 -22.53 -9.90 46.83
CA ILE D 34 -22.98 -8.65 46.21
C ILE D 34 -24.50 -8.54 46.21
N LEU D 35 -25.21 -9.54 45.72
CA LEU D 35 -26.68 -9.51 45.71
C LEU D 35 -27.19 -10.68 46.53
N PRO D 36 -27.31 -10.52 47.84
CA PRO D 36 -27.70 -11.65 48.68
C PRO D 36 -29.17 -12.02 48.54
N ASP D 37 -30.00 -11.09 48.10
CA ASP D 37 -31.44 -11.30 48.05
C ASP D 37 -31.91 -11.86 46.71
N ALA D 38 -31.06 -11.79 45.69
CA ALA D 38 -31.50 -12.02 44.32
C ALA D 38 -31.52 -13.49 43.96
N THR D 39 -32.31 -13.82 42.94
CA THR D 39 -32.54 -15.18 42.47
C THR D 39 -32.47 -15.18 40.95
N VAL D 40 -31.66 -16.06 40.38
CA VAL D 40 -31.42 -16.09 38.95
C VAL D 40 -32.26 -17.19 38.33
N ILE D 41 -32.96 -16.88 37.24
CA ILE D 41 -33.78 -17.82 36.50
C ILE D 41 -33.23 -17.89 35.08
N LYS D 42 -33.03 -19.11 34.57
CA LYS D 42 -32.66 -19.32 33.18
C LYS D 42 -33.87 -19.83 32.42
N ILE D 43 -34.20 -19.16 31.32
CA ILE D 43 -35.33 -19.52 30.47
C ILE D 43 -34.76 -20.14 29.20
N GLY D 44 -34.92 -21.46 29.07
CA GLY D 44 -34.33 -22.17 27.95
C GLY D 44 -34.99 -21.80 26.63
N GLY D 45 -34.17 -21.61 25.60
CA GLY D 45 -34.71 -21.21 24.31
C GLY D 45 -35.46 -22.32 23.62
N GLN D 46 -34.78 -23.43 23.33
CA GLN D 46 -35.36 -24.53 22.58
C GLN D 46 -36.40 -25.27 23.41
N SER D 47 -36.30 -25.16 24.73
CA SER D 47 -37.22 -25.88 25.59
C SER D 47 -38.55 -25.15 25.71
N VAL D 48 -38.53 -23.83 25.93
CA VAL D 48 -39.73 -23.07 26.25
C VAL D 48 -40.03 -22.02 25.19
N ILE D 49 -39.02 -21.23 24.81
CA ILE D 49 -39.28 -20.02 24.03
C ILE D 49 -39.66 -20.37 22.59
N ASP D 50 -39.10 -21.46 22.07
CA ASP D 50 -39.43 -21.84 20.69
C ASP D 50 -40.80 -22.51 20.59
N ARG D 51 -41.49 -22.71 21.73
CA ARG D 51 -42.86 -23.21 21.67
C ARG D 51 -43.84 -22.12 21.26
N GLY D 52 -43.45 -20.86 21.40
CA GLY D 52 -44.30 -19.78 20.94
C GLY D 52 -45.17 -19.16 22.01
N ARG D 53 -46.47 -19.09 21.78
CA ARG D 53 -47.33 -18.27 22.63
C ARG D 53 -47.72 -19.02 23.90
N ALA D 54 -48.09 -20.28 23.76
CA ALA D 54 -48.78 -21.00 24.83
C ALA D 54 -47.82 -21.46 25.92
N ALA D 55 -46.51 -21.25 25.71
CA ALA D 55 -45.55 -21.59 26.75
C ALA D 55 -44.84 -20.36 27.29
N VAL D 56 -44.88 -19.25 26.55
CA VAL D 56 -44.22 -18.04 27.04
C VAL D 56 -45.19 -17.18 27.83
N TYR D 57 -46.46 -17.10 27.41
CA TYR D 57 -47.42 -16.34 28.21
C TYR D 57 -47.72 -16.91 29.60
N PRO D 58 -47.74 -18.23 29.85
CA PRO D 58 -47.76 -18.66 31.26
C PRO D 58 -46.50 -18.27 32.05
N LEU D 59 -45.32 -18.23 31.42
CA LEU D 59 -44.17 -17.71 32.15
C LEU D 59 -44.24 -16.22 32.37
N VAL D 60 -44.81 -15.47 31.43
CA VAL D 60 -45.01 -14.03 31.65
C VAL D 60 -45.95 -13.79 32.82
N ASP D 61 -47.03 -14.57 32.91
CA ASP D 61 -47.94 -14.46 34.05
C ASP D 61 -47.25 -14.85 35.36
N GLU D 62 -46.46 -15.93 35.35
CA GLU D 62 -45.77 -16.36 36.56
C GLU D 62 -44.68 -15.38 36.99
N ILE D 63 -43.97 -14.78 36.03
CA ILE D 63 -42.93 -13.81 36.36
C ILE D 63 -43.53 -12.53 36.93
N VAL D 64 -44.59 -12.01 36.30
CA VAL D 64 -45.21 -10.78 36.82
C VAL D 64 -45.87 -11.04 38.18
N ALA D 65 -46.37 -12.26 38.40
CA ALA D 65 -46.95 -12.58 39.70
C ALA D 65 -45.87 -12.85 40.74
N ALA D 66 -44.68 -13.28 40.32
CA ALA D 66 -43.68 -13.72 41.27
C ALA D 66 -42.69 -12.64 41.63
N ARG D 67 -42.61 -11.58 40.83
CA ARG D 67 -41.71 -10.49 41.18
C ARG D 67 -42.27 -9.60 42.28
N LYS D 68 -43.53 -9.78 42.66
CA LYS D 68 -44.11 -9.00 43.74
C LYS D 68 -43.53 -9.34 45.10
N ASN D 69 -42.88 -10.51 45.24
CA ASN D 69 -42.23 -10.89 46.47
C ASN D 69 -40.73 -11.09 46.35
N HIS D 70 -40.22 -11.49 45.17
CA HIS D 70 -38.85 -11.95 45.05
C HIS D 70 -38.11 -11.11 44.01
N LYS D 71 -36.79 -11.01 44.16
CA LYS D 71 -35.94 -10.42 43.15
C LYS D 71 -35.61 -11.49 42.12
N LEU D 72 -35.66 -11.13 40.84
CA LEU D 72 -35.52 -12.11 39.76
C LEU D 72 -34.61 -11.56 38.68
N LEU D 73 -33.48 -12.21 38.45
CA LEU D 73 -32.67 -11.99 37.27
CA LEU D 73 -32.67 -11.99 37.27
C LEU D 73 -32.99 -13.08 36.27
N ILE D 74 -33.59 -12.72 35.14
CA ILE D 74 -34.15 -13.67 34.21
C ILE D 74 -33.22 -13.81 33.02
N GLY D 75 -32.44 -14.88 32.99
CA GLY D 75 -31.58 -15.20 31.87
C GLY D 75 -32.35 -15.92 30.78
N THR D 76 -31.76 -16.00 29.61
CA THR D 76 -32.45 -16.49 28.42
C THR D 76 -31.52 -17.31 27.55
N GLY D 77 -32.02 -18.47 27.08
CA GLY D 77 -31.25 -19.38 26.27
C GLY D 77 -31.16 -18.98 24.81
N ALA D 78 -30.72 -19.94 23.99
CA ALA D 78 -30.46 -19.68 22.57
C ALA D 78 -31.43 -20.42 21.66
N GLY D 79 -31.52 -21.74 21.73
CA GLY D 79 -32.51 -22.45 20.95
C GLY D 79 -32.01 -22.85 19.57
N THR D 80 -32.99 -23.11 18.69
CA THR D 80 -32.71 -23.87 17.48
C THR D 80 -32.02 -23.06 16.39
N ARG D 81 -32.14 -21.71 16.44
CA ARG D 81 -31.39 -20.89 15.50
C ARG D 81 -29.90 -20.98 15.77
N ALA D 82 -29.54 -21.15 17.04
CA ALA D 82 -28.15 -21.37 17.39
C ALA D 82 -27.66 -22.71 16.86
N ARG D 83 -28.53 -23.72 16.83
CA ARG D 83 -28.11 -24.99 16.25
C ARG D 83 -27.93 -24.88 14.76
N HIS D 84 -28.73 -24.04 14.08
CA HIS D 84 -28.51 -23.86 12.66
C HIS D 84 -27.22 -23.11 12.39
N LEU D 85 -26.91 -22.10 13.20
CA LEU D 85 -25.62 -21.42 13.08
C LEU D 85 -24.45 -22.34 13.38
N TYR D 86 -24.59 -23.21 14.39
CA TYR D 86 -23.49 -24.10 14.75
C TYR D 86 -23.29 -25.14 13.68
N SER D 87 -24.37 -25.60 13.05
CA SER D 87 -24.28 -26.52 11.93
C SER D 87 -23.58 -25.90 10.74
N ILE D 88 -24.00 -24.70 10.34
CA ILE D 88 -23.39 -24.04 9.19
C ILE D 88 -21.91 -23.74 9.44
N ALA D 89 -21.60 -23.19 10.61
CA ALA D 89 -20.23 -22.79 10.87
C ALA D 89 -19.33 -23.98 11.22
N ALA D 90 -19.92 -25.08 11.68
CA ALA D 90 -19.14 -26.28 11.95
C ALA D 90 -18.90 -27.06 10.67
N GLY D 91 -19.79 -26.93 9.70
CA GLY D 91 -19.55 -27.53 8.41
C GLY D 91 -18.42 -26.87 7.65
N LEU D 92 -18.29 -25.54 7.82
CA LEU D 92 -17.16 -24.82 7.25
C LEU D 92 -15.86 -25.06 7.99
N GLY D 93 -15.92 -25.56 9.22
CA GLY D 93 -14.71 -25.71 10.00
C GLY D 93 -14.21 -24.44 10.62
N LEU D 94 -15.05 -23.73 11.33
CA LEU D 94 -14.62 -22.56 12.07
C LEU D 94 -14.42 -22.93 13.54
N PRO D 95 -13.48 -22.29 14.24
CA PRO D 95 -13.17 -22.69 15.61
C PRO D 95 -14.28 -22.35 16.60
N ALA D 96 -14.04 -22.69 17.87
CA ALA D 96 -15.09 -22.57 18.89
C ALA D 96 -15.40 -21.12 19.22
N GLY D 97 -14.45 -20.22 18.99
CA GLY D 97 -14.70 -18.81 19.26
C GLY D 97 -15.70 -18.19 18.30
N VAL D 98 -15.62 -18.56 17.03
CA VAL D 98 -16.54 -18.02 16.04
C VAL D 98 -17.96 -18.52 16.33
N LEU D 99 -18.10 -19.77 16.75
CA LEU D 99 -19.43 -20.29 17.08
C LEU D 99 -19.97 -19.69 18.36
N ALA D 100 -19.08 -19.33 19.30
CA ALA D 100 -19.53 -18.61 20.49
C ALA D 100 -20.08 -17.23 20.13
N GLN D 101 -19.38 -16.53 19.23
CA GLN D 101 -19.89 -15.26 18.73
C GLN D 101 -21.21 -15.41 18.00
N LEU D 102 -21.43 -16.55 17.33
CA LEU D 102 -22.68 -16.73 16.61
C LEU D 102 -23.83 -17.10 17.55
N GLY D 103 -23.53 -17.76 18.66
CA GLY D 103 -24.60 -18.11 19.59
C GLY D 103 -25.04 -16.97 20.48
N SER D 104 -24.13 -16.01 20.73
CA SER D 104 -24.47 -14.85 21.55
C SER D 104 -25.60 -14.01 20.95
N SER D 105 -25.65 -13.93 19.61
CA SER D 105 -26.68 -13.11 18.98
C SER D 105 -28.05 -13.74 19.07
N VAL D 106 -28.14 -15.07 19.03
CA VAL D 106 -29.43 -15.72 19.16
C VAL D 106 -29.93 -15.60 20.59
N ALA D 107 -29.02 -15.63 21.57
CA ALA D 107 -29.41 -15.34 22.94
C ALA D 107 -29.92 -13.91 23.10
N ASP D 108 -29.29 -12.95 22.41
CA ASP D 108 -29.74 -11.56 22.42
C ASP D 108 -31.14 -11.42 21.82
N GLN D 109 -31.41 -12.13 20.72
CA GLN D 109 -32.72 -12.08 20.08
C GLN D 109 -33.83 -12.61 20.98
N ASN D 110 -33.59 -13.75 21.63
CA ASN D 110 -34.64 -14.31 22.50
C ASN D 110 -34.84 -13.45 23.74
N ALA D 111 -33.77 -12.84 24.25
CA ALA D 111 -33.93 -11.91 25.36
C ALA D 111 -34.69 -10.66 24.94
N ALA D 112 -34.54 -10.24 23.69
CA ALA D 112 -35.26 -9.08 23.19
C ALA D 112 -36.75 -9.36 23.06
N MET D 113 -37.12 -10.53 22.55
CA MET D 113 -38.54 -10.89 22.48
C MET D 113 -39.15 -11.03 23.87
N LEU D 114 -38.44 -11.70 24.79
CA LEU D 114 -38.92 -11.84 26.17
C LEU D 114 -39.07 -10.48 26.84
N GLY D 115 -38.17 -9.55 26.57
CA GLY D 115 -38.25 -8.25 27.20
C GLY D 115 -39.32 -7.36 26.63
N GLN D 116 -39.64 -7.52 25.34
CA GLN D 116 -40.78 -6.77 24.82
C GLN D 116 -42.09 -7.36 25.30
N LEU D 117 -42.13 -8.66 25.58
CA LEU D 117 -43.31 -9.20 26.23
C LEU D 117 -43.42 -8.80 27.70
N LEU D 118 -42.30 -8.46 28.35
CA LEU D 118 -42.35 -8.05 29.76
C LEU D 118 -42.25 -6.55 29.98
N ALA D 119 -42.08 -5.74 28.94
CA ALA D 119 -41.77 -4.33 29.14
C ALA D 119 -42.98 -3.51 29.57
N LYS D 120 -44.19 -3.96 29.22
CA LYS D 120 -45.33 -3.16 29.65
C LYS D 120 -45.67 -3.36 31.11
N HIS D 121 -45.12 -4.39 31.74
CA HIS D 121 -45.25 -4.61 33.18
C HIS D 121 -44.10 -4.00 33.96
N GLY D 122 -43.11 -3.44 33.29
CA GLY D 122 -42.07 -2.70 33.96
C GLY D 122 -40.72 -3.38 34.06
N ILE D 123 -40.53 -4.53 33.44
CA ILE D 123 -39.30 -5.31 33.57
C ILE D 123 -38.41 -5.01 32.37
N PRO D 124 -37.25 -4.39 32.55
CA PRO D 124 -36.41 -4.03 31.41
C PRO D 124 -35.39 -5.09 31.06
N VAL D 125 -34.94 -5.04 29.81
CA VAL D 125 -33.75 -5.76 29.38
C VAL D 125 -32.53 -4.93 29.75
N VAL D 126 -31.60 -5.54 30.46
CA VAL D 126 -30.44 -4.81 30.95
C VAL D 126 -29.17 -5.44 30.38
N GLY D 127 -28.19 -4.57 30.15
CA GLY D 127 -26.82 -4.99 29.95
C GLY D 127 -26.00 -4.50 31.13
N GLY D 128 -25.40 -5.44 31.84
CA GLY D 128 -25.01 -5.14 33.20
C GLY D 128 -26.12 -5.54 34.14
N ALA D 129 -26.40 -6.83 34.15
CA ALA D 129 -27.56 -7.34 34.90
C ALA D 129 -27.35 -7.29 36.40
N GLY D 130 -26.19 -7.73 36.89
CA GLY D 130 -26.00 -7.82 38.32
C GLY D 130 -25.73 -6.48 38.99
N LEU D 131 -25.19 -5.52 38.24
CA LEU D 131 -24.92 -4.20 38.79
C LEU D 131 -25.97 -3.18 38.41
N SER D 132 -27.16 -3.65 38.05
CA SER D 132 -28.29 -2.79 37.73
C SER D 132 -29.07 -2.53 39.02
N ALA D 133 -28.69 -1.45 39.71
CA ALA D 133 -29.11 -1.28 41.10
C ALA D 133 -30.52 -0.74 41.20
N VAL D 134 -30.87 0.22 40.35
CA VAL D 134 -32.15 0.93 40.43
C VAL D 134 -33.36 0.02 40.17
N PRO D 135 -33.43 -0.80 39.10
CA PRO D 135 -34.63 -1.62 38.95
C PRO D 135 -34.67 -2.82 39.89
N LEU D 136 -33.53 -3.22 40.45
CA LEU D 136 -33.56 -4.28 41.44
C LEU D 136 -33.82 -3.75 42.85
N SER D 137 -33.79 -2.44 43.05
CA SER D 137 -34.05 -1.85 44.35
C SER D 137 -35.46 -1.31 44.50
N LEU D 138 -36.25 -1.32 43.43
CA LEU D 138 -37.62 -0.85 43.45
C LEU D 138 -38.57 -2.02 43.57
N ALA D 139 -39.59 -1.88 44.42
CA ALA D 139 -40.66 -2.87 44.47
C ALA D 139 -41.55 -2.78 43.25
N GLU D 140 -41.56 -1.63 42.58
CA GLU D 140 -42.35 -1.46 41.37
C GLU D 140 -41.75 -2.20 40.17
N VAL D 141 -40.48 -2.57 40.22
CA VAL D 141 -39.87 -3.26 39.08
C VAL D 141 -39.40 -4.64 39.49
N ASN D 142 -38.41 -4.68 40.39
CA ASN D 142 -38.01 -5.85 41.17
C ASN D 142 -37.46 -7.01 40.33
N ALA D 143 -37.21 -6.82 39.04
CA ALA D 143 -36.80 -7.90 38.15
C ALA D 143 -36.13 -7.31 36.91
N VAL D 144 -35.25 -8.09 36.30
CA VAL D 144 -34.56 -7.71 35.07
C VAL D 144 -34.48 -8.90 34.13
N VAL D 145 -34.10 -8.64 32.89
CA VAL D 145 -33.95 -9.64 31.84
C VAL D 145 -32.59 -9.46 31.20
N PHE D 146 -31.86 -10.56 30.98
CA PHE D 146 -30.55 -10.50 30.35
C PHE D 146 -30.35 -11.71 29.46
N SER D 147 -29.34 -11.64 28.60
CA SER D 147 -29.03 -12.72 27.67
C SER D 147 -28.07 -13.69 28.35
N GLY D 148 -28.27 -14.97 28.13
CA GLY D 148 -27.59 -15.98 28.91
C GLY D 148 -26.16 -16.29 28.55
N MET D 149 -25.66 -15.90 27.37
CA MET D 149 -24.33 -16.28 26.92
C MET D 149 -23.22 -15.57 27.69
N PRO D 150 -22.13 -16.27 27.96
CA PRO D 150 -20.97 -15.64 28.59
C PRO D 150 -20.23 -14.73 27.62
N PRO D 151 -19.35 -13.85 28.12
CA PRO D 151 -18.63 -12.91 27.23
C PRO D 151 -17.43 -13.50 26.55
N TYR D 152 -17.27 -14.81 26.62
CA TYR D 152 -16.00 -15.43 26.18
C TYR D 152 -15.75 -15.14 24.71
N LYS D 153 -16.77 -15.18 23.86
CA LYS D 153 -16.59 -14.80 22.43
C LYS D 153 -15.48 -15.62 21.82
N LEU D 154 -14.50 -14.98 21.21
CA LEU D 154 -13.37 -15.68 20.56
C LEU D 154 -12.41 -16.34 21.55
N TRP D 155 -12.33 -15.89 22.79
CA TRP D 155 -11.48 -16.48 23.81
C TRP D 155 -12.12 -17.66 24.48
N MET D 156 -13.06 -18.32 23.81
CA MET D 156 -13.75 -19.47 24.35
C MET D 156 -12.80 -20.64 24.52
N ARG D 157 -12.79 -21.21 25.71
CA ARG D 157 -12.01 -22.41 25.96
CA ARG D 157 -12.01 -22.41 25.96
C ARG D 157 -12.56 -23.55 25.13
N PRO D 158 -11.79 -24.13 24.22
CA PRO D 158 -12.33 -25.17 23.34
C PRO D 158 -12.58 -26.46 24.10
N ALA D 159 -13.51 -27.25 23.57
CA ALA D 159 -13.75 -28.56 24.13
C ALA D 159 -12.63 -29.51 23.74
N ALA D 160 -12.62 -30.68 24.37
CA ALA D 160 -11.59 -31.67 24.06
C ALA D 160 -11.79 -32.26 22.67
N GLU D 161 -13.02 -32.26 22.16
CA GLU D 161 -13.32 -32.73 20.82
C GLU D 161 -14.34 -31.81 20.17
N GLY D 162 -14.05 -31.37 18.95
CA GLY D 162 -15.03 -30.66 18.16
C GLY D 162 -14.91 -29.15 18.25
N VAL D 163 -15.86 -28.49 17.59
CA VAL D 163 -15.86 -27.04 17.48
C VAL D 163 -17.09 -26.42 18.16
N ILE D 164 -17.80 -27.18 18.97
CA ILE D 164 -18.96 -26.64 19.69
C ILE D 164 -18.48 -25.91 20.94
N PRO D 165 -19.00 -24.72 21.25
CA PRO D 165 -18.63 -24.04 22.48
C PRO D 165 -19.19 -24.75 23.69
N PRO D 166 -18.34 -25.14 24.64
CA PRO D 166 -18.84 -25.84 25.83
C PRO D 166 -19.53 -24.92 26.84
N TYR D 167 -19.26 -23.63 26.83
CA TYR D 167 -19.81 -22.70 27.81
C TYR D 167 -20.84 -21.85 27.09
N ARG D 168 -22.11 -22.16 27.31
CA ARG D 168 -23.22 -21.48 26.67
C ARG D 168 -24.12 -20.97 27.77
N THR D 169 -25.38 -20.65 27.45
CA THR D 169 -26.32 -19.96 28.32
C THR D 169 -26.46 -20.57 29.72
N ASP D 170 -26.30 -21.89 29.86
CA ASP D 170 -26.31 -22.53 31.17
C ASP D 170 -25.14 -22.05 32.02
N ALA D 171 -23.92 -22.13 31.48
CA ALA D 171 -22.74 -21.69 32.21
C ALA D 171 -22.74 -20.19 32.43
N GLY D 172 -23.30 -19.43 31.49
CA GLY D 172 -23.37 -17.99 31.66
C GLY D 172 -24.27 -17.57 32.81
N CYS D 173 -25.49 -18.12 32.84
CA CYS D 173 -26.42 -17.78 33.91
C CYS D 173 -25.93 -18.33 35.25
N PHE D 174 -25.24 -19.47 35.25
CA PHE D 174 -24.72 -20.01 36.50
C PHE D 174 -23.57 -19.15 37.03
N LEU D 175 -22.69 -18.67 36.15
CA LEU D 175 -21.60 -17.84 36.65
C LEU D 175 -22.06 -16.45 37.05
N LEU D 176 -23.19 -15.98 36.50
CA LEU D 176 -23.76 -14.75 37.05
C LEU D 176 -24.35 -15.00 38.43
N ALA D 177 -25.01 -16.14 38.63
CA ALA D 177 -25.56 -16.48 39.95
C ALA D 177 -24.46 -16.70 40.98
N GLU D 178 -23.30 -17.17 40.53
CA GLU D 178 -22.18 -17.40 41.43
C GLU D 178 -21.39 -16.13 41.71
N GLN D 179 -21.19 -15.30 40.69
CA GLN D 179 -20.46 -14.04 40.85
C GLN D 179 -21.21 -13.05 41.73
N PHE D 180 -22.49 -12.87 41.46
CA PHE D 180 -23.21 -11.84 42.20
C PHE D 180 -23.86 -12.36 43.47
N GLY D 181 -23.44 -13.52 43.95
CA GLY D 181 -23.85 -14.06 45.24
C GLY D 181 -25.33 -14.31 45.39
N CYS D 182 -26.02 -14.63 44.30
CA CYS D 182 -27.46 -14.78 44.34
C CYS D 182 -27.84 -16.04 45.11
N LYS D 183 -28.94 -15.96 45.84
CA LYS D 183 -29.21 -16.98 46.84
C LYS D 183 -29.79 -18.26 46.26
N GLN D 184 -30.14 -18.28 44.97
CA GLN D 184 -30.77 -19.45 44.39
C GLN D 184 -30.60 -19.40 42.88
N MET D 185 -30.36 -20.57 42.28
CA MET D 185 -30.33 -20.73 40.84
C MET D 185 -31.46 -21.67 40.44
N ILE D 186 -32.22 -21.29 39.42
CA ILE D 186 -33.26 -22.14 38.85
C ILE D 186 -33.11 -22.15 37.33
N PHE D 187 -33.00 -23.34 36.77
CA PHE D 187 -33.05 -23.55 35.33
C PHE D 187 -34.46 -23.96 34.96
N VAL D 188 -35.11 -23.19 34.10
CA VAL D 188 -36.48 -23.49 33.68
C VAL D 188 -36.43 -24.15 32.31
N LYS D 189 -36.76 -25.43 32.27
CA LYS D 189 -36.71 -26.23 31.05
C LYS D 189 -38.06 -26.87 30.81
N ASP D 190 -38.17 -27.74 29.80
CA ASP D 190 -39.45 -28.31 29.40
C ASP D 190 -39.65 -29.73 29.92
N GLU D 191 -38.61 -30.37 30.44
CA GLU D 191 -38.75 -31.72 30.96
C GLU D 191 -38.78 -31.65 32.47
N ASP D 192 -39.61 -32.52 33.06
CA ASP D 192 -39.86 -32.52 34.50
C ASP D 192 -38.64 -33.08 35.22
N GLY D 193 -37.64 -32.23 35.36
CA GLY D 193 -36.42 -32.56 36.05
C GLY D 193 -35.40 -33.22 35.14
N LEU D 194 -34.45 -33.91 35.78
CA LEU D 194 -33.42 -34.67 35.10
C LEU D 194 -33.83 -36.14 35.07
N TYR D 195 -33.75 -36.75 33.90
CA TYR D 195 -33.95 -38.18 33.80
C TYR D 195 -32.61 -38.89 33.62
N THR D 196 -32.64 -40.22 33.69
CA THR D 196 -31.42 -40.99 33.48
C THR D 196 -31.00 -40.97 32.02
N ALA D 197 -31.96 -40.90 31.10
CA ALA D 197 -31.68 -40.79 29.68
C ALA D 197 -32.56 -39.69 29.10
N ASN D 198 -32.36 -39.42 27.81
CA ASN D 198 -33.15 -38.42 27.08
C ASN D 198 -34.60 -38.86 27.02
N PRO D 199 -35.54 -38.09 27.59
CA PRO D 199 -36.94 -38.53 27.52
C PRO D 199 -37.60 -38.22 26.20
N LYS D 200 -37.01 -37.35 25.38
CA LYS D 200 -37.54 -37.15 24.04
C LYS D 200 -37.22 -38.35 23.15
N THR D 201 -36.06 -38.98 23.37
CA THR D 201 -35.62 -40.11 22.57
C THR D 201 -35.88 -41.45 23.24
N SER D 202 -35.33 -41.69 24.42
CA SER D 202 -35.49 -42.98 25.09
C SER D 202 -36.87 -43.02 25.73
N LYS D 203 -37.47 -44.22 25.76
CA LYS D 203 -38.86 -44.35 26.18
C LYS D 203 -38.97 -44.79 27.62
N ASP D 204 -37.86 -45.23 28.21
CA ASP D 204 -37.83 -45.70 29.59
C ASP D 204 -36.72 -44.99 30.36
N ALA D 205 -37.03 -43.79 30.85
CA ALA D 205 -36.07 -42.95 31.55
C ALA D 205 -36.65 -42.56 32.90
N THR D 206 -36.02 -43.04 33.97
CA THR D 206 -36.55 -42.77 35.30
C THR D 206 -36.11 -41.40 35.80
N PHE D 207 -36.96 -40.82 36.64
CA PHE D 207 -36.75 -39.50 37.22
C PHE D 207 -35.98 -39.62 38.53
N ILE D 208 -34.96 -38.77 38.68
CA ILE D 208 -34.13 -38.74 39.88
C ILE D 208 -34.41 -37.44 40.63
N PRO D 209 -34.84 -37.51 41.89
CA PRO D 209 -35.29 -36.29 42.58
C PRO D 209 -34.16 -35.41 43.06
N ARG D 210 -33.06 -35.99 43.50
CA ARG D 210 -31.91 -35.21 43.94
C ARG D 210 -30.66 -36.06 43.75
N ILE D 211 -29.63 -35.46 43.17
CA ILE D 211 -28.39 -36.14 42.87
C ILE D 211 -27.26 -35.14 43.04
N SER D 212 -26.12 -35.60 43.57
CA SER D 212 -24.95 -34.76 43.66
C SER D 212 -24.22 -34.74 42.32
N VAL D 213 -23.13 -33.97 42.28
CA VAL D 213 -22.32 -33.95 41.05
C VAL D 213 -21.54 -35.25 40.90
N ASP D 214 -21.01 -35.77 42.01
CA ASP D 214 -20.20 -36.99 41.95
C ASP D 214 -21.03 -38.23 41.64
N GLU D 215 -22.26 -38.29 42.18
CA GLU D 215 -23.16 -39.38 41.80
C GLU D 215 -23.59 -39.25 40.34
N MET D 216 -23.57 -38.03 39.81
CA MET D 216 -24.00 -37.82 38.43
C MET D 216 -22.91 -38.26 37.46
N LYS D 217 -21.65 -37.94 37.77
CA LYS D 217 -20.57 -38.34 36.89
C LYS D 217 -20.22 -39.81 37.09
N ALA D 218 -20.51 -40.35 38.27
CA ALA D 218 -20.38 -41.80 38.48
C ALA D 218 -21.51 -42.56 37.79
N LYS D 219 -22.63 -41.89 37.52
CA LYS D 219 -23.70 -42.50 36.73
C LYS D 219 -23.30 -42.62 35.27
N GLY D 220 -22.62 -41.60 34.75
CA GLY D 220 -22.10 -41.65 33.39
C GLY D 220 -23.15 -41.53 32.32
N LEU D 221 -24.19 -40.73 32.56
CA LEU D 221 -25.23 -40.52 31.56
C LEU D 221 -24.68 -39.69 30.40
N HIS D 222 -25.22 -39.92 29.20
CA HIS D 222 -24.56 -39.45 28.00
C HIS D 222 -24.91 -38.01 27.68
N ASP D 223 -26.16 -37.61 27.94
CA ASP D 223 -26.55 -36.21 27.88
C ASP D 223 -27.46 -35.88 29.06
N SER D 224 -27.38 -34.65 29.53
CA SER D 224 -28.17 -34.21 30.67
C SER D 224 -28.88 -32.91 30.32
N ILE D 225 -29.83 -32.53 31.18
CA ILE D 225 -30.60 -31.32 30.97
C ILE D 225 -29.77 -30.07 31.27
N LEU D 226 -28.65 -30.23 31.97
CA LEU D 226 -27.65 -29.19 32.09
C LEU D 226 -26.37 -29.63 31.40
N GLU D 227 -25.48 -28.68 31.17
CA GLU D 227 -24.23 -28.97 30.49
C GLU D 227 -23.28 -29.69 31.45
N PHE D 228 -22.35 -30.46 30.88
CA PHE D 228 -21.33 -31.09 31.70
C PHE D 228 -20.23 -30.16 32.23
N PRO D 229 -19.80 -29.07 31.55
CA PRO D 229 -18.93 -28.12 32.25
C PRO D 229 -19.60 -27.35 33.39
N VAL D 230 -20.93 -27.24 33.38
CA VAL D 230 -21.64 -26.57 34.48
C VAL D 230 -21.51 -27.36 35.78
N LEU D 231 -21.31 -28.68 35.67
CA LEU D 231 -21.07 -29.50 36.85
C LEU D 231 -19.72 -29.18 37.48
N ASP D 232 -18.69 -29.00 36.64
CA ASP D 232 -17.38 -28.65 37.16
C ASP D 232 -17.37 -27.24 37.72
N LEU D 233 -18.12 -26.33 37.11
CA LEU D 233 -18.27 -24.99 37.67
C LEU D 233 -19.07 -25.03 38.97
N LEU D 234 -19.96 -26.00 39.11
CA LEU D 234 -20.74 -26.13 40.33
C LEU D 234 -19.91 -26.67 41.48
N GLN D 235 -19.02 -27.63 41.20
CA GLN D 235 -18.08 -28.05 42.23
C GLN D 235 -17.09 -26.94 42.57
N SER D 236 -16.63 -26.19 41.57
CA SER D 236 -15.67 -25.12 41.82
C SER D 236 -16.29 -23.88 42.44
N ALA D 237 -17.59 -23.88 42.69
CA ALA D 237 -18.30 -22.67 43.08
C ALA D 237 -18.09 -22.33 44.54
N GLN D 238 -18.12 -21.03 44.84
CA GLN D 238 -17.91 -20.56 46.20
CA GLN D 238 -17.90 -20.55 46.20
C GLN D 238 -19.20 -20.27 46.94
N HIS D 239 -20.13 -19.54 46.31
CA HIS D 239 -21.35 -19.08 46.96
C HIS D 239 -22.51 -20.03 46.78
N VAL D 240 -22.89 -20.33 45.55
CA VAL D 240 -24.01 -21.20 45.23
C VAL D 240 -23.51 -22.65 45.29
N ARG D 241 -24.20 -23.50 46.03
CA ARG D 241 -23.81 -24.90 46.11
C ARG D 241 -24.83 -25.85 45.51
N GLU D 242 -25.99 -25.37 45.07
CA GLU D 242 -27.00 -26.25 44.51
C GLU D 242 -27.86 -25.51 43.51
N VAL D 243 -28.23 -26.19 42.43
CA VAL D 243 -29.07 -25.64 41.40
C VAL D 243 -30.30 -26.53 41.26
N GLN D 244 -31.38 -25.96 40.73
CA GLN D 244 -32.63 -26.69 40.59
C GLN D 244 -33.16 -26.53 39.18
N VAL D 245 -33.63 -27.63 38.61
CA VAL D 245 -34.17 -27.64 37.25
C VAL D 245 -35.65 -27.99 37.35
N VAL D 246 -36.51 -27.04 36.99
CA VAL D 246 -37.95 -27.19 37.13
C VAL D 246 -38.59 -27.22 35.75
N ASN D 247 -39.81 -27.74 35.71
CA ASN D 247 -40.58 -27.85 34.48
C ASN D 247 -41.41 -26.58 34.35
N GLY D 248 -41.17 -25.81 33.29
CA GLY D 248 -41.92 -24.59 33.10
C GLY D 248 -43.29 -24.83 32.47
N LEU D 249 -43.46 -25.98 31.83
CA LEU D 249 -44.69 -26.21 31.06
C LEU D 249 -45.88 -26.57 31.92
N VAL D 250 -45.67 -26.84 33.19
CA VAL D 250 -46.76 -27.03 34.14
C VAL D 250 -47.02 -25.69 34.82
N PRO D 251 -48.25 -25.17 34.80
CA PRO D 251 -48.50 -23.89 35.44
C PRO D 251 -48.45 -23.98 36.96
N GLY D 252 -47.45 -23.33 37.53
CA GLY D 252 -47.30 -23.29 38.97
C GLY D 252 -46.02 -23.85 39.53
N ASN D 253 -45.09 -24.32 38.70
CA ASN D 253 -43.82 -24.81 39.22
C ASN D 253 -42.82 -23.71 39.48
N LEU D 254 -42.85 -22.61 38.73
CA LEU D 254 -41.91 -21.53 39.01
C LEU D 254 -42.28 -20.82 40.30
N THR D 255 -43.57 -20.66 40.56
CA THR D 255 -44.03 -19.98 41.77
C THR D 255 -43.67 -20.77 43.01
N ARG D 256 -43.83 -22.10 42.97
CA ARG D 256 -43.46 -22.92 44.11
C ARG D 256 -41.99 -23.31 44.08
N ALA D 257 -41.29 -22.98 42.99
CA ALA D 257 -39.86 -23.19 42.95
C ALA D 257 -39.12 -22.02 43.59
N LEU D 258 -39.65 -20.81 43.43
CA LEU D 258 -39.02 -19.63 44.02
C LEU D 258 -39.26 -19.58 45.52
N ALA D 259 -40.39 -20.14 45.98
CA ALA D 259 -40.74 -20.03 47.40
C ALA D 259 -39.85 -20.91 48.26
N GLY D 260 -39.27 -21.96 47.67
CA GLY D 260 -38.33 -22.81 48.38
C GLY D 260 -38.74 -24.26 48.47
N GLU D 261 -39.75 -24.71 47.73
CA GLU D 261 -40.15 -26.10 47.78
C GLU D 261 -39.25 -26.95 46.89
N HIS D 262 -39.57 -28.23 46.82
CA HIS D 262 -38.85 -29.18 45.99
C HIS D 262 -39.74 -29.60 44.82
N VAL D 263 -39.60 -28.90 43.70
CA VAL D 263 -40.16 -29.33 42.43
C VAL D 263 -39.00 -29.52 41.46
N GLY D 264 -39.17 -30.45 40.54
CA GLY D 264 -38.06 -30.80 39.67
C GLY D 264 -36.96 -31.51 40.44
N THR D 265 -35.72 -31.32 40.00
CA THR D 265 -34.59 -32.00 40.62
C THR D 265 -33.60 -30.96 41.13
N ILE D 266 -32.86 -31.32 42.18
CA ILE D 266 -31.83 -30.45 42.73
C ILE D 266 -30.48 -31.12 42.53
N ILE D 267 -29.51 -30.38 42.00
CA ILE D 267 -28.16 -30.87 41.76
C ILE D 267 -27.23 -30.19 42.75
N THR D 268 -26.81 -30.93 43.76
CA THR D 268 -25.95 -30.39 44.82
C THR D 268 -24.49 -30.52 44.41
N ALA D 269 -23.68 -29.56 44.84
CA ALA D 269 -22.26 -29.63 44.52
C ALA D 269 -21.55 -30.67 45.37
N SER D 270 -22.07 -30.95 46.55
CA SER D 270 -21.49 -31.95 47.43
C SER D 270 -22.45 -33.11 47.62
N ASN E 6 -42.00 36.49 21.58
CA ASN E 6 -41.61 35.11 21.36
C ASN E 6 -41.54 34.76 19.87
N SER E 7 -40.91 35.62 19.08
CA SER E 7 -40.73 35.36 17.67
C SER E 7 -39.61 34.34 17.46
N ILE E 8 -39.75 33.55 16.39
CA ILE E 8 -38.80 32.48 16.09
C ILE E 8 -37.45 33.03 15.63
N LYS E 9 -36.38 32.47 16.17
CA LYS E 9 -35.03 32.85 15.83
C LYS E 9 -34.52 31.91 14.75
N HIS E 10 -34.04 32.48 13.65
CA HIS E 10 -33.65 31.71 12.49
C HIS E 10 -32.15 31.70 12.29
N VAL E 11 -31.69 30.77 11.45
CA VAL E 11 -30.44 30.91 10.72
C VAL E 11 -30.69 31.26 9.27
N ILE E 12 -30.20 32.40 8.79
CA ILE E 12 -30.55 32.83 7.43
C ILE E 12 -29.86 31.93 6.41
N SER E 13 -30.64 31.47 5.43
CA SER E 13 -30.30 30.43 4.48
C SER E 13 -31.39 30.42 3.42
N PRO E 14 -31.21 29.71 2.29
CA PRO E 14 -32.36 29.53 1.37
C PRO E 14 -33.55 28.79 1.97
N LEU E 15 -33.33 27.74 2.74
CA LEU E 15 -34.43 26.97 3.31
C LEU E 15 -34.97 27.60 4.60
N ALA E 16 -34.45 28.76 5.00
CA ALA E 16 -34.93 29.42 6.19
C ALA E 16 -36.35 29.92 5.97
N ARG E 17 -37.12 29.93 7.06
CA ARG E 17 -38.49 30.44 7.13
C ARG E 17 -39.45 29.66 6.21
N GLN E 18 -39.33 28.34 6.22
CA GLN E 18 -40.29 27.51 5.49
C GLN E 18 -40.32 26.11 6.07
N THR E 19 -41.49 25.50 6.00
CA THR E 19 -41.59 24.06 6.12
C THR E 19 -41.12 23.43 4.82
N LEU E 20 -40.70 22.18 4.90
CA LEU E 20 -40.04 21.55 3.77
C LEU E 20 -40.95 20.64 2.97
N GLN E 21 -42.25 20.94 2.91
CA GLN E 21 -43.16 20.07 2.18
C GLN E 21 -43.62 20.74 0.89
N ASP E 22 -43.52 22.06 0.82
CA ASP E 22 -43.90 22.76 -0.40
C ASP E 22 -42.81 22.57 -1.43
N ARG E 23 -43.15 21.89 -2.53
CA ARG E 23 -42.14 21.42 -3.46
C ARG E 23 -41.66 22.55 -4.37
N ASP E 24 -42.54 23.49 -4.68
CA ASP E 24 -42.17 24.62 -5.53
C ASP E 24 -41.15 25.53 -4.84
N LEU E 25 -41.18 25.57 -3.52
CA LEU E 25 -40.26 26.44 -2.79
C LEU E 25 -38.98 25.70 -2.42
N THR E 26 -38.91 24.41 -2.73
CA THR E 26 -37.72 23.65 -2.40
C THR E 26 -36.90 23.36 -3.66
N ARG E 27 -37.57 23.23 -4.80
CA ARG E 27 -36.86 23.02 -6.06
C ARG E 27 -35.87 24.09 -6.52
N PRO E 28 -35.93 25.38 -6.13
CA PRO E 28 -34.78 26.25 -6.44
C PRO E 28 -33.48 25.88 -5.75
N VAL E 29 -33.52 25.17 -4.64
CA VAL E 29 -32.31 24.79 -3.94
C VAL E 29 -32.09 23.28 -3.95
N ALA E 30 -33.14 22.48 -3.85
CA ALA E 30 -33.02 21.02 -3.82
C ALA E 30 -33.88 20.44 -4.94
N GLY E 31 -33.32 20.38 -6.13
CA GLY E 31 -34.02 19.77 -7.25
C GLY E 31 -33.08 19.03 -8.19
N LYS E 32 -31.86 18.80 -7.73
CA LYS E 32 -30.79 18.35 -8.62
C LYS E 32 -30.26 16.99 -8.18
N ARG E 33 -29.81 16.20 -9.16
CA ARG E 33 -29.21 14.90 -8.91
C ARG E 33 -27.90 15.08 -8.15
N PRO E 34 -27.71 14.35 -7.07
CA PRO E 34 -26.51 14.54 -6.25
C PRO E 34 -25.29 13.92 -6.90
N ILE E 35 -24.16 14.11 -6.24
CA ILE E 35 -22.93 13.53 -6.75
C ILE E 35 -22.78 12.10 -6.25
N ARG E 36 -22.11 11.29 -7.05
CA ARG E 36 -21.75 9.93 -6.68
C ARG E 36 -20.65 10.00 -5.63
N LEU E 37 -20.92 9.49 -4.43
CA LEU E 37 -19.92 9.56 -3.36
C LEU E 37 -18.74 8.63 -3.62
N LEU E 38 -18.99 7.34 -3.77
CA LEU E 38 -17.95 6.36 -4.09
C LEU E 38 -18.29 5.72 -5.43
N PRO E 39 -18.01 6.39 -6.55
CA PRO E 39 -18.42 5.84 -7.85
C PRO E 39 -17.58 4.66 -8.31
N TRP E 40 -16.46 4.38 -7.68
CA TRP E 40 -15.63 3.22 -7.97
C TRP E 40 -16.01 1.98 -7.17
N LEU E 41 -17.23 1.90 -6.67
CA LEU E 41 -17.62 0.83 -5.78
C LEU E 41 -18.50 -0.19 -6.49
N GLN E 42 -18.21 -1.47 -6.24
CA GLN E 42 -19.08 -2.57 -6.66
C GLN E 42 -19.72 -3.17 -5.42
N VAL E 43 -21.05 -3.23 -5.42
CA VAL E 43 -21.80 -3.71 -4.27
C VAL E 43 -22.46 -5.03 -4.64
N VAL E 44 -22.21 -6.06 -3.84
CA VAL E 44 -22.70 -7.41 -4.07
C VAL E 44 -23.57 -7.78 -2.88
N LYS E 45 -24.79 -8.22 -3.15
CA LYS E 45 -25.65 -8.79 -2.12
C LYS E 45 -25.71 -10.30 -2.29
N ILE E 46 -25.37 -11.01 -1.23
CA ILE E 46 -25.45 -12.47 -1.21
C ILE E 46 -26.80 -12.83 -0.63
N GLY E 47 -27.41 -13.90 -1.11
CA GLY E 47 -28.66 -14.34 -0.50
C GLY E 47 -28.41 -14.99 0.85
N GLY E 48 -29.46 -15.02 1.67
CA GLY E 48 -29.38 -15.78 2.90
C GLY E 48 -29.53 -17.26 2.65
N ARG E 49 -30.17 -17.63 1.56
CA ARG E 49 -30.26 -19.03 1.18
C ARG E 49 -29.05 -19.48 0.37
N VAL E 50 -28.24 -18.53 -0.12
CA VAL E 50 -26.92 -18.90 -0.62
C VAL E 50 -26.01 -19.25 0.56
N MET E 51 -26.16 -18.52 1.67
CA MET E 51 -25.34 -18.78 2.84
C MET E 51 -25.82 -20.01 3.60
N ASP E 52 -27.13 -20.25 3.63
CA ASP E 52 -27.65 -21.35 4.43
C ASP E 52 -27.68 -22.68 3.69
N ARG E 53 -26.98 -22.81 2.57
CA ARG E 53 -26.77 -24.13 2.01
C ARG E 53 -25.50 -24.77 2.55
N GLY E 54 -24.81 -24.13 3.49
CA GLY E 54 -23.66 -24.73 4.12
C GLY E 54 -22.41 -24.62 3.28
N ALA E 55 -21.42 -25.44 3.64
CA ALA E 55 -20.11 -25.41 2.99
C ALA E 55 -20.19 -25.79 1.53
N ASP E 56 -21.19 -26.60 1.16
CA ASP E 56 -21.38 -27.08 -0.21
C ASP E 56 -21.67 -25.95 -1.19
N ALA E 57 -22.15 -24.81 -0.69
CA ALA E 57 -22.32 -23.62 -1.53
C ALA E 57 -21.43 -22.47 -1.10
N ILE E 58 -20.93 -22.46 0.13
CA ILE E 58 -20.09 -21.35 0.57
C ILE E 58 -18.68 -21.48 0.01
N LEU E 59 -18.10 -22.69 0.00
CA LEU E 59 -16.71 -22.85 -0.43
C LEU E 59 -16.43 -22.48 -1.89
N PRO E 60 -17.25 -22.83 -2.89
CA PRO E 60 -17.00 -22.27 -4.24
C PRO E 60 -17.18 -20.77 -4.31
N LEU E 61 -18.08 -20.20 -3.51
CA LEU E 61 -18.28 -18.76 -3.51
C LEU E 61 -17.08 -18.06 -2.86
N VAL E 62 -16.49 -18.68 -1.85
CA VAL E 62 -15.30 -18.11 -1.21
C VAL E 62 -14.10 -18.16 -2.16
N GLU E 63 -13.97 -19.25 -2.93
CA GLU E 63 -12.90 -19.28 -3.93
C GLU E 63 -13.13 -18.27 -5.06
N GLU E 64 -14.39 -18.07 -5.44
CA GLU E 64 -14.68 -17.12 -6.50
C GLU E 64 -14.46 -15.68 -6.04
N LEU E 65 -14.78 -15.38 -4.78
CA LEU E 65 -14.48 -14.05 -4.25
C LEU E 65 -12.99 -13.86 -4.00
N ARG E 66 -12.26 -14.94 -3.71
CA ARG E 66 -10.81 -14.86 -3.59
C ARG E 66 -10.18 -14.51 -4.93
N LYS E 67 -10.77 -15.00 -6.02
CA LYS E 67 -10.27 -14.58 -7.32
C LYS E 67 -10.81 -13.22 -7.76
N LEU E 68 -11.92 -12.76 -7.19
CA LEU E 68 -12.44 -11.43 -7.54
C LEU E 68 -11.84 -10.29 -6.74
N LEU E 69 -11.18 -10.56 -5.62
CA LEU E 69 -10.53 -9.50 -4.85
C LEU E 69 -9.50 -8.63 -5.60
N PRO E 70 -8.53 -9.13 -6.37
CA PRO E 70 -7.57 -8.21 -6.99
C PRO E 70 -8.09 -7.36 -8.14
N GLU E 71 -9.38 -7.44 -8.46
CA GLU E 71 -9.90 -6.79 -9.66
C GLU E 71 -10.88 -5.67 -9.35
N HIS E 72 -11.80 -5.87 -8.40
CA HIS E 72 -12.82 -4.88 -8.09
C HIS E 72 -12.60 -4.36 -6.67
N ARG E 73 -13.43 -3.40 -6.28
CA ARG E 73 -13.41 -2.82 -4.96
C ARG E 73 -14.77 -3.12 -4.32
N LEU E 74 -14.88 -4.28 -3.67
CA LEU E 74 -16.17 -4.88 -3.39
C LEU E 74 -16.70 -4.45 -2.03
N LEU E 75 -18.01 -4.34 -1.93
CA LEU E 75 -18.75 -4.30 -0.68
C LEU E 75 -19.75 -5.45 -0.71
N ILE E 76 -19.44 -6.52 0.01
CA ILE E 76 -20.24 -7.73 0.02
C ILE E 76 -21.26 -7.61 1.12
N LEU E 77 -22.54 -7.75 0.79
CA LEU E 77 -23.61 -7.63 1.75
C LEU E 77 -24.31 -8.98 1.81
N THR E 78 -24.78 -9.37 2.99
CA THR E 78 -25.32 -10.71 3.17
C THR E 78 -26.78 -10.67 3.57
N GLY E 79 -27.55 -11.60 3.03
CA GLY E 79 -28.96 -11.71 3.32
C GLY E 79 -29.23 -12.56 4.56
N ALA E 80 -30.51 -12.76 4.82
CA ALA E 80 -30.96 -13.29 6.10
C ALA E 80 -31.08 -14.80 6.14
N GLY E 81 -31.94 -15.39 5.32
CA GLY E 81 -31.97 -16.85 5.32
C GLY E 81 -33.21 -17.43 5.98
N VAL E 82 -33.04 -18.66 6.49
CA VAL E 82 -34.18 -19.38 7.05
C VAL E 82 -34.29 -19.14 8.55
N ARG E 83 -33.23 -18.62 9.17
CA ARG E 83 -33.31 -18.29 10.58
C ARG E 83 -34.17 -17.06 10.80
N ALA E 84 -34.20 -16.14 9.83
CA ALA E 84 -35.14 -15.05 9.86
C ALA E 84 -36.57 -15.53 9.71
N ARG E 85 -36.77 -16.61 8.95
CA ARG E 85 -38.11 -17.19 8.84
C ARG E 85 -38.55 -17.78 10.16
N HIS E 86 -37.60 -18.38 10.90
CA HIS E 86 -37.92 -18.92 12.22
C HIS E 86 -38.26 -17.82 13.22
N VAL E 87 -37.50 -16.72 13.21
CA VAL E 87 -37.78 -15.68 14.20
C VAL E 87 -39.05 -14.93 13.81
N PHE E 88 -39.40 -14.90 12.52
CA PHE E 88 -40.71 -14.37 12.12
C PHE E 88 -41.83 -15.28 12.59
N SER E 89 -41.65 -16.60 12.53
CA SER E 89 -42.70 -17.52 12.96
C SER E 89 -42.92 -17.43 14.46
N VAL E 90 -41.83 -17.32 15.22
CA VAL E 90 -41.93 -17.18 16.68
C VAL E 90 -42.54 -15.84 17.04
N GLY E 91 -42.14 -14.76 16.35
CA GLY E 91 -42.65 -13.44 16.69
C GLY E 91 -44.10 -13.23 16.30
N LEU E 92 -44.52 -13.80 15.18
CA LEU E 92 -45.92 -13.70 14.79
C LEU E 92 -46.78 -14.66 15.60
N ASP E 93 -46.17 -15.70 16.19
CA ASP E 93 -46.93 -16.50 17.15
C ASP E 93 -47.17 -15.72 18.44
N LEU E 94 -46.21 -14.88 18.84
CA LEU E 94 -46.33 -14.03 20.00
C LEU E 94 -47.12 -12.75 19.73
N GLY E 95 -47.13 -12.28 18.48
CA GLY E 95 -47.90 -11.11 18.12
C GLY E 95 -47.12 -9.82 18.04
N LEU E 96 -45.78 -9.87 18.09
CA LEU E 96 -44.98 -8.66 18.09
C LEU E 96 -45.09 -7.98 16.73
N PRO E 97 -45.12 -6.65 16.69
CA PRO E 97 -45.36 -5.94 15.43
C PRO E 97 -44.11 -5.91 14.55
N VAL E 98 -44.23 -5.21 13.42
CA VAL E 98 -43.30 -5.37 12.31
C VAL E 98 -41.93 -4.75 12.61
N GLY E 99 -41.89 -3.63 13.33
CA GLY E 99 -40.61 -3.08 13.72
C GLY E 99 -40.01 -3.79 14.91
N SER E 100 -40.78 -4.65 15.56
CA SER E 100 -40.19 -5.51 16.58
C SER E 100 -39.50 -6.69 15.94
N LEU E 101 -39.90 -7.04 14.71
CA LEU E 101 -39.34 -8.19 14.02
C LEU E 101 -38.22 -7.81 13.06
N ALA E 102 -38.15 -6.56 12.61
CA ALA E 102 -37.09 -6.14 11.70
C ALA E 102 -35.66 -6.25 12.26
N PRO E 103 -35.34 -5.83 13.50
CA PRO E 103 -33.96 -6.02 13.97
C PRO E 103 -33.60 -7.47 14.23
N LEU E 104 -34.57 -8.33 14.52
CA LEU E 104 -34.28 -9.71 14.84
C LEU E 104 -33.89 -10.48 13.58
N ALA E 105 -34.33 -10.01 12.42
CA ALA E 105 -33.87 -10.59 11.16
C ALA E 105 -32.59 -9.89 10.68
N ALA E 106 -32.43 -8.62 11.05
CA ALA E 106 -31.18 -7.93 10.77
C ALA E 106 -30.00 -8.59 11.47
N SER E 107 -30.26 -9.15 12.66
CA SER E 107 -29.20 -9.86 13.37
CA SER E 107 -29.20 -9.86 13.37
C SER E 107 -28.79 -11.13 12.64
N GLU E 108 -29.73 -11.83 12.04
CA GLU E 108 -29.38 -13.06 11.33
C GLU E 108 -28.64 -12.78 10.04
N ALA E 109 -28.99 -11.70 9.35
CA ALA E 109 -28.20 -11.26 8.21
C ALA E 109 -26.78 -10.87 8.63
N GLY E 110 -26.63 -10.24 9.79
CA GLY E 110 -25.30 -9.89 10.25
C GLY E 110 -24.46 -11.09 10.63
N GLN E 111 -25.10 -12.14 11.14
CA GLN E 111 -24.31 -13.31 11.51
C GLN E 111 -23.89 -14.11 10.28
N ASN E 112 -24.70 -14.06 9.21
CA ASN E 112 -24.21 -14.56 7.92
C ASN E 112 -23.03 -13.75 7.41
N GLY E 113 -23.06 -12.43 7.61
CA GLY E 113 -21.91 -11.60 7.27
C GLY E 113 -20.65 -11.94 8.03
N HIS E 114 -20.79 -12.24 9.33
CA HIS E 114 -19.63 -12.67 10.12
C HIS E 114 -19.07 -13.99 9.65
N ILE E 115 -19.94 -14.95 9.30
CA ILE E 115 -19.46 -16.26 8.82
C ILE E 115 -18.69 -16.10 7.51
N LEU E 116 -19.24 -15.33 6.57
CA LEU E 116 -18.57 -15.12 5.29
C LEU E 116 -17.25 -14.37 5.44
N ALA E 117 -17.21 -13.38 6.34
CA ALA E 117 -15.97 -12.65 6.54
C ALA E 117 -14.94 -13.49 7.27
N ALA E 118 -15.38 -14.42 8.13
CA ALA E 118 -14.45 -15.32 8.77
C ALA E 118 -13.85 -16.31 7.77
N MET E 119 -14.62 -16.69 6.76
CA MET E 119 -14.07 -17.48 5.67
C MET E 119 -13.07 -16.70 4.83
N LEU E 120 -13.35 -15.44 4.52
CA LEU E 120 -12.43 -14.62 3.73
C LEU E 120 -11.41 -13.86 4.58
N ALA E 121 -11.26 -14.20 5.86
CA ALA E 121 -10.34 -13.49 6.75
C ALA E 121 -8.89 -13.64 6.34
N SER E 122 -8.52 -14.76 5.72
CA SER E 122 -7.14 -15.00 5.35
C SER E 122 -6.65 -14.10 4.22
N GLU E 123 -7.57 -13.47 3.48
CA GLU E 123 -7.24 -12.62 2.36
C GLU E 123 -7.35 -11.13 2.67
N GLY E 124 -7.47 -10.76 3.94
CA GLY E 124 -7.57 -9.37 4.34
C GLY E 124 -8.96 -8.79 4.33
N VAL E 125 -10.00 -9.61 4.31
CA VAL E 125 -11.40 -9.12 4.26
C VAL E 125 -11.97 -9.21 5.67
N SER E 126 -12.64 -8.16 6.12
CA SER E 126 -13.19 -8.16 7.48
C SER E 126 -14.64 -7.71 7.46
N TYR E 127 -15.38 -7.95 8.52
CA TYR E 127 -16.79 -7.52 8.59
C TYR E 127 -16.81 -6.11 9.12
N VAL E 128 -17.57 -5.17 8.57
CA VAL E 128 -17.60 -3.82 9.12
C VAL E 128 -19.03 -3.47 9.49
N GLU E 129 -19.16 -2.65 10.53
CA GLU E 129 -20.47 -2.33 11.06
C GLU E 129 -21.14 -1.21 10.26
N HIS E 130 -22.47 -1.10 10.43
CA HIS E 130 -23.23 -0.10 9.68
C HIS E 130 -22.71 1.32 9.90
N PRO E 131 -22.29 1.72 11.10
CA PRO E 131 -21.67 3.01 11.31
C PRO E 131 -20.36 3.22 10.53
N THR E 132 -19.56 2.17 10.38
CA THR E 132 -18.34 2.26 9.57
C THR E 132 -18.71 2.37 8.10
N VAL E 133 -19.69 1.60 7.64
CA VAL E 133 -20.20 1.58 6.23
C VAL E 133 -20.92 2.89 5.91
N ALA E 134 -21.67 3.43 6.86
CA ALA E 134 -22.35 4.69 6.62
C ALA E 134 -21.39 5.87 6.55
N ASP E 135 -20.22 5.79 7.18
CA ASP E 135 -19.35 6.96 7.24
C ASP E 135 -17.91 6.76 6.79
N GLN E 136 -17.37 5.54 6.81
CA GLN E 136 -15.93 5.30 6.67
C GLN E 136 -15.63 4.24 5.62
N LEU E 137 -16.50 4.10 4.62
CA LEU E 137 -16.33 3.05 3.64
C LEU E 137 -15.17 3.36 2.71
N ALA E 138 -14.88 4.65 2.53
CA ALA E 138 -13.76 5.07 1.70
C ALA E 138 -12.42 4.69 2.32
N ILE E 139 -12.25 4.91 3.64
CA ILE E 139 -11.01 4.55 4.30
C ILE E 139 -10.91 3.03 4.48
N HIS E 140 -12.03 2.34 4.70
CA HIS E 140 -11.94 0.90 4.87
C HIS E 140 -11.79 0.16 3.55
N LEU E 141 -12.04 0.83 2.43
CA LEU E 141 -11.65 0.24 1.16
C LEU E 141 -10.35 0.79 0.62
N SER E 142 -9.81 1.86 1.21
CA SER E 142 -8.40 2.17 0.98
C SER E 142 -7.48 1.25 1.77
N ALA E 143 -7.96 0.68 2.88
CA ALA E 143 -7.15 -0.28 3.61
C ALA E 143 -7.00 -1.58 2.85
N THR E 144 -8.12 -2.23 2.50
CA THR E 144 -8.07 -3.55 1.90
C THR E 144 -9.01 -3.62 0.71
N ARG E 145 -9.03 -4.78 0.07
CA ARG E 145 -9.75 -4.93 -1.19
C ARG E 145 -11.26 -4.94 -1.00
N ALA E 146 -11.78 -5.69 -0.03
CA ALA E 146 -13.21 -5.70 0.20
C ALA E 146 -13.51 -5.73 1.68
N VAL E 147 -14.71 -5.28 2.03
CA VAL E 147 -15.26 -5.40 3.36
C VAL E 147 -16.63 -6.06 3.25
N VAL E 148 -17.01 -6.82 4.26
CA VAL E 148 -18.29 -7.50 4.29
C VAL E 148 -19.19 -6.79 5.28
N GLY E 149 -20.43 -6.51 4.86
CA GLY E 149 -21.37 -5.85 5.73
C GLY E 149 -22.62 -6.69 5.90
N SER E 150 -23.64 -6.06 6.45
CA SER E 150 -24.96 -6.66 6.52
C SER E 150 -25.88 -5.91 5.57
N ALA E 151 -26.85 -6.61 5.00
CA ALA E 151 -27.61 -6.00 3.93
C ALA E 151 -28.93 -5.40 4.40
N PHE E 152 -29.30 -5.49 5.66
CA PHE E 152 -30.56 -4.86 6.03
C PHE E 152 -30.32 -3.38 6.28
N PRO E 153 -31.30 -2.53 6.05
CA PRO E 153 -31.21 -1.17 6.52
C PRO E 153 -31.53 -1.11 8.00
N PRO E 154 -30.92 -0.15 8.74
CA PRO E 154 -31.17 -0.03 10.15
C PRO E 154 -32.51 0.69 10.35
N TYR E 155 -33.78 0.18 9.70
CA TYR E 155 -35.12 0.78 9.87
C TYR E 155 -35.63 0.40 11.24
N HIS E 156 -35.35 -0.87 11.67
CA HIS E 156 -35.56 -1.23 13.11
C HIS E 156 -36.93 -0.90 13.62
N HIS E 157 -37.07 -0.27 14.83
CA HIS E 157 -38.44 -0.14 15.32
C HIS E 157 -39.18 0.94 14.54
N HIS E 158 -38.55 1.51 13.52
CA HIS E 158 -39.26 2.54 12.71
C HIS E 158 -39.70 1.97 11.36
N GLU E 159 -39.76 0.65 11.24
CA GLU E 159 -40.17 -0.05 9.99
C GLU E 159 -41.59 0.40 9.61
N PHE E 160 -41.84 0.61 8.32
CA PHE E 160 -43.11 1.13 7.82
C PHE E 160 -44.21 0.09 8.06
N PRO E 161 -45.39 0.51 8.44
CA PRO E 161 -46.45 -0.45 8.76
C PRO E 161 -47.17 -0.95 7.51
N GLY E 162 -48.22 -1.73 7.75
CA GLY E 162 -49.06 -2.21 6.69
C GLY E 162 -49.06 -3.71 6.56
N SER E 163 -47.88 -4.31 6.69
CA SER E 163 -47.73 -5.75 6.69
C SER E 163 -47.09 -6.20 7.99
N ARG E 164 -47.15 -7.50 8.26
CA ARG E 164 -46.52 -8.00 9.47
C ARG E 164 -45.10 -8.47 9.24
N ILE E 165 -44.76 -8.85 8.01
CA ILE E 165 -43.39 -9.16 7.61
C ILE E 165 -42.74 -7.84 7.20
N PRO E 166 -41.50 -7.57 7.62
CA PRO E 166 -40.83 -6.30 7.28
C PRO E 166 -40.63 -6.13 5.78
N PRO E 167 -41.02 -4.99 5.23
CA PRO E 167 -40.90 -4.80 3.78
C PRO E 167 -39.52 -4.39 3.31
N HIS E 168 -38.73 -3.78 4.19
CA HIS E 168 -37.37 -3.33 3.84
C HIS E 168 -36.39 -4.33 4.39
N ARG E 169 -36.20 -5.42 3.65
CA ARG E 169 -35.30 -6.53 3.90
C ARG E 169 -33.97 -6.26 3.21
N ALA E 170 -33.18 -7.32 2.99
CA ALA E 170 -31.79 -7.20 2.55
C ALA E 170 -31.63 -6.52 1.20
N ASP E 171 -32.53 -6.79 0.24
CA ASP E 171 -32.43 -6.23 -1.10
C ASP E 171 -32.59 -4.71 -1.09
N THR E 172 -33.48 -4.21 -0.24
CA THR E 172 -33.71 -2.77 -0.18
C THR E 172 -32.50 -2.07 0.40
N GLY E 173 -31.89 -2.62 1.45
CA GLY E 173 -30.75 -1.98 2.05
C GLY E 173 -29.51 -2.05 1.18
N ALA E 174 -29.37 -3.13 0.40
CA ALA E 174 -28.29 -3.21 -0.57
C ALA E 174 -28.44 -2.16 -1.66
N PHE E 175 -29.66 -1.98 -2.16
CA PHE E 175 -29.88 -0.96 -3.19
C PHE E 175 -29.70 0.45 -2.63
N LEU E 176 -30.06 0.66 -1.37
CA LEU E 176 -29.95 2.01 -0.81
C LEU E 176 -28.49 2.38 -0.51
N LEU E 177 -27.66 1.42 -0.11
CA LEU E 177 -26.22 1.68 -0.11
C LEU E 177 -25.68 1.96 -1.50
N ALA E 178 -26.01 1.12 -2.47
CA ALA E 178 -25.41 1.23 -3.80
C ALA E 178 -25.89 2.49 -4.52
N ASP E 179 -27.06 3.01 -4.14
CA ASP E 179 -27.61 4.18 -4.78
C ASP E 179 -27.28 5.44 -3.99
N ALA E 180 -27.02 5.32 -2.68
CA ALA E 180 -26.60 6.48 -1.91
C ALA E 180 -25.17 6.84 -2.21
N PHE E 181 -24.29 5.84 -2.31
CA PHE E 181 -22.93 6.14 -2.72
C PHE E 181 -22.83 6.45 -4.21
N GLY E 182 -23.84 6.09 -4.98
CA GLY E 182 -23.73 6.19 -6.42
C GLY E 182 -22.73 5.19 -6.95
N ALA E 183 -22.80 3.96 -6.48
CA ALA E 183 -21.78 2.96 -6.79
C ALA E 183 -21.89 2.50 -8.24
N ALA E 184 -20.88 1.75 -8.68
CA ALA E 184 -20.77 1.38 -10.08
C ALA E 184 -21.73 0.27 -10.47
N GLY E 185 -22.25 -0.49 -9.52
CA GLY E 185 -23.19 -1.54 -9.85
C GLY E 185 -23.69 -2.24 -8.60
N LEU E 186 -24.72 -3.05 -8.81
CA LEU E 186 -25.36 -3.82 -7.75
C LEU E 186 -25.75 -5.19 -8.30
N THR E 187 -25.18 -6.24 -7.74
CA THR E 187 -25.41 -7.60 -8.20
C THR E 187 -25.99 -8.41 -7.06
N ILE E 188 -27.14 -9.03 -7.29
CA ILE E 188 -27.82 -9.86 -6.31
C ILE E 188 -27.47 -11.30 -6.61
N VAL E 189 -26.90 -12.00 -5.62
CA VAL E 189 -26.54 -13.39 -5.76
C VAL E 189 -27.68 -14.22 -5.19
N GLU E 190 -28.24 -15.12 -6.00
CA GLU E 190 -29.46 -15.82 -5.68
C GLU E 190 -29.29 -17.32 -5.88
N ASN E 191 -30.07 -18.11 -5.17
CA ASN E 191 -30.03 -19.57 -5.29
C ASN E 191 -30.71 -20.10 -6.54
N VAL E 192 -31.36 -19.25 -7.33
CA VAL E 192 -31.93 -19.62 -8.63
C VAL E 192 -31.29 -18.72 -9.68
N ASP E 193 -31.66 -18.96 -10.94
CA ASP E 193 -31.06 -18.23 -12.07
C ASP E 193 -31.44 -16.76 -12.10
N GLY E 194 -32.67 -16.43 -11.76
CA GLY E 194 -33.16 -15.06 -11.79
C GLY E 194 -34.67 -15.07 -11.62
N ILE E 195 -35.26 -13.92 -11.86
CA ILE E 195 -36.70 -13.74 -11.71
C ILE E 195 -37.42 -14.49 -12.82
N TYR E 196 -38.36 -15.34 -12.47
CA TYR E 196 -39.17 -16.03 -13.47
C TYR E 196 -40.57 -15.43 -13.45
N THR E 197 -41.44 -15.94 -14.31
CA THR E 197 -42.80 -15.41 -14.35
C THR E 197 -43.68 -15.97 -13.25
N ALA E 198 -43.21 -16.96 -12.52
CA ALA E 198 -43.90 -17.49 -11.36
C ALA E 198 -42.86 -18.03 -10.41
N ASP E 199 -43.32 -18.83 -9.45
CA ASP E 199 -42.40 -19.42 -8.50
C ASP E 199 -41.86 -20.72 -9.08
N PRO E 200 -40.56 -20.83 -9.34
CA PRO E 200 -40.00 -22.06 -9.90
C PRO E 200 -39.92 -23.22 -8.92
N ASN E 201 -40.24 -23.02 -7.66
CA ASN E 201 -40.20 -24.07 -6.66
C ASN E 201 -41.50 -24.18 -5.89
N GLY E 202 -42.60 -23.64 -6.43
CA GLY E 202 -43.89 -23.69 -5.80
C GLY E 202 -44.86 -24.59 -6.54
N PRO E 203 -46.16 -24.39 -6.29
CA PRO E 203 -47.18 -25.24 -6.95
C PRO E 203 -47.30 -25.01 -8.44
N ASP E 204 -46.88 -23.86 -8.94
CA ASP E 204 -46.88 -23.56 -10.37
C ASP E 204 -45.47 -23.52 -10.94
N ARG E 205 -44.63 -24.48 -10.55
CA ARG E 205 -43.27 -24.54 -11.07
C ARG E 205 -43.22 -24.98 -12.53
N GLY E 206 -44.32 -25.52 -13.07
CA GLY E 206 -44.33 -25.90 -14.48
C GLY E 206 -44.39 -24.70 -15.42
N GLN E 207 -45.06 -23.62 -14.99
CA GLN E 207 -45.26 -22.44 -15.82
C GLN E 207 -44.15 -21.42 -15.64
N ALA E 208 -43.09 -21.76 -14.93
CA ALA E 208 -42.06 -20.79 -14.58
C ALA E 208 -41.15 -20.55 -15.77
N ARG E 209 -41.25 -19.36 -16.36
CA ARG E 209 -40.49 -18.99 -17.54
C ARG E 209 -39.44 -17.93 -17.18
N PHE E 210 -38.20 -18.19 -17.57
CA PHE E 210 -37.10 -17.29 -17.26
C PHE E 210 -37.27 -15.94 -17.95
N LEU E 211 -36.99 -14.88 -17.22
CA LEU E 211 -37.04 -13.53 -17.76
C LEU E 211 -35.62 -13.01 -17.94
N PRO E 212 -35.10 -12.97 -19.17
CA PRO E 212 -33.74 -12.43 -19.35
C PRO E 212 -33.66 -10.94 -19.15
N GLU E 213 -34.77 -10.23 -19.29
CA GLU E 213 -34.75 -8.78 -19.27
C GLU E 213 -36.09 -8.28 -18.78
N THR E 214 -36.06 -7.43 -17.76
CA THR E 214 -37.28 -6.89 -17.19
C THR E 214 -36.97 -5.53 -16.58
N SER E 215 -38.02 -4.79 -16.27
CA SER E 215 -37.92 -3.46 -15.69
C SER E 215 -38.66 -3.41 -14.35
N ALA E 216 -38.40 -2.35 -13.59
CA ALA E 216 -38.92 -2.29 -12.23
C ALA E 216 -40.41 -2.00 -12.20
N THR E 217 -40.92 -1.27 -13.20
CA THR E 217 -42.35 -0.98 -13.21
C THR E 217 -43.16 -2.19 -13.65
N ASP E 218 -42.59 -3.01 -14.55
CA ASP E 218 -43.30 -4.21 -14.99
C ASP E 218 -43.36 -5.25 -13.88
N LEU E 219 -42.29 -5.37 -13.09
CA LEU E 219 -42.33 -6.21 -11.91
C LEU E 219 -43.21 -5.60 -10.83
N ALA E 220 -43.31 -4.27 -10.80
CA ALA E 220 -44.12 -3.60 -9.80
C ALA E 220 -45.60 -3.81 -10.03
N LYS E 221 -46.01 -3.91 -11.30
CA LYS E 221 -47.41 -4.17 -11.60
C LYS E 221 -47.81 -5.63 -11.39
N SER E 222 -46.85 -6.52 -11.16
CA SER E 222 -47.12 -7.94 -11.15
C SER E 222 -47.54 -8.42 -9.77
N GLU E 223 -48.52 -9.31 -9.76
CA GLU E 223 -48.91 -10.05 -8.56
C GLU E 223 -48.25 -11.42 -8.59
N GLY E 224 -48.04 -11.99 -7.41
CA GLY E 224 -47.30 -13.21 -7.30
C GLY E 224 -45.97 -12.97 -6.62
N PRO E 225 -45.19 -14.01 -6.41
CA PRO E 225 -43.91 -13.87 -5.71
C PRO E 225 -42.82 -13.28 -6.58
N LEU E 226 -41.70 -13.00 -5.93
CA LEU E 226 -40.44 -12.56 -6.49
C LEU E 226 -39.34 -13.09 -5.58
N PRO E 227 -38.09 -13.11 -6.02
CA PRO E 227 -36.99 -13.31 -5.08
C PRO E 227 -36.55 -12.03 -4.40
N VAL E 228 -37.14 -10.90 -4.78
CA VAL E 228 -36.74 -9.59 -4.30
C VAL E 228 -37.91 -8.94 -3.58
N ASP E 229 -37.61 -7.86 -2.86
CA ASP E 229 -38.62 -7.18 -2.08
C ASP E 229 -39.54 -6.37 -2.98
N ARG E 230 -40.77 -6.12 -2.50
CA ARG E 230 -41.61 -5.17 -3.19
C ARG E 230 -41.15 -3.74 -2.93
N ALA E 231 -40.47 -3.50 -1.80
CA ALA E 231 -39.92 -2.18 -1.53
C ALA E 231 -38.70 -1.89 -2.40
N LEU E 232 -38.04 -2.95 -2.88
CA LEU E 232 -36.95 -2.79 -3.84
C LEU E 232 -37.44 -2.12 -5.12
N LEU E 233 -38.62 -2.49 -5.58
CA LEU E 233 -39.14 -1.91 -6.81
C LEU E 233 -39.59 -0.47 -6.60
N ASP E 234 -40.07 -0.15 -5.39
CA ASP E 234 -40.44 1.23 -5.07
C ASP E 234 -39.22 2.12 -4.93
N VAL E 235 -38.11 1.61 -4.41
CA VAL E 235 -36.94 2.47 -4.31
C VAL E 235 -36.15 2.45 -5.61
N MET E 236 -36.41 1.49 -6.51
CA MET E 236 -35.88 1.61 -7.87
C MET E 236 -36.68 2.61 -8.69
N ALA E 237 -37.98 2.75 -8.42
CA ALA E 237 -38.77 3.73 -9.16
C ALA E 237 -38.36 5.16 -8.86
N THR E 238 -37.73 5.42 -7.71
CA THR E 238 -37.15 6.72 -7.42
C THR E 238 -35.64 6.64 -7.26
N ALA E 239 -34.95 5.96 -8.17
CA ALA E 239 -33.51 5.81 -8.06
C ALA E 239 -32.80 6.99 -8.70
N ARG E 240 -31.52 7.13 -8.40
CA ARG E 240 -30.74 8.27 -8.85
C ARG E 240 -29.60 7.90 -9.78
N HIS E 241 -28.83 6.86 -9.46
CA HIS E 241 -27.60 6.58 -10.17
C HIS E 241 -27.53 5.17 -10.74
N ILE E 242 -28.01 4.18 -9.99
CA ILE E 242 -27.99 2.79 -10.45
C ILE E 242 -28.98 2.64 -11.59
N GLU E 243 -28.49 2.23 -12.75
CA GLU E 243 -29.34 2.05 -13.92
C GLU E 243 -29.82 0.63 -14.09
N ARG E 244 -29.11 -0.34 -13.55
CA ARG E 244 -29.51 -1.74 -13.70
C ARG E 244 -29.02 -2.54 -12.50
N VAL E 245 -29.80 -3.56 -12.14
CA VAL E 245 -29.46 -4.49 -11.09
C VAL E 245 -29.59 -5.87 -11.71
N GLN E 246 -28.61 -6.74 -11.48
CA GLN E 246 -28.56 -8.02 -12.16
C GLN E 246 -28.59 -9.18 -11.17
N VAL E 247 -29.67 -9.93 -11.21
CA VAL E 247 -29.89 -11.08 -10.34
C VAL E 247 -29.25 -12.30 -10.97
N VAL E 248 -28.25 -12.88 -10.32
CA VAL E 248 -27.52 -14.01 -10.88
C VAL E 248 -27.60 -15.20 -9.93
N ASN E 249 -27.25 -16.37 -10.48
CA ASN E 249 -27.21 -17.61 -9.72
C ASN E 249 -25.80 -17.74 -9.14
N GLY E 250 -25.72 -17.85 -7.83
CA GLY E 250 -24.43 -18.08 -7.20
C GLY E 250 -24.13 -19.52 -6.90
N LEU E 251 -24.89 -20.45 -7.46
CA LEU E 251 -24.57 -21.86 -7.36
C LEU E 251 -23.80 -22.36 -8.57
N VAL E 252 -23.72 -21.58 -9.63
CA VAL E 252 -23.02 -21.94 -10.85
C VAL E 252 -21.73 -21.13 -10.91
N PRO E 253 -20.56 -21.77 -10.99
CA PRO E 253 -19.31 -21.01 -11.00
C PRO E 253 -19.10 -20.28 -12.32
N GLY E 254 -18.68 -19.02 -12.21
CA GLY E 254 -18.43 -18.19 -13.35
C GLY E 254 -19.40 -17.04 -13.52
N ARG E 255 -20.59 -17.13 -12.93
CA ARG E 255 -21.60 -16.12 -13.20
C ARG E 255 -21.44 -14.86 -12.35
N LEU E 256 -20.82 -14.97 -11.17
CA LEU E 256 -20.64 -13.77 -10.35
C LEU E 256 -19.54 -12.89 -10.93
N THR E 257 -18.45 -13.48 -11.39
CA THR E 257 -17.37 -12.78 -12.05
C THR E 257 -17.87 -12.08 -13.32
N ALA E 258 -18.62 -12.82 -14.12
CA ALA E 258 -19.20 -12.27 -15.35
C ALA E 258 -20.23 -11.20 -15.07
N ALA E 259 -20.94 -11.32 -13.95
CA ALA E 259 -21.92 -10.30 -13.58
C ALA E 259 -21.23 -9.02 -13.15
N LEU E 260 -20.13 -9.15 -12.42
CA LEU E 260 -19.38 -7.97 -12.02
C LEU E 260 -18.60 -7.34 -13.16
N ARG E 261 -18.34 -8.09 -14.22
CA ARG E 261 -17.74 -7.52 -15.43
C ARG E 261 -18.77 -7.03 -16.43
N GLY E 262 -20.06 -7.20 -16.13
CA GLY E 262 -21.11 -6.64 -16.96
C GLY E 262 -21.75 -7.59 -17.94
N GLU E 263 -21.37 -8.86 -17.96
CA GLU E 263 -21.88 -9.79 -18.95
C GLU E 263 -23.27 -10.26 -18.55
N HIS E 264 -24.19 -10.30 -19.52
CA HIS E 264 -25.59 -10.64 -19.27
C HIS E 264 -25.69 -12.13 -19.01
N VAL E 265 -25.63 -12.51 -17.72
CA VAL E 265 -25.70 -13.91 -17.32
C VAL E 265 -26.96 -14.23 -16.52
N GLY E 266 -27.59 -13.26 -15.90
CA GLY E 266 -28.81 -13.49 -15.15
C GLY E 266 -29.92 -12.62 -15.68
N THR E 267 -30.74 -12.11 -14.76
CA THR E 267 -31.86 -11.24 -15.08
C THR E 267 -31.45 -9.79 -14.86
N LEU E 268 -31.48 -8.98 -15.92
CA LEU E 268 -31.25 -7.56 -15.82
C LEU E 268 -32.56 -6.86 -15.45
N ILE E 269 -32.50 -6.00 -14.44
CA ILE E 269 -33.65 -5.26 -13.94
C ILE E 269 -33.39 -3.78 -14.15
N ARG E 270 -34.25 -3.11 -14.91
CA ARG E 270 -34.04 -1.71 -15.21
C ARG E 270 -34.75 -0.83 -14.20
N THR E 271 -34.02 0.10 -13.61
CA THR E 271 -34.58 1.00 -12.62
C THR E 271 -35.29 2.20 -13.22
N GLY E 272 -35.22 2.39 -14.53
CA GLY E 272 -35.87 3.53 -15.15
C GLY E 272 -35.15 4.84 -14.95
N VAL E 273 -33.84 4.79 -14.70
CA VAL E 273 -32.99 5.97 -14.65
C VAL E 273 -32.37 6.13 -16.02
N ARG E 274 -32.69 7.24 -16.68
CA ARG E 274 -32.37 7.36 -18.10
C ARG E 274 -31.00 8.01 -18.28
N PRO E 275 -30.13 7.42 -19.09
CA PRO E 275 -28.80 8.02 -19.34
C PRO E 275 -28.88 9.18 -20.30
N ALA E 276 -27.75 9.81 -20.56
CA ALA E 276 -27.70 10.94 -21.48
C ALA E 276 -27.76 10.44 -22.92
N ASN F 3 -56.35 -19.88 9.43
CA ASN F 3 -54.91 -19.97 9.56
C ASN F 3 -54.51 -20.42 10.96
N SER F 4 -53.30 -20.95 11.09
CA SER F 4 -52.85 -21.54 12.33
C SER F 4 -51.34 -21.38 12.45
N THR F 5 -50.78 -22.05 13.46
CA THR F 5 -49.33 -22.08 13.61
C THR F 5 -48.70 -22.97 12.54
N ALA F 6 -49.37 -24.07 12.20
CA ALA F 6 -48.80 -25.05 11.27
C ALA F 6 -48.73 -24.50 9.85
N GLU F 7 -49.84 -23.95 9.34
CA GLU F 7 -49.87 -23.48 7.96
C GLU F 7 -48.99 -22.25 7.78
N LEU F 8 -49.02 -21.32 8.74
CA LEU F 8 -48.13 -20.16 8.68
C LEU F 8 -46.67 -20.56 8.80
N GLU F 9 -46.37 -21.59 9.61
CA GLU F 9 -45.00 -22.07 9.73
C GLU F 9 -44.50 -22.67 8.42
N GLU F 10 -45.36 -23.46 7.75
CA GLU F 10 -45.03 -24.00 6.43
C GLU F 10 -44.79 -22.87 5.42
N LEU F 11 -45.73 -21.92 5.34
CA LEU F 11 -45.62 -20.87 4.32
C LEU F 11 -44.42 -19.97 4.57
N LEU F 12 -44.03 -19.77 5.84
CA LEU F 12 -42.83 -18.99 6.11
C LEU F 12 -41.58 -19.78 5.76
N MET F 13 -41.52 -21.07 6.14
CA MET F 13 -40.24 -21.75 6.05
C MET F 13 -40.00 -22.39 4.69
N GLN F 14 -40.97 -22.36 3.78
CA GLN F 14 -40.68 -22.78 2.41
C GLN F 14 -41.33 -21.98 1.30
N ARG F 15 -41.76 -20.74 1.53
CA ARG F 15 -42.13 -19.83 0.46
C ARG F 15 -41.49 -18.47 0.69
N SER F 16 -41.39 -17.68 -0.37
CA SER F 16 -40.73 -16.37 -0.28
C SER F 16 -41.62 -15.40 0.48
N LEU F 17 -41.01 -14.42 1.14
CA LEU F 17 -41.73 -13.52 2.02
C LEU F 17 -42.60 -12.52 1.28
N THR F 18 -42.38 -12.37 -0.03
CA THR F 18 -43.23 -11.50 -0.83
C THR F 18 -44.37 -12.24 -1.53
N ASP F 19 -44.64 -13.47 -1.12
CA ASP F 19 -45.76 -14.23 -1.66
C ASP F 19 -47.06 -13.67 -1.08
N PRO F 20 -48.08 -13.40 -1.91
CA PRO F 20 -49.36 -12.94 -1.36
C PRO F 20 -50.06 -13.91 -0.41
N GLN F 21 -49.85 -15.22 -0.54
CA GLN F 21 -50.48 -16.13 0.42
C GLN F 21 -49.78 -16.08 1.76
N LEU F 22 -48.46 -15.87 1.76
CA LEU F 22 -47.74 -15.64 3.01
C LEU F 22 -48.20 -14.34 3.68
N GLN F 23 -48.46 -13.30 2.88
CA GLN F 23 -48.90 -12.04 3.44
C GLN F 23 -50.29 -12.16 4.03
N ALA F 24 -51.18 -12.86 3.34
CA ALA F 24 -52.54 -13.04 3.85
C ALA F 24 -52.57 -13.94 5.08
N ALA F 25 -51.61 -14.87 5.17
CA ALA F 25 -51.56 -15.74 6.35
C ALA F 25 -50.94 -15.02 7.54
N ALA F 26 -49.90 -14.21 7.29
CA ALA F 26 -49.22 -13.55 8.39
C ALA F 26 -49.99 -12.35 8.90
N ALA F 27 -50.84 -11.75 8.06
CA ALA F 27 -51.60 -10.60 8.50
C ALA F 27 -52.87 -10.96 9.23
N ALA F 28 -53.09 -12.24 9.52
CA ALA F 28 -54.26 -12.68 10.29
C ALA F 28 -53.93 -13.06 11.72
N ALA F 29 -52.66 -12.96 12.12
CA ALA F 29 -52.29 -13.31 13.48
C ALA F 29 -52.69 -12.22 14.45
N ALA F 30 -52.55 -12.49 15.75
CA ALA F 30 -53.06 -11.58 16.76
C ALA F 30 -52.17 -10.35 16.90
N ASP F 31 -52.82 -9.22 17.19
CA ASP F 31 -52.12 -7.95 17.41
C ASP F 31 -51.78 -7.84 18.89
N PHE F 32 -50.52 -7.48 19.18
CA PHE F 32 -50.06 -7.29 20.55
C PHE F 32 -49.56 -5.86 20.70
N ARG F 33 -50.06 -5.17 21.72
CA ARG F 33 -49.80 -3.76 21.92
C ARG F 33 -48.81 -3.57 23.05
N ILE F 34 -47.66 -2.95 22.76
CA ILE F 34 -46.55 -2.94 23.72
C ILE F 34 -46.79 -1.92 24.82
N LEU F 35 -47.08 -0.68 24.49
CA LEU F 35 -47.34 0.35 25.50
C LEU F 35 -48.75 0.89 25.32
N PRO F 36 -49.74 0.21 25.90
CA PRO F 36 -51.13 0.63 25.66
C PRO F 36 -51.51 1.92 26.37
N ASP F 37 -50.79 2.27 27.43
CA ASP F 37 -51.14 3.42 28.25
C ASP F 37 -50.46 4.70 27.79
N ALA F 38 -49.44 4.59 26.94
CA ALA F 38 -48.54 5.70 26.69
C ALA F 38 -49.08 6.64 25.61
N THR F 39 -48.58 7.86 25.62
CA THR F 39 -49.01 8.93 24.73
C THR F 39 -47.77 9.66 24.22
N VAL F 40 -47.65 9.81 22.91
CA VAL F 40 -46.45 10.38 22.30
C VAL F 40 -46.73 11.83 21.95
N ILE F 41 -45.81 12.72 22.31
CA ILE F 41 -45.89 14.14 22.01
C ILE F 41 -44.68 14.52 21.17
N LYS F 42 -44.90 15.23 20.07
CA LYS F 42 -43.83 15.77 19.25
C LYS F 42 -43.74 17.27 19.51
N ILE F 43 -42.54 17.73 19.85
CA ILE F 43 -42.27 19.13 20.12
C ILE F 43 -41.48 19.68 18.94
N GLY F 44 -42.13 20.51 18.13
CA GLY F 44 -41.51 21.01 16.91
C GLY F 44 -40.38 21.97 17.21
N GLY F 45 -39.27 21.81 16.48
CA GLY F 45 -38.11 22.65 16.72
C GLY F 45 -38.33 24.09 16.28
N GLN F 46 -38.58 24.28 14.98
CA GLN F 46 -38.69 25.63 14.43
C GLN F 46 -39.97 26.30 14.88
N SER F 47 -40.96 25.51 15.29
CA SER F 47 -42.24 26.07 15.69
C SER F 47 -42.18 26.60 17.13
N VAL F 48 -41.62 25.83 18.05
CA VAL F 48 -41.68 26.14 19.47
C VAL F 48 -40.30 26.36 20.07
N ILE F 49 -39.36 25.46 19.80
CA ILE F 49 -38.10 25.44 20.54
C ILE F 49 -37.21 26.61 20.13
N ASP F 50 -37.29 27.02 18.87
CA ASP F 50 -36.45 28.14 18.42
C ASP F 50 -37.01 29.48 18.88
N ARG F 51 -38.16 29.49 19.55
CA ARG F 51 -38.66 30.74 20.13
C ARG F 51 -37.92 31.11 21.40
N GLY F 52 -37.25 30.14 22.03
CA GLY F 52 -36.44 30.45 23.19
C GLY F 52 -37.13 30.21 24.51
N ARG F 53 -37.15 31.23 25.38
CA ARG F 53 -37.54 30.98 26.76
C ARG F 53 -39.06 30.98 26.91
N ALA F 54 -39.72 31.95 26.28
CA ALA F 54 -41.12 32.24 26.59
C ALA F 54 -42.07 31.23 25.95
N ALA F 55 -41.53 30.31 25.14
CA ALA F 55 -42.38 29.27 24.57
C ALA F 55 -41.99 27.89 25.07
N VAL F 56 -40.78 27.75 25.62
CA VAL F 56 -40.38 26.44 26.12
C VAL F 56 -40.73 26.30 27.60
N TYR F 57 -40.59 27.37 28.39
CA TYR F 57 -40.99 27.27 29.79
C TYR F 57 -42.49 27.06 30.03
N PRO F 58 -43.43 27.59 29.24
CA PRO F 58 -44.81 27.10 29.38
C PRO F 58 -44.98 25.63 29.03
N LEU F 59 -44.23 25.09 28.07
CA LEU F 59 -44.32 23.64 27.84
C LEU F 59 -43.67 22.85 28.96
N VAL F 60 -42.60 23.36 29.57
CA VAL F 60 -42.02 22.68 30.73
C VAL F 60 -43.01 22.64 31.88
N ASP F 61 -43.72 23.75 32.12
CA ASP F 61 -44.76 23.74 33.16
C ASP F 61 -45.89 22.78 32.83
N GLU F 62 -46.35 22.77 31.56
CA GLU F 62 -47.43 21.87 31.16
C GLU F 62 -47.02 20.41 31.20
N ILE F 63 -45.77 20.10 30.84
CA ILE F 63 -45.30 18.71 30.88
C ILE F 63 -45.16 18.22 32.31
N VAL F 64 -44.57 19.04 33.19
CA VAL F 64 -44.42 18.61 34.59
C VAL F 64 -45.79 18.51 35.27
N ALA F 65 -46.73 19.36 34.87
CA ALA F 65 -48.08 19.26 35.44
C ALA F 65 -48.87 18.10 34.84
N ALA F 66 -48.53 17.68 33.61
CA ALA F 66 -49.37 16.72 32.92
C ALA F 66 -48.85 15.29 33.08
N ARG F 67 -47.60 15.12 33.49
CA ARG F 67 -47.11 13.76 33.71
C ARG F 67 -47.61 13.17 35.03
N LYS F 68 -48.26 13.97 35.87
CA LYS F 68 -48.80 13.44 37.12
C LYS F 68 -49.99 12.51 36.89
N ASN F 69 -50.62 12.55 35.73
CA ASN F 69 -51.70 11.66 35.39
C ASN F 69 -51.42 10.74 34.20
N HIS F 70 -50.60 11.18 33.23
CA HIS F 70 -50.50 10.50 31.95
C HIS F 70 -49.05 10.09 31.70
N LYS F 71 -48.87 9.04 30.91
CA LYS F 71 -47.54 8.65 30.43
C LYS F 71 -47.25 9.47 29.18
N LEU F 72 -46.03 9.98 29.06
CA LEU F 72 -45.68 10.91 28.00
C LEU F 72 -44.33 10.55 27.41
N LEU F 73 -44.29 10.18 26.14
CA LEU F 73 -43.04 10.10 25.39
CA LEU F 73 -43.04 10.10 25.39
C LEU F 73 -42.91 11.38 24.58
N ILE F 74 -41.91 12.19 24.89
CA ILE F 74 -41.80 13.53 24.35
C ILE F 74 -40.74 13.54 23.27
N GLY F 75 -41.17 13.53 22.01
CA GLY F 75 -40.27 13.64 20.88
C GLY F 75 -39.94 15.10 20.60
N THR F 76 -38.93 15.32 19.78
CA THR F 76 -38.37 16.64 19.58
C THR F 76 -37.95 16.83 18.13
N GLY F 77 -38.31 17.99 17.55
CA GLY F 77 -38.02 18.30 16.17
C GLY F 77 -36.60 18.79 15.94
N ALA F 78 -36.38 19.38 14.76
CA ALA F 78 -35.05 19.78 14.33
C ALA F 78 -34.90 21.29 14.22
N GLY F 79 -35.72 21.97 13.42
CA GLY F 79 -35.67 23.41 13.38
C GLY F 79 -34.69 23.96 12.36
N THR F 80 -34.31 25.22 12.59
CA THR F 80 -33.70 26.01 11.53
C THR F 80 -32.23 25.67 11.29
N ARG F 81 -31.56 25.08 12.27
CA ARG F 81 -30.19 24.62 12.03
C ARG F 81 -30.17 23.47 11.04
N ALA F 82 -31.22 22.65 11.07
CA ALA F 82 -31.36 21.60 10.07
C ALA F 82 -31.58 22.19 8.69
N ARG F 83 -32.29 23.31 8.59
CA ARG F 83 -32.45 23.93 7.28
C ARG F 83 -31.15 24.50 6.78
N HIS F 84 -30.30 25.00 7.69
CA HIS F 84 -28.99 25.50 7.24
C HIS F 84 -28.10 24.33 6.78
N LEU F 85 -28.15 23.20 7.49
CA LEU F 85 -27.42 22.02 7.02
C LEU F 85 -27.95 21.49 5.71
N TYR F 86 -29.28 21.51 5.52
CA TYR F 86 -29.85 20.99 4.29
C TYR F 86 -29.53 21.90 3.13
N SER F 87 -29.48 23.21 3.38
CA SER F 87 -29.08 24.17 2.36
C SER F 87 -27.64 23.97 1.94
N ILE F 88 -26.72 23.88 2.91
CA ILE F 88 -25.31 23.71 2.59
C ILE F 88 -25.06 22.39 1.87
N ALA F 89 -25.65 21.30 2.36
CA ALA F 89 -25.37 20.00 1.78
C ALA F 89 -26.14 19.78 0.49
N ALA F 90 -27.23 20.51 0.28
CA ALA F 90 -27.97 20.40 -0.97
C ALA F 90 -27.33 21.26 -2.04
N GLY F 91 -26.64 22.33 -1.64
CA GLY F 91 -25.89 23.11 -2.59
C GLY F 91 -24.69 22.37 -3.14
N LEU F 92 -24.06 21.54 -2.30
CA LEU F 92 -22.98 20.67 -2.75
C LEU F 92 -23.47 19.50 -3.57
N GLY F 93 -24.75 19.16 -3.50
CA GLY F 93 -25.23 17.98 -4.18
C GLY F 93 -24.92 16.68 -3.48
N LEU F 94 -25.27 16.57 -2.23
CA LEU F 94 -25.13 15.31 -1.52
C LEU F 94 -26.49 14.61 -1.47
N PRO F 95 -26.51 13.28 -1.47
CA PRO F 95 -27.79 12.56 -1.53
C PRO F 95 -28.60 12.68 -0.24
N ALA F 96 -29.78 12.03 -0.26
CA ALA F 96 -30.74 12.20 0.83
C ALA F 96 -30.25 11.53 2.12
N GLY F 97 -29.38 10.54 2.00
CA GLY F 97 -28.87 9.88 3.20
C GLY F 97 -27.94 10.77 4.00
N VAL F 98 -27.10 11.54 3.33
CA VAL F 98 -26.17 12.43 4.02
C VAL F 98 -26.95 13.53 4.74
N LEU F 99 -28.02 14.04 4.12
CA LEU F 99 -28.83 15.06 4.77
C LEU F 99 -29.64 14.49 5.92
N ALA F 100 -30.02 13.22 5.84
CA ALA F 100 -30.67 12.58 6.99
C ALA F 100 -29.72 12.45 8.18
N GLN F 101 -28.47 12.09 7.90
CA GLN F 101 -27.45 12.07 8.94
C GLN F 101 -27.20 13.46 9.53
N LEU F 102 -27.33 14.50 8.71
CA LEU F 102 -27.09 15.84 9.22
C LEU F 102 -28.28 16.36 10.04
N GLY F 103 -29.49 15.92 9.73
CA GLY F 103 -30.64 16.37 10.49
C GLY F 103 -30.80 15.67 11.83
N SER F 104 -30.30 14.43 11.93
CA SER F 104 -30.38 13.68 13.18
C SER F 104 -29.64 14.38 14.32
N SER F 105 -28.53 15.05 14.02
CA SER F 105 -27.76 15.69 15.07
C SER F 105 -28.44 16.92 15.61
N VAL F 106 -29.17 17.66 14.78
CA VAL F 106 -29.88 18.83 15.25
C VAL F 106 -31.06 18.39 16.12
N ALA F 107 -31.70 17.27 15.76
CA ALA F 107 -32.72 16.71 16.63
C ALA F 107 -32.15 16.29 17.99
N ASP F 108 -30.94 15.72 17.98
CA ASP F 108 -30.26 15.35 19.22
C ASP F 108 -29.96 16.57 20.10
N GLN F 109 -29.52 17.67 19.47
CA GLN F 109 -29.23 18.91 20.20
C GLN F 109 -30.47 19.48 20.87
N ASN F 110 -31.58 19.56 20.14
CA ASN F 110 -32.79 20.12 20.74
C ASN F 110 -33.36 19.22 21.83
N ALA F 111 -33.22 17.90 21.66
CA ALA F 111 -33.63 16.99 22.73
C ALA F 111 -32.74 17.14 23.96
N ALA F 112 -31.46 17.46 23.75
CA ALA F 112 -30.55 17.64 24.87
C ALA F 112 -30.89 18.90 25.66
N MET F 113 -31.20 20.00 24.97
CA MET F 113 -31.62 21.22 25.68
C MET F 113 -32.94 21.01 26.42
N LEU F 114 -33.92 20.37 25.76
CA LEU F 114 -35.19 20.09 26.41
C LEU F 114 -35.02 19.18 27.63
N GLY F 115 -34.10 18.22 27.55
CA GLY F 115 -33.90 17.32 28.66
C GLY F 115 -33.15 17.93 29.82
N GLN F 116 -32.26 18.88 29.54
CA GLN F 116 -31.64 19.59 30.66
C GLN F 116 -32.61 20.56 31.30
N LEU F 117 -33.57 21.08 30.53
CA LEU F 117 -34.62 21.86 31.17
C LEU F 117 -35.61 20.99 31.96
N LEU F 118 -35.73 19.71 31.62
CA LEU F 118 -36.65 18.82 32.35
C LEU F 118 -35.98 17.90 33.35
N ALA F 119 -34.64 17.91 33.47
CA ALA F 119 -33.96 16.89 34.26
C ALA F 119 -34.08 17.14 35.76
N LYS F 120 -34.28 18.37 36.18
CA LYS F 120 -34.41 18.59 37.62
C LYS F 120 -35.77 18.18 38.15
N HIS F 121 -36.74 17.98 37.27
CA HIS F 121 -38.04 17.44 37.65
C HIS F 121 -38.12 15.94 37.51
N GLY F 122 -37.07 15.30 37.01
CA GLY F 122 -37.00 13.85 37.00
C GLY F 122 -37.21 13.18 35.66
N ILE F 123 -37.31 13.93 34.57
CA ILE F 123 -37.61 13.38 33.26
C ILE F 123 -36.31 13.21 32.49
N PRO F 124 -35.89 11.99 32.17
CA PRO F 124 -34.60 11.80 31.50
C PRO F 124 -34.71 11.78 29.98
N VAL F 125 -33.59 12.07 29.34
CA VAL F 125 -33.41 11.81 27.92
C VAL F 125 -33.02 10.35 27.76
N VAL F 126 -33.76 9.62 26.93
CA VAL F 126 -33.51 8.20 26.78
C VAL F 126 -33.16 7.89 25.33
N GLY F 127 -32.31 6.89 25.17
CA GLY F 127 -32.11 6.23 23.90
C GLY F 127 -32.64 4.82 24.02
N GLY F 128 -33.62 4.49 23.19
CA GLY F 128 -34.48 3.38 23.53
C GLY F 128 -35.67 3.88 24.31
N ALA F 129 -36.46 4.72 23.64
CA ALA F 129 -37.56 5.40 24.31
C ALA F 129 -38.71 4.46 24.65
N GLY F 130 -39.13 3.62 23.72
CA GLY F 130 -40.30 2.80 23.96
C GLY F 130 -40.04 1.60 24.87
N LEU F 131 -38.79 1.14 24.92
CA LEU F 131 -38.45 0.01 25.78
C LEU F 131 -37.78 0.45 27.07
N SER F 132 -37.98 1.70 27.46
CA SER F 132 -37.45 2.23 28.70
C SER F 132 -38.50 2.00 29.79
N ALA F 133 -38.39 0.85 30.46
CA ALA F 133 -39.49 0.37 31.28
C ALA F 133 -39.54 1.06 32.63
N VAL F 134 -38.39 1.25 33.25
CA VAL F 134 -38.31 1.77 34.62
C VAL F 134 -38.83 3.20 34.76
N PRO F 135 -38.44 4.20 33.94
CA PRO F 135 -39.01 5.52 34.16
C PRO F 135 -40.44 5.68 33.67
N LEU F 136 -40.90 4.79 32.80
CA LEU F 136 -42.30 4.81 32.40
C LEU F 136 -43.19 4.03 33.35
N SER F 137 -42.61 3.27 34.28
CA SER F 137 -43.38 2.50 35.24
C SER F 137 -43.47 3.15 36.60
N LEU F 138 -42.77 4.25 36.81
CA LEU F 138 -42.78 4.98 38.07
C LEU F 138 -43.72 6.17 37.97
N ALA F 139 -44.52 6.38 39.01
CA ALA F 139 -45.32 7.60 39.08
C ALA F 139 -44.45 8.82 39.39
N GLU F 140 -43.27 8.60 39.96
CA GLU F 140 -42.35 9.69 40.24
C GLU F 140 -41.68 10.24 38.98
N VAL F 141 -41.68 9.49 37.88
CA VAL F 141 -41.03 9.98 36.67
C VAL F 141 -42.04 10.12 35.55
N ASN F 142 -42.60 8.98 35.12
CA ASN F 142 -43.81 8.87 34.30
C ASN F 142 -43.67 9.49 32.90
N ALA F 143 -42.46 9.87 32.47
CA ALA F 143 -42.27 10.55 31.20
C ALA F 143 -40.82 10.44 30.77
N VAL F 144 -40.59 10.50 29.45
CA VAL F 144 -39.25 10.45 28.88
C VAL F 144 -39.15 11.46 27.74
N VAL F 145 -37.92 11.68 27.29
CA VAL F 145 -37.60 12.61 26.20
C VAL F 145 -36.72 11.87 25.20
N PHE F 146 -37.02 12.02 23.90
CA PHE F 146 -36.23 11.37 22.86
C PHE F 146 -36.15 12.28 21.65
N SER F 147 -35.21 11.97 20.76
CA SER F 147 -35.01 12.75 19.55
C SER F 147 -35.91 12.20 18.45
N GLY F 148 -36.49 13.09 17.66
CA GLY F 148 -37.55 12.71 16.75
C GLY F 148 -37.16 12.03 15.47
N MET F 149 -35.89 12.08 15.04
CA MET F 149 -35.49 11.56 13.74
C MET F 149 -35.50 10.04 13.70
N PRO F 150 -35.90 9.47 12.56
CA PRO F 150 -35.84 8.02 12.38
C PRO F 150 -34.41 7.54 12.20
N PRO F 151 -34.14 6.23 12.35
CA PRO F 151 -32.76 5.72 12.21
C PRO F 151 -32.31 5.50 10.79
N TYR F 152 -33.07 5.99 9.83
CA TYR F 152 -32.81 5.63 8.42
C TYR F 152 -31.43 6.05 8.00
N LYS F 153 -30.95 7.22 8.41
CA LYS F 153 -29.55 7.64 8.12
C LYS F 153 -29.30 7.57 6.63
N LEU F 154 -28.26 6.87 6.21
CA LEU F 154 -27.91 6.74 4.78
C LEU F 154 -28.90 5.88 3.98
N TRP F 155 -29.64 4.98 4.59
CA TRP F 155 -30.62 4.15 3.93
C TRP F 155 -31.95 4.84 3.78
N MET F 156 -31.95 6.17 3.78
CA MET F 156 -33.17 6.95 3.64
C MET F 156 -33.77 6.76 2.26
N ARG F 157 -35.05 6.44 2.23
CA ARG F 157 -35.76 6.34 0.97
CA ARG F 157 -35.76 6.35 0.97
C ARG F 157 -35.84 7.73 0.33
N PRO F 158 -35.28 7.92 -0.85
CA PRO F 158 -35.25 9.26 -1.44
C PRO F 158 -36.62 9.68 -1.91
N ALA F 159 -36.82 11.00 -1.96
CA ALA F 159 -38.05 11.53 -2.50
C ALA F 159 -38.05 11.41 -4.02
N ALA F 160 -39.21 11.64 -4.62
CA ALA F 160 -39.31 11.57 -6.08
C ALA F 160 -38.56 12.71 -6.75
N GLU F 161 -38.38 13.83 -6.07
CA GLU F 161 -37.62 14.96 -6.59
C GLU F 161 -36.78 15.56 -5.47
N GLY F 162 -35.50 15.75 -5.74
CA GLY F 162 -34.64 16.49 -4.84
C GLY F 162 -33.86 15.63 -3.88
N VAL F 163 -33.13 16.30 -2.99
CA VAL F 163 -32.24 15.65 -2.05
C VAL F 163 -32.67 15.87 -0.60
N ILE F 164 -33.89 16.33 -0.38
CA ILE F 164 -34.39 16.52 0.99
C ILE F 164 -34.91 15.19 1.53
N PRO F 165 -34.59 14.83 2.76
CA PRO F 165 -35.13 13.59 3.34
C PRO F 165 -36.62 13.73 3.60
N PRO F 166 -37.44 12.83 3.06
CA PRO F 166 -38.88 12.93 3.30
C PRO F 166 -39.32 12.45 4.67
N TYR F 167 -38.54 11.64 5.34
CA TYR F 167 -38.92 11.07 6.64
C TYR F 167 -38.05 11.74 7.70
N ARG F 168 -38.66 12.69 8.41
CA ARG F 168 -37.97 13.46 9.43
C ARG F 168 -38.75 13.29 10.72
N THR F 169 -38.55 14.18 11.69
CA THR F 169 -39.05 14.07 13.05
C THR F 169 -40.55 13.76 13.16
N ASP F 170 -41.37 14.22 12.21
CA ASP F 170 -42.78 13.88 12.18
C ASP F 170 -42.99 12.39 11.96
N ALA F 171 -42.36 11.84 10.92
CA ALA F 171 -42.48 10.41 10.62
C ALA F 171 -41.82 9.56 11.69
N GLY F 172 -40.73 10.06 12.31
CA GLY F 172 -40.08 9.31 13.37
C GLY F 172 -40.95 9.17 14.61
N CYS F 173 -41.52 10.29 15.07
CA CYS F 173 -42.37 10.23 16.25
C CYS F 173 -43.66 9.47 15.96
N PHE F 174 -44.16 9.55 14.73
CA PHE F 174 -45.37 8.80 14.39
C PHE F 174 -45.10 7.30 14.34
N LEU F 175 -43.96 6.89 13.80
CA LEU F 175 -43.69 5.46 13.76
C LEU F 175 -43.33 4.91 15.12
N LEU F 176 -42.84 5.74 16.04
CA LEU F 176 -42.71 5.28 17.41
C LEU F 176 -44.07 5.10 18.07
N ALA F 177 -45.00 6.04 17.81
CA ALA F 177 -46.36 5.92 18.35
C ALA F 177 -47.10 4.73 17.77
N GLU F 178 -46.78 4.37 16.53
CA GLU F 178 -47.42 3.23 15.88
C GLU F 178 -46.78 1.91 16.28
N GLN F 179 -45.45 1.86 16.40
CA GLN F 179 -44.75 0.66 16.79
C GLN F 179 -45.05 0.26 18.22
N PHE F 180 -44.97 1.20 19.14
CA PHE F 180 -45.14 0.82 20.53
C PHE F 180 -46.58 0.90 21.01
N GLY F 181 -47.54 0.93 20.09
CA GLY F 181 -48.95 0.84 20.39
C GLY F 181 -49.50 1.92 21.28
N CYS F 182 -48.93 3.12 21.21
CA CYS F 182 -49.32 4.20 22.10
C CYS F 182 -50.71 4.70 21.75
N LYS F 183 -51.47 5.07 22.77
CA LYS F 183 -52.90 5.25 22.58
C LYS F 183 -53.25 6.58 21.94
N GLN F 184 -52.30 7.49 21.77
CA GLN F 184 -52.59 8.82 21.24
C GLN F 184 -51.32 9.44 20.71
N MET F 185 -51.44 10.13 19.58
CA MET F 185 -50.36 10.94 19.03
C MET F 185 -50.78 12.40 19.05
N ILE F 186 -49.89 13.27 19.50
CA ILE F 186 -50.09 14.70 19.48
C ILE F 186 -48.85 15.37 18.92
N PHE F 187 -49.04 16.18 17.88
CA PHE F 187 -48.00 17.04 17.33
C PHE F 187 -48.20 18.43 17.91
N VAL F 188 -47.20 18.94 18.61
CA VAL F 188 -47.29 20.27 19.21
C VAL F 188 -46.55 21.26 18.33
N LYS F 189 -47.29 22.15 17.68
CA LYS F 189 -46.74 23.12 16.75
C LYS F 189 -47.16 24.51 17.17
N ASP F 190 -46.85 25.52 16.35
CA ASP F 190 -47.11 26.91 16.72
C ASP F 190 -48.34 27.50 16.07
N GLU F 191 -48.93 26.81 15.09
CA GLU F 191 -50.12 27.31 14.44
C GLU F 191 -51.32 26.53 14.95
N ASP F 192 -52.43 27.25 15.12
CA ASP F 192 -53.64 26.70 15.72
C ASP F 192 -54.30 25.74 14.73
N GLY F 193 -53.74 24.54 14.66
CA GLY F 193 -54.26 23.49 13.82
C GLY F 193 -53.69 23.56 12.41
N LEU F 194 -54.41 22.90 11.50
CA LEU F 194 -54.09 22.89 10.08
C LEU F 194 -54.96 23.92 9.37
N TYR F 195 -54.35 24.75 8.55
CA TYR F 195 -55.09 25.65 7.71
C TYR F 195 -55.09 25.14 6.27
N THR F 196 -55.89 25.78 5.41
CA THR F 196 -55.92 25.40 4.01
C THR F 196 -54.65 25.83 3.29
N ALA F 197 -54.05 26.94 3.72
CA ALA F 197 -52.79 27.42 3.18
C ALA F 197 -51.87 27.79 4.34
N ASN F 198 -50.65 28.18 4.00
CA ASN F 198 -49.66 28.61 4.97
C ASN F 198 -50.12 29.89 5.66
N PRO F 199 -50.34 29.88 6.98
CA PRO F 199 -50.79 31.12 7.62
C PRO F 199 -49.68 32.11 7.87
N LYS F 200 -48.42 31.68 7.81
CA LYS F 200 -47.32 32.64 7.90
C LYS F 200 -47.21 33.44 6.62
N THR F 201 -47.52 32.84 5.47
CA THR F 201 -47.42 33.48 4.18
C THR F 201 -48.76 33.98 3.66
N SER F 202 -49.75 33.12 3.48
CA SER F 202 -51.03 33.52 2.93
C SER F 202 -51.84 34.19 4.02
N LYS F 203 -52.65 35.18 3.64
CA LYS F 203 -53.31 36.03 4.63
C LYS F 203 -54.76 35.59 4.84
N ASP F 204 -55.26 34.73 3.97
CA ASP F 204 -56.64 34.23 4.05
C ASP F 204 -56.65 32.71 4.00
N ALA F 205 -56.43 32.08 5.16
CA ALA F 205 -56.34 30.63 5.27
C ALA F 205 -57.33 30.17 6.33
N THR F 206 -58.34 29.41 5.91
CA THR F 206 -59.36 28.98 6.85
C THR F 206 -58.91 27.75 7.63
N PHE F 207 -59.44 27.63 8.85
CA PHE F 207 -59.13 26.54 9.75
C PHE F 207 -60.10 25.39 9.55
N ILE F 208 -59.57 24.18 9.45
CA ILE F 208 -60.35 22.97 9.28
C ILE F 208 -60.30 22.14 10.56
N PRO F 209 -61.43 21.84 11.18
CA PRO F 209 -61.39 21.21 12.51
C PRO F 209 -61.07 19.74 12.48
N ARG F 210 -61.54 19.01 11.47
CA ARG F 210 -61.24 17.60 11.34
C ARG F 210 -61.32 17.23 9.87
N ILE F 211 -60.32 16.51 9.40
CA ILE F 211 -60.22 16.11 8.01
C ILE F 211 -59.59 14.73 7.95
N SER F 212 -60.05 13.89 7.03
CA SER F 212 -59.43 12.60 6.83
C SER F 212 -58.20 12.74 5.94
N VAL F 213 -57.52 11.62 5.70
CA VAL F 213 -56.36 11.66 4.80
C VAL F 213 -56.82 11.82 3.36
N ASP F 214 -57.90 11.14 2.98
CA ASP F 214 -58.37 11.20 1.59
C ASP F 214 -58.98 12.55 1.24
N GLU F 215 -59.68 13.18 2.19
CA GLU F 215 -60.15 14.55 1.96
C GLU F 215 -58.99 15.53 1.90
N MET F 216 -57.87 15.19 2.55
CA MET F 216 -56.73 16.09 2.56
C MET F 216 -55.98 16.02 1.24
N LYS F 217 -55.81 14.82 0.69
CA LYS F 217 -55.12 14.69 -0.58
C LYS F 217 -56.03 15.07 -1.74
N ALA F 218 -57.35 14.94 -1.56
CA ALA F 218 -58.29 15.46 -2.54
C ALA F 218 -58.37 16.98 -2.49
N LYS F 219 -58.00 17.58 -1.36
CA LYS F 219 -57.90 19.03 -1.28
C LYS F 219 -56.71 19.55 -2.07
N GLY F 220 -55.60 18.83 -2.01
CA GLY F 220 -54.43 19.18 -2.80
C GLY F 220 -53.70 20.41 -2.32
N LEU F 221 -53.65 20.63 -1.02
CA LEU F 221 -52.92 21.77 -0.47
C LEU F 221 -51.41 21.56 -0.63
N HIS F 222 -50.69 22.65 -0.78
CA HIS F 222 -49.32 22.57 -1.28
C HIS F 222 -48.33 22.27 -0.16
N ASP F 223 -48.55 22.83 1.02
CA ASP F 223 -47.80 22.45 2.21
C ASP F 223 -48.74 22.33 3.40
N SER F 224 -48.43 21.42 4.31
CA SER F 224 -49.24 21.20 5.49
C SER F 224 -48.38 21.23 6.73
N ILE F 225 -49.04 21.28 7.89
CA ILE F 225 -48.34 21.34 9.16
C ILE F 225 -47.73 19.98 9.52
N LEU F 226 -48.16 18.92 8.87
CA LEU F 226 -47.49 17.64 8.92
C LEU F 226 -46.94 17.30 7.54
N GLU F 227 -46.05 16.32 7.51
CA GLU F 227 -45.43 15.91 6.25
C GLU F 227 -46.42 15.12 5.41
N PHE F 228 -46.21 15.13 4.10
CA PHE F 228 -47.03 14.30 3.23
C PHE F 228 -46.73 12.79 3.27
N PRO F 229 -45.49 12.30 3.49
CA PRO F 229 -45.36 10.86 3.75
C PRO F 229 -45.97 10.38 5.06
N VAL F 230 -46.16 11.26 6.04
CA VAL F 230 -46.81 10.88 7.30
C VAL F 230 -48.28 10.52 7.07
N LEU F 231 -48.88 11.09 6.02
CA LEU F 231 -50.25 10.72 5.66
C LEU F 231 -50.32 9.28 5.15
N ASP F 232 -49.35 8.89 4.32
CA ASP F 232 -49.32 7.52 3.81
C ASP F 232 -48.99 6.54 4.92
N LEU F 233 -48.13 6.94 5.85
CA LEU F 233 -47.87 6.10 7.02
C LEU F 233 -49.08 6.03 7.93
N LEU F 234 -49.92 7.07 7.93
CA LEU F 234 -51.12 7.06 8.74
C LEU F 234 -52.19 6.16 8.15
N GLN F 235 -52.32 6.14 6.82
CA GLN F 235 -53.21 5.16 6.21
C GLN F 235 -52.68 3.74 6.38
N SER F 236 -51.37 3.54 6.27
CA SER F 236 -50.79 2.22 6.40
C SER F 236 -50.72 1.73 7.85
N ALA F 237 -51.17 2.52 8.81
CA ALA F 237 -50.94 2.24 10.22
C ALA F 237 -51.90 1.18 10.73
N GLN F 238 -51.42 0.40 11.72
CA GLN F 238 -52.22 -0.66 12.29
CA GLN F 238 -52.21 -0.67 12.30
C GLN F 238 -52.89 -0.26 13.60
N HIS F 239 -52.16 0.36 14.52
CA HIS F 239 -52.66 0.65 15.86
C HIS F 239 -53.28 2.04 15.95
N VAL F 240 -52.51 3.08 15.64
CA VAL F 240 -52.96 4.46 15.73
C VAL F 240 -53.72 4.79 14.44
N ARG F 241 -54.92 5.33 14.56
CA ARG F 241 -55.69 5.69 13.38
C ARG F 241 -55.94 7.19 13.25
N GLU F 242 -55.54 7.99 14.24
CA GLU F 242 -55.77 9.43 14.16
C GLU F 242 -54.71 10.18 14.95
N VAL F 243 -54.29 11.32 14.42
CA VAL F 243 -53.30 12.18 15.06
C VAL F 243 -53.93 13.55 15.25
N GLN F 244 -53.39 14.31 16.21
CA GLN F 244 -53.92 15.61 16.53
C GLN F 244 -52.80 16.63 16.57
N VAL F 245 -53.04 17.79 15.98
CA VAL F 245 -52.05 18.87 15.94
C VAL F 245 -52.61 20.04 16.74
N VAL F 246 -51.95 20.36 17.86
CA VAL F 246 -52.43 21.38 18.78
C VAL F 246 -51.45 22.54 18.77
N ASN F 247 -51.94 23.69 19.24
CA ASN F 247 -51.16 24.90 19.33
C ASN F 247 -50.50 24.93 20.70
N GLY F 248 -49.17 24.93 20.73
CA GLY F 248 -48.48 24.95 22.00
C GLY F 248 -48.37 26.36 22.58
N LEU F 249 -48.53 27.38 21.74
CA LEU F 249 -48.27 28.74 22.19
C LEU F 249 -49.39 29.33 23.01
N VAL F 250 -50.53 28.67 23.07
CA VAL F 250 -51.62 29.05 23.97
C VAL F 250 -51.46 28.23 25.25
N PRO F 251 -51.40 28.85 26.42
CA PRO F 251 -51.23 28.08 27.66
C PRO F 251 -52.52 27.32 28.00
N GLY F 252 -52.42 25.99 27.94
CA GLY F 252 -53.53 25.14 28.30
C GLY F 252 -54.06 24.23 27.22
N ASN F 253 -53.46 24.23 26.03
CA ASN F 253 -53.92 23.31 24.99
C ASN F 253 -53.33 21.92 25.11
N LEU F 254 -52.11 21.79 25.65
CA LEU F 254 -51.55 20.46 25.82
C LEU F 254 -52.27 19.70 26.92
N THR F 255 -52.63 20.40 27.99
CA THR F 255 -53.32 19.78 29.12
C THR F 255 -54.70 19.28 28.72
N ARG F 256 -55.43 20.08 27.93
CA ARG F 256 -56.74 19.64 27.47
C ARG F 256 -56.64 18.80 26.21
N ALA F 257 -55.45 18.70 25.63
CA ALA F 257 -55.27 17.80 24.49
C ALA F 257 -54.99 16.39 24.96
N LEU F 258 -54.28 16.25 26.09
CA LEU F 258 -53.98 14.93 26.62
C LEU F 258 -55.22 14.32 27.27
N ALA F 259 -56.12 15.15 27.80
CA ALA F 259 -57.26 14.63 28.54
C ALA F 259 -58.28 13.99 27.60
N GLY F 260 -58.28 14.39 26.34
CA GLY F 260 -59.15 13.79 25.34
C GLY F 260 -60.10 14.75 24.67
N GLU F 261 -59.94 16.06 24.84
CA GLU F 261 -60.84 17.00 24.19
C GLU F 261 -60.43 17.23 22.75
N HIS F 262 -61.15 18.14 22.09
CA HIS F 262 -60.86 18.52 20.71
C HIS F 262 -60.33 19.93 20.68
N VAL F 263 -59.00 20.06 20.72
CA VAL F 263 -58.33 21.31 20.43
C VAL F 263 -57.42 21.07 19.23
N GLY F 264 -57.23 22.12 18.44
CA GLY F 264 -56.51 21.95 17.19
C GLY F 264 -57.32 21.13 16.21
N THR F 265 -56.63 20.38 15.35
CA THR F 265 -57.28 19.60 14.32
C THR F 265 -56.93 18.13 14.50
N ILE F 266 -57.83 17.25 14.06
CA ILE F 266 -57.59 15.81 14.11
C ILE F 266 -57.55 15.29 12.68
N ILE F 267 -56.52 14.51 12.37
CA ILE F 267 -56.34 13.93 11.04
C ILE F 267 -56.58 12.43 11.16
N THR F 268 -57.74 11.97 10.68
CA THR F 268 -58.12 10.57 10.78
C THR F 268 -57.59 9.81 9.57
N ALA F 269 -57.24 8.54 9.79
CA ALA F 269 -56.75 7.73 8.69
C ALA F 269 -57.88 7.32 7.76
N SER F 270 -59.09 7.21 8.28
CA SER F 270 -60.25 6.85 7.48
C SER F 270 -61.23 8.00 7.42
N ASN G 6 27.82 -40.04 -34.41
CA ASN G 6 27.26 -38.70 -34.34
C ASN G 6 25.74 -38.70 -34.17
N SER G 7 25.25 -39.55 -33.25
CA SER G 7 23.82 -39.58 -32.97
C SER G 7 23.42 -38.40 -32.10
N ILE G 8 22.18 -37.95 -32.28
CA ILE G 8 21.67 -36.77 -31.59
C ILE G 8 21.45 -37.04 -30.10
N LYS G 9 21.90 -36.10 -29.29
CA LYS G 9 21.76 -36.17 -27.84
C LYS G 9 20.50 -35.43 -27.43
N HIS G 10 19.62 -36.10 -26.70
CA HIS G 10 18.33 -35.55 -26.35
C HIS G 10 18.22 -35.19 -24.89
N VAL G 11 17.19 -34.40 -24.56
CA VAL G 11 16.61 -34.36 -23.24
C VAL G 11 15.29 -35.11 -23.19
N ILE G 12 15.16 -36.17 -22.39
CA ILE G 12 13.95 -36.99 -22.45
C ILE G 12 12.77 -36.21 -21.87
N SER G 13 11.66 -36.22 -22.60
CA SER G 13 10.48 -35.39 -22.39
C SER G 13 9.40 -35.93 -23.31
N PRO G 14 8.13 -35.49 -23.17
CA PRO G 14 7.13 -35.85 -24.19
C PRO G 14 7.43 -35.33 -25.59
N LEU G 15 7.91 -34.09 -25.74
CA LEU G 15 8.19 -33.54 -27.06
C LEU G 15 9.55 -33.96 -27.59
N ALA G 16 10.28 -34.80 -26.86
CA ALA G 16 11.57 -35.27 -27.33
C ALA G 16 11.40 -36.17 -28.54
N ARG G 17 12.41 -36.11 -29.42
CA ARG G 17 12.51 -36.94 -30.62
C ARG G 17 11.37 -36.69 -31.61
N GLN G 18 11.04 -35.42 -31.82
CA GLN G 18 10.05 -35.09 -32.84
C GLN G 18 10.23 -33.64 -33.28
N THR G 19 9.93 -33.40 -34.55
CA THR G 19 9.66 -32.05 -35.00
C THR G 19 8.28 -31.65 -34.53
N LEU G 20 8.04 -30.35 -34.44
CA LEU G 20 6.82 -29.88 -33.81
C LEU G 20 5.76 -29.44 -34.81
N GLN G 21 5.70 -30.09 -35.97
CA GLN G 21 4.71 -29.70 -36.96
C GLN G 21 3.62 -30.75 -37.08
N ASP G 22 3.91 -31.98 -36.66
CA ASP G 22 2.89 -33.03 -36.70
C ASP G 22 1.92 -32.80 -35.56
N ARG G 23 0.66 -32.53 -35.91
CA ARG G 23 -0.30 -32.04 -34.93
C ARG G 23 -0.84 -33.18 -34.07
N ASP G 24 -0.94 -34.38 -34.66
CA ASP G 24 -1.44 -35.54 -33.92
C ASP G 24 -0.48 -35.94 -32.82
N LEU G 25 0.82 -35.68 -32.99
CA LEU G 25 1.81 -36.06 -32.00
C LEU G 25 2.05 -34.95 -30.99
N THR G 26 1.41 -33.80 -31.19
CA THR G 26 1.60 -32.68 -30.27
C THR G 26 0.36 -32.50 -29.40
N ARG G 27 -0.82 -32.84 -29.93
CA ARG G 27 -2.04 -32.75 -29.13
C ARG G 27 -2.13 -33.60 -27.85
N PRO G 28 -1.41 -34.72 -27.66
CA PRO G 28 -1.41 -35.31 -26.30
C PRO G 28 -0.76 -34.45 -25.22
N VAL G 29 0.11 -33.54 -25.59
CA VAL G 29 0.77 -32.68 -24.60
C VAL G 29 0.36 -31.22 -24.75
N ALA G 30 0.18 -30.72 -25.97
CA ALA G 30 -0.18 -29.33 -26.21
C ALA G 30 -1.46 -29.28 -27.03
N GLY G 31 -2.59 -29.37 -26.35
CA GLY G 31 -3.87 -29.26 -27.02
C GLY G 31 -4.90 -28.55 -26.17
N LYS G 32 -4.46 -27.89 -25.11
CA LYS G 32 -5.35 -27.39 -24.08
C LYS G 32 -5.26 -25.88 -23.95
N ARG G 33 -6.39 -25.26 -23.59
CA ARG G 33 -6.46 -23.83 -23.34
C ARG G 33 -5.60 -23.47 -22.15
N PRO G 34 -4.74 -22.48 -22.28
CA PRO G 34 -3.82 -22.13 -21.19
C PRO G 34 -4.53 -21.38 -20.08
N ILE G 35 -3.77 -21.10 -19.03
CA ILE G 35 -4.34 -20.36 -17.92
C ILE G 35 -4.23 -18.86 -18.18
N ARG G 36 -5.18 -18.13 -17.64
CA ARG G 36 -5.16 -16.67 -17.66
C ARG G 36 -4.06 -16.19 -16.73
N LEU G 37 -3.06 -15.49 -17.26
CA LEU G 37 -1.95 -15.03 -16.43
C LEU G 37 -2.37 -13.93 -15.48
N LEU G 38 -2.88 -12.82 -16.01
CA LEU G 38 -3.39 -11.70 -15.21
C LEU G 38 -4.86 -11.51 -15.52
N PRO G 39 -5.74 -12.33 -14.94
CA PRO G 39 -7.16 -12.24 -15.28
C PRO G 39 -7.87 -11.03 -14.71
N TRP G 40 -7.26 -10.32 -13.77
CA TRP G 40 -7.80 -9.08 -13.22
C TRP G 40 -7.38 -7.84 -13.99
N LEU G 41 -7.01 -7.96 -15.26
CA LEU G 41 -6.45 -6.85 -16.00
C LEU G 41 -7.46 -6.30 -16.99
N GLN G 42 -7.55 -4.97 -17.06
CA GLN G 42 -8.30 -4.29 -18.10
C GLN G 42 -7.31 -3.60 -19.03
N VAL G 43 -7.41 -3.89 -20.32
CA VAL G 43 -6.47 -3.36 -21.30
C VAL G 43 -7.22 -2.40 -22.20
N VAL G 44 -6.71 -1.18 -22.32
CA VAL G 44 -7.32 -0.11 -23.09
C VAL G 44 -6.34 0.30 -24.17
N LYS G 45 -6.78 0.32 -25.41
CA LYS G 45 -6.00 0.86 -26.50
C LYS G 45 -6.57 2.22 -26.91
N ILE G 46 -5.72 3.23 -26.89
CA ILE G 46 -6.09 4.58 -27.32
C ILE G 46 -5.71 4.69 -28.78
N GLY G 47 -6.50 5.42 -29.57
CA GLY G 47 -6.11 5.64 -30.95
C GLY G 47 -4.96 6.63 -31.04
N GLY G 48 -4.26 6.58 -32.17
CA GLY G 48 -3.27 7.61 -32.43
C GLY G 48 -3.91 8.89 -32.90
N ARG G 49 -5.11 8.80 -33.47
CA ARG G 49 -5.85 9.99 -33.84
C ARG G 49 -6.66 10.53 -32.67
N VAL G 50 -6.83 9.76 -31.62
CA VAL G 50 -7.33 10.33 -30.36
C VAL G 50 -6.23 11.18 -29.73
N MET G 51 -4.98 10.72 -29.84
CA MET G 51 -3.87 11.47 -29.26
C MET G 51 -3.49 12.67 -30.11
N ASP G 52 -3.62 12.55 -31.44
CA ASP G 52 -3.17 13.64 -32.31
C ASP G 52 -4.24 14.69 -32.56
N ARG G 53 -5.31 14.72 -31.78
CA ARG G 53 -6.18 15.89 -31.82
C ARG G 53 -5.76 16.95 -30.82
N GLY G 54 -4.64 16.76 -30.13
CA GLY G 54 -4.11 17.78 -29.25
C GLY G 54 -4.82 17.80 -27.91
N ALA G 55 -4.63 18.92 -27.20
CA ALA G 55 -5.16 19.09 -25.85
C ALA G 55 -6.67 19.06 -25.83
N ASP G 56 -7.30 19.47 -26.93
CA ASP G 56 -8.75 19.54 -27.05
C ASP G 56 -9.42 18.16 -26.94
N ALA G 57 -8.66 17.09 -27.18
CA ALA G 57 -9.17 15.74 -26.95
C ALA G 57 -8.40 15.00 -25.88
N ILE G 58 -7.17 15.42 -25.56
CA ILE G 58 -6.41 14.72 -24.54
C ILE G 58 -6.89 15.08 -23.14
N LEU G 59 -7.19 16.36 -22.87
CA LEU G 59 -7.55 16.78 -21.52
C LEU G 59 -8.84 16.15 -20.96
N PRO G 60 -9.96 16.03 -21.72
CA PRO G 60 -11.08 15.24 -21.17
C PRO G 60 -10.76 13.78 -20.96
N LEU G 61 -9.90 13.20 -21.80
CA LEU G 61 -9.52 11.80 -21.64
C LEU G 61 -8.64 11.62 -20.41
N VAL G 62 -7.79 12.60 -20.11
CA VAL G 62 -6.95 12.54 -18.92
C VAL G 62 -7.81 12.67 -17.65
N GLU G 63 -8.83 13.54 -17.69
CA GLU G 63 -9.73 13.61 -16.54
C GLU G 63 -10.56 12.35 -16.37
N GLU G 64 -10.95 11.72 -17.49
CA GLU G 64 -11.74 10.51 -17.40
C GLU G 64 -10.90 9.34 -16.90
N LEU G 65 -9.62 9.27 -17.29
CA LEU G 65 -8.75 8.23 -16.75
C LEU G 65 -8.36 8.52 -15.31
N ARG G 66 -8.32 9.79 -14.92
CA ARG G 66 -8.09 10.12 -13.51
C ARG G 66 -9.24 9.64 -12.65
N LYS G 67 -10.46 9.68 -13.18
CA LYS G 67 -11.57 9.11 -12.44
C LYS G 67 -11.67 7.59 -12.57
N LEU G 68 -11.06 7.00 -13.61
CA LEU G 68 -11.08 5.55 -13.74
C LEU G 68 -9.97 4.83 -12.99
N LEU G 69 -8.92 5.53 -12.56
CA LEU G 69 -7.86 4.90 -11.78
C LEU G 69 -8.28 4.17 -10.49
N PRO G 70 -9.10 4.73 -9.58
CA PRO G 70 -9.38 3.97 -8.34
C PRO G 70 -10.30 2.76 -8.50
N GLU G 71 -10.71 2.40 -9.71
CA GLU G 71 -11.72 1.37 -9.90
C GLU G 71 -11.19 0.14 -10.61
N HIS G 72 -10.39 0.31 -11.67
CA HIS G 72 -9.89 -0.80 -12.46
C HIS G 72 -8.38 -0.88 -12.30
N ARG G 73 -7.80 -1.91 -12.92
CA ARG G 73 -6.37 -2.13 -12.93
C ARG G 73 -5.93 -2.06 -14.40
N LEU G 74 -5.61 -0.85 -14.87
CA LEU G 74 -5.58 -0.57 -16.29
C LEU G 74 -4.19 -0.77 -16.87
N LEU G 75 -4.16 -1.20 -18.12
CA LEU G 75 -2.99 -1.13 -18.98
C LEU G 75 -3.39 -0.34 -20.22
N ILE G 76 -2.96 0.91 -20.27
CA ILE G 76 -3.33 1.83 -21.34
C ILE G 76 -2.29 1.71 -22.43
N LEU G 77 -2.73 1.41 -23.64
CA LEU G 77 -1.84 1.26 -24.77
C LEU G 77 -2.18 2.35 -25.78
N THR G 78 -1.19 2.87 -26.48
CA THR G 78 -1.40 4.02 -27.34
C THR G 78 -1.10 3.69 -28.79
N GLY G 79 -1.92 4.23 -29.69
CA GLY G 79 -1.75 4.02 -31.10
C GLY G 79 -0.81 5.04 -31.73
N ALA G 80 -0.69 4.95 -33.05
CA ALA G 80 0.37 5.64 -33.77
C ALA G 80 0.00 7.03 -34.25
N GLY G 81 -1.00 7.15 -35.11
CA GLY G 81 -1.39 8.50 -35.49
C GLY G 81 -0.99 8.88 -36.91
N VAL G 82 -0.82 10.19 -37.11
CA VAL G 82 -0.54 10.69 -38.46
C VAL G 82 0.97 10.79 -38.69
N ARG G 83 1.76 10.74 -37.63
CA ARG G 83 3.21 10.75 -37.81
C ARG G 83 3.68 9.44 -38.38
N ALA G 84 2.99 8.34 -38.05
CA ALA G 84 3.26 7.06 -38.71
C ALA G 84 2.88 7.10 -40.18
N ARG G 85 1.86 7.87 -40.54
CA ARG G 85 1.52 8.03 -41.94
C ARG G 85 2.61 8.79 -42.68
N HIS G 86 3.21 9.78 -42.01
CA HIS G 86 4.31 10.50 -42.62
C HIS G 86 5.55 9.64 -42.80
N VAL G 87 5.88 8.81 -41.81
CA VAL G 87 7.09 8.00 -41.96
C VAL G 87 6.84 6.87 -42.95
N PHE G 88 5.58 6.44 -43.11
CA PHE G 88 5.26 5.51 -44.19
C PHE G 88 5.40 6.16 -45.55
N SER G 89 5.00 7.42 -45.68
CA SER G 89 5.10 8.10 -46.97
C SER G 89 6.55 8.34 -47.35
N VAL G 90 7.39 8.70 -46.38
CA VAL G 90 8.81 8.89 -46.63
C VAL G 90 9.48 7.56 -46.95
N GLY G 91 9.13 6.50 -46.21
CA GLY G 91 9.77 5.21 -46.42
C GLY G 91 9.37 4.54 -47.72
N LEU G 92 8.10 4.68 -48.12
CA LEU G 92 7.67 4.13 -49.39
C LEU G 92 8.14 5.00 -50.55
N ASP G 93 8.47 6.27 -50.29
CA ASP G 93 9.14 7.04 -51.34
C ASP G 93 10.56 6.56 -51.54
N LEU G 94 11.23 6.13 -50.48
CA LEU G 94 12.57 5.57 -50.54
C LEU G 94 12.59 4.11 -50.96
N GLY G 95 11.53 3.37 -50.69
CA GLY G 95 11.44 1.99 -51.10
C GLY G 95 11.76 0.97 -50.03
N LEU G 96 11.87 1.39 -48.77
CA LEU G 96 12.25 0.47 -47.70
C LEU G 96 11.11 -0.52 -47.46
N PRO G 97 11.42 -1.78 -47.17
CA PRO G 97 10.39 -2.81 -47.06
C PRO G 97 9.63 -2.71 -45.74
N VAL G 98 8.73 -3.67 -45.54
CA VAL G 98 7.68 -3.54 -44.54
C VAL G 98 8.21 -3.69 -43.12
N GLY G 99 9.21 -4.55 -42.90
CA GLY G 99 9.81 -4.64 -41.58
C GLY G 99 10.80 -3.53 -41.33
N SER G 100 11.15 -2.76 -42.37
CA SER G 100 11.94 -1.56 -42.14
C SER G 100 11.05 -0.42 -41.68
N LEU G 101 9.75 -0.50 -41.98
CA LEU G 101 8.82 0.55 -41.63
C LEU G 101 8.06 0.27 -40.34
N ALA G 102 7.97 -0.99 -39.92
CA ALA G 102 7.27 -1.32 -38.68
C ALA G 102 7.87 -0.70 -37.40
N PRO G 103 9.20 -0.72 -37.15
CA PRO G 103 9.68 -0.05 -35.93
C PRO G 103 9.57 1.46 -35.97
N LEU G 104 9.56 2.06 -37.15
CA LEU G 104 9.52 3.51 -37.24
C LEU G 104 8.14 4.03 -36.89
N ALA G 105 7.11 3.19 -37.04
CA ALA G 105 5.78 3.56 -36.57
C ALA G 105 5.58 3.13 -35.13
N ALA G 106 6.28 2.07 -34.70
CA ALA G 106 6.27 1.69 -33.30
C ALA G 106 6.85 2.80 -32.42
N SER G 107 7.83 3.54 -32.95
CA SER G 107 8.38 4.65 -32.20
CA SER G 107 8.38 4.65 -32.20
C SER G 107 7.37 5.78 -32.01
N GLU G 108 6.54 6.03 -33.01
CA GLU G 108 5.56 7.10 -32.88
C GLU G 108 4.45 6.73 -31.92
N ALA G 109 4.05 5.45 -31.92
CA ALA G 109 3.11 4.97 -30.90
C ALA G 109 3.71 5.09 -29.50
N GLY G 110 5.01 4.83 -29.35
CA GLY G 110 5.63 4.96 -28.05
C GLY G 110 5.73 6.40 -27.58
N GLN G 111 5.89 7.34 -28.52
CA GLN G 111 5.99 8.73 -28.08
C GLN G 111 4.62 9.28 -27.71
N ASN G 112 3.55 8.77 -28.33
CA ASN G 112 2.21 9.06 -27.82
C ASN G 112 2.02 8.49 -26.42
N GLY G 113 2.56 7.30 -26.15
CA GLY G 113 2.51 6.74 -24.81
C GLY G 113 3.24 7.59 -23.78
N HIS G 114 4.40 8.14 -24.15
CA HIS G 114 5.12 9.04 -23.25
C HIS G 114 4.35 10.32 -22.97
N ILE G 115 3.70 10.88 -23.99
CA ILE G 115 2.92 12.11 -23.78
C ILE G 115 1.76 11.87 -22.82
N LEU G 116 1.03 10.77 -23.05
CA LEU G 116 -0.11 10.44 -22.19
C LEU G 116 0.32 10.13 -20.76
N ALA G 117 1.44 9.44 -20.60
CA ALA G 117 1.92 9.13 -19.25
C ALA G 117 2.46 10.37 -18.56
N ALA G 118 3.01 11.32 -19.32
CA ALA G 118 3.45 12.58 -18.73
C ALA G 118 2.26 13.40 -18.26
N MET G 119 1.14 13.31 -18.96
CA MET G 119 -0.09 13.94 -18.48
C MET G 119 -0.63 13.28 -17.22
N LEU G 120 -0.60 11.95 -17.14
CA LEU G 120 -1.09 11.23 -15.96
C LEU G 120 -0.01 11.00 -14.90
N ALA G 121 1.15 11.67 -15.01
CA ALA G 121 2.25 11.47 -14.07
C ALA G 121 1.90 11.89 -12.66
N SER G 122 1.04 12.89 -12.50
CA SER G 122 0.70 13.38 -11.17
C SER G 122 -0.12 12.40 -10.34
N GLU G 123 -0.72 11.40 -10.98
CA GLU G 123 -1.55 10.41 -10.31
C GLU G 123 -0.86 9.08 -10.09
N GLY G 124 0.45 9.00 -10.29
CA GLY G 124 1.20 7.79 -10.10
C GLY G 124 1.26 6.86 -11.30
N VAL G 125 0.96 7.35 -12.49
CA VAL G 125 0.95 6.51 -13.71
C VAL G 125 2.24 6.77 -14.47
N SER G 126 2.92 5.73 -14.91
CA SER G 126 4.19 5.92 -15.62
C SER G 126 4.20 5.10 -16.90
N TYR G 127 5.10 5.38 -17.82
CA TYR G 127 5.19 4.62 -19.08
C TYR G 127 6.09 3.43 -18.82
N VAL G 128 5.76 2.22 -19.26
CA VAL G 128 6.64 1.08 -19.03
C VAL G 128 7.00 0.46 -20.38
N GLU G 129 8.21 -0.10 -20.44
CA GLU G 129 8.73 -0.62 -21.69
C GLU G 129 8.21 -2.02 -21.96
N HIS G 130 8.31 -2.44 -23.23
CA HIS G 130 7.82 -3.75 -23.62
C HIS G 130 8.43 -4.89 -22.82
N PRO G 131 9.72 -4.87 -22.47
CA PRO G 131 10.31 -5.86 -21.59
C PRO G 131 9.70 -5.88 -20.19
N THR G 132 9.33 -4.73 -19.65
CA THR G 132 8.64 -4.69 -18.34
C THR G 132 7.23 -5.24 -18.48
N VAL G 133 6.53 -4.89 -19.55
CA VAL G 133 5.14 -5.35 -19.86
C VAL G 133 5.14 -6.84 -20.19
N ALA G 134 6.14 -7.31 -20.91
CA ALA G 134 6.20 -8.74 -21.23
C ALA G 134 6.50 -9.59 -20.01
N ASP G 135 7.17 -9.05 -18.98
CA ASP G 135 7.58 -9.91 -17.88
C ASP G 135 7.20 -9.44 -16.48
N GLN G 136 6.92 -8.15 -16.25
CA GLN G 136 6.82 -7.58 -14.91
C GLN G 136 5.54 -6.76 -14.74
N LEU G 137 4.49 -7.11 -15.48
CA LEU G 137 3.28 -6.31 -15.44
C LEU G 137 2.54 -6.52 -14.14
N ALA G 138 2.73 -7.69 -13.53
CA ALA G 138 2.12 -7.98 -12.23
C ALA G 138 2.70 -7.12 -11.12
N ILE G 139 4.02 -6.98 -11.08
CA ILE G 139 4.65 -6.14 -10.05
C ILE G 139 4.43 -4.66 -10.34
N HIS G 140 4.39 -4.26 -11.62
CA HIS G 140 4.16 -2.84 -11.90
C HIS G 140 2.71 -2.43 -11.77
N LEU G 141 1.80 -3.40 -11.69
CA LEU G 141 0.44 -3.05 -11.30
C LEU G 141 0.15 -3.33 -9.85
N SER G 142 1.03 -4.05 -9.15
CA SER G 142 0.99 -4.03 -7.69
C SER G 142 1.56 -2.73 -7.13
N ALA G 143 2.45 -2.06 -7.87
CA ALA G 143 2.95 -0.77 -7.41
C ALA G 143 1.88 0.30 -7.49
N THR G 144 1.30 0.52 -8.67
CA THR G 144 0.38 1.62 -8.86
C THR G 144 -0.85 1.14 -9.62
N ARG G 145 -1.78 2.07 -9.84
CA ARG G 145 -3.07 1.72 -10.41
C ARG G 145 -2.99 1.37 -11.89
N ALA G 146 -2.29 2.16 -12.70
CA ALA G 146 -2.16 1.85 -14.11
C ALA G 146 -0.75 2.16 -14.58
N VAL G 147 -0.39 1.50 -15.68
CA VAL G 147 0.83 1.80 -16.42
C VAL G 147 0.45 2.01 -17.88
N VAL G 148 1.21 2.86 -18.55
CA VAL G 148 0.97 3.17 -19.96
C VAL G 148 2.05 2.49 -20.78
N GLY G 149 1.65 1.82 -21.85
CA GLY G 149 2.60 1.16 -22.71
C GLY G 149 2.47 1.65 -24.13
N SER G 150 3.11 0.92 -25.04
CA SER G 150 2.91 1.14 -26.46
C SER G 150 2.15 -0.03 -27.04
N ALA G 151 1.35 0.24 -28.07
CA ALA G 151 0.44 -0.80 -28.51
C ALA G 151 0.96 -1.61 -29.69
N PHE G 152 2.13 -1.31 -30.24
CA PHE G 152 2.58 -2.14 -31.35
C PHE G 152 3.23 -3.40 -30.79
N PRO G 153 3.16 -4.52 -31.51
CA PRO G 153 3.98 -5.65 -31.15
C PRO G 153 5.41 -5.43 -31.62
N PRO G 154 6.41 -5.98 -30.92
CA PRO G 154 7.79 -5.83 -31.30
C PRO G 154 8.08 -6.80 -32.45
N TYR G 155 7.25 -6.83 -33.71
CA TYR G 155 7.48 -7.70 -34.87
C TYR G 155 8.67 -7.15 -35.64
N HIS G 156 8.76 -5.79 -35.73
CA HIS G 156 10.03 -5.16 -36.20
C HIS G 156 10.52 -5.70 -37.51
N HIS G 157 11.84 -6.04 -37.64
CA HIS G 157 12.26 -6.41 -39.00
C HIS G 157 11.75 -7.80 -39.36
N HIS G 158 10.96 -8.42 -38.47
CA HIS G 158 10.41 -9.76 -38.80
C HIS G 158 8.93 -9.67 -39.19
N GLU G 159 8.46 -8.47 -39.55
CA GLU G 159 7.05 -8.25 -39.94
C GLU G 159 6.72 -9.13 -41.15
N PHE G 160 5.51 -9.70 -41.18
CA PHE G 160 5.09 -10.64 -42.21
C PHE G 160 4.97 -9.90 -43.55
N PRO G 161 5.38 -10.52 -44.64
CA PRO G 161 5.37 -9.83 -45.92
C PRO G 161 3.99 -9.86 -46.58
N GLY G 162 3.95 -9.35 -47.80
CA GLY G 162 2.73 -9.39 -48.60
C GLY G 162 2.21 -8.00 -48.93
N SER G 163 2.26 -7.10 -47.96
CA SER G 163 1.88 -5.73 -48.17
C SER G 163 3.06 -4.83 -47.82
N ARG G 164 2.97 -3.57 -48.23
CA ARG G 164 4.03 -2.62 -47.91
C ARG G 164 3.78 -1.88 -46.62
N ILE G 165 2.52 -1.73 -46.22
CA ILE G 165 2.14 -1.16 -44.93
C ILE G 165 2.13 -2.32 -43.93
N PRO G 166 2.69 -2.15 -42.73
CA PRO G 166 2.74 -3.24 -41.74
C PRO G 166 1.36 -3.69 -41.30
N PRO G 167 1.11 -5.00 -41.34
CA PRO G 167 -0.23 -5.49 -40.99
C PRO G 167 -0.48 -5.62 -39.49
N HIS G 168 0.57 -5.76 -38.70
CA HIS G 168 0.44 -5.92 -37.25
C HIS G 168 0.77 -4.58 -36.61
N ARG G 169 -0.22 -3.70 -36.59
CA ARG G 169 -0.23 -2.36 -36.04
C ARG G 169 -0.73 -2.43 -34.59
N ALA G 170 -1.17 -1.28 -34.07
CA ALA G 170 -1.47 -1.12 -32.64
C ALA G 170 -2.58 -2.05 -32.15
N ASP G 171 -3.63 -2.25 -32.96
CA ASP G 171 -4.76 -3.08 -32.54
C ASP G 171 -4.36 -4.54 -32.34
N THR G 172 -3.48 -5.05 -33.19
CA THR G 172 -3.04 -6.42 -33.07
C THR G 172 -2.22 -6.63 -31.81
N GLY G 173 -1.33 -5.69 -31.50
CA GLY G 173 -0.50 -5.84 -30.31
C GLY G 173 -1.28 -5.66 -29.03
N ALA G 174 -2.30 -4.80 -29.06
CA ALA G 174 -3.19 -4.67 -27.91
C ALA G 174 -3.97 -5.95 -27.66
N PHE G 175 -4.49 -6.57 -28.73
CA PHE G 175 -5.21 -7.83 -28.55
C PHE G 175 -4.29 -8.96 -28.12
N LEU G 176 -3.05 -8.95 -28.57
CA LEU G 176 -2.14 -10.04 -28.21
C LEU G 176 -1.67 -9.93 -26.77
N LEU G 177 -1.48 -8.71 -26.25
CA LEU G 177 -1.31 -8.57 -24.80
C LEU G 177 -2.54 -9.03 -24.03
N ALA G 178 -3.73 -8.56 -24.43
CA ALA G 178 -4.93 -8.83 -23.65
C ALA G 178 -5.32 -10.30 -23.72
N ASP G 179 -4.90 -10.99 -24.77
CA ASP G 179 -5.23 -12.40 -24.93
C ASP G 179 -4.12 -13.30 -24.41
N ALA G 180 -2.88 -12.80 -24.36
CA ALA G 180 -1.80 -13.59 -23.78
C ALA G 180 -1.90 -13.61 -22.28
N PHE G 181 -2.20 -12.47 -21.66
CA PHE G 181 -2.43 -12.49 -20.22
C PHE G 181 -3.77 -13.11 -19.86
N GLY G 182 -4.68 -13.23 -20.82
CA GLY G 182 -6.03 -13.64 -20.50
C GLY G 182 -6.74 -12.58 -19.71
N ALA G 183 -6.62 -11.32 -20.13
CA ALA G 183 -7.12 -10.19 -19.36
C ALA G 183 -8.65 -10.15 -19.38
N ALA G 184 -9.20 -9.27 -18.53
CA ALA G 184 -10.65 -9.25 -18.33
C ALA G 184 -11.38 -8.57 -19.48
N GLY G 185 -10.69 -7.76 -20.28
CA GLY G 185 -11.36 -7.10 -21.40
C GLY G 185 -10.37 -6.29 -22.21
N LEU G 186 -10.85 -5.85 -23.37
CA LEU G 186 -10.08 -5.05 -24.31
C LEU G 186 -11.00 -4.01 -24.94
N THR G 187 -10.70 -2.74 -24.72
CA THR G 187 -11.52 -1.64 -25.21
C THR G 187 -10.67 -0.77 -26.11
N ILE G 188 -11.14 -0.55 -27.34
CA ILE G 188 -10.45 0.28 -28.31
C ILE G 188 -11.10 1.65 -28.28
N VAL G 189 -10.31 2.68 -28.04
CA VAL G 189 -10.78 4.06 -28.00
C VAL G 189 -10.53 4.66 -29.38
N GLU G 190 -11.58 5.15 -30.02
CA GLU G 190 -11.53 5.55 -31.41
C GLU G 190 -12.12 6.96 -31.58
N ASN G 191 -11.70 7.66 -32.61
CA ASN G 191 -12.19 9.01 -32.91
C ASN G 191 -13.59 9.01 -33.54
N VAL G 192 -14.16 7.85 -33.84
CA VAL G 192 -15.54 7.74 -34.31
C VAL G 192 -16.28 6.81 -33.35
N ASP G 193 -17.58 6.63 -33.59
CA ASP G 193 -18.42 5.84 -32.70
C ASP G 193 -18.09 4.37 -32.70
N GLY G 194 -17.75 3.81 -33.85
CA GLY G 194 -17.45 2.40 -33.99
C GLY G 194 -17.38 2.04 -35.47
N ILE G 195 -17.35 0.75 -35.73
CA ILE G 195 -17.24 0.24 -37.09
C ILE G 195 -18.56 0.48 -37.82
N TYR G 196 -18.51 1.12 -38.97
CA TYR G 196 -19.70 1.30 -39.78
C TYR G 196 -19.61 0.37 -40.99
N THR G 197 -20.63 0.40 -41.85
CA THR G 197 -20.62 -0.47 -43.02
C THR G 197 -19.76 0.09 -44.14
N ALA G 198 -19.29 1.33 -44.02
CA ALA G 198 -18.36 1.91 -44.96
C ALA G 198 -17.52 2.92 -44.22
N ASP G 199 -16.84 3.76 -44.97
CA ASP G 199 -16.02 4.81 -44.36
C ASP G 199 -16.90 6.01 -44.07
N PRO G 200 -17.09 6.40 -42.81
CA PRO G 200 -17.92 7.57 -42.50
C PRO G 200 -17.29 8.91 -42.82
N ASN G 201 -16.03 8.93 -43.26
CA ASN G 201 -15.36 10.17 -43.60
C ASN G 201 -14.72 10.11 -44.98
N GLY G 202 -15.17 9.17 -45.83
CA GLY G 202 -14.66 9.04 -47.17
C GLY G 202 -15.68 9.44 -48.22
N PRO G 203 -15.46 8.97 -49.46
CA PRO G 203 -16.38 9.34 -50.55
C PRO G 203 -17.77 8.72 -50.43
N ASP G 204 -17.91 7.64 -49.67
CA ASP G 204 -19.21 7.02 -49.42
C ASP G 204 -19.66 7.21 -47.98
N ARG G 205 -19.48 8.43 -47.45
CA ARG G 205 -19.93 8.73 -46.08
C ARG G 205 -21.44 8.79 -45.96
N GLY G 206 -22.17 8.88 -47.07
CA GLY G 206 -23.63 8.89 -46.99
C GLY G 206 -24.21 7.53 -46.64
N GLN G 207 -23.55 6.45 -47.07
CA GLN G 207 -24.05 5.10 -46.88
C GLN G 207 -23.54 4.48 -45.59
N ALA G 208 -22.88 5.25 -44.75
CA ALA G 208 -22.22 4.71 -43.56
C ALA G 208 -23.24 4.43 -42.48
N ARG G 209 -23.49 3.16 -42.20
CA ARG G 209 -24.48 2.73 -41.23
C ARG G 209 -23.80 2.11 -40.03
N PHE G 210 -24.16 2.59 -38.84
CA PHE G 210 -23.55 2.12 -37.60
C PHE G 210 -23.87 0.65 -37.35
N LEU G 211 -22.86 -0.10 -36.92
CA LEU G 211 -23.03 -1.51 -36.58
C LEU G 211 -22.97 -1.65 -35.07
N PRO G 212 -24.11 -1.85 -34.39
CA PRO G 212 -24.06 -2.03 -32.93
C PRO G 212 -23.46 -3.36 -32.53
N GLU G 213 -23.48 -4.35 -33.40
CA GLU G 213 -23.07 -5.69 -33.04
C GLU G 213 -22.56 -6.40 -34.27
N THR G 214 -21.34 -6.93 -34.17
CA THR G 214 -20.73 -7.64 -35.28
C THR G 214 -19.76 -8.67 -34.74
N SER G 215 -19.33 -9.57 -35.62
CA SER G 215 -18.41 -10.64 -35.27
C SER G 215 -17.16 -10.56 -36.14
N ALA G 216 -16.13 -11.30 -35.74
CA ALA G 216 -14.83 -11.16 -36.40
C ALA G 216 -14.83 -11.82 -37.77
N THR G 217 -15.62 -12.87 -37.96
CA THR G 217 -15.65 -13.53 -39.26
C THR G 217 -16.44 -12.72 -40.27
N ASP G 218 -17.49 -12.04 -39.81
CA ASP G 218 -18.28 -11.20 -40.71
C ASP G 218 -17.49 -9.97 -41.17
N LEU G 219 -16.70 -9.39 -40.27
CA LEU G 219 -15.79 -8.33 -40.67
C LEU G 219 -14.64 -8.87 -41.50
N ALA G 220 -14.27 -10.14 -41.28
CA ALA G 220 -13.17 -10.74 -42.02
C ALA G 220 -13.55 -10.99 -43.48
N LYS G 221 -14.82 -11.32 -43.73
CA LYS G 221 -15.26 -11.51 -45.10
C LYS G 221 -15.48 -10.21 -45.86
N SER G 222 -15.44 -9.07 -45.18
CA SER G 222 -15.82 -7.80 -45.79
C SER G 222 -14.64 -7.14 -46.48
N GLU G 223 -14.94 -6.56 -47.65
CA GLU G 223 -14.01 -5.70 -48.35
C GLU G 223 -14.36 -4.25 -48.04
N GLY G 224 -13.36 -3.38 -48.13
CA GLY G 224 -13.52 -2.01 -47.72
C GLY G 224 -12.72 -1.72 -46.47
N PRO G 225 -12.76 -0.48 -46.00
CA PRO G 225 -11.96 -0.12 -44.83
C PRO G 225 -12.57 -0.58 -43.52
N LEU G 226 -11.80 -0.39 -42.47
CA LEU G 226 -12.14 -0.61 -41.08
C LEU G 226 -11.33 0.40 -40.26
N PRO G 227 -11.70 0.65 -39.01
CA PRO G 227 -10.77 1.35 -38.12
C PRO G 227 -9.75 0.44 -37.48
N VAL G 228 -9.85 -0.86 -37.73
CA VAL G 228 -9.02 -1.86 -37.09
C VAL G 228 -8.22 -2.61 -38.15
N ASP G 229 -7.23 -3.37 -37.68
CA ASP G 229 -6.35 -4.08 -38.60
C ASP G 229 -7.07 -5.30 -39.19
N ARG G 230 -6.61 -5.73 -40.36
CA ARG G 230 -7.07 -7.03 -40.85
C ARG G 230 -6.42 -8.17 -40.10
N ALA G 231 -5.23 -7.93 -39.54
CA ALA G 231 -4.58 -8.96 -38.72
C ALA G 231 -5.26 -9.10 -37.37
N LEU G 232 -5.96 -8.05 -36.92
CA LEU G 232 -6.77 -8.15 -35.71
C LEU G 232 -7.85 -9.21 -35.85
N LEU G 233 -8.48 -9.29 -37.03
CA LEU G 233 -9.53 -10.27 -37.22
C LEU G 233 -8.98 -11.68 -37.33
N ASP G 234 -7.76 -11.82 -37.87
CA ASP G 234 -7.11 -13.12 -37.94
C ASP G 234 -6.66 -13.61 -36.57
N VAL G 235 -6.22 -12.70 -35.70
CA VAL G 235 -5.83 -13.18 -34.38
C VAL G 235 -7.03 -13.25 -33.45
N MET G 236 -8.16 -12.65 -33.81
CA MET G 236 -9.41 -12.94 -33.10
C MET G 236 -9.99 -14.28 -33.52
N ALA G 237 -9.77 -14.70 -34.77
CA ALA G 237 -10.27 -15.99 -35.20
C ALA G 237 -9.58 -17.16 -34.51
N THR G 238 -8.37 -16.96 -33.99
CA THR G 238 -7.69 -17.95 -33.15
C THR G 238 -7.47 -17.43 -31.74
N ALA G 239 -8.48 -16.83 -31.12
CA ALA G 239 -8.33 -16.28 -29.79
C ALA G 239 -8.58 -17.35 -28.74
N ARG G 240 -8.18 -17.06 -27.51
CA ARG G 240 -8.26 -18.04 -26.43
C ARG G 240 -9.18 -17.60 -25.30
N HIS G 241 -9.10 -16.35 -24.86
CA HIS G 241 -9.78 -15.93 -23.64
C HIS G 241 -10.70 -14.74 -23.84
N ILE G 242 -10.27 -13.75 -24.64
CA ILE G 242 -11.08 -12.57 -24.89
C ILE G 242 -12.28 -12.96 -25.73
N GLU G 243 -13.47 -12.73 -25.21
CA GLU G 243 -14.70 -13.08 -25.92
C GLU G 243 -15.27 -11.92 -26.71
N ARG G 244 -14.97 -10.68 -26.33
CA ARG G 244 -15.50 -9.52 -27.02
C ARG G 244 -14.54 -8.36 -26.90
N VAL G 245 -14.51 -7.53 -27.94
CA VAL G 245 -13.73 -6.31 -27.98
C VAL G 245 -14.70 -5.20 -28.36
N GLN G 246 -14.65 -4.09 -27.65
CA GLN G 246 -15.64 -3.05 -27.82
C GLN G 246 -15.00 -1.73 -28.26
N VAL G 247 -15.31 -1.32 -29.48
CA VAL G 247 -14.78 -0.10 -30.07
C VAL G 247 -15.69 1.06 -29.67
N VAL G 248 -15.14 2.03 -28.93
CA VAL G 248 -15.94 3.14 -28.43
C VAL G 248 -15.35 4.45 -28.92
N ASN G 249 -16.16 5.50 -28.80
CA ASN G 249 -15.76 6.85 -29.15
C ASN G 249 -15.15 7.49 -27.91
N GLY G 250 -13.91 7.93 -28.02
CA GLY G 250 -13.29 8.65 -26.92
C GLY G 250 -13.36 10.14 -27.01
N LEU G 251 -14.20 10.66 -27.90
CA LEU G 251 -14.45 12.09 -27.94
C LEU G 251 -15.70 12.48 -27.16
N VAL G 252 -16.50 11.51 -26.76
CA VAL G 252 -17.73 11.75 -26.01
C VAL G 252 -17.49 11.32 -24.57
N PRO G 253 -17.67 12.21 -23.59
CA PRO G 253 -17.40 11.83 -22.20
C PRO G 253 -18.45 10.88 -21.65
N GLY G 254 -17.98 9.85 -20.96
CA GLY G 254 -18.85 8.86 -20.38
C GLY G 254 -18.77 7.49 -21.02
N ARG G 255 -18.30 7.40 -22.25
CA ARG G 255 -18.35 6.12 -22.94
C ARG G 255 -17.19 5.19 -22.59
N LEU G 256 -16.05 5.74 -22.19
CA LEU G 256 -14.93 4.87 -21.82
C LEU G 256 -15.18 4.19 -20.48
N THR G 257 -15.71 4.94 -19.52
CA THR G 257 -16.09 4.40 -18.21
C THR G 257 -17.15 3.31 -18.36
N ALA G 258 -18.17 3.61 -19.16
CA ALA G 258 -19.24 2.66 -19.42
C ALA G 258 -18.75 1.45 -20.20
N ALA G 259 -17.76 1.64 -21.06
CA ALA G 259 -17.19 0.51 -21.80
C ALA G 259 -16.39 -0.40 -20.89
N LEU G 260 -15.65 0.19 -19.94
CA LEU G 260 -14.90 -0.61 -19.00
C LEU G 260 -15.79 -1.27 -17.95
N ARG G 261 -17.00 -0.76 -17.74
CA ARG G 261 -17.97 -1.42 -16.87
C ARG G 261 -18.87 -2.39 -17.62
N GLY G 262 -18.70 -2.51 -18.93
CA GLY G 262 -19.42 -3.50 -19.70
C GLY G 262 -20.66 -3.02 -20.42
N GLU G 263 -20.99 -1.74 -20.35
CA GLU G 263 -22.22 -1.24 -20.95
C GLU G 263 -22.05 -1.08 -22.45
N HIS G 264 -23.05 -1.52 -23.21
CA HIS G 264 -22.99 -1.52 -24.67
C HIS G 264 -23.14 -0.08 -25.16
N VAL G 265 -22.00 0.59 -25.36
CA VAL G 265 -21.98 1.98 -25.81
C VAL G 265 -21.39 2.13 -27.21
N GLY G 266 -20.57 1.21 -27.67
CA GLY G 266 -19.99 1.28 -29.00
C GLY G 266 -20.32 0.04 -29.77
N THR G 267 -19.37 -0.43 -30.56
CA THR G 267 -19.52 -1.62 -31.39
C THR G 267 -18.89 -2.81 -30.68
N LEU G 268 -19.70 -3.82 -30.38
CA LEU G 268 -19.21 -5.08 -29.83
C LEU G 268 -18.74 -5.98 -30.96
N ILE G 269 -17.54 -6.53 -30.83
CA ILE G 269 -16.95 -7.39 -31.83
C ILE G 269 -16.73 -8.76 -31.19
N ARG G 270 -17.34 -9.80 -31.76
CA ARG G 270 -17.24 -11.12 -31.18
C ARG G 270 -16.08 -11.90 -31.79
N THR G 271 -15.22 -12.43 -30.93
CA THR G 271 -14.06 -13.17 -31.38
C THR G 271 -14.37 -14.63 -31.70
N GLY G 272 -15.57 -15.10 -31.42
CA GLY G 272 -15.90 -16.49 -31.69
C GLY G 272 -15.31 -17.47 -30.70
N VAL G 273 -15.00 -17.01 -29.49
CA VAL G 273 -14.58 -17.89 -28.39
C VAL G 273 -15.82 -18.20 -27.57
N ARG G 274 -16.19 -19.47 -27.53
CA ARG G 274 -17.49 -19.84 -27.01
C ARG G 274 -17.42 -20.13 -25.52
N PRO G 275 -18.30 -19.53 -24.71
CA PRO G 275 -18.29 -19.79 -23.27
C PRO G 275 -18.91 -21.14 -22.93
N ALA G 276 -18.92 -21.49 -21.65
CA ALA G 276 -19.50 -22.76 -21.22
C ALA G 276 -21.03 -22.65 -21.21
N ASN H 3 0.21 5.84 -60.21
CA ASN H 3 0.41 6.33 -58.86
C ASN H 3 1.66 7.20 -58.77
N SER H 4 1.71 8.04 -57.75
CA SER H 4 2.79 9.01 -57.62
C SER H 4 3.03 9.29 -56.15
N THR H 5 3.86 10.30 -55.90
CA THR H 5 4.09 10.76 -54.53
C THR H 5 2.87 11.50 -54.00
N ALA H 6 2.20 12.26 -54.86
CA ALA H 6 1.08 13.10 -54.44
C ALA H 6 -0.14 12.27 -54.05
N GLU H 7 -0.55 11.34 -54.91
CA GLU H 7 -1.75 10.56 -54.65
C GLU H 7 -1.54 9.60 -53.49
N LEU H 8 -0.37 8.97 -53.41
CA LEU H 8 -0.07 8.10 -52.28
C LEU H 8 0.04 8.89 -50.99
N GLU H 9 0.56 10.13 -51.05
CA GLU H 9 0.63 10.97 -49.86
C GLU H 9 -0.76 11.35 -49.36
N GLU H 10 -1.66 11.69 -50.29
CA GLU H 10 -3.04 11.96 -49.92
C GLU H 10 -3.71 10.75 -49.29
N LEU H 11 -3.60 9.58 -49.94
CA LEU H 11 -4.28 8.38 -49.46
C LEU H 11 -3.73 7.92 -48.12
N LEU H 12 -2.44 8.14 -47.88
CA LEU H 12 -1.89 7.80 -46.57
C LEU H 12 -2.35 8.79 -45.51
N MET H 13 -2.33 10.09 -45.81
CA MET H 13 -2.51 11.06 -44.73
C MET H 13 -3.98 11.39 -44.47
N GLN H 14 -4.91 10.87 -45.29
CA GLN H 14 -6.32 11.02 -44.92
C GLN H 14 -7.22 9.82 -45.22
N ARG H 15 -6.69 8.61 -45.36
CA ARG H 15 -7.50 7.40 -45.36
C ARG H 15 -6.87 6.37 -44.44
N SER H 16 -7.68 5.40 -44.01
CA SER H 16 -7.21 4.38 -43.08
C SER H 16 -6.28 3.41 -43.81
N LEU H 17 -5.34 2.82 -43.06
CA LEU H 17 -4.29 2.00 -43.65
C LEU H 17 -4.80 0.66 -44.15
N THR H 18 -6.00 0.25 -43.74
CA THR H 18 -6.59 -0.97 -44.25
C THR H 18 -7.53 -0.74 -45.42
N ASP H 19 -7.48 0.42 -46.03
CA ASP H 19 -8.28 0.70 -47.22
C ASP H 19 -7.66 -0.02 -48.41
N PRO H 20 -8.44 -0.74 -49.22
CA PRO H 20 -7.87 -1.39 -50.42
C PRO H 20 -7.27 -0.44 -51.44
N GLN H 21 -7.72 0.81 -51.54
CA GLN H 21 -7.09 1.72 -52.48
C GLN H 21 -5.73 2.18 -51.99
N LEU H 22 -5.59 2.35 -50.66
CA LEU H 22 -4.28 2.62 -50.08
C LEU H 22 -3.34 1.45 -50.29
N GLN H 23 -3.84 0.21 -50.18
CA GLN H 23 -2.99 -0.95 -50.37
C GLN H 23 -2.54 -1.06 -51.82
N ALA H 24 -3.45 -0.81 -52.76
CA ALA H 24 -3.10 -0.88 -54.18
C ALA H 24 -2.15 0.26 -54.58
N ALA H 25 -2.25 1.40 -53.90
CA ALA H 25 -1.34 2.49 -54.20
C ALA H 25 0.03 2.28 -53.59
N ALA H 26 0.08 1.74 -52.37
CA ALA H 26 1.35 1.57 -51.70
C ALA H 26 2.11 0.36 -52.21
N ALA H 27 1.41 -0.62 -52.77
CA ALA H 27 2.09 -1.81 -53.29
C ALA H 27 2.62 -1.62 -54.69
N ALA H 28 2.54 -0.41 -55.25
CA ALA H 28 3.08 -0.13 -56.57
C ALA H 28 4.38 0.65 -56.54
N ALA H 29 4.87 1.01 -55.35
CA ALA H 29 6.11 1.76 -55.24
C ALA H 29 7.31 0.86 -55.50
N ALA H 30 8.49 1.46 -55.60
CA ALA H 30 9.68 0.72 -56.00
C ALA H 30 10.20 -0.15 -54.87
N ASP H 31 10.74 -1.32 -55.25
CA ASP H 31 11.33 -2.26 -54.31
C ASP H 31 12.81 -1.91 -54.14
N PHE H 32 13.25 -1.84 -52.89
CA PHE H 32 14.66 -1.58 -52.58
C PHE H 32 15.21 -2.73 -51.77
N ARG H 33 16.35 -3.27 -52.22
CA ARG H 33 16.92 -4.47 -51.66
C ARG H 33 18.14 -4.10 -50.80
N ILE H 34 18.08 -4.45 -49.51
CA ILE H 34 19.08 -3.93 -48.57
C ILE H 34 20.41 -4.68 -48.69
N LEU H 35 20.40 -6.00 -48.62
CA LEU H 35 21.63 -6.80 -48.76
C LEU H 35 21.50 -7.71 -49.97
N PRO H 36 21.82 -7.20 -51.15
CA PRO H 36 21.62 -8.02 -52.36
C PRO H 36 22.61 -9.15 -52.51
N ASP H 37 23.77 -9.04 -51.88
CA ASP H 37 24.85 -10.00 -52.03
C ASP H 37 24.79 -11.13 -51.01
N ALA H 38 24.01 -10.95 -49.95
CA ALA H 38 24.13 -11.82 -48.78
C ALA H 38 23.29 -13.09 -48.94
N THR H 39 23.67 -14.10 -48.16
CA THR H 39 23.05 -15.43 -48.19
C THR H 39 22.84 -15.89 -46.77
N VAL H 40 21.63 -16.31 -46.45
CA VAL H 40 21.27 -16.68 -45.08
C VAL H 40 21.30 -18.20 -44.96
N ILE H 41 21.94 -18.70 -43.90
CA ILE H 41 22.03 -20.11 -43.59
C ILE H 41 21.39 -20.34 -42.23
N LYS H 42 20.50 -21.34 -42.14
CA LYS H 42 19.94 -21.75 -40.87
C LYS H 42 20.59 -23.06 -40.44
N ILE H 43 21.12 -23.09 -39.22
CA ILE H 43 21.77 -24.27 -38.66
C ILE H 43 20.83 -24.85 -37.62
N GLY H 44 20.22 -25.99 -37.95
CA GLY H 44 19.23 -26.58 -37.07
C GLY H 44 19.85 -27.11 -35.78
N GLY H 45 19.16 -26.85 -34.67
CA GLY H 45 19.69 -27.26 -33.38
C GLY H 45 19.64 -28.76 -33.18
N GLN H 46 18.43 -29.33 -33.21
CA GLN H 46 18.25 -30.74 -32.92
C GLN H 46 18.78 -31.60 -34.05
N SER H 47 18.90 -31.03 -35.24
CA SER H 47 19.36 -31.80 -36.38
C SER H 47 20.88 -31.94 -36.39
N VAL H 48 21.60 -30.84 -36.16
CA VAL H 48 23.04 -30.81 -36.33
C VAL H 48 23.76 -30.51 -35.02
N ILE H 49 23.32 -29.47 -34.30
CA ILE H 49 24.12 -28.95 -33.19
C ILE H 49 24.09 -29.90 -32.00
N ASP H 50 22.98 -30.60 -31.81
CA ASP H 50 22.90 -31.53 -30.68
C ASP H 50 23.66 -32.82 -30.95
N ARG H 51 24.24 -32.98 -32.15
CA ARG H 51 25.10 -34.13 -32.40
C ARG H 51 26.46 -33.97 -31.76
N GLY H 52 26.85 -32.74 -31.43
CA GLY H 52 28.10 -32.53 -30.73
C GLY H 52 29.26 -32.17 -31.61
N ARG H 53 30.37 -32.92 -31.51
CA ARG H 53 31.61 -32.46 -32.13
C ARG H 53 31.66 -32.83 -33.60
N ALA H 54 31.27 -34.06 -33.93
CA ALA H 54 31.55 -34.64 -35.25
C ALA H 54 30.61 -34.10 -36.31
N ALA H 55 29.62 -33.29 -35.92
CA ALA H 55 28.74 -32.69 -36.91
C ALA H 55 28.88 -31.17 -36.93
N VAL H 56 29.44 -30.58 -35.88
CA VAL H 56 29.61 -29.14 -35.87
C VAL H 56 30.96 -28.74 -36.43
N TYR H 57 32.02 -29.51 -36.14
CA TYR H 57 33.31 -29.19 -36.73
C TYR H 57 33.39 -29.33 -38.26
N PRO H 58 32.72 -30.28 -38.93
CA PRO H 58 32.63 -30.15 -40.40
C PRO H 58 31.89 -28.91 -40.87
N LEU H 59 30.87 -28.43 -40.15
CA LEU H 59 30.27 -27.16 -40.55
C LEU H 59 31.17 -25.97 -40.27
N VAL H 60 31.97 -26.03 -39.19
CA VAL H 60 32.93 -24.96 -38.95
C VAL H 60 33.97 -24.90 -40.06
N ASP H 61 34.45 -26.07 -40.51
CA ASP H 61 35.37 -26.10 -41.65
C ASP H 61 34.73 -25.58 -42.92
N GLU H 62 33.48 -25.99 -43.20
CA GLU H 62 32.79 -25.54 -44.41
C GLU H 62 32.46 -24.05 -44.37
N ILE H 63 32.11 -23.52 -43.20
CA ILE H 63 31.81 -22.09 -43.08
C ILE H 63 33.07 -21.24 -43.25
N VAL H 64 34.17 -21.63 -42.60
CA VAL H 64 35.41 -20.86 -42.74
C VAL H 64 35.96 -20.97 -44.17
N ALA H 65 35.73 -22.11 -44.82
CA ALA H 65 36.17 -22.23 -46.21
C ALA H 65 35.23 -21.51 -47.17
N ALA H 66 33.97 -21.33 -46.79
CA ALA H 66 32.99 -20.82 -47.74
C ALA H 66 32.79 -19.31 -47.61
N ARG H 67 33.23 -18.72 -46.50
CA ARG H 67 33.11 -17.27 -46.38
C ARG H 67 34.18 -16.54 -47.17
N LYS H 68 35.17 -17.24 -47.72
CA LYS H 68 36.19 -16.59 -48.53
C LYS H 68 35.65 -16.09 -49.86
N ASN H 69 34.50 -16.59 -50.31
CA ASN H 69 33.87 -16.12 -51.53
C ASN H 69 32.50 -15.49 -51.32
N HIS H 70 31.73 -15.90 -50.30
CA HIS H 70 30.33 -15.54 -50.19
C HIS H 70 30.07 -14.85 -48.86
N LYS H 71 29.05 -14.00 -48.84
CA LYS H 71 28.56 -13.40 -47.61
C LYS H 71 27.60 -14.39 -46.96
N LEU H 72 27.69 -14.57 -45.65
CA LEU H 72 26.94 -15.59 -44.95
C LEU H 72 26.37 -15.04 -43.66
N LEU H 73 25.05 -14.99 -43.55
CA LEU H 73 24.39 -14.77 -42.27
CA LEU H 73 24.39 -14.77 -42.27
C LEU H 73 23.95 -16.12 -41.73
N ILE H 74 24.53 -16.53 -40.62
CA ILE H 74 24.37 -17.89 -40.12
C ILE H 74 23.41 -17.88 -38.95
N GLY H 75 22.17 -18.29 -39.20
CA GLY H 75 21.16 -18.42 -38.17
C GLY H 75 21.30 -19.76 -37.46
N THR H 76 20.64 -19.89 -36.32
CA THR H 76 20.83 -21.03 -35.44
C THR H 76 19.51 -21.45 -34.80
N GLY H 77 19.25 -22.76 -34.80
CA GLY H 77 18.03 -23.31 -34.26
C GLY H 77 18.02 -23.44 -32.75
N ALA H 78 17.05 -24.21 -32.25
CA ALA H 78 16.82 -24.34 -30.81
C ALA H 78 17.13 -25.74 -30.30
N GLY H 79 16.49 -26.77 -30.81
CA GLY H 79 16.84 -28.12 -30.41
C GLY H 79 16.08 -28.62 -29.20
N THR H 80 16.65 -29.64 -28.56
CA THR H 80 15.88 -30.48 -27.65
C THR H 80 15.64 -29.82 -26.29
N ARG H 81 16.49 -28.85 -25.90
CA ARG H 81 16.21 -28.12 -24.67
C ARG H 81 14.96 -27.27 -24.80
N ALA H 82 14.70 -26.78 -26.01
CA ALA H 82 13.45 -26.08 -26.27
C ALA H 82 12.26 -27.02 -26.17
N ARG H 83 12.42 -28.28 -26.56
CA ARG H 83 11.32 -29.22 -26.40
C ARG H 83 11.08 -29.53 -24.94
N HIS H 84 12.14 -29.55 -24.11
CA HIS H 84 11.91 -29.77 -22.69
C HIS H 84 11.22 -28.56 -22.06
N LEU H 85 11.59 -27.34 -22.46
CA LEU H 85 10.88 -26.16 -21.98
C LEU H 85 9.43 -26.12 -22.46
N TYR H 86 9.18 -26.54 -23.70
CA TYR H 86 7.82 -26.51 -24.22
C TYR H 86 6.97 -27.55 -23.54
N SER H 87 7.56 -28.70 -23.22
CA SER H 87 6.86 -29.73 -22.46
C SER H 87 6.49 -29.26 -21.07
N ILE H 88 7.46 -28.70 -20.33
CA ILE H 88 7.20 -28.25 -18.96
C ILE H 88 6.17 -27.11 -18.96
N ALA H 89 6.32 -26.14 -19.84
CA ALA H 89 5.43 -24.99 -19.82
C ALA H 89 4.08 -25.30 -20.44
N ALA H 90 4.01 -26.31 -21.29
CA ALA H 90 2.73 -26.72 -21.86
C ALA H 90 1.97 -27.62 -20.91
N GLY H 91 2.69 -28.32 -20.03
CA GLY H 91 2.02 -29.09 -19.00
C GLY H 91 1.37 -28.20 -17.96
N LEU H 92 2.00 -27.06 -17.67
CA LEU H 92 1.40 -26.07 -16.77
C LEU H 92 0.26 -25.30 -17.41
N GLY H 93 0.16 -25.31 -18.74
CA GLY H 93 -0.83 -24.51 -19.39
C GLY H 93 -0.49 -23.05 -19.51
N LEU H 94 0.67 -22.73 -20.02
CA LEU H 94 1.02 -21.34 -20.29
C LEU H 94 0.80 -21.04 -21.77
N PRO H 95 0.44 -19.79 -22.12
CA PRO H 95 0.11 -19.48 -23.51
C PRO H 95 1.33 -19.49 -24.43
N ALA H 96 1.07 -19.21 -25.72
CA ALA H 96 2.10 -19.36 -26.74
C ALA H 96 3.19 -18.31 -26.60
N GLY H 97 2.87 -17.16 -25.98
CA GLY H 97 3.88 -16.14 -25.80
C GLY H 97 4.95 -16.52 -24.80
N VAL H 98 4.55 -17.18 -23.72
CA VAL H 98 5.51 -17.60 -22.71
C VAL H 98 6.45 -18.66 -23.28
N LEU H 99 5.92 -19.57 -24.11
CA LEU H 99 6.77 -20.58 -24.73
C LEU H 99 7.67 -19.98 -25.80
N ALA H 100 7.24 -18.91 -26.46
CA ALA H 100 8.13 -18.22 -27.38
C ALA H 100 9.30 -17.57 -26.65
N GLN H 101 9.02 -16.96 -25.49
CA GLN H 101 10.08 -16.42 -24.66
C GLN H 101 11.02 -17.51 -24.16
N LEU H 102 10.51 -18.71 -23.93
CA LEU H 102 11.37 -19.78 -23.44
C LEU H 102 12.22 -20.38 -24.56
N GLY H 103 11.72 -20.36 -25.80
CA GLY H 103 12.51 -20.90 -26.90
C GLY H 103 13.60 -19.97 -27.39
N SER H 104 13.40 -18.65 -27.22
CA SER H 104 14.40 -17.68 -27.63
C SER H 104 15.73 -17.86 -26.91
N SER H 105 15.68 -18.26 -25.64
CA SER H 105 16.91 -18.40 -24.88
C SER H 105 17.72 -19.61 -25.30
N VAL H 106 17.06 -20.69 -25.72
CA VAL H 106 17.79 -21.85 -26.19
C VAL H 106 18.43 -21.56 -27.55
N ALA H 107 17.74 -20.76 -28.38
CA ALA H 107 18.37 -20.30 -29.61
C ALA H 107 19.60 -19.43 -29.34
N ASP H 108 19.52 -18.58 -28.31
CA ASP H 108 20.66 -17.75 -27.91
C ASP H 108 21.84 -18.60 -27.44
N GLN H 109 21.56 -19.67 -26.67
CA GLN H 109 22.62 -20.56 -26.19
C GLN H 109 23.34 -21.26 -27.33
N ASN H 110 22.58 -21.81 -28.29
CA ASN H 110 23.23 -22.51 -29.39
C ASN H 110 24.00 -21.56 -30.29
N ALA H 111 23.50 -20.33 -30.46
CA ALA H 111 24.26 -19.33 -31.21
C ALA H 111 25.52 -18.94 -30.48
N ALA H 112 25.49 -18.95 -29.15
CA ALA H 112 26.68 -18.61 -28.37
C ALA H 112 27.75 -19.69 -28.50
N MET H 113 27.36 -20.96 -28.45
CA MET H 113 28.34 -22.04 -28.65
C MET H 113 28.92 -22.02 -30.05
N LEU H 114 28.06 -21.83 -31.07
CA LEU H 114 28.52 -21.75 -32.45
C LEU H 114 29.46 -20.56 -32.66
N GLY H 115 29.19 -19.45 -31.99
CA GLY H 115 30.03 -18.28 -32.17
C GLY H 115 31.35 -18.38 -31.44
N GLN H 116 31.40 -19.10 -30.32
CA GLN H 116 32.70 -19.32 -29.70
C GLN H 116 33.52 -20.34 -30.48
N LEU H 117 32.86 -21.25 -31.18
CA LEU H 117 33.61 -22.10 -32.09
C LEU H 117 34.08 -21.37 -33.35
N LEU H 118 33.40 -20.29 -33.73
CA LEU H 118 33.81 -19.53 -34.92
C LEU H 118 34.57 -18.25 -34.63
N ALA H 119 34.77 -17.88 -33.35
CA ALA H 119 35.30 -16.56 -33.05
C ALA H 119 36.80 -16.45 -33.30
N LYS H 120 37.53 -17.57 -33.25
CA LYS H 120 38.95 -17.44 -33.50
C LYS H 120 39.27 -17.30 -34.98
N HIS H 121 38.31 -17.58 -35.86
CA HIS H 121 38.45 -17.34 -37.29
C HIS H 121 37.91 -15.98 -37.71
N GLY H 122 37.32 -15.24 -36.79
CA GLY H 122 36.93 -13.87 -37.07
C GLY H 122 35.45 -13.62 -37.24
N ILE H 123 34.60 -14.61 -37.02
CA ILE H 123 33.17 -14.49 -37.28
C ILE H 123 32.47 -14.17 -35.96
N PRO H 124 31.87 -13.00 -35.81
CA PRO H 124 31.25 -12.63 -34.53
C PRO H 124 29.78 -13.02 -34.44
N VAL H 125 29.31 -13.14 -33.22
CA VAL H 125 27.88 -13.19 -32.93
C VAL H 125 27.37 -11.76 -32.87
N VAL H 126 26.33 -11.48 -33.65
CA VAL H 126 25.81 -10.13 -33.75
C VAL H 126 24.36 -10.09 -33.29
N GLY H 127 24.00 -8.97 -32.69
CA GLY H 127 22.61 -8.62 -32.49
C GLY H 127 22.32 -7.40 -33.35
N GLY H 128 21.37 -7.55 -34.27
CA GLY H 128 21.35 -6.66 -35.41
C GLY H 128 22.15 -7.26 -36.53
N ALA H 129 21.68 -8.41 -37.01
CA ALA H 129 22.44 -9.19 -37.99
C ALA H 129 22.45 -8.53 -39.36
N GLY H 130 21.29 -8.08 -39.85
CA GLY H 130 21.24 -7.57 -41.20
C GLY H 130 21.81 -6.17 -41.35
N LEU H 131 21.82 -5.38 -40.27
CA LEU H 131 22.36 -4.04 -40.33
C LEU H 131 23.77 -3.96 -39.75
N SER H 132 24.46 -5.08 -39.69
CA SER H 132 25.84 -5.14 -39.21
C SER H 132 26.75 -4.94 -40.42
N ALA H 133 27.09 -3.68 -40.68
CA ALA H 133 27.68 -3.32 -41.96
C ALA H 133 29.16 -3.65 -42.02
N VAL H 134 29.89 -3.39 -40.94
CA VAL H 134 31.35 -3.51 -40.92
C VAL H 134 31.83 -4.95 -41.09
N PRO H 135 31.33 -5.98 -40.37
CA PRO H 135 31.86 -7.32 -40.63
C PRO H 135 31.34 -7.96 -41.90
N LEU H 136 30.23 -7.45 -42.45
CA LEU H 136 29.76 -7.95 -43.74
C LEU H 136 30.42 -7.22 -44.90
N SER H 137 31.14 -6.13 -44.65
CA SER H 137 31.81 -5.39 -45.71
C SER H 137 33.29 -5.69 -45.81
N LEU H 138 33.83 -6.50 -44.89
CA LEU H 138 35.23 -6.87 -44.90
C LEU H 138 35.39 -8.25 -45.50
N ALA H 139 36.40 -8.43 -46.36
CA ALA H 139 36.75 -9.75 -46.84
C ALA H 139 37.41 -10.58 -45.75
N GLU H 140 37.98 -9.92 -44.74
CA GLU H 140 38.60 -10.62 -43.63
C GLU H 140 37.59 -11.26 -42.69
N VAL H 141 36.32 -10.84 -42.73
CA VAL H 141 35.33 -11.41 -41.83
C VAL H 141 34.22 -12.08 -42.62
N ASN H 142 33.47 -11.27 -43.38
CA ASN H 142 32.57 -11.68 -44.46
C ASN H 142 31.41 -12.56 -43.99
N ALA H 143 31.17 -12.70 -42.69
CA ALA H 143 30.14 -13.59 -42.18
C ALA H 143 29.78 -13.20 -40.75
N VAL H 144 28.55 -13.51 -40.35
CA VAL H 144 28.07 -13.24 -39.00
C VAL H 144 27.27 -14.44 -38.50
N VAL H 145 26.95 -14.42 -37.21
CA VAL H 145 26.17 -15.47 -36.54
C VAL H 145 25.07 -14.79 -35.74
N PHE H 146 23.85 -15.32 -35.82
CA PHE H 146 22.73 -14.76 -35.08
C PHE H 146 21.80 -15.86 -34.62
N SER H 147 20.92 -15.54 -33.68
CA SER H 147 19.97 -16.51 -33.15
C SER H 147 18.72 -16.50 -34.00
N GLY H 148 18.16 -17.68 -34.24
CA GLY H 148 17.12 -17.83 -35.23
C GLY H 148 15.72 -17.39 -34.86
N MET H 149 15.41 -17.21 -33.57
CA MET H 149 14.05 -16.94 -33.14
C MET H 149 13.60 -15.52 -33.51
N PRO H 150 12.33 -15.36 -33.88
CA PRO H 150 11.77 -14.04 -34.15
C PRO H 150 11.56 -13.25 -32.86
N PRO H 151 11.36 -11.92 -32.95
CA PRO H 151 11.19 -11.12 -31.73
C PRO H 151 9.80 -11.13 -31.16
N TYR H 152 8.95 -12.03 -31.65
CA TYR H 152 7.52 -11.96 -31.30
C TYR H 152 7.32 -12.08 -29.81
N LYS H 153 8.06 -12.96 -29.12
CA LYS H 153 7.97 -13.03 -27.64
C LYS H 153 6.54 -13.26 -27.22
N LEU H 154 6.01 -12.43 -26.33
CA LEU H 154 4.62 -12.57 -25.84
C LEU H 154 3.56 -12.23 -26.89
N TRP H 155 3.87 -11.43 -27.91
CA TRP H 155 2.95 -11.07 -28.96
C TRP H 155 2.90 -12.11 -30.05
N MET H 156 3.25 -13.35 -29.74
CA MET H 156 3.25 -14.43 -30.70
C MET H 156 1.84 -14.75 -31.14
N ARG H 157 1.64 -14.80 -32.45
CA ARG H 157 0.36 -15.20 -32.99
CA ARG H 157 0.36 -15.20 -32.99
C ARG H 157 0.11 -16.67 -32.65
N PRO H 158 -0.94 -16.98 -31.92
CA PRO H 158 -1.15 -18.37 -31.49
C PRO H 158 -1.58 -19.24 -32.65
N ALA H 159 -1.30 -20.53 -32.52
CA ALA H 159 -1.75 -21.49 -33.50
C ALA H 159 -3.24 -21.74 -33.33
N ALA H 160 -3.83 -22.42 -34.31
CA ALA H 160 -5.25 -22.72 -34.24
C ALA H 160 -5.55 -23.74 -33.15
N GLU H 161 -4.59 -24.58 -32.80
CA GLU H 161 -4.73 -25.55 -31.73
C GLU H 161 -3.45 -25.63 -30.92
N GLY H 162 -3.58 -25.53 -29.60
CA GLY H 162 -2.45 -25.79 -28.72
C GLY H 162 -1.71 -24.53 -28.29
N VAL H 163 -0.63 -24.75 -27.55
CA VAL H 163 0.16 -23.68 -26.97
C VAL H 163 1.58 -23.65 -27.53
N ILE H 164 1.84 -24.35 -28.62
CA ILE H 164 3.17 -24.34 -29.23
C ILE H 164 3.30 -23.10 -30.12
N PRO H 165 4.42 -22.38 -30.06
CA PRO H 165 4.61 -21.24 -30.95
C PRO H 165 4.81 -21.70 -32.38
N PRO H 166 3.98 -21.20 -33.32
CA PRO H 166 4.15 -21.63 -34.71
C PRO H 166 5.31 -20.97 -35.44
N TYR H 167 5.80 -19.82 -34.96
CA TYR H 167 6.87 -19.10 -35.63
C TYR H 167 8.12 -19.24 -34.77
N ARG H 168 9.02 -20.11 -35.22
CA ARG H 168 10.25 -20.40 -34.50
C ARG H 168 11.39 -20.14 -35.46
N THR H 169 12.57 -20.69 -35.19
CA THR H 169 13.83 -20.38 -35.87
C THR H 169 13.75 -20.46 -37.40
N ASP H 170 12.91 -21.34 -37.96
CA ASP H 170 12.70 -21.40 -39.39
C ASP H 170 12.08 -20.12 -39.92
N ALA H 171 10.97 -19.70 -39.31
CA ALA H 171 10.30 -18.47 -39.73
C ALA H 171 11.15 -17.23 -39.44
N GLY H 172 11.93 -17.27 -38.36
CA GLY H 172 12.80 -16.14 -38.05
C GLY H 172 13.90 -15.94 -39.08
N CYS H 173 14.60 -17.02 -39.40
CA CYS H 173 15.67 -16.92 -40.41
C CYS H 173 15.11 -16.62 -41.79
N PHE H 174 13.91 -17.12 -42.09
CA PHE H 174 13.31 -16.82 -43.40
C PHE H 174 12.87 -15.37 -43.49
N LEU H 175 12.33 -14.81 -42.42
CA LEU H 175 11.92 -13.41 -42.50
C LEU H 175 13.11 -12.47 -42.46
N LEU H 176 14.24 -12.90 -41.91
CA LEU H 176 15.45 -12.09 -42.07
C LEU H 176 15.94 -12.14 -43.51
N ALA H 177 15.89 -13.32 -44.15
CA ALA H 177 16.29 -13.45 -45.55
C ALA H 177 15.37 -12.67 -46.47
N GLU H 178 14.10 -12.54 -46.09
CA GLU H 178 13.13 -11.81 -46.90
C GLU H 178 13.20 -10.31 -46.66
N GLN H 179 13.39 -9.90 -45.40
CA GLN H 179 13.49 -8.48 -45.07
C GLN H 179 14.75 -7.84 -45.63
N PHE H 180 15.88 -8.48 -45.46
CA PHE H 180 17.12 -7.84 -45.88
C PHE H 180 17.50 -8.18 -47.31
N GLY H 181 16.56 -8.68 -48.11
CA GLY H 181 16.74 -8.89 -49.54
C GLY H 181 17.85 -9.85 -49.92
N CYS H 182 18.13 -10.83 -49.07
CA CYS H 182 19.25 -11.73 -49.30
C CYS H 182 18.96 -12.64 -50.48
N LYS H 183 20.00 -12.94 -51.25
CA LYS H 183 19.76 -13.54 -52.56
C LYS H 183 19.48 -15.03 -52.49
N GLN H 184 19.63 -15.67 -51.32
CA GLN H 184 19.45 -17.11 -51.22
C GLN H 184 19.18 -17.48 -49.78
N MET H 185 18.28 -18.44 -49.58
CA MET H 185 18.02 -19.03 -48.28
C MET H 185 18.41 -20.50 -48.33
N ILE H 186 19.13 -20.96 -47.33
CA ILE H 186 19.48 -22.37 -47.17
C ILE H 186 19.19 -22.79 -45.75
N PHE H 187 18.39 -23.84 -45.60
CA PHE H 187 18.17 -24.50 -44.32
C PHE H 187 19.08 -25.72 -44.25
N VAL H 188 19.95 -25.77 -43.26
CA VAL H 188 20.88 -26.88 -43.11
C VAL H 188 20.34 -27.82 -42.04
N LYS H 189 19.92 -29.00 -42.46
CA LYS H 189 19.30 -29.98 -41.57
C LYS H 189 20.05 -31.30 -41.69
N ASP H 190 19.55 -32.35 -41.05
CA ASP H 190 20.26 -33.63 -41.00
C ASP H 190 19.70 -34.67 -41.96
N GLU H 191 18.55 -34.41 -42.56
CA GLU H 191 17.98 -35.35 -43.51
C GLU H 191 18.20 -34.82 -44.92
N ASP H 192 18.47 -35.74 -45.83
CA ASP H 192 18.83 -35.40 -47.20
C ASP H 192 17.58 -34.92 -47.95
N GLY H 193 17.23 -33.68 -47.69
CA GLY H 193 16.10 -33.04 -48.33
C GLY H 193 14.81 -33.29 -47.58
N LEU H 194 13.71 -33.09 -48.31
CA LEU H 194 12.36 -33.34 -47.83
C LEU H 194 11.90 -34.69 -48.33
N TYR H 195 11.37 -35.50 -47.42
CA TYR H 195 10.74 -36.75 -47.81
C TYR H 195 9.23 -36.62 -47.75
N THR H 196 8.53 -37.63 -48.26
CA THR H 196 7.08 -37.63 -48.19
C THR H 196 6.59 -37.86 -46.77
N ALA H 197 7.33 -38.64 -45.99
CA ALA H 197 7.01 -38.88 -44.59
C ALA H 197 8.28 -38.70 -43.77
N ASN H 198 8.14 -38.82 -42.45
CA ASN H 198 9.25 -38.71 -41.51
C ASN H 198 10.22 -39.86 -41.74
N PRO H 199 11.48 -39.61 -42.13
CA PRO H 199 12.40 -40.73 -42.35
C PRO H 199 12.97 -41.30 -41.08
N LYS H 200 12.88 -40.57 -39.96
CA LYS H 200 13.29 -41.15 -38.69
C LYS H 200 12.28 -42.20 -38.22
N THR H 201 11.00 -41.97 -38.52
CA THR H 201 9.93 -42.86 -38.09
C THR H 201 9.48 -43.82 -39.20
N SER H 202 9.01 -43.30 -40.33
CA SER H 202 8.51 -44.17 -41.39
C SER H 202 9.69 -44.74 -42.15
N LYS H 203 9.54 -45.97 -42.63
CA LYS H 203 10.67 -46.69 -43.21
C LYS H 203 10.66 -46.62 -44.73
N ASP H 204 9.56 -46.16 -45.31
CA ASP H 204 9.42 -46.05 -46.76
C ASP H 204 8.96 -44.64 -47.14
N ALA H 205 9.92 -43.72 -47.23
CA ALA H 205 9.66 -42.32 -47.50
C ALA H 205 10.49 -41.89 -48.70
N THR H 206 9.83 -41.55 -49.80
CA THR H 206 10.54 -41.20 -51.01
C THR H 206 10.98 -39.75 -50.98
N PHE H 207 12.10 -39.48 -51.67
CA PHE H 207 12.70 -38.16 -51.75
C PHE H 207 12.13 -37.40 -52.95
N ILE H 208 11.76 -36.14 -52.71
CA ILE H 208 11.21 -35.27 -53.73
C ILE H 208 12.23 -34.17 -54.04
N PRO H 209 12.67 -34.04 -55.29
CA PRO H 209 13.79 -33.13 -55.57
C PRO H 209 13.39 -31.67 -55.61
N ARG H 210 12.20 -31.36 -56.11
CA ARG H 210 11.71 -30.00 -56.15
C ARG H 210 10.19 -30.02 -56.12
N ILE H 211 9.62 -29.19 -55.26
CA ILE H 211 8.18 -29.13 -55.08
C ILE H 211 7.80 -27.68 -54.80
N SER H 212 6.66 -27.25 -55.33
CA SER H 212 6.16 -25.93 -55.01
C SER H 212 5.42 -25.95 -53.69
N VAL H 213 4.93 -24.78 -53.27
CA VAL H 213 4.15 -24.73 -52.04
C VAL H 213 2.78 -25.35 -52.25
N ASP H 214 2.17 -25.09 -53.40
CA ASP H 214 0.82 -25.60 -53.66
C ASP H 214 0.80 -27.11 -53.87
N GLU H 215 1.83 -27.67 -54.52
CA GLU H 215 1.94 -29.11 -54.62
C GLU H 215 2.23 -29.73 -53.25
N MET H 216 2.82 -28.96 -52.34
CA MET H 216 3.15 -29.49 -51.03
C MET H 216 1.91 -29.56 -50.15
N LYS H 217 1.07 -28.52 -50.21
CA LYS H 217 -0.14 -28.52 -49.40
C LYS H 217 -1.21 -29.40 -50.04
N ALA H 218 -1.15 -29.58 -51.36
CA ALA H 218 -2.02 -30.55 -52.02
C ALA H 218 -1.58 -31.98 -51.74
N LYS H 219 -0.30 -32.17 -51.38
CA LYS H 219 0.17 -33.49 -50.96
C LYS H 219 -0.38 -33.83 -49.57
N GLY H 220 -0.44 -32.85 -48.69
CA GLY H 220 -1.03 -33.06 -47.37
C GLY H 220 -0.20 -33.91 -46.43
N LEU H 221 1.12 -33.78 -46.50
CA LEU H 221 1.99 -34.52 -45.60
C LEU H 221 1.88 -33.96 -44.19
N HIS H 222 2.07 -34.82 -43.19
CA HIS H 222 1.66 -34.50 -41.84
C HIS H 222 2.71 -33.69 -41.10
N ASP H 223 3.98 -33.97 -41.34
CA ASP H 223 5.07 -33.15 -40.86
C ASP H 223 6.13 -33.00 -41.95
N SER H 224 6.78 -31.84 -41.98
CA SER H 224 7.80 -31.58 -42.98
C SER H 224 9.06 -31.07 -42.30
N ILE H 225 10.14 -31.02 -43.07
CA ILE H 225 11.43 -30.57 -42.54
C ILE H 225 11.45 -29.07 -42.34
N LEU H 226 10.52 -28.33 -42.93
CA LEU H 226 10.26 -26.95 -42.59
C LEU H 226 8.89 -26.82 -41.96
N GLU H 227 8.65 -25.68 -41.35
CA GLU H 227 7.37 -25.43 -40.68
C GLU H 227 6.30 -25.16 -41.71
N PHE H 228 5.05 -25.43 -41.34
CA PHE H 228 3.93 -25.09 -42.21
C PHE H 228 3.59 -23.59 -42.29
N PRO H 229 3.75 -22.75 -41.25
CA PRO H 229 3.63 -21.30 -41.50
C PRO H 229 4.72 -20.70 -42.38
N VAL H 230 5.88 -21.34 -42.48
CA VAL H 230 6.95 -20.86 -43.35
C VAL H 230 6.54 -20.97 -44.82
N LEU H 231 5.65 -21.91 -45.13
CA LEU H 231 5.12 -22.01 -46.49
C LEU H 231 4.23 -20.81 -46.83
N ASP H 232 3.40 -20.40 -45.90
CA ASP H 232 2.55 -19.24 -46.12
C ASP H 232 3.37 -17.96 -46.19
N LEU H 233 4.43 -17.87 -45.38
CA LEU H 233 5.34 -16.74 -45.49
C LEU H 233 6.13 -16.78 -46.79
N LEU H 234 6.34 -17.97 -47.34
CA LEU H 234 7.05 -18.09 -48.61
C LEU H 234 6.18 -17.68 -49.77
N GLN H 235 4.89 -18.01 -49.74
CA GLN H 235 3.97 -17.47 -50.75
C GLN H 235 3.80 -15.98 -50.60
N SER H 236 3.73 -15.47 -49.37
CA SER H 236 3.53 -14.04 -49.15
C SER H 236 4.80 -13.22 -49.39
N ALA H 237 5.91 -13.86 -49.76
CA ALA H 237 7.20 -13.18 -49.78
C ALA H 237 7.35 -12.33 -51.03
N GLN H 238 8.12 -11.24 -50.89
CA GLN H 238 8.35 -10.31 -51.98
CA GLN H 238 8.35 -10.31 -51.98
C GLN H 238 9.66 -10.56 -52.70
N HIS H 239 10.76 -10.72 -51.97
CA HIS H 239 12.09 -10.81 -52.56
C HIS H 239 12.51 -12.24 -52.83
N VAL H 240 12.54 -13.08 -51.80
CA VAL H 240 12.96 -14.47 -51.91
C VAL H 240 11.77 -15.28 -52.39
N ARG H 241 11.94 -16.09 -53.43
CA ARG H 241 10.86 -16.92 -53.94
C ARG H 241 11.13 -18.41 -53.79
N GLU H 242 12.31 -18.81 -53.34
CA GLU H 242 12.60 -20.23 -53.21
C GLU H 242 13.63 -20.46 -52.11
N VAL H 243 13.44 -21.54 -51.37
CA VAL H 243 14.35 -21.93 -50.30
C VAL H 243 14.86 -23.32 -50.59
N GLN H 244 16.02 -23.65 -50.02
CA GLN H 244 16.64 -24.95 -50.25
C GLN H 244 17.02 -25.58 -48.93
N VAL H 245 16.75 -26.88 -48.81
CA VAL H 245 17.05 -27.63 -47.60
C VAL H 245 18.11 -28.67 -47.95
N VAL H 246 19.31 -28.53 -47.39
CA VAL H 246 20.43 -29.39 -47.72
C VAL H 246 20.80 -30.22 -46.50
N ASN H 247 21.53 -31.30 -46.77
CA ASN H 247 21.98 -32.21 -45.72
C ASN H 247 23.35 -31.74 -45.26
N GLY H 248 23.46 -31.36 -43.99
CA GLY H 248 24.73 -30.90 -43.49
C GLY H 248 25.67 -32.03 -43.11
N LEU H 249 25.12 -33.24 -42.91
CA LEU H 249 25.94 -34.32 -42.39
C LEU H 249 26.82 -34.98 -43.43
N VAL H 250 26.63 -34.66 -44.70
CA VAL H 250 27.52 -35.08 -45.77
C VAL H 250 28.54 -33.97 -45.99
N PRO H 251 29.84 -34.26 -45.93
CA PRO H 251 30.83 -33.19 -46.12
C PRO H 251 30.88 -32.74 -47.57
N GLY H 252 30.47 -31.49 -47.79
CA GLY H 252 30.52 -30.90 -49.12
C GLY H 252 29.20 -30.45 -49.70
N ASN H 253 28.10 -30.59 -48.97
CA ASN H 253 26.82 -30.09 -49.50
C ASN H 253 26.62 -28.60 -49.28
N LEU H 254 27.17 -28.03 -48.20
CA LEU H 254 27.01 -26.59 -48.02
C LEU H 254 27.83 -25.81 -49.03
N THR H 255 29.02 -26.31 -49.35
CA THR H 255 29.90 -25.64 -50.30
C THR H 255 29.29 -25.65 -51.70
N ARG H 256 28.70 -26.76 -52.11
CA ARG H 256 28.07 -26.82 -53.42
C ARG H 256 26.62 -26.32 -53.36
N ALA H 257 26.11 -26.04 -52.17
CA ALA H 257 24.80 -25.43 -52.05
C ALA H 257 24.89 -23.92 -52.19
N LEU H 258 25.97 -23.33 -51.69
CA LEU H 258 26.16 -21.89 -51.79
C LEU H 258 26.55 -21.49 -53.21
N ALA H 259 27.22 -22.37 -53.94
CA ALA H 259 27.72 -22.02 -55.27
C ALA H 259 26.58 -21.92 -56.28
N GLY H 260 25.47 -22.60 -56.02
CA GLY H 260 24.30 -22.51 -56.87
C GLY H 260 23.85 -23.82 -57.46
N GLU H 261 24.37 -24.96 -57.02
CA GLU H 261 23.94 -26.23 -57.58
C GLU H 261 22.65 -26.68 -56.93
N HIS H 262 22.20 -27.88 -57.32
CA HIS H 262 20.99 -28.49 -56.77
C HIS H 262 21.38 -29.67 -55.91
N VAL H 263 21.53 -29.43 -54.62
CA VAL H 263 21.63 -30.49 -53.62
C VAL H 263 20.47 -30.32 -52.66
N GLY H 264 19.99 -31.44 -52.12
CA GLY H 264 18.80 -31.39 -51.31
C GLY H 264 17.58 -31.08 -52.16
N THR H 265 16.61 -30.40 -51.55
CA THR H 265 15.36 -30.09 -52.24
C THR H 265 15.16 -28.58 -52.27
N ILE H 266 14.46 -28.11 -53.29
CA ILE H 266 14.13 -26.69 -53.42
C ILE H 266 12.62 -26.54 -53.32
N ILE H 267 12.17 -25.61 -52.48
CA ILE H 267 10.76 -25.33 -52.27
C ILE H 267 10.46 -23.97 -52.88
N THR H 268 9.81 -23.96 -54.04
CA THR H 268 9.50 -22.74 -54.76
C THR H 268 8.17 -22.18 -54.27
N ALA H 269 8.07 -20.85 -54.27
CA ALA H 269 6.82 -20.22 -53.85
C ALA H 269 5.74 -20.36 -54.92
N SER H 270 6.15 -20.46 -56.18
CA SER H 270 5.21 -20.63 -57.27
C SER H 270 5.39 -21.98 -57.93
N ASN I 6 10.81 17.48 -56.03
CA ASN I 6 11.39 17.18 -54.73
C ASN I 6 10.95 18.17 -53.65
N SER I 7 9.66 18.46 -53.59
CA SER I 7 9.12 19.34 -52.58
C SER I 7 9.02 18.60 -51.24
N ILE I 8 9.17 19.36 -50.15
CA ILE I 8 9.17 18.79 -48.81
C ILE I 8 7.78 18.32 -48.40
N LYS I 9 7.73 17.12 -47.83
CA LYS I 9 6.49 16.53 -47.35
C LYS I 9 6.34 16.85 -45.86
N HIS I 10 5.21 17.42 -45.49
CA HIS I 10 4.98 17.90 -44.15
C HIS I 10 3.98 17.04 -43.39
N VAL I 11 3.96 17.22 -42.07
CA VAL I 11 2.79 16.94 -41.26
C VAL I 11 2.09 18.22 -40.85
N ILE I 12 0.83 18.42 -41.22
CA ILE I 12 0.19 19.72 -40.96
C ILE I 12 -0.07 19.87 -39.47
N SER I 13 0.30 21.04 -38.93
CA SER I 13 0.37 21.35 -37.52
C SER I 13 0.60 22.85 -37.41
N PRO I 14 0.49 23.46 -36.22
CA PRO I 14 0.93 24.87 -36.08
C PRO I 14 2.40 25.11 -36.36
N LEU I 15 3.30 24.24 -35.91
CA LEU I 15 4.72 24.44 -36.12
C LEU I 15 5.18 23.95 -37.49
N ALA I 16 4.26 23.48 -38.33
CA ALA I 16 4.63 23.02 -39.66
C ALA I 16 5.08 24.20 -40.51
N ARG I 17 6.01 23.91 -41.42
CA ARG I 17 6.53 24.85 -42.41
C ARG I 17 7.26 26.04 -41.76
N GLN I 18 8.07 25.76 -40.74
CA GLN I 18 8.89 26.81 -40.15
C GLN I 18 10.09 26.20 -39.44
N THR I 19 11.20 26.93 -39.46
CA THR I 19 12.25 26.70 -38.51
C THR I 19 11.84 27.24 -37.16
N LEU I 20 12.44 26.72 -36.11
CA LEU I 20 11.97 27.02 -34.76
C LEU I 20 12.80 28.07 -34.06
N GLN I 21 13.38 29.02 -34.79
CA GLN I 21 14.20 30.03 -34.16
C GLN I 21 13.50 31.38 -34.15
N ASP I 22 12.53 31.56 -35.04
CA ASP I 22 11.79 32.82 -35.07
C ASP I 22 10.81 32.82 -33.91
N ARG I 23 11.00 33.75 -32.98
CA ARG I 23 10.30 33.69 -31.71
C ARG I 23 8.86 34.20 -31.85
N ASP I 24 8.65 35.16 -32.75
CA ASP I 24 7.31 35.71 -32.96
C ASP I 24 6.37 34.66 -33.57
N LEU I 25 6.92 33.71 -34.31
CA LEU I 25 6.08 32.70 -34.95
C LEU I 25 5.95 31.47 -34.07
N THR I 26 6.62 31.45 -32.93
CA THR I 26 6.54 30.31 -32.03
C THR I 26 5.69 30.65 -30.81
N ARG I 27 5.71 31.91 -30.39
CA ARG I 27 4.88 32.34 -29.26
C ARG I 27 3.36 32.17 -29.38
N PRO I 28 2.71 32.11 -30.56
CA PRO I 28 1.29 31.71 -30.55
C PRO I 28 1.02 30.29 -30.09
N VAL I 29 1.99 29.40 -30.18
CA VAL I 29 1.79 28.02 -29.76
C VAL I 29 2.65 27.66 -28.55
N ALA I 30 3.88 28.16 -28.47
CA ALA I 30 4.78 27.85 -27.36
C ALA I 30 5.23 29.15 -26.71
N GLY I 31 4.42 29.64 -25.79
CA GLY I 31 4.77 30.84 -25.04
C GLY I 31 4.29 30.79 -23.61
N LYS I 32 3.88 29.61 -23.16
CA LYS I 32 3.15 29.48 -21.91
C LYS I 32 3.92 28.61 -20.92
N ARG I 33 3.75 28.91 -19.63
CA ARG I 33 4.34 28.14 -18.54
C ARG I 33 3.73 26.74 -18.53
N PRO I 34 4.56 25.71 -18.49
CA PRO I 34 4.05 24.34 -18.56
C PRO I 34 3.43 23.91 -17.24
N ILE I 35 2.88 22.70 -17.26
CA ILE I 35 2.29 22.18 -16.04
C ILE I 35 3.36 21.50 -15.20
N ARG I 36 3.15 21.53 -13.89
CA ARG I 36 3.99 20.81 -12.93
C ARG I 36 3.71 19.33 -13.08
N LEU I 37 4.72 18.54 -13.46
CA LEU I 37 4.51 17.10 -13.66
C LEU I 37 4.29 16.38 -12.34
N LEU I 38 5.24 16.46 -11.41
CA LEU I 38 5.11 15.86 -10.09
C LEU I 38 5.18 16.97 -9.05
N PRO I 39 4.09 17.71 -8.83
CA PRO I 39 4.15 18.85 -7.90
C PRO I 39 4.23 18.46 -6.44
N TRP I 40 3.98 17.20 -6.09
CA TRP I 40 4.12 16.70 -4.74
C TRP I 40 5.52 16.18 -4.41
N LEU I 41 6.54 16.61 -5.14
CA LEU I 41 7.87 16.05 -5.00
C LEU I 41 8.78 17.00 -4.24
N GLN I 42 9.56 16.44 -3.32
CA GLN I 42 10.64 17.17 -2.65
C GLN I 42 11.96 16.60 -3.15
N VAL I 43 12.83 17.46 -3.66
CA VAL I 43 14.09 17.05 -4.24
C VAL I 43 15.22 17.56 -3.36
N VAL I 44 16.08 16.65 -2.92
CA VAL I 44 17.19 16.95 -2.02
C VAL I 44 18.47 16.60 -2.75
N LYS I 45 19.40 17.54 -2.80
CA LYS I 45 20.74 17.27 -3.30
C LYS I 45 21.71 17.21 -2.13
N ILE I 46 22.43 16.11 -2.02
CA ILE I 46 23.45 15.93 -0.99
C ILE I 46 24.77 16.35 -1.62
N GLY I 47 25.65 16.93 -0.83
CA GLY I 47 26.97 17.25 -1.36
C GLY I 47 27.82 16.00 -1.50
N GLY I 48 28.83 16.09 -2.36
CA GLY I 48 29.81 15.03 -2.42
C GLY I 48 30.78 15.09 -1.27
N ARG I 49 30.96 16.26 -0.69
CA ARG I 49 31.78 16.39 0.50
C ARG I 49 30.99 16.11 1.78
N VAL I 50 29.66 16.08 1.68
CA VAL I 50 28.88 15.51 2.78
C VAL I 50 29.05 13.99 2.79
N MET I 51 29.13 13.38 1.61
CA MET I 51 29.29 11.94 1.52
C MET I 51 30.72 11.52 1.81
N ASP I 52 31.69 12.33 1.42
CA ASP I 52 33.09 11.93 1.58
C ASP I 52 33.68 12.30 2.94
N ARG I 53 32.86 12.64 3.92
CA ARG I 53 33.37 12.70 5.28
C ARG I 53 33.24 11.37 6.00
N GLY I 54 32.79 10.33 5.32
CA GLY I 54 32.75 9.01 5.91
C GLY I 54 31.54 8.81 6.81
N ALA I 55 31.63 7.76 7.64
CA ALA I 55 30.53 7.38 8.52
C ALA I 55 30.21 8.45 9.54
N ASP I 56 31.21 9.26 9.91
CA ASP I 56 31.06 10.32 10.91
C ASP I 56 30.08 11.40 10.47
N ALA I 57 29.83 11.52 9.17
CA ALA I 57 28.79 12.42 8.68
C ALA I 57 27.65 11.69 7.98
N ILE I 58 27.87 10.46 7.53
CA ILE I 58 26.80 9.74 6.84
C ILE I 58 25.77 9.20 7.82
N LEU I 59 26.22 8.64 8.97
CA LEU I 59 25.28 8.01 9.90
C LEU I 59 24.25 8.94 10.53
N PRO I 60 24.57 10.18 10.97
CA PRO I 60 23.47 11.08 11.38
C PRO I 60 22.55 11.47 10.24
N LEU I 61 23.07 11.57 9.01
CA LEU I 61 22.24 11.91 7.88
C LEU I 61 21.30 10.75 7.52
N VAL I 62 21.78 9.52 7.69
CA VAL I 62 20.94 8.35 7.44
C VAL I 62 19.83 8.24 8.49
N GLU I 63 20.15 8.56 9.75
CA GLU I 63 19.09 8.58 10.76
C GLU I 63 18.08 9.71 10.52
N GLU I 64 18.56 10.86 10.05
CA GLU I 64 17.66 11.96 9.79
C GLU I 64 16.76 11.70 8.59
N LEU I 65 17.29 11.03 7.56
CA LEU I 65 16.45 10.64 6.43
C LEU I 65 15.51 9.50 6.79
N ARG I 66 15.91 8.64 7.73
CA ARG I 66 15.01 7.60 8.22
C ARG I 66 13.82 8.22 8.94
N LYS I 67 14.04 9.33 9.64
CA LYS I 67 12.91 10.01 10.23
C LYS I 67 12.15 10.90 9.24
N LEU I 68 12.77 11.29 8.12
CA LEU I 68 12.07 12.09 7.12
C LEU I 68 11.27 11.27 6.11
N LEU I 69 11.52 9.97 6.00
CA LEU I 69 10.74 9.13 5.08
C LEU I 69 9.21 9.13 5.28
N PRO I 70 8.62 8.98 6.47
CA PRO I 70 7.15 8.92 6.53
C PRO I 70 6.43 10.24 6.30
N GLU I 71 7.14 11.32 5.99
CA GLU I 71 6.52 12.64 5.92
C GLU I 71 6.50 13.23 4.52
N HIS I 72 7.61 13.12 3.78
CA HIS I 72 7.72 13.72 2.45
C HIS I 72 7.83 12.61 1.41
N ARG I 73 7.88 13.01 0.15
CA ARG I 73 8.04 12.11 -0.97
C ARG I 73 9.34 12.51 -1.66
N LEU I 74 10.46 11.93 -1.21
CA LEU I 74 11.78 12.49 -1.47
C LEU I 74 12.39 11.91 -2.73
N LEU I 75 13.17 12.73 -3.42
CA LEU I 75 14.12 12.30 -4.43
C LEU I 75 15.49 12.82 -3.99
N ILE I 76 16.31 11.93 -3.46
CA ILE I 76 17.62 12.28 -2.92
C ILE I 76 18.64 12.16 -4.02
N LEU I 77 19.36 13.23 -4.29
CA LEU I 77 20.36 13.25 -5.34
C LEU I 77 21.71 13.48 -4.68
N THR I 78 22.76 12.87 -5.22
CA THR I 78 24.06 12.89 -4.56
C THR I 78 25.10 13.58 -5.43
N GLY I 79 25.97 14.34 -4.78
CA GLY I 79 27.03 15.05 -5.45
C GLY I 79 28.28 14.19 -5.60
N ALA I 80 29.32 14.82 -6.14
CA ALA I 80 30.49 14.11 -6.62
C ALA I 80 31.58 13.92 -5.58
N GLY I 81 32.16 15.01 -5.08
CA GLY I 81 33.14 14.82 -4.02
C GLY I 81 34.57 15.07 -4.47
N VAL I 82 35.50 14.40 -3.77
CA VAL I 82 36.92 14.64 -4.02
C VAL I 82 37.46 13.65 -5.05
N ARG I 83 36.72 12.57 -5.31
CA ARG I 83 37.15 11.63 -6.34
C ARG I 83 36.97 12.23 -7.71
N ALA I 84 35.96 13.10 -7.88
CA ALA I 84 35.83 13.86 -9.11
C ALA I 84 36.96 14.85 -9.27
N ARG I 85 37.49 15.38 -8.17
CA ARG I 85 38.64 16.26 -8.25
C ARG I 85 39.87 15.49 -8.71
N HIS I 86 39.99 14.24 -8.25
CA HIS I 86 41.11 13.40 -8.70
C HIS I 86 41.01 13.06 -10.18
N VAL I 87 39.81 12.72 -10.65
CA VAL I 87 39.71 12.34 -12.07
C VAL I 87 39.83 13.58 -12.95
N PHE I 88 39.48 14.76 -12.43
CA PHE I 88 39.77 16.00 -13.16
C PHE I 88 41.26 16.26 -13.22
N SER I 89 42.00 15.99 -12.14
CA SER I 89 43.44 16.24 -12.14
C SER I 89 44.15 15.30 -13.09
N VAL I 90 43.73 14.03 -13.12
CA VAL I 90 44.31 13.05 -14.05
C VAL I 90 43.96 13.40 -15.48
N GLY I 91 42.70 13.79 -15.73
CA GLY I 91 42.28 14.08 -17.09
C GLY I 91 42.87 15.35 -17.66
N LEU I 92 43.03 16.37 -16.82
CA LEU I 92 43.67 17.60 -17.28
C LEU I 92 45.18 17.44 -17.37
N ASP I 93 45.74 16.45 -16.66
CA ASP I 93 47.15 16.12 -16.91
C ASP I 93 47.31 15.46 -18.27
N LEU I 94 46.34 14.65 -18.69
CA LEU I 94 46.34 14.01 -19.99
C LEU I 94 45.87 14.92 -21.11
N GLY I 95 45.03 15.91 -20.80
CA GLY I 95 44.58 16.86 -21.78
C GLY I 95 43.20 16.59 -22.36
N LEU I 96 42.44 15.67 -21.78
CA LEU I 96 41.14 15.31 -22.33
C LEU I 96 40.17 16.48 -22.16
N PRO I 97 39.30 16.73 -23.12
CA PRO I 97 38.44 17.92 -23.07
C PRO I 97 37.28 17.74 -22.10
N VAL I 98 36.41 18.75 -22.06
CA VAL I 98 35.47 18.92 -20.96
C VAL I 98 34.35 17.88 -20.99
N GLY I 99 33.88 17.50 -22.18
CA GLY I 99 32.89 16.44 -22.25
C GLY I 99 33.49 15.06 -22.11
N SER I 100 34.82 14.97 -22.15
CA SER I 100 35.46 13.71 -21.81
C SER I 100 35.54 13.54 -20.31
N LEU I 101 35.50 14.65 -19.57
CA LEU I 101 35.62 14.62 -18.12
C LEU I 101 34.28 14.63 -17.41
N ALA I 102 33.21 15.10 -18.07
CA ALA I 102 31.90 15.13 -17.43
C ALA I 102 31.33 13.76 -17.05
N PRO I 103 31.37 12.69 -17.88
CA PRO I 103 30.85 11.40 -17.40
C PRO I 103 31.70 10.76 -16.33
N LEU I 104 32.99 11.07 -16.27
CA LEU I 104 33.86 10.44 -15.30
C LEU I 104 33.61 10.98 -13.91
N ALA I 105 33.07 12.19 -13.82
CA ALA I 105 32.63 12.72 -12.52
C ALA I 105 31.18 12.33 -12.24
N ALA I 106 30.39 12.15 -13.30
CA ALA I 106 29.04 11.62 -13.13
C ALA I 106 29.06 10.23 -12.52
N SER I 107 30.09 9.44 -12.85
CA SER I 107 30.21 8.12 -12.26
CA SER I 107 30.21 8.12 -12.26
C SER I 107 30.48 8.19 -10.77
N GLU I 108 31.28 9.15 -10.33
CA GLU I 108 31.58 9.26 -8.91
C GLU I 108 30.39 9.75 -8.11
N ALA I 109 29.60 10.65 -8.69
CA ALA I 109 28.33 11.03 -8.07
C ALA I 109 27.38 9.84 -7.97
N GLY I 110 27.36 8.98 -8.99
CA GLY I 110 26.50 7.81 -8.93
C GLY I 110 26.94 6.80 -7.89
N GLN I 111 28.25 6.69 -7.66
CA GLN I 111 28.70 5.72 -6.67
C GLN I 111 28.44 6.23 -5.25
N ASN I 112 28.45 7.55 -5.06
CA ASN I 112 27.94 8.10 -3.80
C ASN I 112 26.46 7.81 -3.62
N GLY I 113 25.69 7.88 -4.71
CA GLY I 113 24.28 7.49 -4.64
C GLY I 113 24.06 6.04 -4.27
N HIS I 114 24.89 5.14 -4.80
CA HIS I 114 24.79 3.72 -4.42
C HIS I 114 25.13 3.50 -2.96
N ILE I 115 26.15 4.20 -2.44
CA ILE I 115 26.52 4.04 -1.02
C ILE I 115 25.39 4.50 -0.11
N LEU I 116 24.82 5.67 -0.41
CA LEU I 116 23.72 6.20 0.40
C LEU I 116 22.48 5.32 0.33
N ALA I 117 22.18 4.79 -0.85
CA ALA I 117 21.01 3.92 -0.97
C ALA I 117 21.24 2.58 -0.31
N ALA I 118 22.50 2.11 -0.27
CA ALA I 118 22.79 0.88 0.44
C ALA I 118 22.65 1.07 1.95
N MET I 119 22.95 2.27 2.44
CA MET I 119 22.68 2.59 3.84
C MET I 119 21.19 2.65 4.14
N LEU I 120 20.39 3.25 3.26
CA LEU I 120 18.95 3.34 3.46
C LEU I 120 18.17 2.16 2.89
N ALA I 121 18.85 1.06 2.52
CA ALA I 121 18.19 -0.09 1.91
C ALA I 121 17.22 -0.77 2.86
N SER I 122 17.48 -0.73 4.16
CA SER I 122 16.62 -1.41 5.13
C SER I 122 15.24 -0.77 5.27
N GLU I 123 15.08 0.47 4.82
CA GLU I 123 13.84 1.20 4.93
C GLU I 123 13.05 1.27 3.63
N GLY I 124 13.42 0.47 2.63
CA GLY I 124 12.73 0.45 1.35
C GLY I 124 13.19 1.47 0.34
N VAL I 125 14.37 2.05 0.52
CA VAL I 125 14.88 3.09 -0.41
C VAL I 125 15.89 2.42 -1.33
N SER I 126 15.80 2.69 -2.63
CA SER I 126 16.72 2.05 -3.59
C SER I 126 17.30 3.10 -4.52
N TYR I 127 18.37 2.79 -5.22
CA TYR I 127 18.98 3.73 -6.17
C TYR I 127 18.28 3.56 -7.50
N VAL I 128 17.89 4.61 -8.21
CA VAL I 128 17.25 4.43 -9.50
C VAL I 128 18.06 5.15 -10.57
N GLU I 129 18.03 4.61 -11.78
CA GLU I 129 18.85 5.13 -12.85
C GLU I 129 18.18 6.33 -13.53
N HIS I 130 19.00 7.11 -14.26
CA HIS I 130 18.49 8.30 -14.92
C HIS I 130 17.32 8.02 -15.86
N PRO I 131 17.30 6.92 -16.61
CA PRO I 131 16.15 6.54 -17.41
C PRO I 131 14.89 6.27 -16.60
N THR I 132 15.02 5.70 -15.40
CA THR I 132 13.86 5.50 -14.52
C THR I 132 13.39 6.83 -13.97
N VAL I 133 14.31 7.71 -13.58
CA VAL I 133 14.05 9.08 -13.03
C VAL I 133 13.49 9.98 -14.13
N ALA I 134 13.99 9.86 -15.35
CA ALA I 134 13.47 10.68 -16.43
C ALA I 134 12.06 10.27 -16.84
N ASP I 135 11.66 9.02 -16.63
CA ASP I 135 10.38 8.58 -17.15
C ASP I 135 9.43 7.91 -16.16
N GLN I 136 9.91 7.36 -15.03
CA GLN I 136 9.13 6.47 -14.18
C GLN I 136 9.20 6.89 -12.72
N LEU I 137 9.40 8.17 -12.45
CA LEU I 137 9.58 8.63 -11.09
C LEU I 137 8.27 8.58 -10.33
N ALA I 138 7.16 8.72 -11.06
CA ALA I 138 5.84 8.64 -10.45
C ALA I 138 5.53 7.24 -9.94
N ILE I 139 5.83 6.20 -10.73
CA ILE I 139 5.59 4.83 -10.29
C ILE I 139 6.61 4.41 -9.23
N HIS I 140 7.85 4.89 -9.32
CA HIS I 140 8.83 4.48 -8.31
C HIS I 140 8.66 5.25 -7.00
N LEU I 141 7.90 6.34 -7.00
CA LEU I 141 7.52 6.92 -5.73
C LEU I 141 6.12 6.53 -5.30
N SER I 142 5.32 5.90 -6.16
CA SER I 142 4.15 5.18 -5.67
C SER I 142 4.53 3.85 -5.03
N ALA I 143 5.68 3.28 -5.40
CA ALA I 143 6.12 2.05 -4.74
C ALA I 143 6.58 2.33 -3.32
N THR I 144 7.54 3.23 -3.14
CA THR I 144 8.14 3.43 -1.83
C THR I 144 8.26 4.92 -1.54
N ARG I 145 8.77 5.24 -0.36
CA ARG I 145 8.78 6.61 0.11
C ARG I 145 9.80 7.47 -0.61
N ALA I 146 11.03 6.99 -0.80
CA ALA I 146 12.01 7.77 -1.53
C ALA I 146 12.84 6.88 -2.42
N VAL I 147 13.43 7.49 -3.44
CA VAL I 147 14.42 6.86 -4.29
C VAL I 147 15.65 7.76 -4.33
N VAL I 148 16.82 7.16 -4.47
CA VAL I 148 18.07 7.88 -4.53
C VAL I 148 18.57 7.86 -5.97
N GLY I 149 18.97 9.03 -6.46
CA GLY I 149 19.49 9.11 -7.81
C GLY I 149 20.89 9.70 -7.82
N SER I 150 21.33 10.06 -9.01
CA SER I 150 22.57 10.80 -9.16
C SER I 150 22.24 12.22 -9.60
N ALA I 151 23.06 13.17 -9.19
CA ALA I 151 22.67 14.55 -9.39
C ALA I 151 23.27 15.18 -10.63
N PHE I 152 24.11 14.48 -11.40
CA PHE I 152 24.62 15.14 -12.59
C PHE I 152 23.59 15.02 -13.71
N PRO I 153 23.53 15.97 -14.63
CA PRO I 153 22.78 15.77 -15.83
C PRO I 153 23.56 14.90 -16.80
N PRO I 154 22.86 14.10 -17.64
CA PRO I 154 23.53 13.24 -18.59
C PRO I 154 23.97 14.09 -19.79
N TYR I 155 24.81 15.34 -19.61
CA TYR I 155 25.31 16.19 -20.70
C TYR I 155 26.46 15.47 -21.37
N HIS I 156 27.31 14.78 -20.55
CA HIS I 156 28.29 13.81 -21.14
C HIS I 156 29.13 14.39 -22.23
N HIS I 157 29.31 13.70 -23.39
CA HIS I 157 30.28 14.27 -24.33
C HIS I 157 29.69 15.49 -25.03
N HIS I 158 28.48 15.91 -24.63
CA HIS I 158 27.90 17.12 -25.25
C HIS I 158 27.97 18.32 -24.31
N GLU I 159 28.84 18.25 -23.30
CA GLU I 159 29.03 19.33 -22.29
C GLU I 159 29.44 20.62 -23.03
N PHE I 160 28.91 21.76 -22.59
CA PHE I 160 29.14 23.05 -23.24
C PHE I 160 30.60 23.45 -23.08
N PRO I 161 31.22 24.02 -24.09
CA PRO I 161 32.65 24.34 -24.01
C PRO I 161 32.89 25.66 -23.28
N GLY I 162 34.16 26.07 -23.28
CA GLY I 162 34.54 27.34 -22.72
C GLY I 162 35.48 27.20 -21.55
N SER I 163 35.20 26.24 -20.68
CA SER I 163 36.08 25.92 -19.57
C SER I 163 36.53 24.48 -19.66
N ARG I 164 37.54 24.13 -18.87
CA ARG I 164 38.00 22.75 -18.88
C ARG I 164 37.34 21.90 -17.81
N ILE I 165 36.86 22.52 -16.74
CA ILE I 165 36.05 21.86 -15.72
C ILE I 165 34.60 21.93 -16.18
N PRO I 166 33.84 20.83 -16.08
CA PRO I 166 32.43 20.84 -16.55
C PRO I 166 31.56 21.82 -15.79
N PRO I 167 30.82 22.65 -16.50
CA PRO I 167 29.99 23.67 -15.82
C PRO I 167 28.68 23.15 -15.28
N HIS I 168 28.16 22.08 -15.86
CA HIS I 168 26.87 21.50 -15.44
C HIS I 168 27.16 20.29 -14.58
N ARG I 169 27.45 20.54 -13.31
CA ARG I 169 27.75 19.61 -12.24
C ARG I 169 26.45 19.26 -11.51
N ALA I 170 26.58 18.75 -10.28
CA ALA I 170 25.46 18.16 -9.54
C ALA I 170 24.34 19.15 -9.26
N ASP I 171 24.67 20.40 -8.93
CA ASP I 171 23.65 21.40 -8.59
C ASP I 171 22.76 21.73 -9.77
N THR I 172 23.33 21.78 -10.97
CA THR I 172 22.54 22.09 -12.16
C THR I 172 21.57 20.97 -12.46
N GLY I 173 22.01 19.72 -12.36
CA GLY I 173 21.14 18.61 -12.66
C GLY I 173 20.05 18.42 -11.63
N ALA I 174 20.35 18.74 -10.36
CA ALA I 174 19.33 18.72 -9.33
C ALA I 174 18.26 19.77 -9.58
N PHE I 175 18.68 20.98 -9.97
CA PHE I 175 17.70 22.03 -10.26
C PHE I 175 16.90 21.71 -11.51
N LEU I 176 17.51 21.06 -12.49
CA LEU I 176 16.78 20.77 -13.72
C LEU I 176 15.77 19.64 -13.54
N LEU I 177 16.07 18.65 -12.70
CA LEU I 177 15.00 17.74 -12.28
C LEU I 177 13.89 18.44 -11.52
N ALA I 178 14.25 19.24 -10.52
CA ALA I 178 13.23 19.83 -9.64
C ALA I 178 12.40 20.87 -10.39
N ASP I 179 12.93 21.44 -11.46
CA ASP I 179 12.22 22.45 -12.22
C ASP I 179 11.51 21.84 -13.42
N ALA I 180 11.99 20.69 -13.92
CA ALA I 180 11.29 20.02 -15.00
C ALA I 180 10.04 19.34 -14.49
N PHE I 181 10.12 18.69 -13.34
CA PHE I 181 8.91 18.13 -12.77
C PHE I 181 8.01 19.20 -12.16
N GLY I 182 8.54 20.39 -11.91
CA GLY I 182 7.80 21.38 -11.17
C GLY I 182 7.62 20.96 -9.73
N ALA I 183 8.68 20.47 -9.11
CA ALA I 183 8.58 19.88 -7.78
C ALA I 183 8.34 20.95 -6.72
N ALA I 184 8.03 20.48 -5.51
CA ALA I 184 7.61 21.38 -4.44
C ALA I 184 8.78 22.14 -3.83
N GLY I 185 10.00 21.67 -4.00
CA GLY I 185 11.14 22.38 -3.45
C GLY I 185 12.45 21.70 -3.81
N LEU I 186 13.53 22.42 -3.55
CA LEU I 186 14.89 21.95 -3.81
C LEU I 186 15.80 22.41 -2.68
N THR I 187 16.39 21.46 -1.97
CA THR I 187 17.24 21.74 -0.83
C THR I 187 18.62 21.17 -1.09
N ILE I 188 19.63 22.02 -1.00
CA ILE I 188 21.02 21.62 -1.20
C ILE I 188 21.64 21.40 0.16
N VAL I 189 22.17 20.20 0.39
CA VAL I 189 22.81 19.85 1.64
C VAL I 189 24.30 20.07 1.46
N GLU I 190 24.90 20.89 2.32
CA GLU I 190 26.26 21.37 2.13
C GLU I 190 27.06 21.18 3.42
N ASN I 191 28.38 21.06 3.30
CA ASN I 191 29.26 20.90 4.44
C ASN I 191 29.51 22.19 5.21
N VAL I 192 29.00 23.33 4.73
CA VAL I 192 29.04 24.60 5.45
C VAL I 192 27.61 25.09 5.62
N ASP I 193 27.46 26.22 6.31
CA ASP I 193 26.14 26.75 6.63
C ASP I 193 25.38 27.25 5.41
N GLY I 194 26.07 27.86 4.46
CA GLY I 194 25.45 28.42 3.27
C GLY I 194 26.46 29.29 2.55
N ILE I 195 25.95 30.03 1.58
CA ILE I 195 26.79 30.90 0.76
C ILE I 195 27.25 32.08 1.59
N TYR I 196 28.55 32.32 1.64
CA TYR I 196 29.08 33.49 2.33
C TYR I 196 29.55 34.50 1.28
N THR I 197 30.07 35.63 1.74
CA THR I 197 30.53 36.64 0.80
C THR I 197 31.91 36.34 0.26
N ALA I 198 32.59 35.33 0.80
CA ALA I 198 33.86 34.87 0.27
C ALA I 198 33.98 33.40 0.60
N ASP I 199 35.20 32.88 0.48
CA ASP I 199 35.43 31.49 0.80
C ASP I 199 35.71 31.36 2.29
N PRO I 200 34.87 30.67 3.06
CA PRO I 200 35.11 30.52 4.50
C PRO I 200 36.24 29.58 4.86
N ASN I 201 36.85 28.90 3.90
CA ASN I 201 37.94 27.98 4.17
C ASN I 201 39.14 28.27 3.27
N GLY I 202 39.22 29.47 2.71
CA GLY I 202 40.33 29.86 1.86
C GLY I 202 41.21 30.91 2.50
N PRO I 203 41.98 31.62 1.67
CA PRO I 203 42.89 32.65 2.21
C PRO I 203 42.19 33.86 2.79
N ASP I 204 40.95 34.12 2.39
CA ASP I 204 40.14 35.21 2.93
C ASP I 204 39.01 34.70 3.80
N ARG I 205 39.29 33.71 4.66
CA ARG I 205 38.26 33.19 5.56
C ARG I 205 37.91 34.16 6.67
N GLY I 206 38.72 35.21 6.89
CA GLY I 206 38.38 36.19 7.91
C GLY I 206 37.23 37.10 7.50
N GLN I 207 37.11 37.39 6.21
CA GLN I 207 36.10 38.30 5.70
C GLN I 207 34.81 37.59 5.32
N ALA I 208 34.68 36.31 5.64
CA ALA I 208 33.55 35.51 5.19
C ALA I 208 32.33 35.82 6.03
N ARG I 209 31.35 36.49 5.43
CA ARG I 209 30.13 36.90 6.10
C ARG I 209 28.94 36.11 5.58
N PHE I 210 28.18 35.53 6.50
CA PHE I 210 27.03 34.71 6.15
C PHE I 210 25.96 35.53 5.46
N LEU I 211 25.38 34.96 4.40
CA LEU I 211 24.29 35.60 3.68
C LEU I 211 23.00 34.85 4.00
N PRO I 212 22.12 35.41 4.84
CA PRO I 212 20.85 34.73 5.12
C PRO I 212 19.90 34.75 3.95
N GLU I 213 20.05 35.70 3.04
CA GLU I 213 19.09 35.88 1.97
C GLU I 213 19.79 36.49 0.78
N THR I 214 19.64 35.85 -0.37
CA THR I 214 20.27 36.32 -1.59
C THR I 214 19.44 35.87 -2.78
N SER I 215 19.73 36.45 -3.94
CA SER I 215 19.03 36.15 -5.18
C SER I 215 20.01 35.68 -6.24
N ALA I 216 19.47 35.10 -7.31
CA ALA I 216 20.33 34.45 -8.30
C ALA I 216 21.07 35.47 -9.15
N THR I 217 20.48 36.65 -9.38
CA THR I 217 21.16 37.65 -10.19
C THR I 217 22.28 38.33 -9.41
N ASP I 218 22.09 38.49 -8.10
CA ASP I 218 23.13 39.10 -7.27
C ASP I 218 24.33 38.17 -7.13
N LEU I 219 24.09 36.87 -7.01
CA LEU I 219 25.17 35.90 -7.04
C LEU I 219 25.76 35.79 -8.43
N ALA I 220 24.96 36.03 -9.47
CA ALA I 220 25.43 35.92 -10.84
C ALA I 220 26.40 37.06 -11.18
N LYS I 221 26.17 38.24 -10.61
CA LYS I 221 27.08 39.35 -10.85
C LYS I 221 28.38 39.25 -10.06
N SER I 222 28.48 38.31 -9.12
CA SER I 222 29.60 38.27 -8.20
C SER I 222 30.76 37.46 -8.76
N GLU I 223 31.96 37.98 -8.53
CA GLU I 223 33.20 37.25 -8.79
C GLU I 223 33.68 36.63 -7.49
N GLY I 224 34.43 35.54 -7.62
CA GLY I 224 34.84 34.78 -6.47
C GLY I 224 34.14 33.43 -6.44
N PRO I 225 34.44 32.61 -5.45
CA PRO I 225 33.85 31.27 -5.40
C PRO I 225 32.42 31.27 -4.90
N LEU I 226 31.82 30.09 -4.98
CA LEU I 226 30.51 29.73 -4.47
C LEU I 226 30.57 28.26 -4.10
N PRO I 227 29.63 27.75 -3.32
CA PRO I 227 29.48 26.30 -3.21
C PRO I 227 28.65 25.70 -4.32
N VAL I 228 28.11 26.53 -5.20
CA VAL I 228 27.19 26.12 -6.24
C VAL I 228 27.78 26.46 -7.60
N ASP I 229 27.18 25.89 -8.64
CA ASP I 229 27.69 26.09 -9.99
C ASP I 229 27.34 27.48 -10.50
N ARG I 230 28.14 27.98 -11.45
CA ARG I 230 27.73 29.19 -12.14
C ARG I 230 26.61 28.91 -13.13
N ALA I 231 26.51 27.66 -13.62
CA ALA I 231 25.41 27.30 -14.49
C ALA I 231 24.10 27.16 -13.73
N LEU I 232 24.19 26.92 -12.41
CA LEU I 232 23.00 26.92 -11.56
C LEU I 232 22.32 28.29 -11.58
N LEU I 233 23.10 29.35 -11.56
CA LEU I 233 22.51 30.69 -11.56
C LEU I 233 21.92 31.04 -12.91
N ASP I 234 22.51 30.52 -13.99
CA ASP I 234 21.97 30.74 -15.33
C ASP I 234 20.67 29.96 -15.55
N VAL I 235 20.56 28.76 -14.98
CA VAL I 235 19.30 28.05 -15.17
C VAL I 235 18.28 28.47 -14.12
N MET I 236 18.70 29.16 -13.05
CA MET I 236 17.72 29.82 -12.19
C MET I 236 17.20 31.10 -12.82
N ALA I 237 18.01 31.79 -13.62
CA ALA I 237 17.54 33.00 -14.28
C ALA I 237 16.47 32.73 -15.32
N THR I 238 16.40 31.51 -15.85
CA THR I 238 15.30 31.10 -16.72
C THR I 238 14.49 29.96 -16.10
N ALA I 239 14.13 30.07 -14.82
CA ALA I 239 13.38 29.02 -14.17
C ALA I 239 11.90 29.19 -14.39
N ARG I 240 11.14 28.14 -14.10
CA ARG I 240 9.71 28.12 -14.37
C ARG I 240 8.86 27.99 -13.13
N HIS I 241 9.21 27.09 -12.21
CA HIS I 241 8.34 26.75 -11.10
C HIS I 241 8.99 26.92 -9.73
N ILE I 242 10.26 26.53 -9.61
CA ILE I 242 10.98 26.65 -8.34
C ILE I 242 11.20 28.12 -8.04
N GLU I 243 10.68 28.59 -6.91
CA GLU I 243 10.83 29.99 -6.53
C GLU I 243 12.00 30.22 -5.59
N ARG I 244 12.44 29.20 -4.87
CA ARG I 244 13.54 29.37 -3.94
C ARG I 244 14.28 28.05 -3.77
N VAL I 245 15.59 28.16 -3.56
CA VAL I 245 16.45 27.02 -3.28
C VAL I 245 17.18 27.35 -1.99
N GLN I 246 17.25 26.40 -1.07
CA GLN I 246 17.78 26.68 0.26
C GLN I 246 18.98 25.80 0.56
N VAL I 247 20.14 26.44 0.68
CA VAL I 247 21.40 25.77 0.97
C VAL I 247 21.55 25.63 2.47
N VAL I 248 21.59 24.40 2.97
CA VAL I 248 21.66 24.15 4.41
C VAL I 248 22.90 23.34 4.74
N ASN I 249 23.23 23.34 6.03
CA ASN I 249 24.34 22.56 6.56
C ASN I 249 23.81 21.20 6.94
N GLY I 250 24.39 20.16 6.36
CA GLY I 250 24.01 18.81 6.74
C GLY I 250 24.91 18.17 7.76
N LEU I 251 25.76 18.95 8.42
CA LEU I 251 26.54 18.45 9.53
C LEU I 251 25.89 18.75 10.87
N VAL I 252 24.87 19.60 10.89
CA VAL I 252 24.16 19.97 12.11
C VAL I 252 22.80 19.28 12.09
N PRO I 253 22.47 18.47 13.10
CA PRO I 253 21.19 17.75 13.08
C PRO I 253 20.02 18.69 13.33
N GLY I 254 18.97 18.52 12.53
CA GLY I 254 17.78 19.31 12.63
C GLY I 254 17.55 20.26 11.47
N ARG I 255 18.59 20.60 10.71
CA ARG I 255 18.42 21.62 9.69
C ARG I 255 17.84 21.07 8.39
N LEU I 256 18.04 19.79 8.10
CA LEU I 256 17.48 19.24 6.86
C LEU I 256 15.97 19.07 6.98
N THR I 257 15.50 18.59 8.13
CA THR I 257 14.08 18.46 8.43
C THR I 257 13.39 19.82 8.37
N ALA I 258 14.01 20.80 9.02
CA ALA I 258 13.47 22.16 9.03
C ALA I 258 13.52 22.81 7.66
N ALA I 259 14.51 22.44 6.85
CA ALA I 259 14.60 22.97 5.49
C ALA I 259 13.51 22.39 4.62
N LEU I 260 13.22 21.11 4.79
CA LEU I 260 12.15 20.49 4.03
C LEU I 260 10.76 20.90 4.50
N ARG I 261 10.65 21.40 5.73
CA ARG I 261 9.39 21.97 6.21
C ARG I 261 9.28 23.46 5.95
N GLY I 262 10.31 24.07 5.36
CA GLY I 262 10.24 25.46 4.96
C GLY I 262 10.85 26.47 5.90
N GLU I 263 11.45 26.03 7.01
CA GLU I 263 11.96 26.96 7.99
C GLU I 263 13.30 27.52 7.54
N HIS I 264 13.48 28.83 7.69
CA HIS I 264 14.68 29.53 7.22
C HIS I 264 15.84 29.18 8.13
N VAL I 265 16.60 28.14 7.75
CA VAL I 265 17.74 27.69 8.53
C VAL I 265 19.07 27.89 7.81
N GLY I 266 19.08 27.99 6.50
CA GLY I 266 20.30 28.23 5.75
C GLY I 266 20.18 29.48 4.92
N THR I 267 20.73 29.42 3.72
CA THR I 267 20.71 30.53 2.77
C THR I 267 19.59 30.31 1.77
N LEU I 268 18.62 31.23 1.72
CA LEU I 268 17.58 31.22 0.72
C LEU I 268 18.08 31.92 -0.54
N ILE I 269 17.90 31.27 -1.68
CA ILE I 269 18.33 31.77 -2.97
C ILE I 269 17.10 31.98 -3.84
N ARG I 270 16.87 33.21 -4.28
CA ARG I 270 15.67 33.49 -5.07
C ARG I 270 15.96 33.36 -6.55
N THR I 271 15.14 32.57 -7.24
CA THR I 271 15.31 32.35 -8.66
C THR I 271 14.69 33.45 -9.53
N GLY I 272 13.97 34.38 -8.93
CA GLY I 272 13.35 35.44 -9.72
C GLY I 272 12.12 35.01 -10.48
N VAL I 273 11.45 33.95 -10.02
CA VAL I 273 10.17 33.53 -10.56
C VAL I 273 9.09 34.14 -9.68
N ARG I 274 8.28 35.00 -10.28
CA ARG I 274 7.40 35.85 -9.48
C ARG I 274 6.05 35.17 -9.27
N PRO I 275 5.56 35.10 -8.04
CA PRO I 275 4.25 34.48 -7.79
C PRO I 275 3.11 35.42 -8.15
N ALA I 276 1.88 34.94 -8.00
CA ALA I 276 0.72 35.76 -8.32
C ALA I 276 0.47 36.78 -7.21
N ASN J 3 51.93 27.54 -14.31
CA ASN J 3 51.15 26.47 -13.71
C ASN J 3 51.80 25.11 -13.95
N SER J 4 51.46 24.13 -13.12
CA SER J 4 52.10 22.84 -13.16
C SER J 4 51.11 21.78 -12.70
N THR J 5 51.64 20.57 -12.51
CA THR J 5 50.83 19.49 -11.95
C THR J 5 50.58 19.71 -10.46
N ALA J 6 51.57 20.25 -9.76
CA ALA J 6 51.48 20.41 -8.31
C ALA J 6 50.47 21.49 -7.92
N GLU J 7 50.57 22.68 -8.52
CA GLU J 7 49.70 23.78 -8.15
C GLU J 7 48.26 23.51 -8.58
N LEU J 8 48.07 22.96 -9.79
CA LEU J 8 46.73 22.59 -10.23
C LEU J 8 46.15 21.47 -9.38
N GLU J 9 46.99 20.53 -8.93
CA GLU J 9 46.51 19.45 -8.06
C GLU J 9 46.05 19.99 -6.71
N GLU J 10 46.82 20.94 -6.15
CA GLU J 10 46.41 21.60 -4.91
C GLU J 10 45.09 22.36 -5.09
N LEU J 11 44.99 23.18 -6.14
CA LEU J 11 43.81 24.01 -6.32
C LEU J 11 42.57 23.17 -6.61
N LEU J 12 42.74 22.01 -7.27
CA LEU J 12 41.60 21.13 -7.47
C LEU J 12 41.20 20.43 -6.18
N MET J 13 42.18 19.93 -5.41
CA MET J 13 41.81 19.04 -4.32
C MET J 13 41.51 19.79 -3.02
N GLN J 14 41.70 21.10 -2.98
CA GLN J 14 41.22 21.85 -1.82
C GLN J 14 40.62 23.22 -2.09
N ARG J 15 40.15 23.51 -3.30
CA ARG J 15 39.33 24.68 -3.56
C ARG J 15 38.13 24.29 -4.40
N SER J 16 37.08 25.11 -4.38
CA SER J 16 35.86 24.80 -5.10
C SER J 16 36.08 24.99 -6.60
N LEU J 17 35.33 24.24 -7.40
CA LEU J 17 35.55 24.20 -8.84
C LEU J 17 35.11 25.48 -9.55
N THR J 18 34.32 26.31 -8.87
CA THR J 18 33.93 27.59 -9.45
C THR J 18 34.83 28.75 -9.00
N ASP J 19 35.99 28.45 -8.44
CA ASP J 19 36.94 29.48 -8.07
C ASP J 19 37.63 30.00 -9.33
N PRO J 20 37.72 31.32 -9.53
CA PRO J 20 38.44 31.84 -10.71
C PRO J 20 39.91 31.46 -10.79
N GLN J 21 40.60 31.22 -9.68
CA GLN J 21 41.99 30.80 -9.78
C GLN J 21 42.11 29.36 -10.24
N LEU J 22 41.16 28.52 -9.83
CA LEU J 22 41.09 27.16 -10.36
C LEU J 22 40.79 27.17 -11.86
N GLN J 23 39.92 28.08 -12.31
CA GLN J 23 39.59 28.15 -13.72
C GLN J 23 40.78 28.62 -14.54
N ALA J 24 41.50 29.61 -14.03
CA ALA J 24 42.67 30.12 -14.75
C ALA J 24 43.81 29.10 -14.75
N ALA J 25 43.88 28.26 -13.71
CA ALA J 25 44.92 27.23 -13.68
C ALA J 25 44.56 26.05 -14.58
N ALA J 26 43.28 25.67 -14.61
CA ALA J 26 42.89 24.51 -15.39
C ALA J 26 42.78 24.82 -16.86
N ALA J 27 42.55 26.09 -17.21
CA ALA J 27 42.44 26.45 -18.61
C ALA J 27 43.78 26.70 -19.27
N ALA J 28 44.89 26.44 -18.59
CA ALA J 28 46.21 26.59 -19.16
C ALA J 28 46.88 25.27 -19.50
N ALA J 29 46.20 24.15 -19.26
CA ALA J 29 46.78 22.85 -19.56
C ALA J 29 46.71 22.57 -21.06
N ALA J 30 47.36 21.48 -21.48
CA ALA J 30 47.50 21.21 -22.90
C ALA J 30 46.19 20.70 -23.51
N ASP J 31 45.96 21.09 -24.76
CA ASP J 31 44.78 20.65 -25.52
C ASP J 31 45.12 19.36 -26.24
N PHE J 32 44.23 18.36 -26.12
CA PHE J 32 44.40 17.08 -26.80
C PHE J 32 43.21 16.85 -27.71
N ARG J 33 43.50 16.54 -28.97
CA ARG J 33 42.48 16.43 -30.00
C ARG J 33 42.22 14.97 -30.33
N ILE J 34 40.98 14.51 -30.14
CA ILE J 34 40.69 13.08 -30.19
C ILE J 34 40.63 12.57 -31.62
N LEU J 35 39.85 13.20 -32.48
CA LEU J 35 39.75 12.79 -33.88
C LEU J 35 40.18 13.93 -34.77
N PRO J 36 41.49 14.06 -35.01
CA PRO J 36 41.97 15.22 -35.78
C PRO J 36 41.65 15.15 -37.26
N ASP J 37 41.43 13.95 -37.78
CA ASP J 37 41.22 13.75 -39.21
C ASP J 37 39.76 13.82 -39.61
N ALA J 38 38.84 13.75 -38.65
CA ALA J 38 37.44 13.50 -38.95
C ALA J 38 36.70 14.80 -39.28
N THR J 39 35.58 14.63 -39.98
CA THR J 39 34.75 15.73 -40.46
C THR J 39 33.30 15.40 -40.20
N VAL J 40 32.56 16.29 -39.56
CA VAL J 40 31.20 16.03 -39.15
C VAL J 40 30.25 16.69 -40.15
N ILE J 41 29.25 15.94 -40.60
CA ILE J 41 28.22 16.43 -41.52
C ILE J 41 26.87 16.30 -40.83
N LYS J 42 26.07 17.36 -40.86
CA LYS J 42 24.71 17.33 -40.38
C LYS J 42 23.76 17.30 -41.57
N ILE J 43 22.86 16.32 -41.58
CA ILE J 43 21.88 16.15 -42.64
C ILE J 43 20.53 16.58 -42.08
N GLY J 44 20.03 17.73 -42.53
CA GLY J 44 18.81 18.28 -41.98
C GLY J 44 17.60 17.45 -42.37
N GLY J 45 16.71 17.23 -41.39
CA GLY J 45 15.54 16.41 -41.65
C GLY J 45 14.53 17.09 -42.56
N GLN J 46 14.01 18.24 -42.11
CA GLN J 46 12.95 18.92 -42.85
C GLN J 46 13.49 19.54 -44.13
N SER J 47 14.79 19.78 -44.19
CA SER J 47 15.37 20.41 -45.35
C SER J 47 15.60 19.40 -46.48
N VAL J 48 16.16 18.24 -46.17
CA VAL J 48 16.59 17.29 -47.18
C VAL J 48 15.84 15.96 -47.07
N ILE J 49 15.74 15.40 -45.87
CA ILE J 49 15.30 14.01 -45.72
C ILE J 49 13.80 13.90 -45.98
N ASP J 50 13.04 14.94 -45.64
CA ASP J 50 11.60 14.88 -45.87
C ASP J 50 11.24 15.11 -47.33
N ARG J 51 12.23 15.39 -48.19
CA ARG J 51 11.96 15.48 -49.62
C ARG J 51 11.79 14.11 -50.25
N GLY J 52 12.29 13.06 -49.59
CA GLY J 52 12.07 11.72 -50.09
C GLY J 52 13.21 11.17 -50.91
N ARG J 53 12.92 10.70 -52.13
CA ARG J 53 13.91 9.91 -52.86
C ARG J 53 14.91 10.80 -53.58
N ALA J 54 14.41 11.85 -54.23
CA ALA J 54 15.21 12.60 -55.20
C ALA J 54 16.20 13.55 -54.52
N ALA J 55 16.13 13.65 -53.19
CA ALA J 55 17.10 14.47 -52.48
C ALA J 55 17.99 13.64 -51.57
N VAL J 56 17.57 12.42 -51.25
CA VAL J 56 18.41 11.59 -50.39
C VAL J 56 19.34 10.71 -51.22
N TYR J 57 18.87 10.20 -52.36
CA TYR J 57 19.79 9.43 -53.21
C TYR J 57 20.95 10.21 -53.82
N PRO J 58 20.84 11.50 -54.19
CA PRO J 58 22.09 12.24 -54.48
C PRO J 58 23.02 12.39 -53.29
N LEU J 59 22.50 12.51 -52.06
CA LEU J 59 23.42 12.52 -50.92
C LEU J 59 24.02 11.16 -50.66
N VAL J 60 23.28 10.08 -50.91
CA VAL J 60 23.87 8.74 -50.78
C VAL J 60 24.99 8.54 -51.78
N ASP J 61 24.80 9.01 -53.02
CA ASP J 61 25.87 8.94 -54.01
C ASP J 61 27.07 9.79 -53.61
N GLU J 62 26.82 11.02 -53.12
CA GLU J 62 27.92 11.90 -52.71
C GLU J 62 28.65 11.38 -51.48
N ILE J 63 27.94 10.76 -50.53
CA ILE J 63 28.58 10.21 -49.33
C ILE J 63 29.43 9.00 -49.69
N VAL J 64 28.90 8.08 -50.50
CA VAL J 64 29.68 6.90 -50.87
C VAL J 64 30.88 7.29 -51.74
N ALA J 65 30.73 8.34 -52.54
CA ALA J 65 31.86 8.80 -53.34
C ALA J 65 32.86 9.59 -52.51
N ALA J 66 32.42 10.20 -51.41
CA ALA J 66 33.28 11.13 -50.69
C ALA J 66 33.97 10.46 -49.51
N ARG J 67 33.49 9.29 -49.07
CA ARG J 67 34.19 8.61 -47.99
C ARG J 67 35.44 7.88 -48.46
N LYS J 68 35.67 7.81 -49.77
CA LYS J 68 36.88 7.19 -50.28
C LYS J 68 38.14 8.00 -49.98
N ASN J 69 38.01 9.28 -49.65
CA ASN J 69 39.13 10.11 -49.28
C ASN J 69 39.05 10.66 -47.86
N HIS J 70 37.85 10.89 -47.32
CA HIS J 70 37.69 11.66 -46.09
C HIS J 70 36.96 10.82 -45.04
N LYS J 71 37.22 11.12 -43.78
CA LYS J 71 36.46 10.54 -42.68
C LYS J 71 35.20 11.38 -42.49
N LEU J 72 34.06 10.74 -42.28
CA LEU J 72 32.77 11.42 -42.25
C LEU J 72 31.93 10.90 -41.10
N LEU J 73 31.62 11.75 -40.14
CA LEU J 73 30.59 11.46 -39.15
CA LEU J 73 30.59 11.46 -39.15
C LEU J 73 29.31 12.16 -39.60
N ILE J 74 28.29 11.38 -39.93
CA ILE J 74 27.11 11.91 -40.58
C ILE J 74 25.98 12.00 -39.57
N GLY J 75 25.72 13.21 -39.07
CA GLY J 75 24.61 13.46 -38.17
C GLY J 75 23.32 13.65 -38.95
N THR J 76 22.21 13.62 -38.24
CA THR J 76 20.90 13.59 -38.87
C THR J 76 19.90 14.41 -38.06
N GLY J 77 19.11 15.24 -38.75
CA GLY J 77 18.14 16.10 -38.13
C GLY J 77 16.84 15.40 -37.76
N ALA J 78 15.82 16.21 -37.48
CA ALA J 78 14.54 15.70 -36.97
C ALA J 78 13.41 15.91 -37.96
N GLY J 79 13.12 17.14 -38.37
CA GLY J 79 12.12 17.35 -39.39
C GLY J 79 10.72 17.53 -38.84
N THR J 80 9.74 17.30 -39.72
CA THR J 80 8.39 17.79 -39.48
C THR J 80 7.61 16.94 -38.48
N ARG J 81 8.00 15.68 -38.28
CA ARG J 81 7.36 14.88 -37.24
C ARG J 81 7.69 15.42 -35.86
N ALA J 82 8.90 15.97 -35.71
CA ALA J 82 9.26 16.64 -34.48
C ALA J 82 8.42 17.89 -34.27
N ARG J 83 8.07 18.60 -35.33
CA ARG J 83 7.20 19.76 -35.17
C ARG J 83 5.81 19.34 -34.77
N HIS J 84 5.33 18.19 -35.25
CA HIS J 84 4.01 17.73 -34.82
C HIS J 84 4.04 17.30 -33.35
N LEU J 85 5.12 16.65 -32.91
CA LEU J 85 5.26 16.33 -31.49
C LEU J 85 5.38 17.57 -30.63
N TYR J 86 6.11 18.58 -31.11
CA TYR J 86 6.28 19.79 -30.31
C TYR J 86 4.99 20.57 -30.23
N SER J 87 4.20 20.54 -31.30
CA SER J 87 2.88 21.17 -31.29
C SER J 87 1.95 20.49 -30.31
N ILE J 88 1.86 19.15 -30.37
CA ILE J 88 0.96 18.43 -29.48
C ILE J 88 1.38 18.60 -28.02
N ALA J 89 2.67 18.46 -27.73
CA ALA J 89 3.12 18.50 -26.35
C ALA J 89 3.19 19.93 -25.83
N ALA J 90 3.29 20.92 -26.72
CA ALA J 90 3.29 22.31 -26.29
C ALA J 90 1.87 22.80 -26.08
N GLY J 91 0.91 22.20 -26.78
CA GLY J 91 -0.48 22.52 -26.53
C GLY J 91 -0.96 22.01 -25.18
N LEU J 92 -0.44 20.86 -24.76
CA LEU J 92 -0.72 20.35 -23.42
C LEU J 92 0.01 21.09 -22.33
N GLY J 93 1.06 21.84 -22.66
CA GLY J 93 1.84 22.48 -21.64
C GLY J 93 2.82 21.58 -20.93
N LEU J 94 3.63 20.87 -21.66
CA LEU J 94 4.68 20.07 -21.06
C LEU J 94 6.01 20.83 -21.15
N PRO J 95 6.91 20.65 -20.18
CA PRO J 95 8.15 21.44 -20.16
C PRO J 95 9.11 21.05 -21.28
N ALA J 96 10.26 21.74 -21.29
CA ALA J 96 11.21 21.61 -22.40
C ALA J 96 11.90 20.24 -22.39
N GLY J 97 11.97 19.60 -21.23
CA GLY J 97 12.60 18.28 -21.17
C GLY J 97 11.77 17.21 -21.86
N VAL J 98 10.46 17.26 -21.70
CA VAL J 98 9.58 16.28 -22.34
C VAL J 98 9.64 16.43 -23.86
N LEU J 99 9.70 17.67 -24.35
CA LEU J 99 9.80 17.88 -25.79
C LEU J 99 11.16 17.49 -26.33
N ALA J 100 12.21 17.61 -25.52
CA ALA J 100 13.51 17.11 -25.94
C ALA J 100 13.52 15.59 -26.07
N GLN J 101 12.87 14.90 -25.12
CA GLN J 101 12.70 13.46 -25.23
C GLN J 101 11.87 13.07 -26.46
N LEU J 102 10.91 13.92 -26.84
CA LEU J 102 10.09 13.58 -28.00
C LEU J 102 10.82 13.85 -29.31
N GLY J 103 11.73 14.81 -29.33
CA GLY J 103 12.47 15.08 -30.56
C GLY J 103 13.60 14.10 -30.83
N SER J 104 14.15 13.51 -29.76
CA SER J 104 15.23 12.54 -29.91
C SER J 104 14.80 11.31 -30.72
N SER J 105 13.54 10.90 -30.58
CA SER J 105 13.08 9.71 -31.28
C SER J 105 12.91 9.95 -32.76
N VAL J 106 12.51 11.16 -33.15
CA VAL J 106 12.38 11.45 -34.58
C VAL J 106 13.76 11.54 -35.22
N ALA J 107 14.76 12.06 -34.47
CA ALA J 107 16.12 12.01 -34.96
C ALA J 107 16.62 10.58 -35.14
N ASP J 108 16.25 9.70 -34.20
CA ASP J 108 16.61 8.28 -34.30
C ASP J 108 15.98 7.62 -35.53
N GLN J 109 14.72 7.95 -35.82
CA GLN J 109 14.03 7.41 -36.99
C GLN J 109 14.69 7.82 -38.29
N ASN J 110 15.02 9.11 -38.43
CA ASN J 110 15.64 9.56 -39.68
C ASN J 110 17.05 9.00 -39.84
N ALA J 111 17.77 8.84 -38.72
CA ALA J 111 19.08 8.19 -38.80
C ALA J 111 18.95 6.72 -39.18
N ALA J 112 17.87 6.07 -38.76
CA ALA J 112 17.66 4.67 -39.11
C ALA J 112 17.37 4.51 -40.59
N MET J 113 16.53 5.38 -41.17
CA MET J 113 16.29 5.32 -42.61
C MET J 113 17.55 5.62 -43.41
N LEU J 114 18.30 6.66 -43.01
CA LEU J 114 19.55 6.99 -43.69
C LEU J 114 20.56 5.85 -43.60
N GLY J 115 20.60 5.15 -42.46
CA GLY J 115 21.54 4.07 -42.31
C GLY J 115 21.16 2.82 -43.06
N GLN J 116 19.86 2.56 -43.23
CA GLN J 116 19.49 1.44 -44.08
C GLN J 116 19.71 1.75 -45.54
N LEU J 117 19.63 3.03 -45.92
CA LEU J 117 20.04 3.38 -47.28
C LEU J 117 21.56 3.32 -47.48
N LEU J 118 22.34 3.47 -46.41
CA LEU J 118 23.80 3.41 -46.54
C LEU J 118 24.42 2.09 -46.11
N ALA J 119 23.64 1.12 -45.62
CA ALA J 119 24.23 -0.05 -45.00
C ALA J 119 24.78 -1.04 -46.03
N LYS J 120 24.26 -1.03 -47.25
CA LYS J 120 24.80 -1.97 -48.21
C LYS J 120 26.14 -1.52 -48.78
N HIS J 121 26.51 -0.26 -48.58
CA HIS J 121 27.82 0.25 -48.94
C HIS J 121 28.81 0.18 -47.80
N GLY J 122 28.37 -0.25 -46.61
CA GLY J 122 29.29 -0.50 -45.52
C GLY J 122 29.29 0.52 -44.40
N ILE J 123 28.39 1.50 -44.42
CA ILE J 123 28.39 2.58 -43.44
C ILE J 123 27.37 2.25 -42.36
N PRO J 124 27.79 2.03 -41.12
CA PRO J 124 26.84 1.63 -40.07
C PRO J 124 26.28 2.82 -39.30
N VAL J 125 25.12 2.59 -38.69
CA VAL J 125 24.58 3.47 -37.67
C VAL J 125 25.24 3.11 -36.35
N VAL J 126 25.83 4.10 -35.68
CA VAL J 126 26.56 3.84 -34.46
C VAL J 126 25.93 4.62 -33.31
N GLY J 127 26.01 4.03 -32.13
CA GLY J 127 25.78 4.73 -30.89
C GLY J 127 27.10 4.78 -30.14
N GLY J 128 27.57 5.99 -29.87
CA GLY J 128 28.98 6.14 -29.61
C GLY J 128 29.70 6.44 -30.89
N ALA J 129 29.36 7.58 -31.48
CA ALA J 129 29.86 7.92 -32.81
C ALA J 129 31.34 8.29 -32.79
N GLY J 130 31.76 9.12 -31.85
CA GLY J 130 33.13 9.60 -31.87
C GLY J 130 34.15 8.58 -31.37
N LEU J 131 33.71 7.65 -30.53
CA LEU J 131 34.62 6.63 -30.01
C LEU J 131 34.46 5.31 -30.74
N SER J 132 33.92 5.34 -31.94
CA SER J 132 33.76 4.15 -32.78
C SER J 132 35.02 4.01 -33.63
N ALA J 133 36.00 3.28 -33.10
CA ALA J 133 37.35 3.35 -33.65
C ALA J 133 37.49 2.49 -34.89
N VAL J 134 36.92 1.29 -34.88
CA VAL J 134 37.11 0.31 -35.95
C VAL J 134 36.53 0.77 -37.29
N PRO J 135 35.28 1.27 -37.43
CA PRO J 135 34.85 1.67 -38.76
C PRO J 135 35.42 3.01 -39.21
N LEU J 136 35.93 3.82 -38.29
CA LEU J 136 36.60 5.04 -38.69
C LEU J 136 38.07 4.82 -39.00
N SER J 137 38.62 3.65 -38.69
CA SER J 137 40.01 3.34 -38.96
C SER J 137 40.21 2.49 -40.20
N LEU J 138 39.13 2.04 -40.82
CA LEU J 138 39.19 1.23 -42.03
C LEU J 138 38.93 2.11 -43.25
N ALA J 139 39.73 1.91 -44.30
CA ALA J 139 39.45 2.57 -45.57
C ALA J 139 38.23 1.95 -46.25
N GLU J 140 37.89 0.71 -45.90
CA GLU J 140 36.72 0.06 -46.45
C GLU J 140 35.41 0.61 -45.91
N VAL J 141 35.44 1.32 -44.77
CA VAL J 141 34.20 1.84 -44.21
C VAL J 141 34.26 3.36 -44.15
N ASN J 142 35.17 3.87 -43.32
CA ASN J 142 35.64 5.26 -43.31
C ASN J 142 34.55 6.28 -42.97
N ALA J 143 33.38 5.85 -42.50
CA ALA J 143 32.27 6.76 -42.25
C ALA J 143 31.27 6.10 -41.32
N VAL J 144 30.53 6.92 -40.57
CA VAL J 144 29.50 6.44 -39.66
C VAL J 144 28.28 7.35 -39.75
N VAL J 145 27.18 6.90 -39.15
CA VAL J 145 25.91 7.63 -39.11
C VAL J 145 25.43 7.67 -37.67
N PHE J 146 24.97 8.84 -37.21
CA PHE J 146 24.47 8.98 -35.85
C PHE J 146 23.30 9.95 -35.83
N SER J 147 22.55 9.93 -34.73
CA SER J 147 21.40 10.81 -34.58
C SER J 147 21.86 12.13 -33.97
N GLY J 148 21.28 13.22 -34.45
CA GLY J 148 21.80 14.54 -34.14
C GLY J 148 21.47 15.12 -32.79
N MET J 149 20.48 14.60 -32.06
CA MET J 149 20.02 15.20 -30.82
C MET J 149 21.02 15.02 -29.68
N PRO J 150 21.17 16.03 -28.83
CA PRO J 150 22.01 15.90 -27.65
C PRO J 150 21.37 15.02 -26.59
N PRO J 151 22.14 14.54 -25.60
CA PRO J 151 21.57 13.65 -24.57
C PRO J 151 20.84 14.35 -23.46
N TYR J 152 20.58 15.64 -23.63
CA TYR J 152 20.06 16.44 -22.51
C TYR J 152 18.74 15.90 -22.01
N LYS J 153 17.84 15.45 -22.88
CA LYS J 153 16.59 14.80 -22.44
C LYS J 153 15.85 15.72 -21.49
N LEU J 154 15.49 15.23 -20.31
CA LEU J 154 14.76 16.03 -19.30
C LEU J 154 15.59 17.14 -18.67
N TRP J 155 16.91 17.05 -18.65
CA TRP J 155 17.79 18.06 -18.10
C TRP J 155 18.08 19.15 -19.09
N MET J 156 17.20 19.36 -20.07
CA MET J 156 17.37 20.38 -21.08
C MET J 156 17.28 21.76 -20.46
N ARG J 157 18.27 22.59 -20.75
CA ARG J 157 18.25 23.97 -20.31
CA ARG J 157 18.24 23.97 -20.32
C ARG J 157 17.10 24.69 -21.02
N PRO J 158 16.13 25.22 -20.29
CA PRO J 158 14.98 25.83 -20.95
C PRO J 158 15.34 27.15 -21.59
N ALA J 159 14.57 27.52 -22.61
CA ALA J 159 14.74 28.81 -23.23
C ALA J 159 14.18 29.90 -22.34
N ALA J 160 14.48 31.14 -22.68
CA ALA J 160 13.98 32.27 -21.90
C ALA J 160 12.47 32.43 -22.06
N GLU J 161 11.91 31.98 -23.16
CA GLU J 161 10.47 32.02 -23.40
C GLU J 161 10.03 30.73 -24.07
N GLY J 162 8.99 30.11 -23.52
CA GLY J 162 8.36 28.99 -24.19
C GLY J 162 8.85 27.64 -23.74
N VAL J 163 8.34 26.61 -24.40
CA VAL J 163 8.61 25.22 -24.04
C VAL J 163 9.36 24.48 -25.15
N ILE J 164 9.89 25.20 -26.12
CA ILE J 164 10.65 24.56 -27.20
C ILE J 164 12.08 24.31 -26.73
N PRO J 165 12.65 23.14 -26.99
CA PRO J 165 14.05 22.89 -26.62
C PRO J 165 14.98 23.71 -27.49
N PRO J 166 15.85 24.52 -26.89
CA PRO J 166 16.78 25.31 -27.70
C PRO J 166 17.95 24.53 -28.27
N TYR J 167 18.29 23.39 -27.70
CA TYR J 167 19.45 22.61 -28.13
C TYR J 167 18.92 21.36 -28.82
N ARG J 168 18.97 21.38 -30.15
CA ARG J 168 18.46 20.29 -30.97
C ARG J 168 19.60 19.84 -31.86
N THR J 169 19.30 19.13 -32.95
CA THR J 169 20.27 18.45 -33.80
C THR J 169 21.44 19.31 -34.26
N ASP J 170 21.23 20.62 -34.45
CA ASP J 170 22.32 21.53 -34.78
C ASP J 170 23.34 21.61 -33.66
N ALA J 171 22.88 21.87 -32.43
CA ALA J 171 23.77 21.96 -31.28
C ALA J 171 24.39 20.61 -30.94
N GLY J 172 23.65 19.51 -31.18
CA GLY J 172 24.19 18.19 -30.92
C GLY J 172 25.34 17.84 -31.84
N CYS J 173 25.14 18.04 -33.14
CA CYS J 173 26.21 17.73 -34.10
C CYS J 173 27.38 18.69 -33.93
N PHE J 174 27.12 19.94 -33.55
CA PHE J 174 28.22 20.88 -33.33
C PHE J 174 29.03 20.51 -32.09
N LEU J 175 28.37 20.09 -31.02
CA LEU J 175 29.13 19.73 -29.83
C LEU J 175 29.86 18.41 -30.00
N LEU J 176 29.39 17.54 -30.89
CA LEU J 176 30.20 16.37 -31.23
C LEU J 176 31.43 16.77 -32.02
N ALA J 177 31.27 17.71 -32.97
CA ALA J 177 32.42 18.20 -33.74
C ALA J 177 33.42 18.94 -32.87
N GLU J 178 32.94 19.58 -31.81
CA GLU J 178 33.81 20.32 -30.91
C GLU J 178 34.47 19.40 -29.88
N GLN J 179 33.73 18.43 -29.35
CA GLN J 179 34.26 17.50 -28.37
C GLN J 179 35.32 16.58 -28.97
N PHE J 180 35.03 16.00 -30.12
CA PHE J 180 35.97 15.03 -30.65
C PHE J 180 37.01 15.65 -31.57
N GLY J 181 37.19 16.97 -31.51
CA GLY J 181 38.26 17.67 -32.20
C GLY J 181 38.25 17.54 -33.70
N CYS J 182 37.07 17.40 -34.31
CA CYS J 182 36.97 17.17 -35.73
C CYS J 182 37.36 18.42 -36.50
N LYS J 183 38.01 18.23 -37.64
CA LYS J 183 38.69 19.35 -38.27
C LYS J 183 37.75 20.25 -39.06
N GLN J 184 36.49 19.87 -39.23
CA GLN J 184 35.57 20.65 -40.05
C GLN J 184 34.14 20.28 -39.68
N MET J 185 33.28 21.30 -39.64
CA MET J 185 31.84 21.11 -39.47
C MET J 185 31.14 21.59 -40.73
N ILE J 186 30.21 20.79 -41.24
CA ILE J 186 29.37 21.16 -42.37
C ILE J 186 27.92 20.84 -42.02
N PHE J 187 27.06 21.85 -42.14
CA PHE J 187 25.62 21.69 -42.05
C PHE J 187 25.06 21.61 -43.46
N VAL J 188 24.40 20.51 -43.78
CA VAL J 188 23.83 20.32 -45.12
C VAL J 188 22.35 20.62 -45.05
N LYS J 189 21.94 21.73 -45.69
CA LYS J 189 20.56 22.19 -45.66
C LYS J 189 20.07 22.37 -47.08
N ASP J 190 18.87 22.91 -47.26
CA ASP J 190 18.25 23.02 -48.58
C ASP J 190 18.35 24.40 -49.18
N GLU J 191 18.75 25.40 -48.41
CA GLU J 191 18.89 26.75 -48.93
C GLU J 191 20.36 27.05 -49.15
N ASP J 192 20.63 27.77 -50.23
CA ASP J 192 22.00 28.05 -50.65
C ASP J 192 22.63 29.07 -49.71
N GLY J 193 23.05 28.57 -48.55
CA GLY J 193 23.71 29.38 -47.56
C GLY J 193 22.72 30.04 -46.61
N LEU J 194 23.21 31.09 -45.95
CA LEU J 194 22.42 31.92 -45.06
C LEU J 194 21.97 33.16 -45.80
N TYR J 195 20.69 33.49 -45.71
CA TYR J 195 20.19 34.74 -46.23
C TYR J 195 19.92 35.71 -45.10
N THR J 196 19.63 36.97 -45.46
CA THR J 196 19.31 37.95 -44.44
C THR J 196 17.94 37.70 -43.84
N ALA J 197 17.01 37.16 -44.63
CA ALA J 197 15.69 36.79 -44.15
C ALA J 197 15.37 35.38 -44.65
N ASN J 198 14.21 34.88 -44.24
CA ASN J 198 13.72 33.57 -44.64
C ASN J 198 13.45 33.56 -46.14
N PRO J 199 14.15 32.74 -46.93
CA PRO J 199 13.88 32.75 -48.38
C PRO J 199 12.64 31.97 -48.77
N LYS J 200 12.13 31.12 -47.89
CA LYS J 200 10.85 30.48 -48.17
C LYS J 200 9.71 31.46 -48.04
N THR J 201 9.82 32.42 -47.11
CA THR J 201 8.77 33.39 -46.85
C THR J 201 9.05 34.74 -47.51
N SER J 202 10.16 35.39 -47.20
CA SER J 202 10.45 36.71 -47.74
C SER J 202 10.96 36.54 -49.16
N LYS J 203 10.64 37.51 -50.03
CA LYS J 203 10.91 37.35 -51.45
C LYS J 203 12.18 38.09 -51.86
N ASP J 204 12.69 38.94 -50.97
CA ASP J 204 13.90 39.72 -51.24
C ASP J 204 14.91 39.53 -50.10
N ALA J 205 15.68 38.45 -50.16
CA ALA J 205 16.63 38.09 -49.13
C ALA J 205 18.00 37.90 -49.77
N THR J 206 18.95 38.76 -49.42
CA THR J 206 20.26 38.69 -50.03
C THR J 206 21.13 37.64 -49.35
N PHE J 207 22.05 37.08 -50.14
CA PHE J 207 22.96 36.04 -49.69
C PHE J 207 24.24 36.67 -49.16
N ILE J 208 24.68 36.21 -47.99
CA ILE J 208 25.89 36.68 -47.34
C ILE J 208 26.94 35.57 -47.39
N PRO J 209 28.11 35.83 -47.98
CA PRO J 209 29.06 34.73 -48.21
C PRO J 209 29.83 34.32 -46.98
N ARG J 210 30.18 35.27 -46.11
CA ARG J 210 30.88 34.95 -44.88
C ARG J 210 30.54 36.03 -43.86
N ILE J 211 30.21 35.60 -42.65
CA ILE J 211 29.83 36.51 -41.57
C ILE J 211 30.33 35.91 -40.27
N SER J 212 30.78 36.77 -39.36
CA SER J 212 31.16 36.32 -38.04
C SER J 212 29.94 36.17 -37.15
N VAL J 213 30.16 35.73 -35.92
CA VAL J 213 29.04 35.63 -34.98
C VAL J 213 28.61 37.01 -34.53
N ASP J 214 29.56 37.91 -34.28
CA ASP J 214 29.23 39.24 -33.78
C ASP J 214 28.55 40.11 -34.84
N GLU J 215 28.97 39.97 -36.11
CA GLU J 215 28.25 40.65 -37.18
C GLU J 215 26.86 40.07 -37.38
N MET J 216 26.67 38.80 -37.00
CA MET J 216 25.38 38.18 -37.18
C MET J 216 24.40 38.64 -36.11
N LYS J 217 24.86 38.75 -34.87
CA LYS J 217 23.98 39.20 -33.80
C LYS J 217 23.80 40.71 -33.85
N ALA J 218 24.78 41.43 -34.42
CA ALA J 218 24.60 42.85 -34.67
C ALA J 218 23.65 43.10 -35.85
N LYS J 219 23.51 42.11 -36.73
CA LYS J 219 22.53 42.20 -37.80
C LYS J 219 21.10 42.06 -37.25
N GLY J 220 20.92 41.17 -36.29
CA GLY J 220 19.64 41.03 -35.62
C GLY J 220 18.56 40.38 -36.47
N LEU J 221 18.95 39.42 -37.31
CA LEU J 221 17.97 38.71 -38.12
C LEU J 221 17.12 37.80 -37.25
N HIS J 222 15.88 37.58 -37.66
CA HIS J 222 14.88 37.03 -36.75
C HIS J 222 14.94 35.51 -36.71
N ASP J 223 15.21 34.87 -37.84
CA ASP J 223 15.50 33.45 -37.88
C ASP J 223 16.67 33.18 -38.82
N SER J 224 17.45 32.17 -38.51
CA SER J 224 18.61 31.82 -39.32
C SER J 224 18.58 30.33 -39.63
N ILE J 225 19.44 29.94 -40.57
CA ILE J 225 19.51 28.54 -40.99
C ILE J 225 20.19 27.67 -39.93
N LEU J 226 20.89 28.28 -38.99
CA LEU J 226 21.34 27.61 -37.79
C LEU J 226 20.65 28.20 -36.58
N GLU J 227 20.74 27.49 -35.46
CA GLU J 227 20.09 27.94 -34.24
C GLU J 227 20.87 29.09 -33.63
N PHE J 228 20.18 29.91 -32.85
CA PHE J 228 20.87 30.98 -32.12
C PHE J 228 21.70 30.53 -30.91
N PRO J 229 21.35 29.47 -30.15
CA PRO J 229 22.34 28.97 -29.17
C PRO J 229 23.59 28.35 -29.78
N VAL J 230 23.54 27.89 -31.02
CA VAL J 230 24.72 27.34 -31.69
C VAL J 230 25.77 28.43 -31.92
N LEU J 231 25.33 29.69 -32.04
CA LEU J 231 26.26 30.80 -32.16
C LEU J 231 27.03 31.00 -30.85
N ASP J 232 26.36 30.92 -29.72
CA ASP J 232 27.02 31.07 -28.43
C ASP J 232 27.94 29.89 -28.16
N LEU J 233 27.54 28.69 -28.59
CA LEU J 233 28.43 27.54 -28.48
C LEU J 233 29.61 27.66 -29.43
N LEU J 234 29.44 28.37 -30.54
CA LEU J 234 30.53 28.57 -31.48
C LEU J 234 31.54 29.58 -30.96
N GLN J 235 31.07 30.64 -30.30
CA GLN J 235 32.01 31.54 -29.62
C GLN J 235 32.69 30.85 -28.45
N SER J 236 31.97 30.03 -27.70
CA SER J 236 32.54 29.35 -26.55
C SER J 236 33.44 28.17 -26.93
N ALA J 237 33.60 27.88 -28.21
CA ALA J 237 34.25 26.65 -28.65
C ALA J 237 35.76 26.76 -28.56
N GLN J 238 36.39 25.61 -28.32
CA GLN J 238 37.84 25.55 -28.18
CA GLN J 238 37.84 25.54 -28.17
C GLN J 238 38.54 25.10 -29.45
N HIS J 239 38.06 24.03 -30.08
CA HIS J 239 38.74 23.43 -31.22
C HIS J 239 38.24 23.98 -32.55
N VAL J 240 36.95 23.85 -32.83
CA VAL J 240 36.35 24.29 -34.07
C VAL J 240 36.05 25.78 -33.95
N ARG J 241 36.49 26.58 -34.92
CA ARG J 241 36.22 28.00 -34.88
C ARG J 241 35.32 28.49 -36.02
N GLU J 242 34.96 27.61 -36.96
CA GLU J 242 34.12 28.04 -38.07
C GLU J 242 33.30 26.87 -38.59
N VAL J 243 32.06 27.15 -38.96
CA VAL J 243 31.15 26.15 -39.52
C VAL J 243 30.71 26.63 -40.89
N GLN J 244 30.28 25.69 -41.73
CA GLN J 244 29.88 25.99 -43.08
C GLN J 244 28.53 25.37 -43.37
N VAL J 245 27.65 26.13 -44.01
CA VAL J 245 26.31 25.67 -44.37
C VAL J 245 26.22 25.63 -45.89
N VAL J 246 26.07 24.42 -46.43
CA VAL J 246 26.08 24.22 -47.87
C VAL J 246 24.70 23.74 -48.31
N ASN J 247 24.45 23.89 -49.61
CA ASN J 247 23.19 23.49 -50.21
C ASN J 247 23.35 22.05 -50.69
N GLY J 248 22.55 21.15 -50.13
CA GLY J 248 22.64 19.76 -50.54
C GLY J 248 21.87 19.47 -51.82
N LEU J 249 20.95 20.35 -52.19
CA LEU J 249 20.07 20.05 -53.32
C LEU J 249 20.72 20.28 -54.67
N VAL J 250 21.89 20.89 -54.70
CA VAL J 250 22.69 21.01 -55.92
C VAL J 250 23.68 19.84 -55.93
N PRO J 251 23.73 19.04 -56.99
CA PRO J 251 24.66 17.91 -57.00
C PRO J 251 26.10 18.40 -57.18
N GLY J 252 26.90 18.18 -56.13
CA GLY J 252 28.29 18.52 -56.17
C GLY J 252 28.77 19.53 -55.14
N ASN J 253 27.90 20.01 -54.26
CA ASN J 253 28.35 20.94 -53.22
C ASN J 253 28.96 20.25 -52.02
N LEU J 254 28.52 19.03 -51.69
CA LEU J 254 29.13 18.33 -50.57
C LEU J 254 30.55 17.89 -50.91
N THR J 255 30.76 17.45 -52.14
CA THR J 255 32.07 16.99 -52.58
C THR J 255 33.08 18.13 -52.59
N ARG J 256 32.67 19.30 -53.06
CA ARG J 256 33.58 20.45 -53.06
C ARG J 256 33.54 21.18 -51.72
N ALA J 257 32.62 20.80 -50.83
CA ALA J 257 32.62 21.38 -49.50
C ALA J 257 33.59 20.64 -48.59
N LEU J 258 33.72 19.33 -48.79
CA LEU J 258 34.64 18.54 -47.98
C LEU J 258 36.09 18.79 -48.40
N ALA J 259 36.32 19.12 -49.67
CA ALA J 259 37.68 19.26 -50.17
C ALA J 259 38.33 20.54 -49.64
N GLY J 260 37.53 21.52 -49.25
CA GLY J 260 38.04 22.74 -48.65
C GLY J 260 37.71 24.00 -49.40
N GLU J 261 36.81 23.97 -50.38
CA GLU J 261 36.47 25.18 -51.11
C GLU J 261 35.45 25.99 -50.34
N HIS J 262 35.01 27.09 -50.95
CA HIS J 262 34.00 27.97 -50.37
C HIS J 262 32.72 27.84 -51.17
N VAL J 263 31.83 26.96 -50.72
CA VAL J 263 30.46 26.91 -51.20
C VAL J 263 29.56 27.15 -50.00
N GLY J 264 28.41 27.76 -50.27
CA GLY J 264 27.55 28.17 -49.18
C GLY J 264 28.17 29.31 -48.40
N THR J 265 27.88 29.36 -47.10
CA THR J 265 28.37 30.44 -46.25
C THR J 265 29.20 29.86 -45.12
N ILE J 266 30.15 30.64 -44.62
CA ILE J 266 30.98 30.24 -43.49
C ILE J 266 30.70 31.18 -42.34
N ILE J 267 30.45 30.61 -41.15
CA ILE J 267 30.16 31.38 -39.95
C ILE J 267 31.36 31.23 -39.01
N THR J 268 32.17 32.27 -38.91
CA THR J 268 33.37 32.24 -38.11
C THR J 268 33.04 32.67 -36.67
N ALA J 269 33.76 32.08 -35.71
CA ALA J 269 33.53 32.45 -34.33
C ALA J 269 34.11 33.82 -34.01
N SER J 270 35.14 34.22 -34.73
CA SER J 270 35.76 35.53 -34.52
C SER J 270 35.58 36.40 -35.75
N ASN K 6 57.07 12.19 -12.47
CA ASN K 6 55.97 11.27 -12.68
C ASN K 6 55.56 10.54 -11.40
N SER K 7 55.43 11.28 -10.31
CA SER K 7 55.00 10.71 -9.05
C SER K 7 53.50 10.47 -9.07
N ILE K 8 53.06 9.44 -8.34
CA ILE K 8 51.66 9.04 -8.32
C ILE K 8 50.80 10.04 -7.56
N LYS K 9 49.66 10.38 -8.16
CA LYS K 9 48.70 11.31 -7.57
C LYS K 9 47.65 10.51 -6.81
N HIS K 10 47.46 10.84 -5.54
CA HIS K 10 46.59 10.07 -4.67
C HIS K 10 45.32 10.82 -4.33
N VAL K 11 44.34 10.08 -3.81
CA VAL K 11 43.30 10.63 -2.96
C VAL K 11 43.55 10.29 -1.50
N ILE K 12 43.72 11.27 -0.61
CA ILE K 12 44.11 10.96 0.76
C ILE K 12 42.94 10.31 1.50
N SER K 13 43.23 9.21 2.18
CA SER K 13 42.27 8.27 2.76
C SER K 13 43.08 7.32 3.65
N PRO K 14 42.43 6.49 4.49
CA PRO K 14 43.18 5.43 5.17
C PRO K 14 43.83 4.40 4.24
N LEU K 15 43.15 3.97 3.19
CA LEU K 15 43.70 2.96 2.29
C LEU K 15 44.63 3.58 1.24
N ALA K 16 44.86 4.89 1.29
CA ALA K 16 45.76 5.53 0.35
C ALA K 16 47.19 5.06 0.58
N ARG K 17 47.94 5.00 -0.52
CA ARG K 17 49.36 4.67 -0.55
C ARG K 17 49.64 3.25 -0.06
N GLN K 18 48.82 2.29 -0.49
CA GLN K 18 49.08 0.89 -0.17
C GLN K 18 48.40 -0.01 -1.18
N THR K 19 49.04 -1.14 -1.45
CA THR K 19 48.33 -2.27 -2.04
C THR K 19 47.47 -2.91 -0.99
N LEU K 20 46.44 -3.62 -1.43
CA LEU K 20 45.44 -4.12 -0.50
C LEU K 20 45.61 -5.58 -0.15
N GLN K 21 46.85 -6.08 -0.13
CA GLN K 21 47.06 -7.49 0.18
C GLN K 21 47.67 -7.66 1.56
N ASP K 22 48.31 -6.61 2.07
CA ASP K 22 48.88 -6.68 3.41
C ASP K 22 47.76 -6.58 4.42
N ARG K 23 47.56 -7.64 5.19
CA ARG K 23 46.38 -7.77 6.02
C ARG K 23 46.49 -6.93 7.29
N ASP K 24 47.71 -6.79 7.81
CA ASP K 24 47.93 -6.01 9.01
C ASP K 24 47.65 -4.53 8.77
N LEU K 25 47.84 -4.07 7.54
CA LEU K 25 47.63 -2.65 7.24
C LEU K 25 46.21 -2.39 6.78
N THR K 26 45.40 -3.45 6.65
CA THR K 26 44.03 -3.28 6.22
C THR K 26 43.06 -3.47 7.38
N ARG K 27 43.43 -4.32 8.34
CA ARG K 27 42.59 -4.51 9.53
C ARG K 27 42.31 -3.30 10.41
N PRO K 28 43.11 -2.21 10.46
CA PRO K 28 42.60 -1.01 11.17
C PRO K 28 41.39 -0.34 10.53
N VAL K 29 41.15 -0.55 9.25
CA VAL K 29 40.00 0.05 8.59
C VAL K 29 38.99 -1.00 8.12
N ALA K 30 39.44 -2.16 7.66
CA ALA K 30 38.54 -3.19 7.16
C ALA K 30 38.83 -4.49 7.93
N GLY K 31 38.20 -4.63 9.08
CA GLY K 31 38.34 -5.83 9.86
C GLY K 31 37.06 -6.20 10.59
N LYS K 32 35.96 -5.56 10.21
CA LYS K 32 34.74 -5.62 11.00
C LYS K 32 33.60 -6.22 10.20
N ARG K 33 32.69 -6.92 10.90
CA ARG K 33 31.50 -7.50 10.30
C ARG K 33 30.59 -6.39 9.78
N PRO K 34 30.15 -6.48 8.55
CA PRO K 34 29.34 -5.42 7.96
C PRO K 34 27.91 -5.44 8.48
N ILE K 35 27.15 -4.45 8.04
CA ILE K 35 25.76 -4.39 8.46
C ILE K 35 24.90 -5.25 7.53
N ARG K 36 23.82 -5.78 8.08
CA ARG K 36 22.82 -6.49 7.33
C ARG K 36 22.05 -5.49 6.48
N LEU K 37 22.11 -5.63 5.15
CA LEU K 37 21.44 -4.68 4.28
C LEU K 37 19.92 -4.83 4.33
N LEU K 38 19.40 -6.02 4.02
CA LEU K 38 17.97 -6.31 4.11
C LEU K 38 17.77 -7.42 5.11
N PRO K 39 17.78 -7.13 6.41
CA PRO K 39 17.68 -8.20 7.41
C PRO K 39 16.30 -8.79 7.54
N TRP K 40 15.27 -8.19 6.96
CA TRP K 40 13.93 -8.72 6.94
C TRP K 40 13.64 -9.62 5.74
N LEU K 41 14.66 -10.19 5.12
CA LEU K 41 14.49 -10.92 3.88
C LEU K 41 14.59 -12.42 4.12
N GLN K 42 13.68 -13.17 3.51
CA GLN K 42 13.75 -14.63 3.44
C GLN K 42 14.09 -15.03 2.02
N VAL K 43 15.16 -15.80 1.86
CA VAL K 43 15.63 -16.20 0.55
C VAL K 43 15.42 -17.69 0.39
N VAL K 44 14.73 -18.09 -0.68
CA VAL K 44 14.38 -19.48 -0.96
C VAL K 44 15.02 -19.84 -2.29
N LYS K 45 15.76 -20.94 -2.30
CA LYS K 45 16.27 -21.49 -3.55
C LYS K 45 15.47 -22.75 -3.90
N ILE K 46 14.91 -22.76 -5.09
CA ILE K 46 14.17 -23.92 -5.61
C ILE K 46 15.17 -24.74 -6.41
N GLY K 47 15.03 -26.06 -6.37
CA GLY K 47 15.89 -26.88 -7.22
C GLY K 47 15.47 -26.80 -8.67
N GLY K 48 16.41 -27.12 -9.55
CA GLY K 48 16.05 -27.26 -10.96
C GLY K 48 15.34 -28.56 -11.23
N ARG K 49 15.56 -29.55 -10.39
CA ARG K 49 14.83 -30.80 -10.50
C ARG K 49 13.49 -30.75 -9.77
N VAL K 50 13.29 -29.75 -8.92
CA VAL K 50 11.94 -29.48 -8.43
C VAL K 50 11.12 -28.85 -9.57
N MET K 51 11.75 -28.01 -10.37
CA MET K 51 11.05 -27.37 -11.48
C MET K 51 10.85 -28.32 -12.65
N ASP K 52 11.81 -29.22 -12.89
CA ASP K 52 11.72 -30.08 -14.06
C ASP K 52 10.94 -31.36 -13.81
N ARG K 53 10.18 -31.46 -12.72
CA ARG K 53 9.22 -32.54 -12.62
C ARG K 53 7.87 -32.16 -13.20
N GLY K 54 7.75 -30.98 -13.79
CA GLY K 54 6.53 -30.59 -14.48
C GLY K 54 5.46 -30.11 -13.52
N ALA K 55 4.22 -30.08 -14.03
CA ALA K 55 3.09 -29.56 -13.28
C ALA K 55 2.80 -30.37 -12.04
N ASP K 56 3.15 -31.66 -12.06
CA ASP K 56 2.90 -32.58 -10.96
C ASP K 56 3.66 -32.21 -9.70
N ALA K 57 4.74 -31.42 -9.83
CA ALA K 57 5.44 -30.88 -8.67
C ALA K 57 5.38 -29.36 -8.59
N ILE K 58 5.10 -28.68 -9.70
CA ILE K 58 5.05 -27.22 -9.66
C ILE K 58 3.75 -26.73 -9.03
N LEU K 59 2.60 -27.35 -9.37
CA LEU K 59 1.32 -26.85 -8.87
C LEU K 59 1.13 -26.89 -7.35
N PRO K 60 1.53 -27.96 -6.61
CA PRO K 60 1.49 -27.83 -5.13
C PRO K 60 2.45 -26.79 -4.59
N LEU K 61 3.60 -26.59 -5.24
CA LEU K 61 4.54 -25.58 -4.79
C LEU K 61 4.00 -24.18 -5.04
N VAL K 62 3.27 -24.00 -6.14
CA VAL K 62 2.66 -22.69 -6.42
C VAL K 62 1.54 -22.39 -5.43
N GLU K 63 0.76 -23.41 -5.05
CA GLU K 63 -0.25 -23.18 -4.01
C GLU K 63 0.37 -22.91 -2.66
N GLU K 64 1.50 -23.57 -2.35
CA GLU K 64 2.15 -23.35 -1.07
C GLU K 64 2.80 -21.97 -1.00
N LEU K 65 3.36 -21.49 -2.12
CA LEU K 65 3.89 -20.13 -2.14
C LEU K 65 2.79 -19.09 -2.17
N ARG K 66 1.62 -19.43 -2.72
CA ARG K 66 0.47 -18.53 -2.66
C ARG K 66 0.01 -18.35 -1.22
N LYS K 67 0.11 -19.41 -0.42
CA LYS K 67 -0.20 -19.25 0.99
C LYS K 67 0.94 -18.65 1.79
N LEU K 68 2.18 -18.71 1.30
CA LEU K 68 3.30 -18.09 2.02
C LEU K 68 3.51 -16.62 1.71
N LEU K 69 2.92 -16.09 0.63
CA LEU K 69 3.04 -14.67 0.33
C LEU K 69 2.59 -13.68 1.42
N PRO K 70 1.43 -13.80 2.08
CA PRO K 70 1.07 -12.76 3.06
C PRO K 70 1.85 -12.78 4.37
N GLU K 71 2.85 -13.65 4.52
CA GLU K 71 3.52 -13.84 5.80
C GLU K 71 4.97 -13.40 5.78
N HIS K 72 5.72 -13.75 4.74
CA HIS K 72 7.14 -13.45 4.65
C HIS K 72 7.39 -12.47 3.53
N ARG K 73 8.64 -12.06 3.39
CA ARG K 73 9.08 -11.15 2.34
C ARG K 73 10.10 -11.92 1.51
N LEU K 74 9.64 -12.65 0.50
CA LEU K 74 10.41 -13.73 -0.09
C LEU K 74 11.22 -13.23 -1.28
N LEU K 75 12.38 -13.84 -1.47
CA LEU K 75 13.14 -13.80 -2.71
C LEU K 75 13.34 -15.23 -3.16
N ILE K 76 12.58 -15.65 -4.16
CA ILE K 76 12.58 -17.03 -4.65
C ILE K 76 13.60 -17.12 -5.75
N LEU K 77 14.56 -18.03 -5.61
CA LEU K 77 15.61 -18.21 -6.59
C LEU K 77 15.46 -19.61 -7.16
N THR K 78 15.75 -19.78 -8.45
CA THR K 78 15.49 -21.05 -9.11
C THR K 78 16.76 -21.69 -9.63
N GLY K 79 16.84 -23.00 -9.51
CA GLY K 79 17.97 -23.76 -9.96
C GLY K 79 17.86 -24.15 -11.42
N ALA K 80 18.84 -24.93 -11.87
CA ALA K 80 19.05 -25.14 -13.30
C ALA K 80 18.33 -26.36 -13.84
N GLY K 81 18.64 -27.56 -13.36
CA GLY K 81 17.87 -28.69 -13.83
C GLY K 81 18.64 -29.60 -14.78
N VAL K 82 17.88 -30.29 -15.65
CA VAL K 82 18.49 -31.28 -16.53
C VAL K 82 18.87 -30.65 -17.87
N ARG K 83 18.33 -29.47 -18.17
CA ARG K 83 18.73 -28.78 -19.39
C ARG K 83 20.14 -28.25 -19.28
N ALA K 84 20.56 -27.89 -18.07
CA ALA K 84 21.96 -27.54 -17.83
C ALA K 84 22.86 -28.75 -17.99
N ARG K 85 22.36 -29.94 -17.67
CA ARG K 85 23.14 -31.15 -17.89
C ARG K 85 23.32 -31.40 -19.38
N HIS K 86 22.27 -31.11 -20.16
CA HIS K 86 22.39 -31.26 -21.60
C HIS K 86 23.36 -30.27 -22.22
N VAL K 87 23.33 -29.02 -21.77
CA VAL K 87 24.24 -28.04 -22.37
C VAL K 87 25.67 -28.29 -21.90
N PHE K 88 25.84 -28.88 -20.71
CA PHE K 88 27.17 -29.33 -20.30
C PHE K 88 27.66 -30.48 -21.16
N SER K 89 26.78 -31.42 -21.51
CA SER K 89 27.20 -32.56 -22.32
C SER K 89 27.57 -32.12 -23.73
N VAL K 90 26.81 -31.19 -24.30
CA VAL K 90 27.12 -30.65 -25.62
C VAL K 90 28.41 -29.82 -25.58
N GLY K 91 28.58 -29.02 -24.54
CA GLY K 91 29.76 -28.16 -24.47
C GLY K 91 31.05 -28.93 -24.19
N LEU K 92 30.97 -29.96 -23.36
CA LEU K 92 32.14 -30.79 -23.12
C LEU K 92 32.41 -31.73 -24.28
N ASP K 93 31.40 -31.99 -25.12
CA ASP K 93 31.69 -32.70 -26.36
C ASP K 93 32.44 -31.81 -27.32
N LEU K 94 32.15 -30.51 -27.33
CA LEU K 94 32.84 -29.53 -28.15
C LEU K 94 34.17 -29.09 -27.56
N GLY K 95 34.30 -29.13 -26.23
CA GLY K 95 35.55 -28.77 -25.58
C GLY K 95 35.60 -27.38 -25.00
N LEU K 96 34.46 -26.68 -24.94
CA LEU K 96 34.47 -25.30 -24.44
C LEU K 96 34.79 -25.28 -22.96
N PRO K 97 35.54 -24.30 -22.48
CA PRO K 97 35.99 -24.30 -21.09
C PRO K 97 34.88 -23.89 -20.13
N VAL K 98 35.25 -23.79 -18.85
CA VAL K 98 34.27 -23.77 -17.77
C VAL K 98 33.51 -22.44 -17.70
N GLY K 99 34.17 -21.33 -18.00
CA GLY K 99 33.45 -20.07 -18.04
C GLY K 99 32.68 -19.89 -19.34
N SER K 100 32.92 -20.75 -20.31
CA SER K 100 32.06 -20.76 -21.49
C SER K 100 30.77 -21.50 -21.21
N LEU K 101 30.78 -22.39 -20.22
CA LEU K 101 29.62 -23.20 -19.89
C LEU K 101 28.80 -22.62 -18.75
N ALA K 102 29.38 -21.76 -17.92
CA ALA K 102 28.63 -21.16 -16.81
C ALA K 102 27.44 -20.28 -17.22
N PRO K 103 27.54 -19.37 -18.21
CA PRO K 103 26.33 -18.60 -18.58
C PRO K 103 25.26 -19.43 -19.27
N LEU K 104 25.64 -20.53 -19.91
CA LEU K 104 24.67 -21.32 -20.64
C LEU K 104 23.80 -22.13 -19.69
N ALA K 105 24.30 -22.39 -18.48
CA ALA K 105 23.47 -22.98 -17.44
C ALA K 105 22.75 -21.92 -16.63
N ALA K 106 23.35 -20.72 -16.54
CA ALA K 106 22.65 -19.60 -15.92
C ALA K 106 21.38 -19.24 -16.68
N SER K 107 21.41 -19.42 -18.00
CA SER K 107 20.22 -19.15 -18.80
CA SER K 107 20.22 -19.15 -18.80
C SER K 107 19.10 -20.13 -18.49
N GLU K 108 19.44 -21.39 -18.25
CA GLU K 108 18.41 -22.38 -17.96
C GLU K 108 17.80 -22.18 -16.59
N ALA K 109 18.63 -21.77 -15.62
CA ALA K 109 18.10 -21.37 -14.32
C ALA K 109 17.17 -20.16 -14.44
N GLY K 110 17.51 -19.21 -15.30
CA GLY K 110 16.65 -18.06 -15.48
C GLY K 110 15.33 -18.40 -16.15
N GLN K 111 15.34 -19.39 -17.04
CA GLN K 111 14.08 -19.73 -17.70
C GLN K 111 13.16 -20.52 -16.76
N ASN K 112 13.75 -21.28 -15.82
CA ASN K 112 12.94 -21.83 -14.72
C ASN K 112 12.35 -20.73 -13.87
N GLY K 113 13.12 -19.66 -13.61
CA GLY K 113 12.58 -18.51 -12.90
C GLY K 113 11.43 -17.83 -13.60
N HIS K 114 11.51 -17.71 -14.93
CA HIS K 114 10.40 -17.13 -15.70
C HIS K 114 9.16 -18.00 -15.64
N ILE K 115 9.32 -19.34 -15.71
CA ILE K 115 8.16 -20.23 -15.64
C ILE K 115 7.47 -20.12 -14.29
N LEU K 116 8.26 -20.14 -13.21
CA LEU K 116 7.68 -20.04 -11.87
C LEU K 116 7.01 -18.69 -11.63
N ALA K 117 7.62 -17.61 -12.13
CA ALA K 117 7.00 -16.29 -11.96
C ALA K 117 5.76 -16.15 -12.82
N ALA K 118 5.71 -16.82 -13.97
CA ALA K 118 4.50 -16.78 -14.78
C ALA K 118 3.37 -17.54 -14.10
N MET K 119 3.70 -18.59 -13.36
CA MET K 119 2.69 -19.27 -12.55
C MET K 119 2.20 -18.40 -11.39
N LEU K 120 3.09 -17.68 -10.72
CA LEU K 120 2.70 -16.80 -9.61
C LEU K 120 2.35 -15.39 -10.05
N ALA K 121 2.17 -15.14 -11.35
CA ALA K 121 1.89 -13.80 -11.86
C ALA K 121 0.56 -13.25 -11.37
N SER K 122 -0.42 -14.12 -11.13
CA SER K 122 -1.74 -13.66 -10.71
C SER K 122 -1.76 -13.08 -9.30
N GLU K 123 -0.73 -13.34 -8.50
CA GLU K 123 -0.66 -12.89 -7.13
C GLU K 123 0.28 -11.70 -6.94
N GLY K 124 0.71 -11.06 -8.03
CA GLY K 124 1.60 -9.91 -7.95
C GLY K 124 3.07 -10.23 -7.89
N VAL K 125 3.48 -11.43 -8.25
CA VAL K 125 4.91 -11.84 -8.18
C VAL K 125 5.48 -11.76 -9.59
N SER K 126 6.65 -11.16 -9.74
CA SER K 126 7.24 -11.02 -11.08
C SER K 126 8.70 -11.47 -11.05
N TYR K 127 9.29 -11.72 -12.20
CA TYR K 127 10.71 -12.13 -12.26
C TYR K 127 11.55 -10.87 -12.30
N VAL K 128 12.63 -10.76 -11.56
CA VAL K 128 13.45 -9.56 -11.63
C VAL K 128 14.87 -9.95 -12.00
N GLU K 129 15.55 -9.05 -12.71
CA GLU K 129 16.86 -9.33 -13.25
C GLU K 129 17.94 -9.12 -12.19
N HIS K 130 19.12 -9.70 -12.45
CA HIS K 130 20.23 -9.59 -11.50
C HIS K 130 20.60 -8.16 -11.17
N PRO K 131 20.59 -7.21 -12.12
CA PRO K 131 20.80 -5.81 -11.84
C PRO K 131 19.76 -5.21 -10.91
N THR K 132 18.50 -5.61 -11.03
CA THR K 132 17.45 -5.14 -10.10
C THR K 132 17.66 -5.75 -8.73
N VAL K 133 18.01 -7.03 -8.65
CA VAL K 133 18.28 -7.79 -7.40
C VAL K 133 19.56 -7.28 -6.74
N ALA K 134 20.57 -6.95 -7.53
CA ALA K 134 21.81 -6.44 -6.95
C ALA K 134 21.65 -5.04 -6.38
N ASP K 135 20.69 -4.25 -6.89
CA ASP K 135 20.63 -2.86 -6.47
C ASP K 135 19.27 -2.36 -5.97
N GLN K 136 18.15 -3.00 -6.33
CA GLN K 136 16.81 -2.45 -6.14
C GLN K 136 15.88 -3.45 -5.47
N LEU K 137 16.42 -4.35 -4.67
CA LEU K 137 15.60 -5.40 -4.08
C LEU K 137 14.72 -4.83 -2.99
N ALA K 138 15.17 -3.74 -2.36
CA ALA K 138 14.38 -3.07 -1.33
C ALA K 138 13.12 -2.44 -1.91
N ILE K 139 13.24 -1.74 -3.04
CA ILE K 139 12.07 -1.11 -3.66
C ILE K 139 11.18 -2.17 -4.31
N HIS K 140 11.76 -3.23 -4.87
CA HIS K 140 10.91 -4.24 -5.49
C HIS K 140 10.25 -5.16 -4.48
N LEU K 141 10.70 -5.14 -3.24
CA LEU K 141 9.93 -5.81 -2.20
C LEU K 141 9.09 -4.85 -1.38
N SER K 142 9.29 -3.55 -1.52
CA SER K 142 8.27 -2.60 -1.06
C SER K 142 7.08 -2.55 -2.01
N ALA K 143 7.28 -2.88 -3.29
CA ALA K 143 6.15 -2.93 -4.21
C ALA K 143 5.24 -4.12 -3.91
N THR K 144 5.78 -5.33 -3.92
CA THR K 144 4.96 -6.52 -3.78
C THR K 144 5.57 -7.48 -2.79
N ARG K 145 4.88 -8.60 -2.58
CA ARG K 145 5.27 -9.52 -1.52
C ARG K 145 6.55 -10.30 -1.84
N ALA K 146 6.67 -10.83 -3.06
CA ALA K 146 7.87 -11.55 -3.43
C ALA K 146 8.25 -11.24 -4.86
N VAL K 147 9.53 -11.44 -5.16
CA VAL K 147 10.05 -11.41 -6.51
C VAL K 147 10.82 -12.69 -6.76
N VAL K 148 10.83 -13.15 -7.99
CA VAL K 148 11.52 -14.37 -8.38
C VAL K 148 12.77 -13.98 -9.16
N GLY K 149 13.89 -14.58 -8.81
CA GLY K 149 15.13 -14.30 -9.50
C GLY K 149 15.73 -15.57 -10.07
N SER K 150 16.97 -15.47 -10.49
CA SER K 150 17.74 -16.64 -10.88
C SER K 150 18.82 -16.87 -9.84
N ALA K 151 19.19 -18.14 -9.63
CA ALA K 151 20.04 -18.43 -8.50
C ALA K 151 21.51 -18.54 -8.87
N PHE K 152 21.90 -18.39 -10.13
CA PHE K 152 23.33 -18.47 -10.40
C PHE K 152 23.97 -17.11 -10.12
N PRO K 153 25.23 -17.09 -9.72
CA PRO K 153 25.94 -15.83 -9.70
C PRO K 153 26.39 -15.46 -11.10
N PRO K 154 26.49 -14.16 -11.42
CA PRO K 154 26.91 -13.74 -12.73
C PRO K 154 28.43 -13.85 -12.82
N TYR K 155 29.14 -15.14 -12.51
CA TYR K 155 30.60 -15.36 -12.60
C TYR K 155 30.96 -15.49 -14.07
N HIS K 156 30.08 -16.17 -14.86
CA HIS K 156 30.20 -16.08 -16.35
C HIS K 156 31.57 -16.42 -16.86
N HIS K 157 32.15 -15.60 -17.80
CA HIS K 157 33.41 -16.09 -18.35
C HIS K 157 34.55 -15.93 -17.34
N HIS K 158 34.23 -15.48 -16.13
CA HIS K 158 35.30 -15.34 -15.10
C HIS K 158 35.21 -16.47 -14.07
N GLU K 159 34.52 -17.56 -14.41
CA GLU K 159 34.35 -18.73 -13.50
C GLU K 159 35.74 -19.29 -13.14
N PHE K 160 35.93 -19.70 -11.89
CA PHE K 160 37.21 -20.16 -11.38
C PHE K 160 37.58 -21.48 -12.06
N PRO K 161 38.84 -21.68 -12.40
CA PRO K 161 39.22 -22.89 -13.13
C PRO K 161 39.42 -24.08 -12.20
N GLY K 162 39.89 -25.17 -12.78
CA GLY K 162 40.22 -26.36 -12.03
C GLY K 162 39.37 -27.55 -12.41
N SER K 163 38.08 -27.32 -12.61
CA SER K 163 37.18 -28.34 -13.07
C SER K 163 36.53 -27.90 -14.37
N ARG K 164 35.90 -28.85 -15.06
CA ARG K 164 35.22 -28.50 -16.30
C ARG K 164 33.76 -28.16 -16.09
N ILE K 165 33.15 -28.67 -15.03
CA ILE K 165 31.80 -28.28 -14.61
C ILE K 165 31.93 -27.05 -13.73
N PRO K 166 31.09 -26.02 -13.91
CA PRO K 166 31.20 -24.79 -13.10
C PRO K 166 30.97 -25.05 -11.62
N PRO K 167 31.86 -24.57 -10.76
CA PRO K 167 31.72 -24.84 -9.32
C PRO K 167 30.75 -23.92 -8.61
N HIS K 168 30.52 -22.73 -9.15
CA HIS K 168 29.61 -21.76 -8.53
C HIS K 168 28.29 -21.80 -9.29
N ARG K 169 27.47 -22.77 -8.93
CA ARG K 169 26.14 -23.07 -9.43
C ARG K 169 25.11 -22.35 -8.56
N ALA K 170 23.85 -22.81 -8.63
CA ALA K 170 22.71 -22.11 -8.04
C ALA K 170 22.83 -21.94 -6.52
N ASP K 171 23.32 -22.96 -5.81
CA ASP K 171 23.40 -22.90 -4.35
C ASP K 171 24.37 -21.83 -3.88
N THR K 172 25.48 -21.66 -4.59
CA THR K 172 26.46 -20.65 -4.21
C THR K 172 25.90 -19.25 -4.39
N GLY K 173 25.19 -19.01 -5.49
CA GLY K 173 24.66 -17.68 -5.73
C GLY K 173 23.50 -17.34 -4.81
N ALA K 174 22.72 -18.36 -4.42
CA ALA K 174 21.68 -18.14 -3.42
C ALA K 174 22.27 -17.79 -2.07
N PHE K 175 23.33 -18.48 -1.66
CA PHE K 175 23.96 -18.15 -0.39
C PHE K 175 24.64 -16.79 -0.43
N LEU K 176 25.18 -16.41 -1.58
CA LEU K 176 25.88 -15.12 -1.64
C LEU K 176 24.91 -13.94 -1.65
N LEU K 177 23.73 -14.10 -2.27
CA LEU K 177 22.68 -13.10 -2.03
C LEU K 177 22.25 -13.05 -0.58
N ALA K 178 21.95 -14.21 0.02
CA ALA K 178 21.39 -14.22 1.37
C ALA K 178 22.40 -13.76 2.41
N ASP K 179 23.69 -13.88 2.10
CA ASP K 179 24.73 -13.49 3.04
C ASP K 179 25.23 -12.08 2.75
N ALA K 180 25.07 -11.60 1.51
CA ALA K 180 25.44 -10.23 1.21
C ALA K 180 24.42 -9.26 1.76
N PHE K 181 23.13 -9.58 1.61
CA PHE K 181 22.13 -8.74 2.23
C PHE K 181 22.06 -8.94 3.73
N GLY K 182 22.63 -10.02 4.25
CA GLY K 182 22.44 -10.37 5.64
C GLY K 182 21.01 -10.75 5.91
N ALA K 183 20.43 -11.59 5.05
CA ALA K 183 19.01 -11.90 5.12
C ALA K 183 18.70 -12.79 6.32
N ALA K 184 17.41 -12.95 6.58
CA ALA K 184 16.97 -13.64 7.79
C ALA K 184 17.12 -15.15 7.69
N GLY K 185 17.23 -15.71 6.49
CA GLY K 185 17.40 -17.15 6.35
C GLY K 185 17.57 -17.54 4.90
N LEU K 186 17.96 -18.80 4.72
CA LEU K 186 18.17 -19.40 3.41
C LEU K 186 17.69 -20.84 3.43
N THR K 187 16.70 -21.14 2.61
CA THR K 187 16.10 -22.47 2.57
C THR K 187 16.25 -23.04 1.17
N ILE K 188 16.85 -24.22 1.07
CA ILE K 188 17.05 -24.90 -0.20
C ILE K 188 15.94 -25.92 -0.36
N VAL K 189 15.20 -25.82 -1.45
CA VAL K 189 14.12 -26.74 -1.75
C VAL K 189 14.67 -27.81 -2.67
N GLU K 190 14.56 -29.07 -2.26
CA GLU K 190 15.23 -30.17 -2.93
C GLU K 190 14.23 -31.29 -3.22
N ASN K 191 14.52 -32.10 -4.23
CA ASN K 191 13.68 -33.23 -4.59
C ASN K 191 13.82 -34.44 -3.67
N VAL K 192 14.75 -34.39 -2.70
CA VAL K 192 14.88 -35.42 -1.67
C VAL K 192 14.74 -34.73 -0.32
N ASP K 193 14.78 -35.53 0.75
CA ASP K 193 14.57 -35.01 2.10
C ASP K 193 15.69 -34.10 2.58
N GLY K 194 16.93 -34.40 2.24
CA GLY K 194 18.08 -33.65 2.68
C GLY K 194 19.35 -34.42 2.36
N ILE K 195 20.45 -33.94 2.91
CA ILE K 195 21.75 -34.55 2.68
C ILE K 195 21.83 -35.87 3.40
N TYR K 196 22.17 -36.94 2.69
CA TYR K 196 22.37 -38.22 3.32
C TYR K 196 23.86 -38.52 3.35
N THR K 197 24.22 -39.69 3.90
CA THR K 197 25.63 -40.04 3.97
C THR K 197 26.17 -40.58 2.67
N ALA K 198 25.30 -40.84 1.70
CA ALA K 198 25.72 -41.25 0.37
C ALA K 198 24.65 -40.78 -0.60
N ASP K 199 24.69 -41.32 -1.81
CA ASP K 199 23.70 -40.95 -2.81
C ASP K 199 22.48 -41.85 -2.63
N PRO K 200 21.31 -41.31 -2.29
CA PRO K 200 20.11 -42.14 -2.12
C PRO K 200 19.52 -42.66 -3.40
N ASN K 201 20.03 -42.26 -4.57
CA ASN K 201 19.51 -42.73 -5.84
C ASN K 201 20.63 -43.26 -6.73
N GLY K 202 21.77 -43.62 -6.15
CA GLY K 202 22.88 -44.16 -6.90
C GLY K 202 23.11 -45.63 -6.60
N PRO K 203 24.33 -46.11 -6.91
CA PRO K 203 24.64 -47.53 -6.68
C PRO K 203 24.72 -47.91 -5.21
N ASP K 204 24.95 -46.96 -4.31
CA ASP K 204 24.97 -47.21 -2.87
C ASP K 204 23.76 -46.59 -2.18
N ARG K 205 22.57 -46.74 -2.78
CA ARG K 205 21.35 -46.23 -2.16
C ARG K 205 20.93 -47.01 -0.94
N GLY K 206 21.48 -48.21 -0.73
CA GLY K 206 21.14 -48.97 0.47
C GLY K 206 21.75 -48.39 1.73
N GLN K 207 22.94 -47.79 1.63
CA GLN K 207 23.67 -47.27 2.77
C GLN K 207 23.33 -45.82 3.06
N ALA K 208 22.34 -45.26 2.39
CA ALA K 208 22.04 -43.84 2.48
C ALA K 208 21.30 -43.55 3.78
N ARG K 209 21.97 -42.87 4.71
CA ARG K 209 21.42 -42.57 6.01
C ARG K 209 21.17 -41.07 6.14
N PHE K 210 19.96 -40.71 6.55
CA PHE K 210 19.56 -39.32 6.67
C PHE K 210 20.37 -38.61 7.75
N LEU K 211 20.81 -37.38 7.44
CA LEU K 211 21.53 -36.56 8.38
C LEU K 211 20.61 -35.45 8.87
N PRO K 212 20.07 -35.53 10.09
CA PRO K 212 19.22 -34.44 10.58
C PRO K 212 20.00 -33.18 10.89
N GLU K 213 21.29 -33.29 11.15
CA GLU K 213 22.08 -32.16 11.61
C GLU K 213 23.51 -32.35 11.19
N THR K 214 24.05 -31.34 10.50
CA THR K 214 25.42 -31.40 10.03
C THR K 214 25.97 -29.98 9.94
N SER K 215 27.29 -29.89 9.78
CA SER K 215 27.99 -28.62 9.69
C SER K 215 28.76 -28.55 8.37
N ALA K 216 29.21 -27.34 8.04
CA ALA K 216 29.81 -27.12 6.72
C ALA K 216 31.21 -27.71 6.65
N THR K 217 31.93 -27.76 7.76
CA THR K 217 33.27 -28.32 7.72
C THR K 217 33.24 -29.84 7.65
N ASP K 218 32.23 -30.46 8.29
CA ASP K 218 32.11 -31.91 8.24
C ASP K 218 31.71 -32.38 6.84
N LEU K 219 30.83 -31.62 6.17
CA LEU K 219 30.53 -31.90 4.78
C LEU K 219 31.70 -31.55 3.88
N ALA K 220 32.51 -30.57 4.27
CA ALA K 220 33.66 -30.16 3.47
C ALA K 220 34.75 -31.23 3.47
N LYS K 221 34.91 -31.94 4.58
CA LYS K 221 35.89 -33.01 4.64
C LYS K 221 35.45 -34.28 3.93
N SER K 222 34.19 -34.36 3.51
CA SER K 222 33.63 -35.60 3.00
C SER K 222 33.86 -35.74 1.50
N GLU K 223 34.19 -36.96 1.09
CA GLU K 223 34.23 -37.34 -0.31
C GLU K 223 32.93 -38.04 -0.66
N GLY K 224 32.57 -37.98 -1.94
CA GLY K 224 31.29 -38.47 -2.38
C GLY K 224 30.40 -37.33 -2.79
N PRO K 225 29.18 -37.64 -3.26
CA PRO K 225 28.28 -36.59 -3.74
C PRO K 225 27.61 -35.83 -2.61
N LEU K 226 26.90 -34.79 -3.01
CA LEU K 226 26.04 -33.94 -2.21
C LEU K 226 24.93 -33.44 -3.13
N PRO K 227 23.83 -32.93 -2.59
CA PRO K 227 22.90 -32.17 -3.43
C PRO K 227 23.31 -30.72 -3.60
N VAL K 228 24.38 -30.30 -2.94
CA VAL K 228 24.81 -28.92 -2.90
C VAL K 228 26.21 -28.81 -3.49
N ASP K 229 26.63 -27.59 -3.76
CA ASP K 229 27.92 -27.36 -4.39
C ASP K 229 29.04 -27.54 -3.37
N ARG K 230 30.24 -27.86 -3.86
CA ARG K 230 31.40 -27.81 -2.98
C ARG K 230 31.82 -26.38 -2.71
N ALA K 231 31.50 -25.46 -3.62
CA ALA K 231 31.80 -24.05 -3.37
C ALA K 231 30.85 -23.44 -2.35
N LEU K 232 29.67 -24.05 -2.17
CA LEU K 232 28.75 -23.65 -1.11
C LEU K 232 29.40 -23.83 0.26
N LEU K 233 30.14 -24.92 0.45
CA LEU K 233 30.76 -25.16 1.74
C LEU K 233 31.94 -24.23 1.97
N ASP K 234 32.63 -23.84 0.90
CA ASP K 234 33.74 -22.88 1.02
C ASP K 234 33.23 -21.48 1.31
N VAL K 235 32.08 -21.09 0.76
CA VAL K 235 31.59 -19.76 1.08
C VAL K 235 30.78 -19.77 2.37
N MET K 236 30.38 -20.95 2.87
CA MET K 236 29.87 -21.02 4.24
C MET K 236 30.99 -20.96 5.25
N ALA K 237 32.18 -21.47 4.92
CA ALA K 237 33.29 -21.40 5.85
C ALA K 237 33.78 -19.97 6.09
N THR K 238 33.51 -19.05 5.16
CA THR K 238 33.78 -17.64 5.38
C THR K 238 32.49 -16.82 5.35
N ALA K 239 31.45 -17.27 6.05
CA ALA K 239 30.19 -16.55 6.05
C ALA K 239 30.18 -15.47 7.11
N ARG K 240 29.21 -14.56 7.01
CA ARG K 240 29.15 -13.41 7.90
C ARG K 240 27.90 -13.38 8.75
N HIS K 241 26.73 -13.65 8.19
CA HIS K 241 25.48 -13.43 8.89
C HIS K 241 24.59 -14.66 8.97
N ILE K 242 24.52 -15.44 7.88
CA ILE K 242 23.69 -16.64 7.85
C ILE K 242 24.32 -17.68 8.77
N GLU K 243 23.57 -18.11 9.78
CA GLU K 243 24.06 -19.10 10.73
C GLU K 243 23.67 -20.51 10.37
N ARG K 244 22.59 -20.69 9.61
CA ARG K 244 22.15 -22.03 9.25
C ARG K 244 21.43 -21.98 7.91
N VAL K 245 21.55 -23.07 7.15
CA VAL K 245 20.86 -23.27 5.89
C VAL K 245 20.15 -24.60 6.00
N GLN K 246 18.89 -24.64 5.61
CA GLN K 246 18.08 -25.83 5.83
C GLN K 246 17.58 -26.40 4.52
N VAL K 247 18.05 -27.59 4.19
CA VAL K 247 17.69 -28.31 2.96
C VAL K 247 16.43 -29.10 3.23
N VAL K 248 15.34 -28.79 2.52
CA VAL K 248 14.06 -29.44 2.75
C VAL K 248 13.58 -30.09 1.46
N ASN K 249 12.60 -30.97 1.63
CA ASN K 249 11.95 -31.64 0.50
C ASN K 249 10.78 -30.79 0.07
N GLY K 250 10.78 -30.39 -1.20
CA GLY K 250 9.65 -29.66 -1.73
C GLY K 250 8.64 -30.50 -2.46
N LEU K 251 8.71 -31.82 -2.32
CA LEU K 251 7.67 -32.68 -2.85
C LEU K 251 6.63 -33.05 -1.81
N VAL K 252 6.90 -32.77 -0.54
CA VAL K 252 5.98 -33.06 0.55
C VAL K 252 5.35 -31.75 1.02
N PRO K 253 4.03 -31.63 1.00
CA PRO K 253 3.39 -30.37 1.38
C PRO K 253 3.49 -30.12 2.88
N GLY K 254 3.84 -28.89 3.24
CA GLY K 254 3.98 -28.49 4.61
C GLY K 254 5.39 -28.20 5.05
N ARG K 255 6.39 -28.71 4.35
CA ARG K 255 7.76 -28.59 4.84
C ARG K 255 8.40 -27.25 4.47
N LEU K 256 7.96 -26.60 3.40
CA LEU K 256 8.54 -25.32 3.05
C LEU K 256 8.05 -24.22 3.99
N THR K 257 6.77 -24.24 4.33
CA THR K 257 6.19 -23.33 5.30
C THR K 257 6.86 -23.47 6.66
N ALA K 258 7.00 -24.72 7.10
CA ALA K 258 7.64 -25.02 8.37
C ALA K 258 9.12 -24.67 8.35
N ALA K 259 9.76 -24.78 7.19
CA ALA K 259 11.17 -24.41 7.08
C ALA K 259 11.34 -22.91 7.17
N LEU K 260 10.43 -22.15 6.56
CA LEU K 260 10.50 -20.72 6.65
C LEU K 260 10.08 -20.18 8.01
N ARG K 261 9.34 -20.97 8.79
CA ARG K 261 9.03 -20.60 10.17
C ARG K 261 10.06 -21.12 11.17
N GLY K 262 11.06 -21.85 10.70
CA GLY K 262 12.15 -22.28 11.55
C GLY K 262 12.07 -23.69 12.09
N GLU K 263 11.05 -24.45 11.72
CA GLU K 263 10.87 -25.79 12.30
C GLU K 263 11.81 -26.77 11.62
N HIS K 264 12.44 -27.62 12.42
CA HIS K 264 13.45 -28.57 11.93
C HIS K 264 12.74 -29.68 11.18
N VAL K 265 12.61 -29.52 9.86
CA VAL K 265 11.95 -30.49 9.01
C VAL K 265 12.89 -31.17 8.02
N GLY K 266 14.02 -30.57 7.70
CA GLY K 266 14.99 -31.17 6.79
C GLY K 266 16.33 -31.27 7.47
N THR K 267 17.38 -31.03 6.69
CA THR K 267 18.75 -31.08 7.17
C THR K 267 19.23 -29.66 7.48
N LEU K 268 19.59 -29.42 8.73
CA LEU K 268 20.19 -28.16 9.14
C LEU K 268 21.70 -28.21 8.89
N ILE K 269 22.22 -27.18 8.23
CA ILE K 269 23.63 -27.09 7.88
C ILE K 269 24.20 -25.88 8.60
N ARG K 270 25.21 -26.09 9.44
CA ARG K 270 25.77 -24.99 10.22
C ARG K 270 26.95 -24.37 9.48
N THR K 271 26.91 -23.05 9.31
CA THR K 271 27.97 -22.34 8.62
C THR K 271 29.16 -22.01 9.52
N GLY K 272 29.07 -22.26 10.81
CA GLY K 272 30.17 -21.94 11.70
C GLY K 272 30.31 -20.47 12.02
N VAL K 273 29.22 -19.72 11.90
CA VAL K 273 29.16 -18.32 12.33
C VAL K 273 28.59 -18.32 13.74
N ARG K 274 29.40 -17.86 14.69
CA ARG K 274 29.06 -18.05 16.09
C ARG K 274 28.26 -16.87 16.62
N PRO K 275 27.12 -17.12 17.28
CA PRO K 275 26.32 -16.01 17.84
C PRO K 275 26.92 -15.48 19.12
N ALA K 276 26.31 -14.46 19.69
CA ALA K 276 26.79 -13.87 20.93
C ALA K 276 26.42 -14.76 22.11
N ASN L 3 36.87 -43.03 -21.20
CA ASN L 3 35.64 -42.25 -21.20
C ASN L 3 35.20 -41.92 -22.63
N SER L 4 33.92 -41.62 -22.80
CA SER L 4 33.35 -41.41 -24.11
C SER L 4 32.20 -40.43 -24.01
N THR L 5 31.47 -40.30 -25.13
CA THR L 5 30.26 -39.48 -25.13
C THR L 5 29.14 -40.17 -24.37
N ALA L 6 29.07 -41.50 -24.46
CA ALA L 6 27.97 -42.24 -23.86
C ALA L 6 28.06 -42.26 -22.34
N GLU L 7 29.22 -42.61 -21.79
CA GLU L 7 29.37 -42.72 -20.35
C GLU L 7 29.29 -41.36 -19.68
N LEU L 8 29.92 -40.34 -20.28
CA LEU L 8 29.82 -38.98 -19.75
C LEU L 8 28.40 -38.45 -19.84
N GLU L 9 27.67 -38.81 -20.91
CA GLU L 9 26.27 -38.39 -21.05
C GLU L 9 25.40 -39.00 -19.96
N GLU L 10 25.62 -40.30 -19.68
CA GLU L 10 24.91 -40.97 -18.59
C GLU L 10 25.22 -40.32 -17.25
N LEU L 11 26.50 -40.12 -16.95
CA LEU L 11 26.89 -39.59 -15.64
C LEU L 11 26.42 -38.16 -15.45
N LEU L 12 26.34 -37.38 -16.53
CA LEU L 12 25.79 -36.03 -16.41
C LEU L 12 24.28 -36.06 -16.22
N MET L 13 23.58 -36.89 -16.98
CA MET L 13 22.12 -36.76 -17.01
C MET L 13 21.43 -37.56 -15.91
N GLN L 14 22.17 -38.38 -15.14
CA GLN L 14 21.55 -38.99 -13.97
C GLN L 14 22.43 -39.10 -12.72
N ARG L 15 23.48 -38.29 -12.58
CA ARG L 15 24.18 -38.16 -11.31
C ARG L 15 24.41 -36.69 -11.01
N SER L 16 24.64 -36.37 -9.75
CA SER L 16 24.83 -34.98 -9.33
C SER L 16 26.17 -34.47 -9.81
N LEU L 17 26.26 -33.16 -10.04
CA LEU L 17 27.45 -32.57 -10.65
C LEU L 17 28.65 -32.52 -9.71
N THR L 18 28.42 -32.73 -8.41
CA THR L 18 29.52 -32.79 -7.46
C THR L 18 29.98 -34.21 -7.16
N ASP L 19 29.58 -35.16 -7.99
CA ASP L 19 30.03 -36.54 -7.84
C ASP L 19 31.48 -36.64 -8.34
N PRO L 20 32.39 -37.26 -7.57
CA PRO L 20 33.77 -37.43 -8.07
C PRO L 20 33.91 -38.24 -9.35
N GLN L 21 33.01 -39.17 -9.64
CA GLN L 21 33.12 -39.90 -10.90
C GLN L 21 32.72 -39.04 -12.08
N LEU L 22 31.73 -38.15 -11.88
CA LEU L 22 31.39 -37.16 -12.90
C LEU L 22 32.55 -36.20 -13.13
N GLN L 23 33.25 -35.81 -12.07
CA GLN L 23 34.36 -34.89 -12.22
C GLN L 23 35.51 -35.55 -12.97
N ALA L 24 35.80 -36.82 -12.63
CA ALA L 24 36.88 -37.52 -13.31
C ALA L 24 36.53 -37.82 -14.77
N ALA L 25 35.24 -37.98 -15.07
CA ALA L 25 34.85 -38.23 -16.45
C ALA L 25 34.84 -36.94 -17.26
N ALA L 26 34.41 -35.84 -16.66
CA ALA L 26 34.31 -34.59 -17.41
C ALA L 26 35.66 -33.92 -17.56
N ALA L 27 36.61 -34.20 -16.65
CA ALA L 27 37.93 -33.59 -16.76
C ALA L 27 38.84 -34.32 -17.71
N ALA L 28 38.36 -35.34 -18.43
CA ALA L 28 39.16 -36.05 -19.40
C ALA L 28 38.83 -35.70 -20.84
N ALA L 29 37.87 -34.79 -21.06
CA ALA L 29 37.50 -34.40 -22.41
C ALA L 29 38.55 -33.46 -23.00
N ALA L 30 38.41 -33.17 -24.29
CA ALA L 30 39.43 -32.41 -25.00
C ALA L 30 39.39 -30.93 -24.63
N ASP L 31 40.57 -30.32 -24.59
CA ASP L 31 40.72 -28.90 -24.30
C ASP L 31 40.64 -28.12 -25.62
N PHE L 32 39.81 -27.07 -25.65
CA PHE L 32 39.69 -26.22 -26.82
C PHE L 32 40.06 -24.80 -26.44
N ARG L 33 40.96 -24.21 -27.22
CA ARG L 33 41.54 -22.91 -26.91
C ARG L 33 40.94 -21.84 -27.81
N ILE L 34 40.29 -20.84 -27.21
CA ILE L 34 39.48 -19.91 -27.99
C ILE L 34 40.34 -18.88 -28.72
N LEU L 35 41.24 -18.20 -28.02
CA LEU L 35 42.12 -17.21 -28.66
C LEU L 35 43.56 -17.64 -28.45
N PRO L 36 44.08 -18.50 -29.32
CA PRO L 36 45.43 -19.03 -29.10
C PRO L 36 46.52 -18.01 -29.38
N ASP L 37 46.24 -16.99 -30.19
CA ASP L 37 47.23 -16.03 -30.61
C ASP L 37 47.32 -14.82 -29.69
N ALA L 38 46.32 -14.63 -28.83
CA ALA L 38 46.17 -13.37 -28.12
C ALA L 38 47.01 -13.31 -26.86
N THR L 39 47.28 -12.08 -26.41
CA THR L 39 48.12 -11.79 -25.26
C THR L 39 47.44 -10.72 -24.42
N VAL L 40 47.28 -10.98 -23.13
CA VAL L 40 46.55 -10.09 -22.25
C VAL L 40 47.54 -9.24 -21.47
N ILE L 41 47.30 -7.93 -21.41
CA ILE L 41 48.10 -6.98 -20.67
C ILE L 41 47.22 -6.32 -19.63
N LYS L 42 47.69 -6.25 -18.38
CA LYS L 42 47.01 -5.52 -17.33
C LYS L 42 47.77 -4.23 -17.07
N ILE L 43 47.07 -3.10 -17.11
CA ILE L 43 47.65 -1.79 -16.87
C ILE L 43 47.17 -1.32 -15.50
N GLY L 44 48.08 -1.32 -14.53
CA GLY L 44 47.71 -0.99 -13.17
C GLY L 44 47.32 0.46 -13.02
N GLY L 45 46.25 0.71 -12.26
CA GLY L 45 45.77 2.07 -12.09
C GLY L 45 46.68 2.91 -11.23
N GLN L 46 46.87 2.50 -9.97
CA GLN L 46 47.64 3.28 -9.02
C GLN L 46 49.12 3.25 -9.35
N SER L 47 49.55 2.22 -10.10
CA SER L 47 50.96 2.10 -10.41
C SER L 47 51.36 3.01 -11.58
N VAL L 48 50.56 3.02 -12.65
CA VAL L 48 50.92 3.70 -13.89
C VAL L 48 49.96 4.83 -14.22
N ILE L 49 48.66 4.56 -14.18
CA ILE L 49 47.68 5.49 -14.75
C ILE L 49 47.54 6.73 -13.89
N ASP L 50 47.69 6.59 -12.58
CA ASP L 50 47.56 7.76 -11.71
C ASP L 50 48.81 8.64 -11.74
N ARG L 51 49.85 8.23 -12.49
CA ARG L 51 51.00 9.11 -12.67
C ARG L 51 50.71 10.22 -13.67
N GLY L 52 49.70 10.06 -14.50
CA GLY L 52 49.31 11.11 -15.41
C GLY L 52 49.88 11.00 -16.80
N ARG L 53 50.55 12.05 -17.28
CA ARG L 53 50.88 12.12 -18.70
C ARG L 53 52.16 11.33 -18.99
N ALA L 54 53.17 11.49 -18.15
CA ALA L 54 54.53 11.06 -18.49
C ALA L 54 54.70 9.55 -18.32
N ALA L 55 53.67 8.87 -17.81
CA ALA L 55 53.74 7.42 -17.70
C ALA L 55 52.71 6.73 -18.59
N VAL L 56 51.69 7.46 -19.03
CA VAL L 56 50.69 6.84 -19.90
C VAL L 56 51.05 7.04 -21.36
N TYR L 57 51.60 8.20 -21.73
CA TYR L 57 52.03 8.37 -23.12
C TYR L 57 53.17 7.46 -23.58
N PRO L 58 54.18 7.09 -22.75
CA PRO L 58 55.07 6.01 -23.19
C PRO L 58 54.37 4.66 -23.36
N LEU L 59 53.34 4.34 -22.56
CA LEU L 59 52.60 3.12 -22.84
C LEU L 59 51.75 3.23 -24.08
N VAL L 60 51.20 4.40 -24.37
CA VAL L 60 50.47 4.59 -25.63
C VAL L 60 51.38 4.40 -26.82
N ASP L 61 52.60 4.93 -26.75
CA ASP L 61 53.57 4.71 -27.83
C ASP L 61 53.96 3.24 -27.95
N GLU L 62 54.19 2.56 -26.82
CA GLU L 62 54.56 1.14 -26.85
C GLU L 62 53.42 0.26 -27.33
N ILE L 63 52.18 0.58 -26.97
CA ILE L 63 51.03 -0.21 -27.41
C ILE L 63 50.79 -0.04 -28.91
N VAL L 64 50.83 1.20 -29.41
CA VAL L 64 50.62 1.42 -30.84
C VAL L 64 51.77 0.82 -31.66
N ALA L 65 52.98 0.81 -31.09
CA ALA L 65 54.10 0.19 -31.80
C ALA L 65 54.06 -1.32 -31.70
N ALA L 66 53.43 -1.87 -30.65
CA ALA L 66 53.52 -3.30 -30.41
C ALA L 66 52.34 -4.06 -30.97
N ARG L 67 51.24 -3.37 -31.29
CA ARG L 67 50.12 -4.06 -31.90
C ARG L 67 50.34 -4.36 -33.37
N LYS L 68 51.40 -3.83 -33.97
CA LYS L 68 51.69 -4.12 -35.37
C LYS L 68 52.14 -5.56 -35.59
N ASN L 69 52.57 -6.26 -34.54
CA ASN L 69 52.95 -7.65 -34.64
C ASN L 69 52.09 -8.59 -33.79
N HIS L 70 51.55 -8.12 -32.66
CA HIS L 70 50.96 -9.01 -31.67
C HIS L 70 49.50 -8.61 -31.42
N LYS L 71 48.70 -9.59 -31.02
CA LYS L 71 47.34 -9.32 -30.55
C LYS L 71 47.42 -8.94 -29.08
N LEU L 72 46.67 -7.92 -28.68
CA LEU L 72 46.77 -7.37 -27.33
C LEU L 72 45.39 -7.09 -26.77
N LEU L 73 45.03 -7.78 -25.70
CA LEU L 73 43.88 -7.41 -24.89
CA LEU L 73 43.88 -7.41 -24.89
C LEU L 73 44.38 -6.63 -23.69
N ILE L 74 44.03 -5.35 -23.61
CA ILE L 74 44.62 -4.44 -22.65
C ILE L 74 43.63 -4.21 -21.52
N GLY L 75 43.85 -4.87 -20.39
CA GLY L 75 43.05 -4.66 -19.20
C GLY L 75 43.55 -3.45 -18.42
N THR L 76 42.74 -3.00 -17.48
CA THR L 76 42.98 -1.75 -16.79
C THR L 76 42.59 -1.85 -15.32
N GLY L 77 43.46 -1.35 -14.44
CA GLY L 77 43.26 -1.40 -13.01
C GLY L 77 42.31 -0.33 -12.49
N ALA L 78 42.34 -0.16 -11.17
CA ALA L 78 41.40 0.75 -10.49
C ALA L 78 42.10 1.94 -9.87
N GLY L 79 43.06 1.76 -8.98
CA GLY L 79 43.81 2.88 -8.46
C GLY L 79 43.19 3.51 -7.23
N THR L 80 43.59 4.76 -6.98
CA THR L 80 43.41 5.35 -5.66
C THR L 80 41.99 5.81 -5.39
N ARG L 81 41.20 6.06 -6.45
CA ARG L 81 39.78 6.37 -6.23
C ARG L 81 39.03 5.16 -5.69
N ALA L 82 39.46 3.97 -6.09
CA ALA L 82 38.90 2.75 -5.51
C ALA L 82 39.27 2.62 -4.05
N ARG L 83 40.46 3.07 -3.66
CA ARG L 83 40.80 3.03 -2.24
C ARG L 83 39.98 4.02 -1.45
N HIS L 84 39.64 5.17 -2.04
CA HIS L 84 38.78 6.10 -1.32
C HIS L 84 37.36 5.55 -1.19
N LEU L 85 36.85 4.90 -2.23
CA LEU L 85 35.55 4.23 -2.11
C LEU L 85 35.57 3.09 -1.10
N TYR L 86 36.66 2.32 -1.06
CA TYR L 86 36.73 1.20 -0.13
C TYR L 86 36.84 1.69 1.29
N SER L 87 37.55 2.81 1.50
CA SER L 87 37.63 3.42 2.81
C SER L 87 36.28 3.93 3.28
N ILE L 88 35.57 4.68 2.44
CA ILE L 88 34.26 5.22 2.83
C ILE L 88 33.26 4.09 3.09
N ALA L 89 33.20 3.11 2.20
CA ALA L 89 32.20 2.07 2.35
C ALA L 89 32.59 1.04 3.41
N ALA L 90 33.87 0.93 3.73
CA ALA L 90 34.30 0.04 4.80
C ALA L 90 34.14 0.70 6.15
N GLY L 91 34.18 2.03 6.19
CA GLY L 91 33.89 2.72 7.43
C GLY L 91 32.42 2.62 7.81
N LEU L 92 31.54 2.61 6.81
CA LEU L 92 30.13 2.39 7.07
C LEU L 92 29.80 0.95 7.40
N GLY L 93 30.68 0.01 7.09
CA GLY L 93 30.37 -1.39 7.29
C GLY L 93 29.48 -1.98 6.24
N LEU L 94 29.83 -1.84 4.98
CA LEU L 94 29.09 -2.50 3.92
C LEU L 94 29.84 -3.76 3.50
N PRO L 95 29.14 -4.81 3.05
CA PRO L 95 29.80 -6.07 2.74
C PRO L 95 30.67 -6.01 1.49
N ALA L 96 31.29 -7.15 1.17
CA ALA L 96 32.28 -7.18 0.10
C ALA L 96 31.65 -7.01 -1.27
N GLY L 97 30.37 -7.33 -1.40
CA GLY L 97 29.71 -7.16 -2.70
C GLY L 97 29.50 -5.70 -3.06
N VAL L 98 29.16 -4.87 -2.08
CA VAL L 98 28.95 -3.46 -2.33
C VAL L 98 30.28 -2.80 -2.73
N LEU L 99 31.38 -3.20 -2.09
CA LEU L 99 32.68 -2.64 -2.44
C LEU L 99 33.16 -3.13 -3.80
N ALA L 100 32.77 -4.36 -4.18
CA ALA L 100 33.08 -4.82 -5.54
C ALA L 100 32.34 -3.99 -6.59
N GLN L 101 31.07 -3.69 -6.33
CA GLN L 101 30.32 -2.80 -7.21
C GLN L 101 30.93 -1.40 -7.28
N LEU L 102 31.53 -0.94 -6.17
CA LEU L 102 32.12 0.39 -6.18
C LEU L 102 33.47 0.41 -6.90
N GLY L 103 34.20 -0.70 -6.88
CA GLY L 103 35.48 -0.73 -7.57
C GLY L 103 35.37 -0.92 -9.07
N SER L 104 34.28 -1.56 -9.52
CA SER L 104 34.07 -1.76 -10.95
C SER L 104 33.95 -0.45 -11.72
N SER L 105 33.37 0.58 -11.09
CA SER L 105 33.18 1.85 -11.79
C SER L 105 34.48 2.60 -11.96
N VAL L 106 35.40 2.49 -11.00
CA VAL L 106 36.69 3.15 -11.14
C VAL L 106 37.53 2.46 -12.21
N ALA L 107 37.40 1.12 -12.32
CA ALA L 107 38.03 0.42 -13.43
C ALA L 107 37.46 0.86 -14.78
N ASP L 108 36.14 1.09 -14.84
CA ASP L 108 35.50 1.59 -16.06
C ASP L 108 36.02 2.98 -16.43
N GLN L 109 36.19 3.86 -15.44
CA GLN L 109 36.70 5.20 -15.69
C GLN L 109 38.11 5.20 -16.25
N ASN L 110 39.00 4.40 -15.66
CA ASN L 110 40.38 4.37 -16.15
C ASN L 110 40.46 3.72 -17.53
N ALA L 111 39.61 2.73 -17.80
CA ALA L 111 39.56 2.16 -19.15
C ALA L 111 39.03 3.16 -20.15
N ALA L 112 38.12 4.04 -19.73
CA ALA L 112 37.58 5.06 -20.62
C ALA L 112 38.63 6.10 -20.98
N MET L 113 39.42 6.55 -20.00
CA MET L 113 40.51 7.48 -20.31
C MET L 113 41.57 6.85 -21.20
N LEU L 114 41.96 5.60 -20.91
CA LEU L 114 42.93 4.90 -21.74
C LEU L 114 42.41 4.70 -23.16
N GLY L 115 41.12 4.44 -23.31
CA GLY L 115 40.58 4.22 -24.63
C GLY L 115 40.40 5.49 -25.44
N GLN L 116 40.16 6.62 -24.77
CA GLN L 116 40.14 7.87 -25.52
C GLN L 116 41.55 8.30 -25.90
N LEU L 117 42.55 7.93 -25.11
CA LEU L 117 43.91 8.15 -25.56
C LEU L 117 44.33 7.20 -26.69
N LEU L 118 43.70 6.04 -26.80
CA LEU L 118 44.05 5.10 -27.87
C LEU L 118 43.09 5.09 -29.06
N ALA L 119 42.01 5.86 -29.02
CA ALA L 119 40.97 5.73 -30.03
C ALA L 119 41.35 6.33 -31.37
N LYS L 120 42.24 7.32 -31.37
CA LYS L 120 42.60 7.89 -32.66
C LYS L 120 43.56 7.02 -33.44
N HIS L 121 44.17 6.03 -32.79
CA HIS L 121 45.01 5.03 -33.45
C HIS L 121 44.23 3.79 -33.83
N GLY L 122 42.96 3.70 -33.45
CA GLY L 122 42.11 2.63 -33.91
C GLY L 122 41.77 1.56 -32.90
N ILE L 123 42.15 1.71 -31.64
CA ILE L 123 41.97 0.69 -30.62
C ILE L 123 40.72 1.02 -29.83
N PRO L 124 39.67 0.21 -29.88
CA PRO L 124 38.42 0.54 -29.19
C PRO L 124 38.35 -0.03 -27.79
N VAL L 125 37.51 0.60 -26.98
CA VAL L 125 37.07 0.01 -25.71
C VAL L 125 35.93 -0.95 -26.00
N VAL L 126 36.06 -2.18 -25.54
CA VAL L 126 35.06 -3.19 -25.84
C VAL L 126 34.46 -3.72 -24.54
N GLY L 127 33.18 -4.07 -24.64
CA GLY L 127 32.53 -4.89 -23.64
C GLY L 127 32.20 -6.23 -24.28
N GLY L 128 32.75 -7.29 -23.71
CA GLY L 128 32.89 -8.50 -24.49
C GLY L 128 34.24 -8.51 -25.17
N ALA L 129 35.28 -8.52 -24.35
CA ALA L 129 36.64 -8.38 -24.87
C ALA L 129 37.12 -9.61 -25.61
N GLY L 130 36.91 -10.80 -25.06
CA GLY L 130 37.45 -11.99 -25.68
C GLY L 130 36.68 -12.46 -26.90
N LEU L 131 35.39 -12.13 -26.98
CA LEU L 131 34.58 -12.52 -28.12
C LEU L 131 34.39 -11.39 -29.12
N SER L 132 35.28 -10.40 -29.09
CA SER L 132 35.27 -9.29 -30.02
C SER L 132 36.12 -9.69 -31.22
N ALA L 133 35.47 -10.28 -32.23
CA ALA L 133 36.20 -11.00 -33.27
C ALA L 133 36.76 -10.05 -34.31
N VAL L 134 35.98 -9.05 -34.71
CA VAL L 134 36.33 -8.16 -35.82
C VAL L 134 37.56 -7.30 -35.52
N PRO L 135 37.70 -6.59 -34.38
CA PRO L 135 38.92 -5.81 -34.22
C PRO L 135 40.14 -6.64 -33.85
N LEU L 136 39.95 -7.87 -33.37
CA LEU L 136 41.08 -8.74 -33.13
C LEU L 136 41.48 -9.52 -34.38
N SER L 137 40.68 -9.49 -35.44
CA SER L 137 41.00 -10.19 -36.67
C SER L 137 41.57 -9.27 -37.74
N LEU L 138 41.62 -7.97 -37.50
CA LEU L 138 42.16 -7.00 -38.44
C LEU L 138 43.57 -6.64 -38.05
N ALA L 139 44.47 -6.56 -39.04
CA ALA L 139 45.81 -6.04 -38.79
C ALA L 139 45.78 -4.54 -38.58
N GLU L 140 44.73 -3.86 -39.07
CA GLU L 140 44.60 -2.43 -38.88
C GLU L 140 44.21 -2.06 -37.45
N VAL L 141 43.69 -2.99 -36.67
CA VAL L 141 43.30 -2.67 -35.30
C VAL L 141 44.10 -3.48 -34.31
N ASN L 142 43.90 -4.81 -34.34
CA ASN L 142 44.75 -5.82 -33.73
C ASN L 142 44.83 -5.74 -32.20
N ALA L 143 44.00 -4.93 -31.54
CA ALA L 143 44.08 -4.72 -30.10
C ALA L 143 42.76 -4.16 -29.59
N VAL L 144 42.47 -4.41 -28.32
CA VAL L 144 41.28 -3.91 -27.66
C VAL L 144 41.63 -3.45 -26.26
N VAL L 145 40.68 -2.76 -25.62
CA VAL L 145 40.82 -2.24 -24.26
C VAL L 145 39.58 -2.65 -23.47
N PHE L 146 39.77 -3.13 -22.24
CA PHE L 146 38.66 -3.53 -21.40
C PHE L 146 38.96 -3.19 -19.95
N SER L 147 37.92 -3.22 -19.12
CA SER L 147 38.06 -2.91 -17.70
C SER L 147 38.40 -4.18 -16.95
N GLY L 148 39.28 -4.08 -15.97
CA GLY L 148 39.86 -5.25 -15.36
C GLY L 148 39.04 -5.99 -14.34
N MET L 149 37.97 -5.40 -13.79
CA MET L 149 37.21 -6.00 -12.71
C MET L 149 36.38 -7.20 -13.17
N PRO L 150 36.28 -8.23 -12.33
CA PRO L 150 35.42 -9.37 -12.63
C PRO L 150 33.95 -9.01 -12.48
N PRO L 151 33.03 -9.83 -13.01
CA PRO L 151 31.59 -9.51 -12.92
C PRO L 151 30.95 -9.90 -11.62
N TYR L 152 31.75 -10.26 -10.63
CA TYR L 152 31.20 -10.86 -9.40
C TYR L 152 30.23 -9.91 -8.73
N LYS L 153 30.52 -8.61 -8.67
CA LYS L 153 29.56 -7.63 -8.12
C LYS L 153 29.15 -8.04 -6.72
N LEU L 154 27.86 -8.15 -6.45
CA LEU L 154 27.36 -8.53 -5.11
C LEU L 154 27.62 -9.99 -4.75
N TRP L 155 27.81 -10.89 -5.70
CA TRP L 155 28.10 -12.28 -5.46
C TRP L 155 29.57 -12.53 -5.22
N MET L 156 30.29 -11.51 -4.78
CA MET L 156 31.71 -11.62 -4.52
C MET L 156 31.97 -12.54 -3.35
N ARG L 157 32.85 -13.51 -3.55
CA ARG L 157 33.27 -14.39 -2.47
CA ARG L 157 33.27 -14.39 -2.47
C ARG L 157 34.02 -13.58 -1.43
N PRO L 158 33.54 -13.52 -0.20
CA PRO L 158 34.19 -12.66 0.80
C PRO L 158 35.52 -13.25 1.25
N ALA L 159 36.39 -12.36 1.70
CA ALA L 159 37.65 -12.81 2.26
C ALA L 159 37.43 -13.40 3.65
N ALA L 160 38.46 -14.05 4.17
CA ALA L 160 38.36 -14.65 5.50
C ALA L 160 38.28 -13.59 6.58
N GLU L 161 38.82 -12.40 6.33
CA GLU L 161 38.75 -11.29 7.27
C GLU L 161 38.50 -9.99 6.50
N GLY L 162 37.51 -9.23 6.96
CA GLY L 162 37.31 -7.90 6.45
C GLY L 162 36.28 -7.81 5.34
N VAL L 163 36.14 -6.60 4.80
CA VAL L 163 35.13 -6.31 3.80
C VAL L 163 35.76 -5.90 2.46
N ILE L 164 37.05 -6.14 2.29
CA ILE L 164 37.71 -5.81 1.02
C ILE L 164 37.46 -6.94 0.02
N PRO L 165 37.12 -6.64 -1.24
CA PRO L 165 36.97 -7.68 -2.23
C PRO L 165 38.29 -8.31 -2.59
N PRO L 166 38.43 -9.63 -2.46
CA PRO L 166 39.71 -10.27 -2.79
C PRO L 166 39.95 -10.42 -4.29
N TYR L 167 38.92 -10.40 -5.11
CA TYR L 167 39.06 -10.61 -6.55
C TYR L 167 38.82 -9.27 -7.23
N ARG L 168 39.91 -8.64 -7.66
CA ARG L 168 39.87 -7.33 -8.28
C ARG L 168 40.55 -7.46 -9.63
N THR L 169 40.98 -6.34 -10.22
CA THR L 169 41.47 -6.26 -11.59
C THR L 169 42.55 -7.27 -11.95
N ASP L 170 43.39 -7.68 -10.99
CA ASP L 170 44.38 -8.73 -11.22
C ASP L 170 43.70 -10.06 -11.53
N ALA L 171 42.77 -10.49 -10.67
CA ALA L 171 42.06 -11.74 -10.87
C ALA L 171 41.16 -11.68 -12.09
N GLY L 172 40.60 -10.51 -12.39
CA GLY L 172 39.75 -10.37 -13.57
C GLY L 172 40.52 -10.55 -14.87
N CYS L 173 41.64 -9.84 -14.99
CA CYS L 173 42.45 -9.97 -16.21
C CYS L 173 43.08 -11.35 -16.31
N PHE L 174 43.42 -11.98 -15.18
CA PHE L 174 43.98 -13.32 -15.23
C PHE L 174 42.92 -14.35 -15.66
N LEU L 175 41.69 -14.21 -15.17
CA LEU L 175 40.68 -15.18 -15.58
C LEU L 175 40.21 -14.96 -17.01
N LEU L 176 40.36 -13.74 -17.54
CA LEU L 176 40.13 -13.58 -18.97
C LEU L 176 41.25 -14.24 -19.77
N ALA L 177 42.49 -14.11 -19.33
CA ALA L 177 43.61 -14.76 -20.01
C ALA L 177 43.52 -16.28 -19.93
N GLU L 178 42.93 -16.79 -18.85
CA GLU L 178 42.77 -18.23 -18.69
C GLU L 178 41.56 -18.77 -19.43
N GLN L 179 40.45 -18.03 -19.42
CA GLN L 179 39.24 -18.45 -20.12
C GLN L 179 39.42 -18.44 -21.63
N PHE L 180 39.97 -17.37 -22.17
CA PHE L 180 40.04 -17.29 -23.61
C PHE L 180 41.33 -17.86 -24.18
N GLY L 181 42.04 -18.67 -23.41
CA GLY L 181 43.20 -19.42 -23.87
C GLY L 181 44.34 -18.58 -24.40
N CYS L 182 44.52 -17.38 -23.88
CA CYS L 182 45.52 -16.47 -24.39
C CYS L 182 46.92 -16.97 -24.04
N LYS L 183 47.85 -16.77 -24.96
CA LYS L 183 49.12 -17.47 -24.86
C LYS L 183 50.08 -16.85 -23.86
N GLN L 184 49.76 -15.67 -23.31
CA GLN L 184 50.68 -15.00 -22.40
C GLN L 184 49.91 -14.00 -21.56
N MET L 185 50.27 -13.90 -20.29
CA MET L 185 49.76 -12.88 -19.39
C MET L 185 50.91 -11.98 -18.97
N ILE L 186 50.69 -10.67 -19.02
CA ILE L 186 51.65 -9.69 -18.54
C ILE L 186 50.92 -8.68 -17.66
N PHE L 187 51.41 -8.52 -16.44
CA PHE L 187 50.97 -7.46 -15.54
C PHE L 187 51.95 -6.31 -15.64
N VAL L 188 51.48 -5.14 -16.02
CA VAL L 188 52.34 -3.96 -16.16
C VAL L 188 52.17 -3.09 -14.93
N LYS L 189 53.22 -3.03 -14.11
CA LYS L 189 53.20 -2.29 -12.85
C LYS L 189 54.35 -1.31 -12.83
N ASP L 190 54.56 -0.63 -11.69
CA ASP L 190 55.57 0.42 -11.61
C ASP L 190 56.85 -0.03 -10.92
N GLU L 191 56.86 -1.20 -10.30
CA GLU L 191 58.05 -1.69 -9.64
C GLU L 191 58.68 -2.77 -10.51
N ASP L 192 60.00 -2.77 -10.54
CA ASP L 192 60.77 -3.66 -11.41
C ASP L 192 60.70 -5.08 -10.87
N GLY L 193 59.57 -5.72 -11.14
CA GLY L 193 59.34 -7.09 -10.75
C GLY L 193 58.76 -7.20 -9.35
N LEU L 194 58.90 -8.40 -8.78
CA LEU L 194 58.49 -8.69 -7.42
C LEU L 194 59.70 -8.62 -6.51
N TYR L 195 59.56 -7.92 -5.40
CA TYR L 195 60.58 -7.91 -4.38
C TYR L 195 60.16 -8.78 -3.21
N THR L 196 61.09 -9.01 -2.28
CA THR L 196 60.75 -9.78 -1.08
C THR L 196 59.86 -8.99 -0.14
N ALA L 197 60.03 -7.66 -0.11
CA ALA L 197 59.18 -6.79 0.68
C ALA L 197 58.74 -5.62 -0.19
N ASN L 198 57.90 -4.76 0.38
CA ASN L 198 57.40 -3.56 -0.28
C ASN L 198 58.56 -2.61 -0.55
N PRO L 199 58.88 -2.30 -1.82
CA PRO L 199 60.00 -1.38 -2.06
C PRO L 199 59.64 0.07 -1.85
N LYS L 200 58.36 0.41 -1.81
CA LYS L 200 57.98 1.77 -1.46
C LYS L 200 58.21 2.03 0.02
N THR L 201 58.00 1.01 0.86
CA THR L 201 58.14 1.14 2.30
C THR L 201 59.48 0.62 2.82
N SER L 202 59.80 -0.64 2.59
CA SER L 202 61.03 -1.22 3.12
C SER L 202 62.18 -0.78 2.23
N LYS L 203 63.36 -0.59 2.83
CA LYS L 203 64.48 0.01 2.11
C LYS L 203 65.46 -1.04 1.63
N ASP L 204 65.31 -2.27 2.11
CA ASP L 204 66.19 -3.37 1.73
C ASP L 204 65.36 -4.57 1.26
N ALA L 205 64.96 -4.54 0.00
CA ALA L 205 64.10 -5.57 -0.59
C ALA L 205 64.78 -6.12 -1.83
N THR L 206 65.16 -7.39 -1.80
CA THR L 206 65.87 -7.97 -2.92
C THR L 206 64.90 -8.42 -4.01
N PHE L 207 65.40 -8.39 -5.24
CA PHE L 207 64.64 -8.76 -6.42
C PHE L 207 64.80 -10.25 -6.71
N ILE L 208 63.67 -10.91 -6.98
CA ILE L 208 63.64 -12.34 -7.29
C ILE L 208 63.27 -12.51 -8.76
N PRO L 209 64.12 -13.16 -9.56
CA PRO L 209 63.88 -13.18 -11.01
C PRO L 209 62.80 -14.15 -11.43
N ARG L 210 62.69 -15.30 -10.77
CA ARG L 210 61.66 -16.26 -11.09
C ARG L 210 61.37 -17.08 -9.84
N ILE L 211 60.09 -17.24 -9.54
CA ILE L 211 59.65 -17.96 -8.35
C ILE L 211 58.36 -18.68 -8.70
N SER L 212 58.20 -19.88 -8.15
CA SER L 212 56.95 -20.61 -8.33
C SER L 212 55.92 -20.11 -7.32
N VAL L 213 54.71 -20.69 -7.40
CA VAL L 213 53.68 -20.33 -6.42
C VAL L 213 54.01 -20.92 -5.07
N ASP L 214 54.49 -22.16 -5.04
CA ASP L 214 54.77 -22.84 -3.77
C ASP L 214 55.98 -22.25 -3.05
N GLU L 215 57.00 -21.83 -3.81
CA GLU L 215 58.12 -21.12 -3.18
C GLU L 215 57.68 -19.75 -2.69
N MET L 216 56.64 -19.18 -3.29
CA MET L 216 56.18 -17.86 -2.89
C MET L 216 55.39 -17.94 -1.60
N LYS L 217 54.53 -18.96 -1.47
CA LYS L 217 53.76 -19.09 -0.24
C LYS L 217 54.60 -19.68 0.87
N ALA L 218 55.64 -20.44 0.52
CA ALA L 218 56.61 -20.89 1.52
C ALA L 218 57.51 -19.75 1.97
N LYS L 219 57.65 -18.71 1.15
CA LYS L 219 58.38 -17.51 1.55
C LYS L 219 57.59 -16.72 2.60
N GLY L 220 56.28 -16.65 2.42
CA GLY L 220 55.41 -16.00 3.39
C GLY L 220 55.53 -14.49 3.43
N LEU L 221 55.74 -13.86 2.28
CA LEU L 221 55.82 -12.41 2.22
C LEU L 221 54.44 -11.80 2.45
N HIS L 222 54.42 -10.60 3.03
CA HIS L 222 53.18 -10.09 3.61
C HIS L 222 52.31 -9.41 2.57
N ASP L 223 52.92 -8.71 1.62
CA ASP L 223 52.22 -8.20 0.46
C ASP L 223 53.05 -8.41 -0.80
N SER L 224 52.38 -8.63 -1.92
CA SER L 224 53.06 -8.87 -3.18
C SER L 224 52.49 -7.95 -4.24
N ILE L 225 53.19 -7.89 -5.38
CA ILE L 225 52.76 -7.04 -6.48
C ILE L 225 51.56 -7.63 -7.21
N LEU L 226 51.27 -8.91 -7.00
CA LEU L 226 50.01 -9.51 -7.39
C LEU L 226 49.23 -9.91 -6.16
N GLU L 227 47.95 -10.20 -6.37
CA GLU L 227 47.08 -10.58 -5.26
C GLU L 227 47.38 -12.01 -4.84
N PHE L 228 47.08 -12.33 -3.57
CA PHE L 228 47.22 -13.70 -3.12
C PHE L 228 46.14 -14.68 -3.62
N PRO L 229 44.87 -14.31 -3.87
CA PRO L 229 44.00 -15.26 -4.57
C PRO L 229 44.38 -15.53 -6.02
N VAL L 230 45.12 -14.63 -6.67
CA VAL L 230 45.58 -14.86 -8.04
C VAL L 230 46.57 -16.02 -8.09
N LEU L 231 47.28 -16.26 -6.99
CA LEU L 231 48.18 -17.41 -6.91
C LEU L 231 47.39 -18.72 -6.91
N ASP L 232 46.30 -18.77 -6.17
CA ASP L 232 45.47 -19.96 -6.14
C ASP L 232 44.76 -20.17 -7.47
N LEU L 233 44.36 -19.09 -8.13
CA LEU L 233 43.81 -19.20 -9.47
C LEU L 233 44.87 -19.63 -10.48
N LEU L 234 46.14 -19.28 -10.21
CA LEU L 234 47.21 -19.68 -11.10
C LEU L 234 47.54 -21.15 -10.96
N GLN L 235 47.51 -21.68 -9.73
CA GLN L 235 47.65 -23.12 -9.57
C GLN L 235 46.45 -23.86 -10.15
N SER L 236 45.25 -23.33 -9.98
CA SER L 236 44.04 -23.99 -10.48
C SER L 236 43.87 -23.85 -11.99
N ALA L 237 44.78 -23.17 -12.67
CA ALA L 237 44.57 -22.80 -14.06
C ALA L 237 44.84 -23.96 -15.00
N GLN L 238 44.13 -23.97 -16.13
CA GLN L 238 44.25 -25.03 -17.11
CA GLN L 238 44.25 -25.04 -17.11
C GLN L 238 45.17 -24.67 -18.26
N HIS L 239 45.00 -23.49 -18.85
CA HIS L 239 45.71 -23.09 -20.05
C HIS L 239 46.99 -22.33 -19.75
N VAL L 240 46.89 -21.22 -19.03
CA VAL L 240 48.04 -20.37 -18.70
C VAL L 240 48.71 -20.96 -17.47
N ARG L 241 50.01 -21.17 -17.52
CA ARG L 241 50.73 -21.70 -16.38
C ARG L 241 51.75 -20.72 -15.79
N GLU L 242 51.95 -19.56 -16.41
CA GLU L 242 52.92 -18.61 -15.88
C GLU L 242 52.54 -17.19 -16.26
N VAL L 243 52.76 -16.26 -15.34
CA VAL L 243 52.48 -14.86 -15.55
C VAL L 243 53.76 -14.08 -15.35
N GLN L 244 53.83 -12.88 -15.94
CA GLN L 244 55.02 -12.07 -15.86
C GLN L 244 54.65 -10.65 -15.45
N VAL L 245 55.42 -10.08 -14.54
CA VAL L 245 55.20 -8.73 -14.04
C VAL L 245 56.38 -7.87 -14.47
N VAL L 246 56.12 -6.90 -15.34
CA VAL L 246 57.17 -6.07 -15.91
C VAL L 246 57.00 -4.64 -15.42
N ASN L 247 58.09 -3.88 -15.54
CA ASN L 247 58.10 -2.48 -15.13
C ASN L 247 57.72 -1.65 -16.34
N GLY L 248 56.61 -0.92 -16.24
CA GLY L 248 56.18 -0.09 -17.35
C GLY L 248 56.91 1.24 -17.41
N LEU L 249 57.52 1.65 -16.31
CA LEU L 249 58.09 2.99 -16.25
C LEU L 249 59.43 3.10 -16.95
N VAL L 250 60.03 1.99 -17.34
CA VAL L 250 61.23 1.99 -18.16
C VAL L 250 60.79 1.87 -19.61
N PRO L 251 61.19 2.77 -20.51
CA PRO L 251 60.76 2.67 -21.90
C PRO L 251 61.44 1.50 -22.62
N GLY L 252 60.63 0.52 -22.98
CA GLY L 252 61.12 -0.63 -23.71
C GLY L 252 60.95 -1.98 -23.05
N ASN L 253 60.33 -2.05 -21.87
CA ASN L 253 60.10 -3.35 -21.25
C ASN L 253 58.86 -4.04 -21.77
N LEU L 254 57.83 -3.31 -22.19
CA LEU L 254 56.65 -3.98 -22.73
C LEU L 254 56.95 -4.57 -24.10
N THR L 255 57.75 -3.88 -24.90
CA THR L 255 58.09 -4.36 -26.23
C THR L 255 58.93 -5.63 -26.16
N ARG L 256 59.89 -5.68 -25.24
CA ARG L 256 60.69 -6.89 -25.09
C ARG L 256 60.02 -7.90 -24.16
N ALA L 257 58.92 -7.52 -23.53
CA ALA L 257 58.15 -8.48 -22.75
C ALA L 257 57.19 -9.26 -23.63
N LEU L 258 56.65 -8.61 -24.65
CA LEU L 258 55.73 -9.28 -25.56
C LEU L 258 56.48 -10.22 -26.51
N ALA L 259 57.74 -9.89 -26.82
CA ALA L 259 58.49 -10.68 -27.80
C ALA L 259 58.89 -12.04 -27.24
N GLY L 260 58.98 -12.14 -25.91
CA GLY L 260 59.27 -13.41 -25.27
C GLY L 260 60.52 -13.42 -24.42
N GLU L 261 61.12 -12.27 -24.13
CA GLU L 261 62.31 -12.26 -23.30
C GLU L 261 61.95 -12.33 -21.83
N HIS L 262 62.97 -12.25 -20.99
CA HIS L 262 62.80 -12.26 -19.54
C HIS L 262 63.13 -10.87 -18.99
N VAL L 263 62.10 -10.04 -18.85
CA VAL L 263 62.19 -8.81 -18.10
C VAL L 263 61.19 -8.89 -16.95
N GLY L 264 61.53 -8.24 -15.84
CA GLY L 264 60.71 -8.40 -14.66
C GLY L 264 60.83 -9.79 -14.09
N THR L 265 59.76 -10.27 -13.46
CA THR L 265 59.77 -11.58 -12.82
C THR L 265 58.68 -12.45 -13.43
N ILE L 266 58.90 -13.76 -13.41
CA ILE L 266 57.93 -14.72 -13.90
C ILE L 266 57.46 -15.58 -12.74
N ILE L 267 56.15 -15.71 -12.59
CA ILE L 267 55.54 -16.51 -11.52
C ILE L 267 54.93 -17.75 -12.16
N THR L 268 55.59 -18.88 -11.98
CA THR L 268 55.16 -20.14 -12.57
C THR L 268 54.17 -20.83 -11.64
N ALA L 269 53.21 -21.55 -12.23
CA ALA L 269 52.25 -22.27 -11.41
C ALA L 269 52.86 -23.51 -10.79
N SER L 270 53.87 -24.07 -11.44
CA SER L 270 54.54 -25.25 -10.93
C SER L 270 55.99 -24.92 -10.59
#